data_9BE4
#
_entry.id   9BE4
#
_cell.length_a   184.406
_cell.length_b   426.580
_cell.length_c   77.298
_cell.angle_alpha   90.000
_cell.angle_beta   90.000
_cell.angle_gamma   90.000
#
_symmetry.space_group_name_H-M   'P 21 21 2'
#
loop_
_entity.id
_entity.type
_entity.pdbx_description
1 polymer 'Linear gramicidin synthase subunit A'
2 non-polymer GLYCEROL
3 non-polymer N-formyl-L-valyl-N-[2-({N-[(2S)-2-hydroxy-4-{[(S)-hydroxy(oxo)-lambda~5~-phosphanyl]oxy}-3,3-dimethylbutanoyl]-beta-alanyl}amino)ethyl]glycinamide
4 non-polymer 'MANGANESE (II) ION'
5 water water
#
_entity_poly.entity_id   1
_entity_poly.type   'polypeptide(L)'
_entity_poly.pdbx_seq_one_letter_code
;MGRILFLTTFMSKGNKVVRYLESLHHEVVICQEKVHAQSANLQEIDWIVSYAYGYILDKEIVSRFRGRIINLHPSLLPWN
KGRDPVFWSVWDETPKGVTIHLIDEHVDTGDILVQEEIAFADEDTLLDCYNKANQAIEELFIREWENIVHGRIAPYRQTA
GGTLHFKADRDFYKNLNMTTVRELLALKRLCAEPKRGEKPIDKTFHQLFEQQVEMTPDHVAVVDRGQSLTYKQLNERANQ
LAHHLRGKGVKPDDQVAIMLDKSLDMIVSILAVMKAGGAYVPIDPDYPGERIAYMLADSSAAILLTNALHEEKANGACDI
IDVHDPDSYSENTNNLPHVNRPDDLVYVMYTSGSTGLAKGVMIEHHNLVNFCEWYRPYFGVTPADKALVYSSFSFDGSAL
DIFTHLLAGAALHIVPSERKYDLDALNDYCNQEGITISYLPTGAAEQFMQMDNQSFRVVITGGDVLKKIERNGTYKLYNG
YGPTECTIMVTMFEVDKPYANIPIGKPIDRTRILILDEALALQPIGVAGELFIVGEGLGRGYLNRPELTAEKFIVHPQTG
ERMYRTGDRARFLPDGNIEFLGRLDNLVKIRGYRIEPGEIEPFLMNHPLIELTTVLAKEQADGRKYLVGYYVAPEEIPHG
ELREWLGNDLPDYMIPTYFVHMKAFPLTANGKVDRRALPDVQADAELLGEDYVAPTDELEQQLAQVWSHVLGIPQMGIDD
HFLERGGD(4HH)IKVMQLIHQLKNIGLSLRYDQLFTHPTIRQLKRLLTEQKQVNGLLEPLRELDEQAEYETSAVEKRMY
IIQQQDVESIAYNVVYTINFPLTVDTEQIRVALEQLVLRHEGLRSTYHMRGDEIVKRIVPRAELSFVRQTGEEESVQSLL
AEQIKPFDLAKAPLLRAGVIETADKKVLWFDSHHILLDGLSKSILARELQALLGQQVLSPVEKTYKSFARWQNEWFASDE
YEQQIAYWKTLLQGELPAVQLPTKKRPPQLTFDGAIQMYRVNPEITRKLKATAAKHDLTLYMLMLTIVSIWLSKMNSDSN
QVILGTVTDGRQHPDTRELLGMFVNTLPLLLSIDHEESFLHNLQQVKAKLLPALQNQYVPFDKILEAARVKREGNRHPLF
DVMFMMQGAPETELESNMHHINAGISKFDLTLEVLERENGLNIVFEYNTHLFDEGMILRMVAQFEHLLLQAVHGLDQQVK
RFELVTEDEKRDLFLRVNDTAKAYPNKLIMSMLEDWAAATPDKTALVFREQRVTYRELNERVNQLAHTLREKGVQPDDLV
MLMAERSVEMMVAIFAVLKAGGAYLPIDPHSPAERIAYIFADSGAKLVLAQSPFVEKASMAEVVLDLNSASSYAADTSNP
PLVNQPGDLVYVMYTSGSTGKPKGVMIEHGALLNVLHGMQDEYPLLQDDAFLLKTTYIFDISVAEIFGWVPGRGKLVILE
PEAEKNPKAIWQAVVGAGITHINFVPSMLIPFVEYLEGRTEANRLRYILACGEAMPDELVPKVYEVLPEVKLENIYGPTE
ATIYASRYSLAKGSQESPVPIGKPLPNYRMYIINRHGQLQPIGVPGELCIAGASLARGYLNNPALTEEKFTPHPLEKGER
IYRTGDLARYREDGNIEYLGRMDHQVKIRGYRIELDEIRSKLIQEETIQDAVVVARNDQNGQAYLCAYLLSEQEWTVGQL
RELLRRELPEYMIPAHFVLLKQFPLTANGKLDRKALPEPDGSVKAEAEYAAPRTELEATLAHIWGEVLGIERIGIRDNFF
ELGGDSIKGLQIASRLQRINWTMVINHLFLYPTIEQIAPFVTSEQVVIEAAAENLYFQ
;
_entity_poly.pdbx_strand_id   A,B
#
# COMPACT_ATOMS: atom_id res chain seq x y z
N MET A 1 92.79 8.66 1.65
CA MET A 1 92.30 9.91 1.07
C MET A 1 92.63 9.97 -0.42
N GLY A 2 91.96 10.90 -1.12
CA GLY A 2 92.19 11.06 -2.54
C GLY A 2 91.45 12.27 -3.07
N ARG A 3 91.93 12.76 -4.20
CA ARG A 3 91.32 13.92 -4.85
C ARG A 3 90.11 13.46 -5.65
N ILE A 4 89.00 14.17 -5.51
CA ILE A 4 87.75 13.83 -6.18
C ILE A 4 87.25 15.05 -6.94
N LEU A 5 86.88 14.87 -8.20
CA LEU A 5 86.28 15.92 -9.01
C LEU A 5 84.77 15.72 -8.98
N PHE A 6 84.08 16.54 -8.20
CA PHE A 6 82.63 16.45 -8.10
C PHE A 6 82.00 17.27 -9.21
N LEU A 7 81.27 16.60 -10.10
CA LEU A 7 80.67 17.21 -11.27
C LEU A 7 79.16 17.33 -11.04
N THR A 8 78.69 18.56 -10.85
CA THR A 8 77.27 18.82 -10.66
C THR A 8 76.89 20.09 -11.40
N THR A 9 75.73 20.06 -12.06
CA THR A 9 75.24 21.23 -12.79
C THR A 9 73.92 21.74 -12.24
N PHE A 10 72.96 20.85 -12.02
CA PHE A 10 71.65 21.23 -11.51
C PHE A 10 71.51 20.99 -10.01
N MET A 11 72.54 20.44 -9.37
CA MET A 11 72.61 20.36 -7.92
C MET A 11 73.57 21.43 -7.42
N SER A 12 73.79 21.43 -6.10
CA SER A 12 74.56 22.50 -5.47
C SER A 12 76.04 22.11 -5.37
N LYS A 13 76.83 23.06 -4.89
CA LYS A 13 78.24 22.84 -4.61
C LYS A 13 78.49 22.43 -3.17
N GLY A 14 77.51 22.59 -2.29
CA GLY A 14 77.62 22.14 -0.92
C GLY A 14 76.54 21.14 -0.56
N ASN A 15 76.59 19.97 -1.20
CA ASN A 15 75.61 18.93 -0.95
C ASN A 15 76.06 18.06 0.23
N LYS A 16 75.14 17.26 0.72
CA LYS A 16 75.46 16.28 1.75
C LYS A 16 76.62 15.37 1.30
N VAL A 17 76.64 15.02 0.01
CA VAL A 17 77.68 14.13 -0.49
C VAL A 17 79.06 14.79 -0.40
N VAL A 18 79.17 16.03 -0.88
CA VAL A 18 80.45 16.73 -0.87
C VAL A 18 80.94 16.91 0.56
N ARG A 19 80.03 17.31 1.47
CA ARG A 19 80.42 17.49 2.86
C ARG A 19 80.79 16.16 3.50
N TYR A 20 80.10 15.07 3.13
CA TYR A 20 80.48 13.75 3.63
C TYR A 20 81.86 13.36 3.11
N LEU A 21 82.14 13.64 1.83
CA LEU A 21 83.46 13.36 1.29
C LEU A 21 84.52 14.19 1.99
N GLU A 22 84.22 15.45 2.30
CA GLU A 22 85.17 16.29 3.03
C GLU A 22 85.33 15.82 4.47
N SER A 23 84.27 15.24 5.06
CA SER A 23 84.39 14.72 6.42
C SER A 23 85.36 13.55 6.48
N LEU A 24 85.43 12.74 5.42
CA LEU A 24 86.39 11.66 5.32
C LEU A 24 87.79 12.15 4.95
N HIS A 25 88.03 13.46 5.05
CA HIS A 25 89.33 14.07 4.75
C HIS A 25 89.74 13.81 3.30
N HIS A 26 88.82 14.09 2.39
CA HIS A 26 89.10 14.12 0.96
C HIS A 26 89.24 15.56 0.50
N GLU A 27 89.88 15.74 -0.65
CA GLU A 27 89.91 17.03 -1.33
C GLU A 27 88.91 16.98 -2.47
N VAL A 28 87.79 17.68 -2.32
CA VAL A 28 86.71 17.67 -3.30
C VAL A 28 86.84 18.92 -4.15
N VAL A 29 87.23 18.73 -5.41
CA VAL A 29 87.25 19.81 -6.39
C VAL A 29 85.92 19.77 -7.14
N ILE A 30 85.19 20.88 -7.09
CA ILE A 30 83.84 20.97 -7.65
C ILE A 30 83.90 21.77 -8.95
N CYS A 31 83.36 21.20 -10.01
CA CYS A 31 83.24 21.89 -11.30
C CYS A 31 81.78 21.82 -11.73
N GLN A 32 81.16 22.98 -11.89
CA GLN A 32 79.77 23.08 -12.29
C GLN A 32 79.58 23.26 -13.78
N GLU A 33 80.66 23.34 -14.54
CA GLU A 33 80.59 23.64 -15.97
C GLU A 33 81.17 22.47 -16.77
N LYS A 34 81.39 22.72 -18.07
CA LYS A 34 82.01 21.74 -18.93
C LYS A 34 83.45 21.45 -18.48
N VAL A 35 83.95 20.27 -18.84
CA VAL A 35 85.34 19.92 -18.59
C VAL A 35 85.90 19.27 -19.84
N HIS A 36 86.94 19.89 -20.40
CA HIS A 36 87.66 19.30 -21.51
C HIS A 36 88.75 18.36 -20.98
N ALA A 37 89.10 17.37 -21.79
CA ALA A 37 90.09 16.38 -21.38
C ALA A 37 91.40 17.04 -20.94
N GLN A 38 91.75 18.18 -21.53
CA GLN A 38 92.95 18.90 -21.19
C GLN A 38 92.74 19.96 -20.11
N SER A 39 91.58 19.97 -19.45
CA SER A 39 91.34 20.92 -18.37
C SER A 39 92.18 20.53 -17.15
N ALA A 40 92.70 21.54 -16.45
CA ALA A 40 93.45 21.29 -15.22
C ALA A 40 92.59 20.64 -14.14
N ASN A 41 91.26 20.72 -14.27
CA ASN A 41 90.32 20.02 -13.41
C ASN A 41 90.31 18.51 -13.66
N LEU A 42 91.35 17.94 -14.28
CA LEU A 42 91.44 16.50 -14.50
C LEU A 42 92.84 15.97 -14.18
N GLN A 43 93.60 16.68 -13.34
CA GLN A 43 94.97 16.31 -13.01
C GLN A 43 95.06 15.99 -11.52
N GLU A 44 95.76 14.90 -11.21
CA GLU A 44 96.00 14.47 -9.83
C GLU A 44 94.72 14.10 -9.10
N ILE A 45 93.71 13.64 -9.84
CA ILE A 45 92.40 13.29 -9.29
C ILE A 45 92.21 11.79 -9.41
N ASP A 46 91.81 11.16 -8.31
CA ASP A 46 91.70 9.70 -8.26
C ASP A 46 90.29 9.20 -8.56
N TRP A 47 89.26 9.99 -8.26
CA TRP A 47 87.89 9.61 -8.53
C TRP A 47 87.14 10.78 -9.14
N ILE A 48 86.09 10.45 -9.88
CA ILE A 48 85.18 11.44 -10.44
C ILE A 48 83.76 11.04 -10.06
N VAL A 49 83.09 11.89 -9.29
CA VAL A 49 81.74 11.63 -8.82
C VAL A 49 80.81 12.65 -9.46
N SER A 50 79.81 12.17 -10.19
CA SER A 50 78.83 13.04 -10.84
C SER A 50 77.49 12.91 -10.15
N TYR A 51 76.74 14.01 -10.15
CA TYR A 51 75.46 14.07 -9.45
C TYR A 51 74.65 15.20 -10.09
N ALA A 52 73.66 14.85 -10.90
CA ALA A 52 72.86 15.81 -11.64
C ALA A 52 73.75 16.75 -12.47
N TYR A 53 74.60 16.13 -13.29
CA TYR A 53 75.57 16.85 -14.10
C TYR A 53 75.03 16.96 -15.53
N GLY A 54 74.57 18.15 -15.90
CA GLY A 54 74.35 18.47 -17.28
C GLY A 54 75.64 18.40 -18.07
N TYR A 55 75.49 18.38 -19.40
CA TYR A 55 76.58 18.13 -20.34
C TYR A 55 77.05 16.68 -20.24
N ILE A 56 77.53 16.13 -21.35
CA ILE A 56 78.06 14.76 -21.40
C ILE A 56 79.58 14.84 -21.42
N LEU A 57 80.23 14.01 -20.60
CA LEU A 57 81.67 14.00 -20.51
C LEU A 57 82.30 13.54 -21.82
N ASP A 58 83.51 14.02 -22.08
CA ASP A 58 84.20 13.67 -23.32
C ASP A 58 84.61 12.21 -23.30
N LYS A 59 84.86 11.68 -24.51
CA LYS A 59 85.13 10.26 -24.68
C LYS A 59 86.45 9.87 -24.03
N GLU A 60 87.50 10.67 -24.24
CA GLU A 60 88.79 10.38 -23.65
C GLU A 60 88.72 10.32 -22.13
N ILE A 61 87.86 11.14 -21.52
CA ILE A 61 87.76 11.16 -20.07
C ILE A 61 87.13 9.87 -19.56
N VAL A 62 86.13 9.35 -20.28
CA VAL A 62 85.46 8.12 -19.83
C VAL A 62 86.42 6.94 -19.86
N SER A 63 87.32 6.90 -20.85
CA SER A 63 88.28 5.81 -20.94
C SER A 63 89.46 6.04 -20.01
N ARG A 64 89.89 7.29 -19.85
CA ARG A 64 91.03 7.58 -18.98
C ARG A 64 90.72 7.30 -17.52
N PHE A 65 89.52 7.67 -17.06
CA PHE A 65 89.09 7.44 -15.69
C PHE A 65 88.15 6.25 -15.58
N ARG A 66 88.30 5.25 -16.44
CA ARG A 66 87.40 4.10 -16.44
C ARG A 66 87.47 3.38 -15.10
N GLY A 67 86.31 3.03 -14.55
CA GLY A 67 86.22 2.48 -13.22
C GLY A 67 86.35 3.51 -12.12
N ARG A 68 86.53 4.79 -12.45
CA ARG A 68 86.68 5.84 -11.46
C ARG A 68 85.71 6.99 -11.70
N ILE A 69 84.72 6.82 -12.57
CA ILE A 69 83.66 7.79 -12.79
C ILE A 69 82.39 7.22 -12.21
N ILE A 70 81.80 7.90 -11.23
CA ILE A 70 80.66 7.41 -10.49
C ILE A 70 79.55 8.44 -10.57
N ASN A 71 78.38 8.03 -11.05
CA ASN A 71 77.21 8.88 -11.14
C ASN A 71 76.16 8.43 -10.14
N LEU A 72 75.43 9.41 -9.60
CA LEU A 72 74.33 9.17 -8.67
C LEU A 72 73.03 9.49 -9.39
N HIS A 73 72.34 8.44 -9.84
CA HIS A 73 71.11 8.61 -10.60
C HIS A 73 69.91 8.23 -9.75
N PRO A 74 68.90 9.10 -9.66
CA PRO A 74 67.71 8.84 -8.83
C PRO A 74 66.67 7.93 -9.50
N SER A 75 67.13 6.77 -9.98
CA SER A 75 66.23 5.80 -10.60
C SER A 75 66.82 4.41 -10.43
N LEU A 76 65.97 3.41 -10.62
CA LEU A 76 66.39 2.02 -10.57
C LEU A 76 66.75 1.58 -11.98
N LEU A 77 67.93 2.01 -12.42
CA LEU A 77 68.44 1.64 -13.74
C LEU A 77 68.42 0.11 -13.88
N PRO A 78 68.04 -0.42 -15.04
CA PRO A 78 67.86 0.21 -16.35
C PRO A 78 66.57 1.01 -16.58
N TRP A 79 65.79 1.36 -15.57
CA TRP A 79 64.54 2.09 -15.80
C TRP A 79 64.76 3.59 -15.61
N ASN A 80 64.16 4.38 -16.50
CA ASN A 80 64.16 5.83 -16.42
C ASN A 80 65.58 6.40 -16.49
N LYS A 81 66.26 6.09 -17.60
CA LYS A 81 67.58 6.63 -17.87
C LYS A 81 67.45 7.98 -18.57
N GLY A 82 68.23 8.96 -18.12
CA GLY A 82 68.22 10.25 -18.76
C GLY A 82 67.76 11.39 -17.87
N ARG A 83 66.81 12.17 -18.37
CA ARG A 83 66.33 13.36 -17.69
C ARG A 83 64.95 13.15 -17.12
N ASP A 84 64.64 13.93 -16.07
CA ASP A 84 63.38 13.84 -15.34
C ASP A 84 63.05 12.39 -14.97
N PRO A 85 63.95 11.70 -14.27
CA PRO A 85 63.76 10.25 -14.08
C PRO A 85 62.67 9.91 -13.08
N VAL A 86 62.53 10.68 -12.01
CA VAL A 86 61.55 10.33 -10.98
C VAL A 86 60.13 10.50 -11.50
N PHE A 87 59.87 11.59 -12.25
CA PHE A 87 58.55 11.76 -12.83
C PHE A 87 58.19 10.61 -13.77
N TRP A 88 59.13 10.20 -14.62
CA TRP A 88 58.86 9.10 -15.53
C TRP A 88 58.79 7.77 -14.80
N SER A 89 59.37 7.66 -13.61
CA SER A 89 59.19 6.44 -12.81
C SER A 89 57.74 6.28 -12.38
N VAL A 90 56.98 7.36 -12.35
CA VAL A 90 55.57 7.33 -11.99
C VAL A 90 54.68 7.23 -13.22
N TRP A 91 54.84 8.15 -14.18
CA TRP A 91 53.95 8.19 -15.34
C TRP A 91 54.02 6.90 -16.14
N ASP A 92 55.22 6.40 -16.40
CA ASP A 92 55.38 5.15 -17.11
C ASP A 92 55.24 3.93 -16.20
N GLU A 93 54.92 4.13 -14.92
CA GLU A 93 54.67 3.04 -13.98
C GLU A 93 55.82 2.03 -13.96
N THR A 94 57.03 2.54 -13.80
CA THR A 94 58.25 1.75 -13.78
C THR A 94 58.66 1.44 -12.35
N PRO A 95 59.54 0.45 -12.14
CA PRO A 95 60.09 0.22 -10.80
C PRO A 95 60.76 1.45 -10.24
N LYS A 96 60.65 1.62 -8.93
CA LYS A 96 61.16 2.79 -8.22
C LYS A 96 62.42 2.44 -7.46
N GLY A 97 63.41 3.33 -7.50
CA GLY A 97 64.63 3.10 -6.76
C GLY A 97 65.67 4.16 -7.07
N VAL A 98 66.90 3.88 -6.64
CA VAL A 98 68.04 4.75 -6.87
C VAL A 98 69.26 3.89 -7.17
N THR A 99 70.19 4.43 -7.95
CA THR A 99 71.29 3.64 -8.47
C THR A 99 72.58 4.44 -8.46
N ILE A 100 73.62 3.87 -7.86
CA ILE A 100 74.98 4.38 -7.98
C ILE A 100 75.69 3.50 -9.00
N HIS A 101 76.01 4.07 -10.17
CA HIS A 101 76.50 3.31 -11.30
C HIS A 101 77.79 3.93 -11.82
N LEU A 102 78.38 3.26 -12.81
CA LEU A 102 79.57 3.74 -13.50
C LEU A 102 79.18 4.43 -14.79
N ILE A 103 80.00 5.42 -15.19
CA ILE A 103 79.73 6.21 -16.38
C ILE A 103 80.39 5.56 -17.58
N ASP A 104 79.63 5.40 -18.66
CA ASP A 104 80.16 4.89 -19.92
C ASP A 104 79.97 5.90 -21.04
N GLU A 105 80.06 5.45 -22.28
CA GLU A 105 79.88 6.33 -23.43
C GLU A 105 78.42 6.64 -23.75
N HIS A 106 77.48 6.13 -22.96
CA HIS A 106 76.07 6.31 -23.22
C HIS A 106 75.40 6.87 -21.97
N VAL A 107 74.09 7.10 -22.08
CA VAL A 107 73.35 7.84 -21.07
C VAL A 107 72.83 6.86 -20.03
N ASP A 108 73.56 6.74 -18.92
CA ASP A 108 73.12 5.99 -17.74
C ASP A 108 72.90 4.50 -18.07
N THR A 109 73.75 3.95 -18.93
CA THR A 109 73.71 2.54 -19.26
C THR A 109 74.87 1.75 -18.68
N GLY A 110 75.75 2.39 -17.92
CA GLY A 110 76.91 1.71 -17.38
C GLY A 110 76.56 0.71 -16.30
N ASP A 111 77.58 -0.02 -15.87
CA ASP A 111 77.41 -1.05 -14.85
C ASP A 111 77.06 -0.41 -13.51
N ILE A 112 76.31 -1.16 -12.70
CA ILE A 112 75.82 -0.69 -11.41
C ILE A 112 76.77 -1.15 -10.31
N LEU A 113 77.00 -0.25 -9.34
CA LEU A 113 77.75 -0.59 -8.13
C LEU A 113 76.81 -0.98 -6.99
N VAL A 114 75.87 -0.10 -6.64
CA VAL A 114 74.85 -0.40 -5.64
C VAL A 114 73.51 0.12 -6.13
N GLN A 115 72.45 -0.47 -5.58
CA GLN A 115 71.09 -0.13 -5.98
C GLN A 115 70.17 -0.38 -4.80
N GLU A 116 69.21 0.53 -4.60
CA GLU A 116 68.23 0.43 -3.53
C GLU A 116 66.85 0.70 -4.10
N GLU A 117 65.85 -0.02 -3.60
CA GLU A 117 64.48 0.10 -4.09
C GLU A 117 63.70 1.00 -3.13
N ILE A 118 63.41 2.22 -3.58
CA ILE A 118 62.58 3.14 -2.81
C ILE A 118 61.14 2.99 -3.26
N ALA A 119 60.22 3.45 -2.42
CA ALA A 119 58.78 3.28 -2.67
C ALA A 119 58.08 4.61 -2.50
N PHE A 120 57.30 5.00 -3.51
CA PHE A 120 56.49 6.21 -3.46
C PHE A 120 55.09 5.87 -2.98
N ALA A 121 54.48 6.82 -2.27
CA ALA A 121 53.12 6.66 -1.79
C ALA A 121 52.13 7.24 -2.80
N ASP A 122 50.97 6.60 -2.92
CA ASP A 122 49.95 7.09 -3.85
C ASP A 122 49.50 8.50 -3.49
N GLU A 123 49.54 8.84 -2.21
CA GLU A 123 49.08 10.14 -1.72
C GLU A 123 50.20 11.18 -1.66
N ASP A 124 51.40 10.82 -2.11
CA ASP A 124 52.51 11.75 -2.18
C ASP A 124 52.45 12.53 -3.49
N THR A 125 52.78 13.82 -3.41
CA THR A 125 52.92 14.61 -4.62
C THR A 125 54.21 14.25 -5.33
N LEU A 126 54.30 14.65 -6.60
CA LEU A 126 55.53 14.41 -7.36
C LEU A 126 56.72 15.09 -6.70
N LEU A 127 56.52 16.31 -6.20
CA LEU A 127 57.61 17.00 -5.50
C LEU A 127 58.04 16.23 -4.26
N ASP A 128 57.08 15.63 -3.56
CA ASP A 128 57.43 14.76 -2.43
C ASP A 128 58.29 13.59 -2.90
N CYS A 129 57.97 13.04 -4.07
CA CYS A 129 58.75 11.94 -4.62
C CYS A 129 60.16 12.38 -4.98
N TYR A 130 60.31 13.61 -5.45
CA TYR A 130 61.65 14.12 -5.78
C TYR A 130 62.53 14.17 -4.55
N ASN A 131 62.03 14.78 -3.46
CA ASN A 131 62.81 14.89 -2.25
C ASN A 131 63.15 13.51 -1.69
N LYS A 132 62.19 12.59 -1.70
CA LYS A 132 62.45 11.24 -1.19
C LYS A 132 63.51 10.53 -2.01
N ALA A 133 63.47 10.69 -3.34
CA ALA A 133 64.42 10.02 -4.21
C ALA A 133 65.82 10.60 -4.07
N ASN A 134 65.93 11.93 -4.07
CA ASN A 134 67.24 12.57 -3.98
C ASN A 134 67.90 12.30 -2.63
N GLN A 135 67.11 12.18 -1.56
CA GLN A 135 67.68 11.85 -0.26
C GLN A 135 68.18 10.42 -0.23
N ALA A 136 67.48 9.51 -0.92
CA ALA A 136 67.87 8.10 -0.91
C ALA A 136 69.21 7.88 -1.60
N ILE A 137 69.44 8.58 -2.72
CA ILE A 137 70.70 8.40 -3.44
C ILE A 137 71.84 9.05 -2.66
N GLU A 138 71.55 10.09 -1.88
CA GLU A 138 72.59 10.71 -1.07
C GLU A 138 72.96 9.81 0.11
N GLU A 139 71.95 9.28 0.80
CA GLU A 139 72.23 8.41 1.94
C GLU A 139 72.86 7.11 1.50
N LEU A 140 72.51 6.61 0.31
CA LEU A 140 73.15 5.40 -0.20
C LEU A 140 74.62 5.64 -0.49
N PHE A 141 74.97 6.82 -0.99
CA PHE A 141 76.36 7.16 -1.21
C PHE A 141 77.12 7.23 0.10
N ILE A 142 76.52 7.85 1.12
CA ILE A 142 77.14 7.91 2.44
C ILE A 142 77.33 6.52 3.02
N ARG A 143 76.50 5.57 2.61
CA ARG A 143 76.54 4.23 3.19
C ARG A 143 77.55 3.33 2.49
N GLU A 144 77.77 3.52 1.19
CA GLU A 144 78.56 2.59 0.40
C GLU A 144 79.84 3.17 -0.17
N TRP A 145 80.12 4.47 0.05
CA TRP A 145 81.29 5.08 -0.59
C TRP A 145 82.58 4.42 -0.15
N GLU A 146 82.71 4.11 1.14
CA GLU A 146 83.92 3.43 1.60
C GLU A 146 84.02 2.03 1.01
N ASN A 147 82.89 1.33 0.88
CA ASN A 147 82.91 0.02 0.24
C ASN A 147 83.22 0.10 -1.25
N ILE A 148 83.10 1.27 -1.85
CA ILE A 148 83.42 1.44 -3.27
C ILE A 148 84.88 1.81 -3.47
N VAL A 149 85.35 2.82 -2.73
CA VAL A 149 86.72 3.28 -2.91
C VAL A 149 87.72 2.20 -2.52
N HIS A 150 87.33 1.30 -1.62
CA HIS A 150 88.19 0.21 -1.19
C HIS A 150 88.00 -1.06 -2.01
N GLY A 151 87.27 -0.99 -3.12
CA GLY A 151 87.12 -2.12 -4.01
C GLY A 151 86.44 -3.33 -3.38
N ARG A 152 85.45 -3.10 -2.52
CA ARG A 152 84.71 -4.19 -1.90
C ARG A 152 83.39 -4.48 -2.58
N ILE A 153 83.07 -3.76 -3.65
CA ILE A 153 81.82 -3.93 -4.38
C ILE A 153 82.15 -4.27 -5.83
N ALA A 154 81.57 -5.35 -6.34
CA ALA A 154 81.82 -5.78 -7.70
C ALA A 154 80.75 -5.20 -8.62
N PRO A 155 81.12 -4.46 -9.66
CA PRO A 155 80.11 -3.92 -10.59
C PRO A 155 79.40 -5.04 -11.33
N TYR A 156 78.10 -4.86 -11.57
CA TYR A 156 77.32 -5.80 -12.35
C TYR A 156 76.59 -5.04 -13.46
N ARG A 157 76.40 -5.72 -14.58
CA ARG A 157 75.70 -5.11 -15.72
C ARG A 157 74.22 -4.95 -15.40
N GLN A 158 73.55 -4.14 -16.22
CA GLN A 158 72.13 -3.89 -16.04
C GLN A 158 71.30 -5.02 -16.60
N THR A 159 70.17 -5.28 -15.94
CA THR A 159 69.13 -6.10 -16.57
C THR A 159 68.71 -5.45 -17.88
N ALA A 160 68.41 -6.30 -18.88
CA ALA A 160 68.39 -5.86 -20.28
C ALA A 160 67.52 -4.63 -20.51
N GLY A 161 66.22 -4.74 -20.27
CA GLY A 161 65.25 -3.76 -20.75
C GLY A 161 64.92 -2.68 -19.73
N GLY A 162 64.72 -1.46 -20.23
CA GLY A 162 64.34 -0.33 -19.41
C GLY A 162 63.71 0.81 -20.17
N THR A 163 64.01 2.05 -19.78
CA THR A 163 63.41 3.23 -20.41
C THR A 163 64.43 4.35 -20.47
N LEU A 164 64.39 5.12 -21.55
CA LEU A 164 65.25 6.28 -21.73
C LEU A 164 64.40 7.50 -22.05
N HIS A 165 64.74 8.63 -21.43
CA HIS A 165 64.01 9.87 -21.65
C HIS A 165 64.99 11.01 -21.80
N PHE A 166 64.50 12.12 -22.37
CA PHE A 166 65.31 13.30 -22.63
C PHE A 166 64.68 14.52 -21.96
N LYS A 167 65.20 15.70 -22.30
CA LYS A 167 64.90 16.92 -21.56
C LYS A 167 63.50 17.44 -21.87
N ALA A 168 63.18 17.60 -23.16
CA ALA A 168 61.91 18.20 -23.56
C ALA A 168 60.76 17.21 -23.59
N ASP A 169 60.93 16.00 -23.06
CA ASP A 169 59.88 15.01 -23.04
C ASP A 169 58.83 15.25 -21.96
N ARG A 170 59.04 16.24 -21.10
CA ARG A 170 58.11 16.53 -20.01
C ARG A 170 57.41 17.88 -20.18
N ASP A 171 57.73 18.63 -21.24
CA ASP A 171 57.20 19.99 -21.43
C ASP A 171 55.69 20.03 -21.62
N PHE A 172 55.02 18.88 -21.66
CA PHE A 172 53.56 18.82 -21.70
C PHE A 172 52.96 18.37 -20.38
N TYR A 173 53.68 17.56 -19.60
CA TYR A 173 53.25 17.06 -18.30
C TYR A 173 53.68 17.97 -17.15
N LYS A 174 54.01 19.23 -17.45
CA LYS A 174 54.15 20.26 -16.44
C LYS A 174 52.78 20.57 -15.82
N ASN A 175 52.76 21.55 -14.93
CA ASN A 175 51.58 21.92 -14.14
C ASN A 175 51.07 20.76 -13.28
N LEU A 176 51.83 19.67 -13.20
CA LEU A 176 51.40 18.45 -12.53
C LEU A 176 52.29 18.08 -11.35
N ASN A 177 53.17 18.97 -10.91
CA ASN A 177 54.15 18.62 -9.89
C ASN A 177 53.54 18.51 -8.51
N MET A 178 52.50 19.28 -8.22
CA MET A 178 51.81 19.23 -6.94
C MET A 178 50.75 18.14 -6.89
N THR A 179 50.56 17.40 -7.97
CA THR A 179 49.52 16.39 -8.06
C THR A 179 50.01 15.07 -7.48
N THR A 180 49.13 14.38 -6.75
CA THR A 180 49.50 13.13 -6.11
C THR A 180 49.75 12.03 -7.16
N VAL A 181 50.29 10.91 -6.67
CA VAL A 181 50.61 9.81 -7.57
C VAL A 181 49.35 9.18 -8.13
N ARG A 182 48.34 8.95 -7.28
CA ARG A 182 47.09 8.36 -7.76
C ARG A 182 46.38 9.28 -8.73
N GLU A 183 46.33 10.58 -8.42
CA GLU A 183 45.67 11.53 -9.32
C GLU A 183 46.45 11.70 -10.62
N LEU A 184 47.76 11.47 -10.59
CA LEU A 184 48.55 11.54 -11.81
C LEU A 184 48.27 10.33 -12.70
N LEU A 185 48.28 9.13 -12.12
CA LEU A 185 48.01 7.92 -12.90
C LEU A 185 46.57 7.87 -13.39
N ALA A 186 45.65 8.55 -12.70
CA ALA A 186 44.29 8.66 -13.20
C ALA A 186 44.23 9.54 -14.44
N LEU A 187 44.78 10.76 -14.34
CA LEU A 187 44.84 11.64 -15.50
C LEU A 187 45.51 10.97 -16.69
N LYS A 188 46.44 10.06 -16.44
CA LYS A 188 47.04 9.29 -17.53
C LYS A 188 45.97 8.50 -18.29
N ARG A 189 45.27 7.61 -17.59
CA ARG A 189 44.23 6.80 -18.23
C ARG A 189 43.18 7.68 -18.91
N LEU A 190 42.72 8.72 -18.22
CA LEU A 190 41.68 9.58 -18.75
C LEU A 190 42.14 10.42 -19.93
N CYS A 191 43.46 10.52 -20.19
CA CYS A 191 43.92 11.41 -21.25
C CYS A 191 45.09 10.83 -22.06
N ALA A 192 45.31 9.51 -22.01
CA ALA A 192 46.34 8.89 -22.83
C ALA A 192 45.71 8.18 -24.02
N GLU A 193 46.48 8.09 -25.10
CA GLU A 193 46.01 7.51 -26.34
C GLU A 193 45.56 6.06 -26.15
N PRO A 194 44.29 5.74 -26.35
CA PRO A 194 43.90 4.33 -26.41
C PRO A 194 44.45 3.68 -27.68
N LYS A 195 44.44 2.34 -27.67
CA LYS A 195 45.05 1.54 -28.74
C LYS A 195 44.61 1.97 -30.14
N GLU A 198 41.75 0.74 -32.47
CA GLU A 198 40.47 0.45 -33.10
C GLU A 198 40.58 0.45 -34.62
N LYS A 199 39.55 -0.07 -35.28
CA LYS A 199 39.56 -0.13 -36.75
C LYS A 199 39.20 1.24 -37.32
N PRO A 200 39.83 1.63 -38.42
CA PRO A 200 39.50 2.91 -39.07
C PRO A 200 38.20 2.81 -39.85
N ILE A 201 37.83 3.92 -40.47
CA ILE A 201 36.60 4.02 -41.25
C ILE A 201 36.96 3.92 -42.72
N ASP A 202 36.52 2.83 -43.36
CA ASP A 202 36.74 2.61 -44.78
C ASP A 202 35.46 2.70 -45.60
N LYS A 203 34.40 3.25 -45.01
CA LYS A 203 33.08 3.32 -45.64
C LYS A 203 32.61 4.76 -45.71
N THR A 204 31.73 5.01 -46.68
CA THR A 204 30.99 6.26 -46.75
C THR A 204 29.54 6.00 -46.36
N PHE A 205 28.78 7.07 -46.16
CA PHE A 205 27.41 6.89 -45.68
C PHE A 205 26.54 6.18 -46.71
N HIS A 206 26.63 6.60 -47.98
CA HIS A 206 25.79 5.98 -49.00
C HIS A 206 26.11 4.49 -49.15
N GLN A 207 27.39 4.11 -49.01
CA GLN A 207 27.74 2.69 -49.01
C GLN A 207 27.03 1.96 -47.89
N LEU A 208 27.03 2.54 -46.68
CA LEU A 208 26.38 1.90 -45.55
C LEU A 208 24.85 1.97 -45.67
N PHE A 209 24.33 3.08 -46.19
CA PHE A 209 22.89 3.17 -46.42
C PHE A 209 22.44 2.17 -47.45
N GLU A 210 23.21 2.00 -48.54
CA GLU A 210 22.89 1.01 -49.55
C GLU A 210 23.00 -0.42 -49.02
N GLN A 211 23.79 -0.63 -47.96
CA GLN A 211 23.82 -1.95 -47.32
C GLN A 211 22.60 -2.18 -46.46
N GLN A 212 22.18 -1.16 -45.70
CA GLN A 212 20.99 -1.30 -44.87
C GLN A 212 19.74 -1.40 -45.72
N VAL A 213 19.73 -0.75 -46.89
CA VAL A 213 18.59 -0.85 -47.80
C VAL A 213 18.38 -2.30 -48.24
N GLU A 214 19.46 -3.06 -48.39
CA GLU A 214 19.34 -4.47 -48.70
C GLU A 214 18.92 -5.29 -47.48
N MET A 215 19.19 -4.80 -46.27
CA MET A 215 18.85 -5.55 -45.06
C MET A 215 17.40 -5.37 -44.67
N THR A 216 16.89 -4.13 -44.75
CA THR A 216 15.49 -3.82 -44.46
C THR A 216 14.91 -3.09 -45.66
N PRO A 217 14.70 -3.80 -46.78
CA PRO A 217 14.22 -3.10 -48.00
C PRO A 217 12.80 -2.61 -47.88
N ASP A 218 11.90 -3.42 -47.36
CA ASP A 218 10.49 -3.08 -47.29
C ASP A 218 10.11 -2.42 -45.96
N HIS A 219 11.09 -2.08 -45.13
CA HIS A 219 10.84 -1.33 -43.90
C HIS A 219 10.56 0.13 -44.22
N VAL A 220 9.60 0.71 -43.52
CA VAL A 220 9.28 2.13 -43.71
C VAL A 220 10.46 2.97 -43.26
N ALA A 221 10.98 3.79 -44.16
CA ALA A 221 12.15 4.61 -43.90
C ALA A 221 11.80 6.05 -43.52
N VAL A 222 10.99 6.72 -44.32
CA VAL A 222 10.58 8.09 -44.06
C VAL A 222 9.05 8.16 -44.09
N VAL A 223 8.50 9.03 -43.25
CA VAL A 223 7.06 9.24 -43.14
C VAL A 223 6.82 10.75 -43.19
N ASP A 224 6.19 11.21 -44.26
CA ASP A 224 5.85 12.61 -44.47
C ASP A 224 4.35 12.70 -44.73
N ARG A 225 3.65 13.51 -43.95
CA ARG A 225 2.16 13.61 -43.98
C ARG A 225 1.60 12.21 -43.73
N GLY A 226 0.60 11.77 -44.50
CA GLY A 226 0.14 10.40 -44.43
C GLY A 226 0.84 9.45 -45.38
N GLN A 227 1.69 9.98 -46.26
CA GLN A 227 2.44 9.15 -47.19
C GLN A 227 3.70 8.62 -46.52
N SER A 228 4.26 7.56 -47.12
CA SER A 228 5.43 6.91 -46.55
C SER A 228 6.39 6.54 -47.68
N LEU A 229 7.61 6.16 -47.28
CA LEU A 229 8.65 5.70 -48.19
C LEU A 229 9.43 4.60 -47.49
N THR A 230 9.53 3.44 -48.13
CA THR A 230 10.38 2.40 -47.58
C THR A 230 11.83 2.64 -47.98
N TYR A 231 12.72 1.82 -47.41
CA TYR A 231 14.15 1.99 -47.66
C TYR A 231 14.48 1.78 -49.14
N LYS A 232 13.93 0.72 -49.73
CA LYS A 232 14.18 0.46 -51.15
C LYS A 232 13.60 1.56 -52.03
N GLN A 233 12.44 2.09 -51.65
CA GLN A 233 11.83 3.16 -52.43
C GLN A 233 12.62 4.46 -52.29
N LEU A 234 13.12 4.75 -51.09
CA LEU A 234 13.98 5.91 -50.90
C LEU A 234 15.29 5.74 -51.66
N ASN A 235 15.88 4.54 -51.61
CA ASN A 235 17.14 4.31 -52.29
C ASN A 235 17.00 4.47 -53.80
N GLU A 236 15.91 3.95 -54.36
CA GLU A 236 15.73 4.00 -55.81
C GLU A 236 15.40 5.41 -56.29
N ARG A 237 14.59 6.15 -55.51
CA ARG A 237 14.29 7.53 -55.90
C ARG A 237 15.51 8.42 -55.80
N ALA A 238 16.42 8.13 -54.85
CA ALA A 238 17.65 8.90 -54.76
C ALA A 238 18.59 8.55 -55.91
N ASN A 239 18.69 7.27 -56.26
CA ASN A 239 19.56 6.86 -57.36
C ASN A 239 19.13 7.48 -58.68
N GLN A 240 17.82 7.66 -58.89
CA GLN A 240 17.34 8.31 -60.10
C GLN A 240 17.81 9.76 -60.16
N LEU A 241 17.69 10.49 -59.05
CA LEU A 241 18.11 11.88 -59.03
C LEU A 241 19.63 12.00 -59.07
N ALA A 242 20.35 11.06 -58.46
CA ALA A 242 21.81 11.13 -58.44
C ALA A 242 22.41 10.80 -59.81
N HIS A 243 21.81 9.87 -60.55
CA HIS A 243 22.22 9.67 -61.94
C HIS A 243 22.09 10.95 -62.74
N HIS A 244 20.99 11.69 -62.53
CA HIS A 244 20.80 12.96 -63.21
C HIS A 244 21.80 14.00 -62.72
N LEU A 245 22.18 13.94 -61.44
CA LEU A 245 23.14 14.91 -60.91
C LEU A 245 24.55 14.62 -61.41
N ARG A 246 24.98 13.37 -61.32
CA ARG A 246 26.34 13.03 -61.76
C ARG A 246 26.51 13.31 -63.26
N GLY A 247 25.49 13.00 -64.06
CA GLY A 247 25.57 13.30 -65.48
C GLY A 247 25.65 14.78 -65.75
N LYS A 248 24.99 15.60 -64.92
CA LYS A 248 25.07 17.04 -65.08
C LYS A 248 26.47 17.57 -64.81
N GLY A 249 27.23 16.87 -63.96
CA GLY A 249 28.61 17.25 -63.72
C GLY A 249 29.00 17.34 -62.26
N VAL A 250 28.52 16.41 -61.44
CA VAL A 250 28.87 16.36 -60.03
C VAL A 250 30.05 15.42 -59.83
N LYS A 251 31.16 15.95 -59.36
CA LYS A 251 32.34 15.18 -58.98
C LYS A 251 32.55 15.25 -57.47
N PRO A 252 33.30 14.31 -56.89
CA PRO A 252 33.61 14.39 -55.45
C PRO A 252 34.07 15.77 -55.01
N ASP A 253 33.72 16.10 -53.76
CA ASP A 253 34.00 17.40 -53.15
C ASP A 253 33.28 18.53 -53.87
N ASP A 254 32.10 18.26 -54.43
CA ASP A 254 31.22 19.31 -54.91
C ASP A 254 30.28 19.74 -53.79
N GLN A 255 29.66 20.91 -53.99
CA GLN A 255 28.80 21.52 -52.97
C GLN A 255 27.44 21.87 -53.58
N VAL A 256 26.72 20.83 -53.99
CA VAL A 256 25.36 21.03 -54.48
C VAL A 256 24.47 21.48 -53.34
N ALA A 257 23.79 22.61 -53.52
CA ALA A 257 22.93 23.17 -52.50
C ALA A 257 21.51 22.68 -52.64
N ILE A 258 20.79 22.66 -51.52
CA ILE A 258 19.40 22.21 -51.46
C ILE A 258 18.61 23.26 -50.68
N MET A 259 17.57 23.80 -51.31
CA MET A 259 16.68 24.78 -50.68
C MET A 259 15.25 24.23 -50.74
N LEU A 260 14.94 23.33 -49.81
CA LEU A 260 13.62 22.73 -49.72
C LEU A 260 13.13 22.78 -48.29
N ASP A 261 11.83 22.62 -48.12
CA ASP A 261 11.23 22.49 -46.80
C ASP A 261 11.12 21.02 -46.43
N LYS A 262 10.99 20.76 -45.13
CA LYS A 262 10.96 19.40 -44.61
C LYS A 262 9.90 18.57 -45.31
N SER A 263 10.35 17.55 -46.06
CA SER A 263 9.47 16.72 -46.86
C SER A 263 10.21 15.44 -47.23
N LEU A 264 9.54 14.60 -48.02
CA LEU A 264 10.21 13.41 -48.55
C LEU A 264 11.28 13.79 -49.56
N ASP A 265 11.03 14.82 -50.36
CA ASP A 265 11.99 15.22 -51.39
C ASP A 265 13.32 15.68 -50.79
N MET A 266 13.29 16.19 -49.57
CA MET A 266 14.53 16.59 -48.91
C MET A 266 15.42 15.38 -48.66
N ILE A 267 14.85 14.30 -48.12
CA ILE A 267 15.64 13.09 -47.87
C ILE A 267 16.15 12.50 -49.17
N VAL A 268 15.31 12.52 -50.21
CA VAL A 268 15.75 12.05 -51.52
C VAL A 268 16.86 12.93 -52.06
N SER A 269 16.71 14.25 -51.91
CA SER A 269 17.72 15.18 -52.41
C SER A 269 19.06 14.96 -51.72
N ILE A 270 19.03 14.86 -50.39
CA ILE A 270 20.27 14.74 -49.62
C ILE A 270 21.06 13.51 -50.04
N LEU A 271 20.39 12.35 -50.08
CA LEU A 271 21.05 11.12 -50.51
C LEU A 271 21.46 11.15 -51.98
N ALA A 272 20.78 11.95 -52.81
CA ALA A 272 21.16 12.04 -54.22
C ALA A 272 22.52 12.71 -54.38
N VAL A 273 22.78 13.78 -53.60
CA VAL A 273 24.05 14.49 -53.72
C VAL A 273 25.20 13.56 -53.36
N MET A 274 25.06 12.84 -52.24
CA MET A 274 26.13 11.96 -51.79
C MET A 274 26.36 10.81 -52.77
N LYS A 275 25.29 10.26 -53.32
CA LYS A 275 25.43 9.18 -54.30
C LYS A 275 26.10 9.67 -55.57
N ALA A 276 25.74 10.87 -56.02
CA ALA A 276 26.42 11.45 -57.18
C ALA A 276 27.89 11.70 -56.89
N GLY A 277 28.24 12.00 -55.63
CA GLY A 277 29.62 12.16 -55.25
C GLY A 277 29.92 13.41 -54.45
N GLY A 278 28.96 14.35 -54.40
CA GLY A 278 29.17 15.65 -53.80
C GLY A 278 28.68 15.74 -52.36
N ALA A 279 28.71 16.96 -51.84
CA ALA A 279 28.26 17.28 -50.50
C ALA A 279 27.13 18.29 -50.58
N TYR A 280 26.13 18.15 -49.71
CA TYR A 280 24.96 18.99 -49.77
C TYR A 280 25.09 20.20 -48.84
N VAL A 281 24.71 21.35 -49.36
CA VAL A 281 24.76 22.61 -48.61
C VAL A 281 23.34 23.05 -48.30
N PRO A 282 22.83 22.80 -47.10
CA PRO A 282 21.43 23.12 -46.79
C PRO A 282 21.20 24.63 -46.72
N ILE A 283 20.21 25.10 -47.46
CA ILE A 283 19.81 26.51 -47.47
C ILE A 283 18.36 26.59 -47.03
N ASP A 284 18.12 27.32 -45.95
CA ASP A 284 16.75 27.45 -45.43
C ASP A 284 15.92 28.30 -46.39
N PRO A 285 14.75 27.84 -46.82
CA PRO A 285 13.93 28.63 -47.76
C PRO A 285 13.44 29.94 -47.18
N ASP A 286 13.49 30.13 -45.86
CA ASP A 286 12.99 31.32 -45.21
C ASP A 286 14.08 32.34 -44.90
N TYR A 287 15.34 32.02 -45.22
CA TYR A 287 16.44 32.94 -44.95
C TYR A 287 16.27 34.22 -45.77
N PRO A 288 16.92 35.31 -45.34
CA PRO A 288 16.94 36.52 -46.18
C PRO A 288 17.58 36.24 -47.53
N GLY A 289 17.15 37.00 -48.54
CA GLY A 289 17.67 36.78 -49.89
C GLY A 289 19.17 37.00 -49.98
N GLU A 290 19.68 38.00 -49.27
CA GLU A 290 21.13 38.23 -49.26
C GLU A 290 21.85 37.08 -48.58
N ARG A 291 21.25 36.50 -47.54
CA ARG A 291 21.87 35.34 -46.89
C ARG A 291 21.90 34.14 -47.83
N ILE A 292 20.78 33.88 -48.51
CA ILE A 292 20.72 32.77 -49.47
C ILE A 292 21.79 32.91 -50.53
N ALA A 293 21.98 34.13 -51.05
CA ALA A 293 22.96 34.33 -52.11
C ALA A 293 24.39 34.18 -51.59
N TYR A 294 24.65 34.64 -50.36
CA TYR A 294 25.98 34.48 -49.79
C TYR A 294 26.35 33.00 -49.66
N MET A 295 25.42 32.19 -49.17
CA MET A 295 25.69 30.76 -49.02
C MET A 295 25.94 30.11 -50.36
N LEU A 296 25.17 30.48 -51.38
CA LEU A 296 25.39 29.94 -52.72
C LEU A 296 26.73 30.40 -53.30
N ALA A 297 27.06 31.68 -53.12
CA ALA A 297 28.32 32.20 -53.65
C ALA A 297 29.51 31.59 -52.92
N ASP A 298 29.43 31.46 -51.60
CA ASP A 298 30.54 30.91 -50.85
C ASP A 298 30.69 29.40 -51.10
N SER A 299 29.56 28.69 -51.20
CA SER A 299 29.62 27.25 -51.45
C SER A 299 30.11 26.92 -52.86
N SER A 300 30.16 27.89 -53.75
CA SER A 300 30.54 27.67 -55.15
C SER A 300 29.72 26.54 -55.75
N ALA A 301 28.40 26.70 -55.67
CA ALA A 301 27.45 25.70 -56.12
C ALA A 301 26.98 26.02 -57.54
N ALA A 302 26.95 25.01 -58.39
CA ALA A 302 26.44 25.17 -59.75
C ALA A 302 25.03 24.63 -59.92
N ILE A 303 24.57 23.79 -58.99
CA ILE A 303 23.27 23.13 -59.09
C ILE A 303 22.50 23.40 -57.81
N LEU A 304 21.21 23.69 -57.96
CA LEU A 304 20.33 23.98 -56.84
C LEU A 304 19.16 22.99 -56.85
N LEU A 305 19.02 22.22 -55.79
CA LEU A 305 17.91 21.28 -55.64
C LEU A 305 16.81 21.98 -54.86
N THR A 306 15.93 22.68 -55.58
CA THR A 306 14.80 23.38 -55.00
C THR A 306 13.54 23.02 -55.78
N ASN A 307 12.41 23.60 -55.38
CA ASN A 307 11.15 23.35 -56.08
C ASN A 307 10.78 24.55 -56.94
N ALA A 308 9.47 24.84 -57.03
CA ALA A 308 9.00 26.04 -57.70
C ALA A 308 8.58 27.14 -56.74
N LEU A 309 8.51 26.85 -55.44
CA LEU A 309 8.18 27.88 -54.47
C LEU A 309 9.41 28.70 -54.10
N HIS A 310 10.58 28.06 -54.03
CA HIS A 310 11.80 28.71 -53.61
C HIS A 310 12.81 28.87 -54.76
N GLU A 311 12.37 28.65 -56.00
CA GLU A 311 13.27 28.78 -57.14
C GLU A 311 13.66 30.23 -57.39
N GLU A 312 12.70 31.14 -57.27
CA GLU A 312 12.93 32.56 -57.51
C GLU A 312 13.68 33.23 -56.37
N LYS A 313 14.01 32.50 -55.32
CA LYS A 313 14.84 33.02 -54.23
C LYS A 313 16.32 32.90 -54.54
N ALA A 314 16.69 32.30 -55.68
CA ALA A 314 18.08 32.23 -56.10
C ALA A 314 18.45 33.38 -57.04
N ASN A 315 17.49 33.88 -57.81
CA ASN A 315 17.72 34.98 -58.76
C ASN A 315 18.74 34.56 -59.83
N GLY A 316 18.47 33.43 -60.47
CA GLY A 316 19.36 32.93 -61.50
C GLY A 316 20.76 32.65 -61.01
N ALA A 317 20.88 32.12 -59.78
CA ALA A 317 22.19 31.93 -59.17
C ALA A 317 22.80 30.57 -59.46
N CYS A 318 22.01 29.58 -59.86
CA CYS A 318 22.53 28.25 -60.13
C CYS A 318 21.70 27.61 -61.23
N ASP A 319 22.04 26.36 -61.56
CA ASP A 319 21.22 25.55 -62.44
C ASP A 319 20.13 24.89 -61.60
N ILE A 320 18.94 25.50 -61.58
CA ILE A 320 17.85 25.00 -60.76
C ILE A 320 17.39 23.65 -61.30
N ILE A 321 17.24 22.68 -60.40
CA ILE A 321 16.74 21.35 -60.73
C ILE A 321 15.50 21.13 -59.88
N ASP A 322 14.33 21.23 -60.50
CA ASP A 322 13.08 21.06 -59.77
C ASP A 322 12.93 19.61 -59.32
N VAL A 323 12.68 19.43 -58.01
CA VAL A 323 12.48 18.08 -57.47
C VAL A 323 11.10 17.53 -57.74
N HIS A 324 10.19 18.32 -58.31
CA HIS A 324 8.87 17.86 -58.71
C HIS A 324 8.76 17.65 -60.22
N ASP A 325 9.82 17.94 -60.96
CA ASP A 325 9.82 17.76 -62.41
C ASP A 325 10.31 16.36 -62.75
N PRO A 326 9.55 15.58 -63.52
CA PRO A 326 9.96 14.20 -63.81
C PRO A 326 11.23 14.11 -64.65
N ASP A 327 11.56 15.15 -65.42
CA ASP A 327 12.78 15.16 -66.20
C ASP A 327 14.03 15.34 -65.34
N SER A 328 13.86 15.57 -64.05
CA SER A 328 14.99 15.65 -63.12
C SER A 328 15.39 14.30 -62.55
N TYR A 329 14.56 13.28 -62.74
CA TYR A 329 14.85 11.93 -62.25
C TYR A 329 15.06 10.99 -63.42
N SER A 330 16.09 10.17 -63.33
CA SER A 330 16.41 9.22 -64.38
C SER A 330 15.52 7.99 -64.29
N GLU A 331 15.63 7.12 -65.29
CA GLU A 331 14.98 5.82 -65.28
C GLU A 331 15.85 4.75 -64.64
N ASN A 332 17.05 5.11 -64.19
CA ASN A 332 17.98 4.17 -63.58
C ASN A 332 17.72 4.11 -62.08
N THR A 333 17.12 3.01 -61.63
CA THR A 333 16.88 2.80 -60.20
C THR A 333 17.97 1.93 -59.57
N ASN A 334 19.07 1.68 -60.29
CA ASN A 334 20.17 0.90 -59.76
C ASN A 334 21.17 1.82 -59.07
N ASN A 335 21.85 1.28 -58.05
CA ASN A 335 22.82 2.05 -57.32
C ASN A 335 23.93 2.56 -58.24
N LEU A 336 24.29 3.82 -58.06
CA LEU A 336 25.32 4.42 -58.89
C LEU A 336 26.69 3.80 -58.56
N PRO A 337 27.61 3.81 -59.52
CA PRO A 337 28.98 3.39 -59.21
C PRO A 337 29.64 4.38 -58.27
N HIS A 338 30.46 3.85 -57.35
CA HIS A 338 31.03 4.66 -56.29
C HIS A 338 32.25 5.41 -56.78
N VAL A 339 32.30 6.71 -56.46
CA VAL A 339 33.44 7.55 -56.80
C VAL A 339 34.00 8.26 -55.57
N ASN A 340 33.48 7.97 -54.38
CA ASN A 340 33.84 8.70 -53.17
C ASN A 340 34.78 7.89 -52.29
N ARG A 341 35.44 8.61 -51.39
CA ARG A 341 36.37 8.09 -50.41
C ARG A 341 35.95 8.55 -49.02
N PRO A 342 36.29 7.80 -47.98
CA PRO A 342 35.86 8.19 -46.61
C PRO A 342 36.32 9.58 -46.20
N ASP A 343 37.29 10.17 -46.89
CA ASP A 343 37.79 11.50 -46.58
C ASP A 343 37.24 12.57 -47.54
N ASP A 344 36.05 12.37 -48.07
CA ASP A 344 35.41 13.33 -48.95
C ASP A 344 34.32 14.08 -48.19
N LEU A 345 34.04 15.31 -48.64
CA LEU A 345 33.02 16.14 -48.00
C LEU A 345 31.65 15.49 -48.11
N VAL A 346 30.90 15.51 -47.02
CA VAL A 346 29.54 15.01 -46.99
C VAL A 346 28.52 16.14 -46.88
N TYR A 347 28.81 17.17 -46.08
CA TYR A 347 27.95 18.35 -46.02
C TYR A 347 28.78 19.55 -45.58
N VAL A 348 28.23 20.74 -45.85
CA VAL A 348 28.82 22.00 -45.45
C VAL A 348 27.71 22.81 -44.78
N MET A 349 27.72 22.84 -43.46
CA MET A 349 26.76 23.62 -42.69
C MET A 349 27.40 24.90 -42.19
N TYR A 350 26.66 26.00 -42.30
CA TYR A 350 27.16 27.32 -41.92
C TYR A 350 26.81 27.64 -40.48
N THR A 351 27.73 28.36 -39.82
CA THR A 351 27.62 28.72 -38.42
C THR A 351 27.62 30.24 -38.29
N SER A 352 26.45 30.80 -38.02
CA SER A 352 26.31 32.25 -37.83
C SER A 352 26.71 32.59 -36.39
N GLY A 353 28.02 32.61 -36.16
CA GLY A 353 28.60 33.05 -34.92
C GLY A 353 28.84 34.54 -34.83
N SER A 354 28.47 35.29 -35.86
CA SER A 354 28.59 36.75 -35.89
C SER A 354 30.03 37.21 -35.59
N LEU A 357 29.06 37.88 -41.39
CA LEU A 357 28.76 36.78 -42.31
C LEU A 357 29.11 35.44 -41.67
N ALA A 358 28.48 34.38 -42.18
CA ALA A 358 28.63 33.04 -41.61
C ALA A 358 29.83 32.32 -42.21
N LYS A 359 30.20 31.22 -41.56
CA LYS A 359 31.36 30.42 -41.95
C LYS A 359 30.89 29.01 -42.27
N GLY A 360 31.21 28.53 -43.47
CA GLY A 360 30.81 27.20 -43.88
C GLY A 360 31.70 26.11 -43.30
N VAL A 361 31.17 25.36 -42.32
CA VAL A 361 31.92 24.27 -41.71
C VAL A 361 31.85 23.05 -42.62
N MET A 362 33.00 22.43 -42.85
CA MET A 362 33.12 21.31 -43.78
C MET A 362 33.28 20.02 -43.00
N ILE A 363 32.36 19.08 -43.21
CA ILE A 363 32.38 17.78 -42.55
C ILE A 363 32.53 16.70 -43.62
N GLU A 364 33.28 15.66 -43.31
CA GLU A 364 33.59 14.58 -44.25
C GLU A 364 32.81 13.32 -43.90
N HIS A 365 32.94 12.33 -44.79
CA HIS A 365 32.16 11.10 -44.65
C HIS A 365 32.57 10.31 -43.41
N HIS A 366 33.87 10.14 -43.19
CA HIS A 366 34.33 9.37 -42.04
C HIS A 366 33.92 10.01 -40.72
N ASN A 367 33.65 11.32 -40.71
CA ASN A 367 33.18 11.96 -39.48
C ASN A 367 31.75 11.55 -39.15
N LEU A 368 30.87 11.57 -40.14
CA LEU A 368 29.48 11.17 -39.92
C LEU A 368 29.38 9.68 -39.63
N VAL A 369 30.13 8.87 -40.37
CA VAL A 369 30.08 7.42 -40.18
C VAL A 369 30.49 7.04 -38.76
N ASN A 370 31.56 7.68 -38.26
CA ASN A 370 31.98 7.40 -36.89
C ASN A 370 30.90 7.76 -35.88
N PHE A 371 30.09 8.78 -36.17
CA PHE A 371 29.00 9.14 -35.27
C PHE A 371 27.83 8.16 -35.40
N CYS A 372 27.47 7.80 -36.64
CA CYS A 372 26.36 6.89 -36.86
C CYS A 372 26.67 5.49 -36.35
N GLU A 373 27.89 5.02 -36.57
CA GLU A 373 28.29 3.70 -36.09
C GLU A 373 28.51 3.67 -34.59
N TRP A 374 28.48 4.83 -33.92
CA TRP A 374 28.45 4.88 -32.46
C TRP A 374 27.04 5.09 -31.92
N TYR A 375 26.22 5.87 -32.63
CA TYR A 375 24.88 6.17 -32.16
C TYR A 375 24.02 4.92 -32.07
N ARG A 376 24.07 4.07 -33.10
CA ARG A 376 23.23 2.88 -33.14
C ARG A 376 23.51 1.90 -32.00
N PRO A 377 24.75 1.44 -31.77
CA PRO A 377 24.97 0.49 -30.67
C PRO A 377 24.86 1.11 -29.29
N TYR A 378 25.08 2.42 -29.17
CA TYR A 378 25.01 3.07 -27.87
C TYR A 378 23.58 3.11 -27.35
N PHE A 379 22.65 3.62 -28.16
CA PHE A 379 21.25 3.71 -27.78
C PHE A 379 20.43 2.49 -28.19
N GLY A 380 21.06 1.48 -28.77
CA GLY A 380 20.35 0.28 -29.16
C GLY A 380 19.29 0.50 -30.21
N VAL A 381 19.58 1.33 -31.21
CA VAL A 381 18.60 1.63 -32.24
C VAL A 381 18.36 0.39 -33.08
N THR A 382 17.11 -0.04 -33.18
CA THR A 382 16.69 -1.21 -33.92
C THR A 382 15.83 -0.80 -35.11
N PRO A 383 15.57 -1.72 -36.05
CA PRO A 383 14.66 -1.37 -37.15
C PRO A 383 13.22 -1.15 -36.70
N ALA A 384 12.99 -1.28 -35.40
CA ALA A 384 11.67 -1.09 -34.83
C ALA A 384 11.50 0.28 -34.18
N ASP A 385 12.49 1.16 -34.29
CA ASP A 385 12.43 2.46 -33.67
C ASP A 385 11.76 3.48 -34.58
N LYS A 386 11.42 4.63 -34.00
CA LYS A 386 10.80 5.73 -34.74
C LYS A 386 11.39 7.03 -34.22
N ALA A 387 11.90 7.85 -35.14
CA ALA A 387 12.49 9.14 -34.81
C ALA A 387 11.87 10.22 -35.67
N LEU A 388 11.89 11.45 -35.16
CA LEU A 388 11.34 12.59 -35.89
C LEU A 388 12.47 13.50 -36.37
N VAL A 389 12.34 13.98 -37.61
CA VAL A 389 13.26 14.96 -38.16
C VAL A 389 12.80 16.34 -37.67
N TYR A 390 13.27 16.72 -36.48
CA TYR A 390 12.82 17.92 -35.79
C TYR A 390 13.63 19.15 -36.21
N SER A 391 14.95 19.09 -35.99
CA SER A 391 15.79 20.24 -36.27
C SER A 391 15.84 20.55 -37.75
N SER A 392 16.04 21.83 -38.07
CA SER A 392 16.18 22.25 -39.46
C SER A 392 17.38 21.57 -40.11
N PHE A 393 17.27 21.31 -41.41
CA PHE A 393 18.37 20.64 -42.11
C PHE A 393 19.59 21.54 -42.27
N SER A 394 19.49 22.82 -41.90
CA SER A 394 20.62 23.75 -41.90
C SER A 394 21.47 23.67 -40.64
N PHE A 395 21.18 22.73 -39.74
CA PHE A 395 21.95 22.55 -38.52
C PHE A 395 22.33 21.09 -38.38
N ASP A 396 23.43 20.84 -37.66
CA ASP A 396 23.94 19.48 -37.49
C ASP A 396 23.01 18.60 -36.67
N GLY A 397 21.99 19.18 -36.02
CA GLY A 397 21.00 18.37 -35.34
C GLY A 397 20.21 17.47 -36.27
N SER A 398 19.94 17.94 -37.50
CA SER A 398 19.22 17.12 -38.47
C SER A 398 20.07 15.94 -38.94
N ALA A 399 21.40 16.09 -38.92
CA ALA A 399 22.26 14.96 -39.27
C ALA A 399 22.08 13.82 -38.30
N LEU A 400 21.96 14.13 -37.01
CA LEU A 400 21.63 13.09 -36.03
C LEU A 400 20.23 12.55 -36.24
N ASP A 401 19.30 13.41 -36.63
CA ASP A 401 17.93 12.98 -36.86
C ASP A 401 17.84 12.04 -38.07
N ILE A 402 18.54 12.38 -39.16
CA ILE A 402 18.35 11.70 -40.43
C ILE A 402 19.30 10.53 -40.60
N PHE A 403 20.59 10.75 -40.32
CA PHE A 403 21.62 9.78 -40.72
C PHE A 403 21.85 8.67 -39.70
N THR A 404 21.68 8.96 -38.41
CA THR A 404 21.97 7.95 -37.40
C THR A 404 20.93 6.84 -37.42
N HIS A 405 19.66 7.18 -37.64
CA HIS A 405 18.59 6.20 -37.58
C HIS A 405 18.39 5.46 -38.90
N LEU A 406 18.69 6.09 -40.04
CA LEU A 406 18.58 5.40 -41.32
C LEU A 406 19.54 4.21 -41.39
N LEU A 407 20.69 4.31 -40.74
CA LEU A 407 21.65 3.20 -40.73
C LEU A 407 21.26 2.09 -39.76
N ALA A 408 20.13 2.21 -39.08
CA ALA A 408 19.69 1.21 -38.12
C ALA A 408 18.38 0.55 -38.52
N GLY A 409 17.74 1.02 -39.58
CA GLY A 409 16.48 0.46 -40.02
C GLY A 409 15.25 1.12 -39.46
N ALA A 410 15.41 2.23 -38.73
CA ALA A 410 14.29 2.90 -38.09
C ALA A 410 13.52 3.75 -39.10
N ALA A 411 12.45 4.38 -38.63
CA ALA A 411 11.56 5.16 -39.47
C ALA A 411 11.66 6.64 -39.09
N LEU A 412 11.99 7.48 -40.06
CA LEU A 412 12.04 8.92 -39.85
C LEU A 412 10.66 9.51 -40.09
N HIS A 413 10.21 10.36 -39.17
CA HIS A 413 8.93 11.04 -39.28
C HIS A 413 9.19 12.53 -39.46
N ILE A 414 8.87 13.04 -40.66
CA ILE A 414 9.09 14.46 -40.95
C ILE A 414 8.13 15.29 -40.11
N VAL A 415 8.68 16.25 -39.37
CA VAL A 415 7.90 17.13 -38.51
C VAL A 415 7.56 18.39 -39.30
N PRO A 416 6.28 18.67 -39.57
CA PRO A 416 5.92 19.96 -40.18
C PRO A 416 6.25 21.10 -39.23
N SER A 417 6.91 22.14 -39.77
CA SER A 417 7.22 23.31 -38.96
C SER A 417 5.98 24.00 -38.41
N GLU A 418 4.79 23.68 -38.95
CA GLU A 418 3.55 24.12 -38.32
C GLU A 418 3.46 23.62 -36.89
N ARG A 419 3.79 22.34 -36.67
CA ARG A 419 3.94 21.82 -35.31
C ARG A 419 5.29 22.24 -34.77
N LYS A 420 6.04 21.29 -34.19
CA LYS A 420 7.40 21.54 -33.72
C LYS A 420 7.45 22.61 -32.63
N TYR A 421 6.80 23.76 -32.88
CA TYR A 421 6.74 24.84 -31.89
C TYR A 421 5.62 24.65 -30.89
N ASP A 422 4.65 23.80 -31.19
CA ASP A 422 3.58 23.45 -30.27
C ASP A 422 3.96 22.11 -29.63
N LEU A 423 4.69 22.19 -28.51
CA LEU A 423 5.18 20.99 -27.85
C LEU A 423 4.05 20.10 -27.36
N ASP A 424 2.84 20.64 -27.20
CA ASP A 424 1.71 19.81 -26.83
C ASP A 424 1.26 18.94 -28.00
N ALA A 425 1.23 19.51 -29.21
CA ALA A 425 0.88 18.72 -30.40
C ALA A 425 1.98 17.70 -30.73
N LEU A 426 3.24 18.05 -30.48
CA LEU A 426 4.33 17.11 -30.74
C LEU A 426 4.23 15.90 -29.81
N ASN A 427 3.88 16.12 -28.55
CA ASN A 427 3.68 15.01 -27.63
C ASN A 427 2.52 14.13 -28.07
N ASP A 428 1.49 14.73 -28.68
CA ASP A 428 0.39 13.95 -29.22
C ASP A 428 0.88 13.07 -30.38
N TYR A 429 1.50 13.68 -31.39
CA TYR A 429 2.00 12.93 -32.53
C TYR A 429 2.96 11.83 -32.10
N CYS A 430 3.83 12.14 -31.14
CA CYS A 430 4.76 11.11 -30.65
C CYS A 430 4.01 9.96 -29.98
N ASN A 431 2.92 10.27 -29.29
CA ASN A 431 2.20 9.23 -28.56
C ASN A 431 1.35 8.37 -29.48
N GLN A 432 0.73 8.97 -30.50
CA GLN A 432 -0.13 8.22 -31.40
C GLN A 432 0.62 7.59 -32.56
N GLU A 433 1.92 7.85 -32.68
CA GLU A 433 2.76 7.17 -33.67
C GLU A 433 3.85 6.33 -33.06
N GLY A 434 4.06 6.41 -31.73
CA GLY A 434 5.03 5.57 -31.06
C GLY A 434 6.48 5.92 -31.38
N ILE A 435 6.81 7.21 -31.34
CA ILE A 435 8.19 7.61 -31.53
C ILE A 435 9.00 7.23 -30.30
N THR A 436 10.12 6.53 -30.52
CA THR A 436 10.88 5.93 -29.42
C THR A 436 12.15 6.69 -29.08
N ILE A 437 12.83 7.27 -30.06
CA ILE A 437 14.11 7.93 -29.84
C ILE A 437 14.15 9.19 -30.69
N SER A 438 14.78 10.24 -30.16
CA SER A 438 14.96 11.49 -30.91
C SER A 438 15.87 12.42 -30.12
N TYR A 439 16.26 13.51 -30.78
CA TYR A 439 17.10 14.54 -30.19
C TYR A 439 16.33 15.85 -30.17
N LEU A 440 16.11 16.40 -28.97
CA LEU A 440 15.47 17.69 -28.79
C LEU A 440 16.48 18.68 -28.24
N PRO A 441 16.59 19.87 -28.83
CA PRO A 441 17.46 20.90 -28.24
C PRO A 441 17.07 21.21 -26.80
N THR A 442 18.01 21.82 -26.08
CA THR A 442 17.85 21.97 -24.62
C THR A 442 16.57 22.71 -24.26
N GLY A 443 16.31 23.85 -24.90
CA GLY A 443 15.14 24.63 -24.55
C GLY A 443 13.84 23.88 -24.82
N ALA A 444 13.74 23.25 -26.00
CA ALA A 444 12.54 22.51 -26.33
C ALA A 444 12.39 21.28 -25.43
N ALA A 445 13.51 20.65 -25.05
CA ALA A 445 13.46 19.51 -24.16
C ALA A 445 12.84 19.89 -22.82
N GLU A 446 13.48 20.83 -22.11
CA GLU A 446 13.00 21.25 -20.79
C GLU A 446 11.53 21.66 -20.79
N GLN A 447 11.00 22.06 -21.94
CA GLN A 447 9.57 22.31 -22.06
C GLN A 447 8.79 21.05 -22.41
N PHE A 448 9.38 20.14 -23.17
CA PHE A 448 8.73 18.88 -23.49
C PHE A 448 8.69 17.94 -22.29
N MET A 449 9.60 18.10 -21.33
CA MET A 449 9.62 17.24 -20.15
C MET A 449 8.43 17.49 -19.23
N GLN A 450 7.61 18.49 -19.51
CA GLN A 450 6.37 18.72 -18.78
C GLN A 450 5.16 18.13 -19.49
N MET A 451 5.38 17.28 -20.50
CA MET A 451 4.33 16.66 -21.28
C MET A 451 4.22 15.19 -20.95
N ASP A 452 3.00 14.67 -20.90
CA ASP A 452 2.77 13.25 -20.61
CA ASP A 452 2.77 13.25 -20.61
C ASP A 452 3.10 12.45 -21.86
N ASN A 453 4.27 11.80 -21.87
CA ASN A 453 4.72 11.00 -22.99
C ASN A 453 4.90 9.55 -22.53
N GLN A 454 4.45 8.61 -23.36
CA GLN A 454 4.66 7.20 -23.09
C GLN A 454 5.34 6.47 -24.24
N SER A 455 5.61 7.14 -25.35
CA SER A 455 6.20 6.49 -26.51
C SER A 455 7.73 6.50 -26.48
N PHE A 456 8.33 7.58 -25.99
CA PHE A 456 9.78 7.69 -25.97
C PHE A 456 10.38 6.70 -24.98
N ARG A 457 11.52 6.11 -25.38
CA ARG A 457 12.37 5.38 -24.46
C ARG A 457 13.71 6.05 -24.23
N VAL A 458 14.17 6.88 -25.17
CA VAL A 458 15.42 7.61 -25.07
C VAL A 458 15.21 8.98 -25.69
N VAL A 459 15.51 10.03 -24.92
CA VAL A 459 15.47 11.42 -25.42
C VAL A 459 16.81 12.06 -25.14
N ILE A 460 17.47 12.54 -26.20
CA ILE A 460 18.79 13.15 -26.10
C ILE A 460 18.64 14.64 -26.27
N THR A 461 19.35 15.40 -25.44
CA THR A 461 19.32 16.85 -25.50
C THR A 461 20.74 17.41 -25.49
N GLY A 462 20.86 18.67 -25.88
CA GLY A 462 22.15 19.33 -25.96
C GLY A 462 22.12 20.58 -26.81
N GLY A 463 23.00 21.52 -26.51
CA GLY A 463 23.01 22.81 -27.20
C GLY A 463 23.22 23.95 -26.24
N ASP A 464 22.37 24.02 -25.21
CA ASP A 464 22.54 24.92 -24.08
C ASP A 464 22.78 24.08 -22.83
N VAL A 465 22.95 24.77 -21.71
CA VAL A 465 23.22 24.08 -20.45
C VAL A 465 21.93 23.45 -19.95
N LEU A 466 21.92 22.12 -19.86
CA LEU A 466 20.76 21.40 -19.35
C LEU A 466 20.72 21.47 -17.83
N LYS A 467 19.52 21.71 -17.30
CA LYS A 467 19.31 21.86 -15.86
C LYS A 467 18.20 20.99 -15.32
N LYS A 468 17.08 20.90 -16.03
CA LYS A 468 15.90 20.18 -15.57
C LYS A 468 16.01 18.69 -15.91
N ILE A 469 15.65 17.85 -14.94
CA ILE A 469 15.73 16.40 -15.14
C ILE A 469 14.38 15.77 -14.85
N GLU A 470 13.49 16.52 -14.20
CA GLU A 470 12.17 16.01 -13.81
C GLU A 470 11.27 16.00 -15.04
N ARG A 471 10.90 14.80 -15.48
CA ARG A 471 10.15 14.63 -16.72
C ARG A 471 8.86 13.85 -16.47
N ASN A 472 7.88 14.07 -17.35
CA ASN A 472 6.62 13.33 -17.31
C ASN A 472 6.63 12.23 -18.36
N GLY A 473 7.53 11.29 -18.17
CA GLY A 473 7.66 10.18 -19.11
C GLY A 473 8.60 9.12 -18.58
N THR A 474 8.53 7.95 -19.20
CA THR A 474 9.37 6.82 -18.85
C THR A 474 10.62 6.72 -19.71
N TYR A 475 11.04 7.81 -20.33
CA TYR A 475 12.18 7.80 -21.24
C TYR A 475 13.46 8.20 -20.51
N LYS A 476 14.57 7.61 -20.94
CA LYS A 476 15.87 7.96 -20.40
C LYS A 476 16.36 9.27 -20.99
N LEU A 477 17.01 10.08 -20.17
CA LEU A 477 17.50 11.39 -20.57
C LEU A 477 19.00 11.35 -20.79
N TYR A 478 19.45 11.91 -21.91
CA TYR A 478 20.86 11.95 -22.27
C TYR A 478 21.26 13.38 -22.58
N ASN A 479 22.47 13.75 -22.17
CA ASN A 479 23.03 15.07 -22.42
C ASN A 479 24.27 14.92 -23.30
N GLY A 480 24.40 15.81 -24.28
CA GLY A 480 25.49 15.74 -25.22
C GLY A 480 26.14 17.09 -25.45
N TYR A 481 27.41 17.06 -25.83
CA TYR A 481 28.19 18.25 -26.13
C TYR A 481 28.94 18.04 -27.43
N GLY A 482 29.09 19.12 -28.20
CA GLY A 482 29.82 19.05 -29.44
C GLY A 482 29.60 20.26 -30.33
N PRO A 483 30.69 20.78 -30.90
CA PRO A 483 30.57 21.85 -31.89
C PRO A 483 30.33 21.28 -33.28
N THR A 484 29.77 22.15 -34.13
CA THR A 484 29.55 21.75 -35.52
C THR A 484 30.85 21.38 -36.21
N GLU A 485 31.96 22.00 -35.80
CA GLU A 485 33.26 21.71 -36.39
C GLU A 485 33.69 20.26 -36.14
N CYS A 486 33.20 19.66 -35.06
CA CYS A 486 33.49 18.25 -34.77
C CYS A 486 32.24 17.40 -34.90
N THR A 487 31.68 17.38 -36.12
CA THR A 487 30.51 16.58 -36.50
C THR A 487 29.32 17.09 -35.71
N ILE A 488 28.69 16.30 -34.86
CA ILE A 488 27.46 16.68 -34.15
C ILE A 488 27.72 16.77 -32.65
N MET A 489 28.17 15.67 -32.04
CA MET A 489 28.50 15.62 -30.63
C MET A 489 29.75 14.79 -30.44
N VAL A 490 30.49 15.11 -29.37
CA VAL A 490 31.70 14.37 -29.03
C VAL A 490 31.62 13.70 -27.67
N THR A 491 30.72 14.12 -26.78
CA THR A 491 30.54 13.48 -25.48
C THR A 491 29.06 13.26 -25.23
N MET A 492 28.76 12.21 -24.47
CA MET A 492 27.39 11.85 -24.14
C MET A 492 27.31 11.43 -22.68
N PHE A 493 26.27 11.90 -21.98
CA PHE A 493 26.04 11.57 -20.59
C PHE A 493 24.58 11.19 -20.39
N GLU A 494 24.36 10.16 -19.59
CA GLU A 494 23.00 9.74 -19.23
C GLU A 494 22.63 10.41 -17.92
N VAL A 495 21.63 11.29 -17.96
CA VAL A 495 21.16 12.00 -16.77
C VAL A 495 20.42 11.01 -15.87
N ASP A 496 21.13 10.40 -14.93
CA ASP A 496 20.55 9.43 -14.00
C ASP A 496 20.13 10.09 -12.69
N LYS A 497 21.04 10.76 -12.02
CA LYS A 497 20.79 11.46 -10.78
C LYS A 497 20.51 12.94 -11.04
N PRO A 498 19.98 13.66 -10.06
CA PRO A 498 19.97 15.13 -10.17
C PRO A 498 21.36 15.69 -9.91
N TYR A 499 21.79 16.59 -10.79
CA TYR A 499 23.11 17.21 -10.68
C TYR A 499 22.97 18.73 -10.68
N ALA A 500 23.86 19.38 -9.95
CA ALA A 500 23.94 20.84 -10.01
C ALA A 500 24.42 21.28 -11.39
N ASN A 501 25.59 20.78 -11.81
CA ASN A 501 26.08 20.93 -13.17
C ASN A 501 26.00 19.56 -13.83
N ILE A 502 25.01 19.37 -14.68
CA ILE A 502 24.84 18.09 -15.37
C ILE A 502 26.03 17.86 -16.29
N PRO A 503 26.78 16.78 -16.10
CA PRO A 503 27.97 16.55 -16.91
C PRO A 503 27.62 16.38 -18.38
N ILE A 504 28.52 16.86 -19.24
CA ILE A 504 28.39 16.62 -20.67
C ILE A 504 28.82 15.22 -21.06
N GLY A 505 29.46 14.49 -20.16
CA GLY A 505 29.72 13.08 -20.36
C GLY A 505 31.16 12.76 -20.71
N LYS A 506 31.33 11.58 -21.27
CA LYS A 506 32.60 10.99 -21.70
C LYS A 506 32.68 10.97 -23.22
N PRO A 507 33.89 11.01 -23.78
CA PRO A 507 34.04 11.06 -25.24
C PRO A 507 33.46 9.82 -25.90
N ILE A 508 33.08 9.98 -27.17
CA ILE A 508 32.46 8.90 -27.94
C ILE A 508 33.54 8.08 -28.65
N ASP A 509 33.12 7.28 -29.62
CA ASP A 509 34.05 6.40 -30.33
C ASP A 509 35.09 7.21 -31.10
N ARG A 510 36.34 6.77 -31.03
CA ARG A 510 37.46 7.37 -31.77
C ARG A 510 37.55 8.87 -31.49
N THR A 511 37.33 9.25 -30.23
CA THR A 511 37.34 10.65 -29.83
C THR A 511 37.96 10.75 -28.44
N ARG A 512 38.89 11.68 -28.27
CA ARG A 512 39.54 11.92 -26.99
C ARG A 512 39.50 13.41 -26.67
N ILE A 513 39.14 13.72 -25.42
CA ILE A 513 39.01 15.09 -24.94
C ILE A 513 40.18 15.39 -24.02
N LEU A 514 40.74 16.59 -24.15
CA LEU A 514 41.87 17.03 -23.34
C LEU A 514 41.58 18.41 -22.77
N ILE A 515 41.71 18.53 -21.45
CA ILE A 515 41.59 19.81 -20.76
C ILE A 515 42.99 20.40 -20.61
N LEU A 516 43.27 21.46 -21.37
CA LEU A 516 44.59 22.07 -21.43
C LEU A 516 44.51 23.52 -20.96
N ASP A 517 45.68 24.12 -20.79
CA ASP A 517 45.81 25.48 -20.31
C ASP A 517 46.05 26.42 -21.49
N GLU A 518 46.47 27.66 -21.20
CA GLU A 518 46.79 28.61 -22.26
C GLU A 518 48.05 28.24 -23.04
N ALA A 519 48.93 27.43 -22.46
CA ALA A 519 50.13 26.96 -23.13
C ALA A 519 49.97 25.54 -23.70
N LEU A 520 48.73 25.06 -23.83
CA LEU A 520 48.44 23.73 -24.39
C LEU A 520 49.13 22.63 -23.60
N ALA A 521 49.14 22.77 -22.27
CA ALA A 521 49.71 21.79 -21.38
C ALA A 521 48.59 21.12 -20.58
N LEU A 522 48.82 19.85 -20.21
CA LEU A 522 47.80 19.06 -19.55
C LEU A 522 47.46 19.67 -18.19
N GLN A 523 46.18 19.88 -17.94
CA GLN A 523 45.76 20.34 -16.63
C GLN A 523 45.39 19.15 -15.75
N PRO A 524 45.68 19.21 -14.45
CA PRO A 524 45.32 18.10 -13.57
C PRO A 524 43.81 17.95 -13.48
N ILE A 525 43.39 16.72 -13.17
CA ILE A 525 41.96 16.44 -13.04
C ILE A 525 41.36 17.33 -11.97
N GLY A 526 40.25 17.99 -12.31
CA GLY A 526 39.60 18.95 -11.44
C GLY A 526 39.94 20.39 -11.76
N VAL A 527 41.15 20.65 -12.24
CA VAL A 527 41.53 21.98 -12.67
C VAL A 527 40.91 22.24 -14.04
N ALA A 528 40.35 23.42 -14.21
CA ALA A 528 39.64 23.74 -15.44
C ALA A 528 40.60 24.20 -16.52
N GLY A 529 40.07 24.33 -17.73
CA GLY A 529 40.87 24.75 -18.86
C GLY A 529 40.04 24.70 -20.13
N GLU A 530 40.74 24.77 -21.26
CA GLU A 530 40.08 24.75 -22.56
C GLU A 530 39.85 23.32 -23.01
N LEU A 531 38.63 23.04 -23.46
CA LEU A 531 38.32 21.73 -24.01
C LEU A 531 38.94 21.63 -25.41
N PHE A 532 39.75 20.59 -25.62
CA PHE A 532 40.36 20.29 -26.90
C PHE A 532 39.89 18.93 -27.37
N ILE A 533 39.35 18.88 -28.58
CA ILE A 533 38.78 17.66 -29.14
C ILE A 533 39.79 17.04 -30.10
N VAL A 534 40.03 15.73 -29.94
CA VAL A 534 40.91 14.97 -30.80
C VAL A 534 40.17 13.70 -31.20
N GLY A 535 40.09 13.43 -32.48
CA GLY A 535 39.49 12.19 -32.95
C GLY A 535 38.91 12.36 -34.35
N GLU A 536 38.12 11.35 -34.74
CA GLU A 536 37.52 11.24 -36.06
C GLU A 536 36.25 12.11 -36.22
N GLY A 537 36.08 13.13 -35.38
CA GLY A 537 34.98 14.06 -35.56
C GLY A 537 35.46 15.35 -36.18
N LEU A 538 36.75 15.62 -36.08
CA LEU A 538 37.34 16.85 -36.60
C LEU A 538 37.24 16.87 -38.12
N GLY A 539 36.43 17.78 -38.64
CA GLY A 539 36.30 17.96 -40.08
C GLY A 539 37.49 18.68 -40.68
N ARG A 540 37.35 18.97 -41.98
CA ARG A 540 38.44 19.64 -42.70
C ARG A 540 38.64 21.07 -42.19
N GLY A 541 37.55 21.77 -41.88
CA GLY A 541 37.65 23.12 -41.38
C GLY A 541 36.60 24.06 -41.94
N TYR A 542 36.93 25.33 -42.07
CA TYR A 542 36.01 26.34 -42.59
C TYR A 542 36.25 26.55 -44.08
N LEU A 543 35.18 26.92 -44.78
CA LEU A 543 35.21 27.04 -46.23
C LEU A 543 35.72 28.42 -46.63
N ASN A 544 36.73 28.45 -47.50
CA ASN A 544 37.32 29.68 -48.01
C ASN A 544 37.85 30.58 -46.90
N ARG A 545 38.26 29.98 -45.79
CA ARG A 545 38.76 30.71 -44.62
C ARG A 545 39.88 29.91 -43.99
N PRO A 546 41.07 29.92 -44.59
CA PRO A 546 42.18 29.13 -44.04
C PRO A 546 42.82 29.73 -42.80
N GLU A 547 42.71 31.04 -42.61
CA GLU A 547 43.32 31.67 -41.43
C GLU A 547 42.64 31.21 -40.16
N LEU A 548 41.30 31.24 -40.14
CA LEU A 548 40.57 30.81 -38.95
C LEU A 548 40.72 29.32 -38.73
N THR A 549 40.76 28.53 -39.81
CA THR A 549 40.93 27.08 -39.66
C THR A 549 42.26 26.75 -39.00
N ALA A 550 43.32 27.51 -39.32
CA ALA A 550 44.58 27.34 -38.63
C ALA A 550 44.50 27.78 -37.17
N GLU A 551 43.57 28.68 -36.83
CA GLU A 551 43.45 29.17 -35.46
C GLU A 551 42.71 28.16 -34.58
N LYS A 552 41.62 27.58 -35.07
CA LYS A 552 40.83 26.63 -34.27
C LYS A 552 41.33 25.20 -34.41
N PHE A 553 41.62 24.76 -35.64
CA PHE A 553 42.18 23.43 -35.89
C PHE A 553 43.70 23.55 -35.81
N ILE A 554 44.26 23.18 -34.67
CA ILE A 554 45.69 23.29 -34.44
C ILE A 554 46.29 21.89 -34.30
N VAL A 555 47.58 21.80 -34.59
CA VAL A 555 48.37 20.61 -34.28
C VAL A 555 49.11 20.89 -32.99
N HIS A 556 49.26 19.86 -32.17
CA HIS A 556 49.86 20.09 -30.86
C HIS A 556 51.37 20.16 -30.97
N PRO A 557 52.02 21.15 -30.34
CA PRO A 557 53.48 21.25 -30.46
C PRO A 557 54.23 20.12 -29.78
N GLN A 558 53.59 19.36 -28.89
CA GLN A 558 54.24 18.28 -28.18
C GLN A 558 53.65 16.90 -28.44
N THR A 559 52.41 16.82 -28.91
CA THR A 559 51.78 15.53 -29.17
C THR A 559 51.63 15.23 -30.66
N GLY A 560 51.78 16.22 -31.54
CA GLY A 560 51.65 15.98 -32.96
C GLY A 560 50.26 15.58 -33.40
N GLU A 561 49.25 15.88 -32.60
CA GLU A 561 47.88 15.51 -32.89
C GLU A 561 47.08 16.73 -33.29
N ARG A 562 46.17 16.56 -34.23
CA ARG A 562 45.28 17.64 -34.65
C ARG A 562 44.19 17.81 -33.60
N MET A 563 44.02 19.04 -33.12
CA MET A 563 43.06 19.34 -32.07
C MET A 563 42.17 20.50 -32.49
N TYR A 564 40.97 20.55 -31.93
CA TYR A 564 40.04 21.63 -32.17
C TYR A 564 39.96 22.53 -30.93
N ARG A 565 40.11 23.83 -31.14
CA ARG A 565 40.04 24.82 -30.07
C ARG A 565 38.57 25.19 -29.85
N THR A 566 37.92 24.55 -28.89
CA THR A 566 36.51 24.79 -28.66
C THR A 566 36.25 26.20 -28.15
N GLY A 567 37.17 26.77 -27.38
CA GLY A 567 36.93 28.03 -26.72
C GLY A 567 36.04 27.92 -25.49
N ASP A 568 35.73 26.71 -25.05
CA ASP A 568 34.89 26.48 -23.89
C ASP A 568 35.73 25.97 -22.72
N ARG A 569 35.28 26.29 -21.51
CA ARG A 569 35.97 25.89 -20.30
C ARG A 569 35.29 24.67 -19.70
N ALA A 570 36.09 23.70 -19.27
CA ALA A 570 35.57 22.47 -18.70
C ALA A 570 36.64 21.85 -17.82
N ARG A 571 36.21 20.89 -17.00
CA ARG A 571 37.12 20.18 -16.11
C ARG A 571 36.73 18.71 -16.07
N PHE A 572 37.73 17.85 -15.89
CA PHE A 572 37.47 16.43 -15.73
C PHE A 572 37.07 16.13 -14.29
N LEU A 573 36.04 15.33 -14.12
CA LEU A 573 35.66 14.80 -12.82
C LEU A 573 36.42 13.50 -12.56
N PRO A 574 36.53 13.09 -11.30
CA PRO A 574 37.24 11.84 -11.02
C PRO A 574 36.63 10.61 -11.67
N ASP A 575 35.30 10.61 -11.90
CA ASP A 575 34.65 9.44 -12.48
C ASP A 575 34.99 9.24 -13.95
N GLY A 576 35.45 10.28 -14.64
CA GLY A 576 35.76 10.22 -16.05
C GLY A 576 34.94 11.16 -16.91
N ASN A 577 33.79 11.62 -16.42
CA ASN A 577 32.96 12.52 -17.20
C ASN A 577 33.56 13.92 -17.22
N ILE A 578 33.15 14.69 -18.22
CA ILE A 578 33.58 16.07 -18.38
C ILE A 578 32.44 16.98 -17.95
N GLU A 579 32.78 18.08 -17.28
CA GLU A 579 31.80 19.02 -16.75
C GLU A 579 32.00 20.37 -17.44
N PHE A 580 30.96 20.83 -18.13
CA PHE A 580 31.03 22.12 -18.80
C PHE A 580 30.96 23.25 -17.77
N LEU A 581 31.91 24.18 -17.86
CA LEU A 581 32.01 25.27 -16.89
C LEU A 581 31.71 26.64 -17.48
N GLY A 582 31.60 26.76 -18.79
CA GLY A 582 31.30 28.02 -19.45
C GLY A 582 32.27 28.32 -20.56
N ARG A 583 32.00 29.42 -21.26
CA ARG A 583 32.88 29.88 -22.32
C ARG A 583 34.02 30.71 -21.73
N LEU A 584 35.21 30.55 -22.31
CA LEU A 584 36.41 31.19 -21.78
C LEU A 584 36.39 32.72 -21.91
N ASP A 585 35.43 33.28 -22.65
CA ASP A 585 35.32 34.72 -22.79
C ASP A 585 34.06 35.31 -22.17
N ASN A 586 33.02 34.50 -21.95
CA ASN A 586 31.75 34.99 -21.44
C ASN A 586 31.77 35.04 -19.91
N LEU A 587 32.66 35.89 -19.39
CA LEU A 587 32.77 36.14 -17.96
C LEU A 587 32.52 37.61 -17.70
N VAL A 588 31.51 37.91 -16.89
CA VAL A 588 31.11 39.28 -16.58
C VAL A 588 31.63 39.64 -15.20
N LYS A 589 31.90 40.92 -15.00
CA LYS A 589 32.46 41.43 -13.74
C LYS A 589 31.38 42.23 -13.01
N ILE A 590 30.87 41.67 -11.92
CA ILE A 590 29.84 42.30 -11.11
C ILE A 590 30.48 42.66 -9.78
N ARG A 591 30.39 43.95 -9.39
CA ARG A 591 31.02 44.46 -8.17
C ARG A 591 32.51 44.14 -8.14
N GLY A 592 33.14 44.10 -9.32
CA GLY A 592 34.53 43.71 -9.40
C GLY A 592 34.80 42.24 -9.23
N TYR A 593 33.82 41.38 -9.50
CA TYR A 593 33.98 39.94 -9.37
C TYR A 593 33.61 39.28 -10.70
N ARG A 594 34.57 38.60 -11.30
CA ARG A 594 34.33 37.86 -12.53
C ARG A 594 33.53 36.62 -12.22
N ILE A 595 32.28 36.56 -12.69
CA ILE A 595 31.39 35.46 -12.38
C ILE A 595 30.84 34.87 -13.67
N GLU A 596 30.34 33.65 -13.57
CA GLU A 596 29.61 32.99 -14.64
C GLU A 596 28.13 33.01 -14.28
N PRO A 597 27.29 33.77 -14.98
CA PRO A 597 25.86 33.83 -14.61
C PRO A 597 25.17 32.48 -14.65
N GLY A 598 25.68 31.52 -15.43
CA GLY A 598 25.09 30.20 -15.47
C GLY A 598 25.20 29.42 -14.18
N GLU A 599 26.10 29.83 -13.29
CA GLU A 599 26.24 29.17 -11.99
C GLU A 599 25.11 29.53 -11.03
N ILE A 600 24.33 30.56 -11.34
CA ILE A 600 23.22 30.97 -10.47
C ILE A 600 21.92 30.25 -10.83
N GLU A 601 21.77 29.88 -12.10
CA GLU A 601 20.52 29.26 -12.55
C GLU A 601 20.18 27.95 -11.83
N PRO A 602 21.13 27.03 -11.57
CA PRO A 602 20.75 25.79 -10.85
C PRO A 602 20.18 26.05 -9.47
N PHE A 603 20.63 27.10 -8.78
CA PHE A 603 20.12 27.38 -7.44
C PHE A 603 18.71 27.95 -7.49
N LEU A 604 18.40 28.77 -8.50
CA LEU A 604 17.05 29.34 -8.60
C LEU A 604 16.02 28.29 -8.98
N MET A 605 16.39 27.35 -9.86
CA MET A 605 15.45 26.30 -10.22
C MET A 605 15.18 25.33 -9.08
N ASN A 606 16.11 25.20 -8.14
CA ASN A 606 15.86 24.38 -6.96
C ASN A 606 14.74 24.92 -6.10
N HIS A 607 14.29 26.14 -6.34
CA HIS A 607 13.13 26.67 -5.65
C HIS A 607 11.92 25.78 -5.94
N PRO A 608 11.07 25.52 -4.94
CA PRO A 608 9.93 24.61 -5.17
C PRO A 608 8.98 25.06 -6.26
N LEU A 609 8.94 26.36 -6.58
CA LEU A 609 7.96 26.88 -7.53
C LEU A 609 8.56 27.24 -8.89
N ILE A 610 9.86 27.44 -8.99
CA ILE A 610 10.48 27.79 -10.25
C ILE A 610 10.77 26.52 -11.05
N GLU A 611 10.35 26.51 -12.31
CA GLU A 611 10.54 25.36 -13.19
C GLU A 611 11.50 25.63 -14.34
N LEU A 612 11.72 26.89 -14.70
CA LEU A 612 12.70 27.28 -15.71
C LEU A 612 13.40 28.54 -15.26
N THR A 613 14.70 28.62 -15.52
CA THR A 613 15.51 29.75 -15.07
C THR A 613 16.54 30.10 -16.14
N THR A 614 16.82 31.39 -16.27
CA THR A 614 17.89 31.88 -17.14
C THR A 614 18.35 33.23 -16.61
N VAL A 615 19.61 33.31 -16.21
CA VAL A 615 20.21 34.53 -15.69
C VAL A 615 20.99 35.20 -16.81
N LEU A 616 20.69 36.47 -17.07
CA LEU A 616 21.35 37.25 -18.12
C LEU A 616 22.11 38.42 -17.51
N ALA A 617 23.16 38.82 -18.21
CA ALA A 617 23.97 39.97 -17.81
C ALA A 617 23.64 41.14 -18.73
N LYS A 618 23.09 42.22 -18.17
CA LYS A 618 22.78 43.41 -18.91
C LYS A 618 23.61 44.57 -18.37
N GLU A 619 23.76 45.61 -19.20
CA GLU A 619 24.63 46.73 -18.89
C GLU A 619 23.87 48.04 -18.96
N GLN A 620 24.36 49.02 -18.21
CA GLN A 620 23.88 50.39 -18.28
C GLN A 620 24.94 51.26 -18.95
N ALA A 621 24.49 52.37 -19.55
CA ALA A 621 25.42 53.23 -20.27
C ALA A 621 26.51 53.79 -19.36
N ASP A 622 26.20 53.96 -18.07
CA ASP A 622 27.19 54.44 -17.12
C ASP A 622 28.33 53.46 -16.94
N GLY A 623 28.12 52.19 -17.23
CA GLY A 623 29.18 51.19 -17.15
C GLY A 623 28.82 50.02 -16.26
N ARG A 624 28.02 50.27 -15.23
CA ARG A 624 27.66 49.21 -14.28
C ARG A 624 26.89 48.10 -14.97
N LYS A 625 27.19 46.86 -14.59
CA LYS A 625 26.52 45.68 -15.14
C LYS A 625 25.66 45.03 -14.06
N TYR A 626 24.44 44.65 -14.44
CA TYR A 626 23.48 44.08 -13.52
C TYR A 626 22.97 42.76 -14.06
N LEU A 627 22.69 41.83 -13.15
CA LEU A 627 22.18 40.51 -13.49
C LEU A 627 20.67 40.49 -13.32
N VAL A 628 19.97 39.94 -14.32
CA VAL A 628 18.52 39.81 -14.29
C VAL A 628 18.17 38.34 -14.27
N GLY A 629 17.37 37.93 -13.28
CA GLY A 629 16.97 36.55 -13.16
C GLY A 629 15.57 36.28 -13.69
N TYR A 630 15.48 35.67 -14.87
CA TYR A 630 14.19 35.32 -15.46
C TYR A 630 13.79 33.92 -15.02
N TYR A 631 12.56 33.78 -14.53
CA TYR A 631 12.09 32.51 -14.02
C TYR A 631 10.66 32.24 -14.49
N VAL A 632 10.39 30.98 -14.77
CA VAL A 632 9.05 30.51 -15.14
C VAL A 632 8.48 29.76 -13.95
N ALA A 633 7.30 30.18 -13.49
CA ALA A 633 6.68 29.65 -12.29
C ALA A 633 5.17 29.78 -12.45
N PRO A 634 4.39 29.07 -11.63
CA PRO A 634 2.93 29.25 -11.68
C PRO A 634 2.49 30.70 -11.52
N GLU A 635 2.95 31.36 -10.47
CA GLU A 635 2.69 32.80 -10.30
C GLU A 635 3.99 33.50 -9.93
N GLU A 636 3.90 34.78 -9.58
CA GLU A 636 5.10 35.53 -9.22
C GLU A 636 5.60 35.12 -7.84
N ILE A 637 6.89 35.29 -7.62
CA ILE A 637 7.54 34.99 -6.36
C ILE A 637 8.10 36.30 -5.81
N PRO A 638 7.90 36.59 -4.51
CA PRO A 638 8.37 37.88 -3.97
C PRO A 638 9.87 38.06 -4.15
N HIS A 639 10.26 39.31 -4.38
CA HIS A 639 11.66 39.63 -4.64
C HIS A 639 12.54 39.21 -3.47
N GLY A 640 12.15 39.58 -2.25
CA GLY A 640 12.92 39.19 -1.08
C GLY A 640 13.02 37.69 -0.91
N GLU A 641 11.96 36.96 -1.29
CA GLU A 641 12.00 35.50 -1.20
C GLU A 641 13.10 34.92 -2.07
N LEU A 642 13.25 35.45 -3.30
CA LEU A 642 14.30 34.96 -4.18
C LEU A 642 15.68 35.38 -3.68
N ARG A 643 15.78 36.58 -3.11
CA ARG A 643 17.04 37.01 -2.52
C ARG A 643 17.40 36.14 -1.31
N GLU A 644 16.39 35.73 -0.54
CA GLU A 644 16.64 34.82 0.57
C GLU A 644 17.03 33.44 0.07
N TRP A 645 16.29 32.92 -0.92
CA TRP A 645 16.53 31.56 -1.40
C TRP A 645 17.94 31.41 -1.94
N LEU A 646 18.42 32.39 -2.70
CA LEU A 646 19.78 32.33 -3.23
C LEU A 646 20.81 32.67 -2.16
N GLY A 647 20.46 33.50 -1.19
CA GLY A 647 21.38 33.89 -0.14
C GLY A 647 21.79 32.76 0.79
N ASN A 648 21.10 31.62 0.73
CA ASN A 648 21.45 30.51 1.61
C ASN A 648 22.79 29.90 1.23
N ASP A 649 23.24 30.08 0.00
CA ASP A 649 24.49 29.50 -0.47
C ASP A 649 25.03 30.21 -1.71
N LEU A 650 24.90 31.53 -1.76
CA LEU A 650 25.47 32.34 -2.84
C LEU A 650 25.83 33.71 -2.29
N PRO A 651 27.04 34.21 -2.56
CA PRO A 651 27.40 35.57 -2.15
C PRO A 651 26.52 36.61 -2.83
N ASP A 652 26.65 37.86 -2.35
CA ASP A 652 25.72 38.90 -2.75
C ASP A 652 25.91 39.33 -4.20
N TYR A 653 27.17 39.39 -4.67
CA TYR A 653 27.42 39.80 -6.04
C TYR A 653 26.94 38.78 -7.05
N MET A 654 26.57 37.58 -6.63
CA MET A 654 25.97 36.59 -7.50
C MET A 654 24.47 36.43 -7.27
N ILE A 655 23.87 37.25 -6.41
CA ILE A 655 22.43 37.31 -6.26
C ILE A 655 21.92 38.38 -7.23
N PRO A 656 21.08 38.04 -8.20
CA PRO A 656 20.66 39.03 -9.20
C PRO A 656 19.98 40.24 -8.57
N THR A 657 20.21 41.40 -9.19
CA THR A 657 19.60 42.63 -8.71
C THR A 657 18.11 42.70 -9.06
N TYR A 658 17.73 42.14 -10.21
CA TYR A 658 16.34 42.15 -10.65
C TYR A 658 15.89 40.73 -10.98
N PHE A 659 14.62 40.46 -10.70
CA PHE A 659 13.99 39.19 -11.02
C PHE A 659 12.75 39.45 -11.88
N VAL A 660 12.60 38.66 -12.94
CA VAL A 660 11.49 38.80 -13.87
C VAL A 660 10.71 37.50 -13.91
N HIS A 661 9.41 37.56 -13.63
CA HIS A 661 8.55 36.39 -13.67
C HIS A 661 7.96 36.22 -15.07
N MET A 662 7.87 34.97 -15.51
CA MET A 662 7.43 34.65 -16.86
C MET A 662 6.45 33.49 -16.81
N LYS A 663 5.52 33.49 -17.77
CA LYS A 663 4.62 32.36 -17.92
C LYS A 663 5.29 31.22 -18.68
N ALA A 664 6.07 31.55 -19.70
CA ALA A 664 6.79 30.56 -20.49
C ALA A 664 7.94 31.26 -21.20
N PHE A 665 9.06 30.55 -21.33
CA PHE A 665 10.24 31.14 -21.96
C PHE A 665 10.09 31.14 -23.48
N PRO A 666 10.48 32.23 -24.14
CA PRO A 666 10.51 32.23 -25.61
C PRO A 666 11.63 31.36 -26.14
N LEU A 667 11.34 30.62 -27.21
CA LEU A 667 12.29 29.71 -27.82
C LEU A 667 12.58 30.14 -29.25
N THR A 668 13.86 30.14 -29.61
CA THR A 668 14.23 30.31 -31.01
C THR A 668 13.80 29.10 -31.82
N ALA A 669 13.74 29.28 -33.14
CA ALA A 669 13.39 28.17 -34.02
C ALA A 669 14.39 27.03 -33.93
N ASN A 670 15.59 27.29 -33.40
CA ASN A 670 16.59 26.25 -33.21
C ASN A 670 16.35 25.40 -31.98
N GLY A 671 15.35 25.73 -31.16
CA GLY A 671 15.04 24.98 -29.96
C GLY A 671 15.68 25.48 -28.69
N LYS A 672 16.27 26.67 -28.70
CA LYS A 672 16.94 27.23 -27.53
C LYS A 672 16.19 28.46 -27.05
N VAL A 673 16.46 28.83 -25.79
CA VAL A 673 15.84 30.04 -25.23
C VAL A 673 16.30 31.24 -26.03
N ASP A 674 15.38 32.18 -26.28
CA ASP A 674 15.69 33.30 -27.15
C ASP A 674 16.79 34.19 -26.58
N ARG A 675 16.78 34.39 -25.26
CA ARG A 675 17.80 35.19 -24.56
C ARG A 675 17.99 36.58 -25.18
N ARG A 676 16.95 37.08 -25.85
CA ARG A 676 16.97 38.38 -26.49
C ARG A 676 15.55 38.91 -26.57
N ALA A 677 14.58 37.99 -26.55
CA ALA A 677 13.17 38.34 -26.36
C ALA A 677 12.81 38.45 -24.89
N LEU A 678 13.65 37.95 -23.98
CA LEU A 678 13.39 38.07 -22.55
C LEU A 678 13.21 39.54 -22.18
N PRO A 679 12.15 39.90 -21.45
CA PRO A 679 11.87 41.31 -21.20
C PRO A 679 13.04 42.03 -20.54
N ASP A 680 13.12 43.32 -20.79
CA ASP A 680 14.11 44.18 -20.16
C ASP A 680 13.49 44.88 -18.96
N VAL A 681 14.34 45.47 -18.13
CA VAL A 681 13.90 46.10 -16.90
C VAL A 681 14.15 47.60 -16.98
N GLN A 682 15.29 48.04 -16.48
CA GLN A 682 15.66 49.45 -16.54
C GLN A 682 17.18 49.61 -16.55
N GLU A 686 18.90 53.48 -13.64
CA GLU A 686 19.94 53.07 -12.70
C GLU A 686 19.37 52.95 -11.29
N LEU A 687 18.59 51.91 -11.06
CA LEU A 687 18.05 51.63 -9.74
C LEU A 687 19.00 50.71 -8.98
N LEU A 688 19.02 50.87 -7.65
CA LEU A 688 19.88 50.08 -6.78
C LEU A 688 19.17 48.86 -6.21
N GLY A 689 18.03 48.49 -6.77
CA GLY A 689 17.26 47.36 -6.30
C GLY A 689 16.12 47.78 -5.38
N GLU A 690 15.33 46.79 -5.00
CA GLU A 690 14.20 47.05 -4.11
C GLU A 690 14.60 47.04 -2.65
N ASP A 691 15.66 46.31 -2.30
CA ASP A 691 16.13 46.26 -0.93
C ASP A 691 16.93 47.49 -0.51
N TYR A 692 17.13 48.45 -1.43
CA TYR A 692 17.90 49.65 -1.12
C TYR A 692 17.01 50.66 -0.41
N VAL A 693 17.40 51.05 0.79
CA VAL A 693 16.76 52.11 1.55
C VAL A 693 17.77 53.21 1.75
N ALA A 694 17.48 54.40 1.23
CA ALA A 694 18.45 55.49 1.27
C ALA A 694 18.56 56.07 2.67
N PRO A 695 19.72 56.65 3.01
CA PRO A 695 19.86 57.32 4.31
C PRO A 695 18.87 58.46 4.47
N THR A 696 18.31 58.57 5.66
CA THR A 696 17.32 59.59 5.97
C THR A 696 17.82 60.67 6.90
N ASP A 697 18.91 60.44 7.61
CA ASP A 697 19.48 61.39 8.55
C ASP A 697 20.91 61.74 8.12
N GLU A 698 21.53 62.64 8.87
CA GLU A 698 22.92 62.98 8.57
C GLU A 698 23.88 61.89 9.05
N LEU A 699 23.53 61.21 10.14
CA LEU A 699 24.39 60.13 10.65
C LEU A 699 24.31 58.90 9.76
N GLU A 700 23.14 58.62 9.19
CA GLU A 700 23.02 57.46 8.31
C GLU A 700 23.83 57.63 7.03
N GLN A 701 23.94 58.85 6.52
CA GLN A 701 24.80 59.10 5.37
C GLN A 701 26.27 59.09 5.77
N GLN A 702 26.58 59.65 6.94
CA GLN A 702 27.94 59.59 7.47
C GLN A 702 28.41 58.15 7.62
N LEU A 703 27.56 57.29 8.17
CA LEU A 703 27.89 55.87 8.30
C LEU A 703 27.97 55.20 6.94
N ALA A 704 27.06 55.55 6.02
CA ALA A 704 27.05 54.93 4.70
C ALA A 704 28.33 55.25 3.94
N GLN A 705 28.86 56.45 4.11
CA GLN A 705 30.12 56.79 3.44
C GLN A 705 31.29 56.04 4.05
N VAL A 706 31.29 55.89 5.39
CA VAL A 706 32.31 55.08 6.04
C VAL A 706 32.18 53.63 5.59
N TRP A 707 30.94 53.13 5.51
CA TRP A 707 30.71 51.78 4.99
C TRP A 707 31.17 51.66 3.54
N SER A 708 30.96 52.71 2.75
CA SER A 708 31.40 52.68 1.36
C SER A 708 32.93 52.66 1.27
N HIS A 709 33.60 53.40 2.15
CA HIS A 709 35.06 53.45 2.12
C HIS A 709 35.65 52.09 2.49
N VAL A 710 35.14 51.46 3.55
CA VAL A 710 35.73 50.22 4.04
C VAL A 710 35.39 49.06 3.10
N LEU A 711 34.11 48.89 2.77
CA LEU A 711 33.68 47.75 1.97
C LEU A 711 33.85 47.99 0.47
N GLY A 712 34.12 49.21 0.04
CA GLY A 712 34.37 49.47 -1.36
C GLY A 712 33.16 49.45 -2.26
N ILE A 713 31.97 49.60 -1.72
CA ILE A 713 30.73 49.56 -2.48
C ILE A 713 30.12 50.96 -2.48
N PRO A 714 29.72 51.49 -3.63
CA PRO A 714 29.11 52.83 -3.65
C PRO A 714 27.62 52.79 -3.31
N GLN A 715 27.18 53.87 -2.68
CA GLN A 715 25.77 54.08 -2.33
C GLN A 715 25.23 52.90 -1.51
N MET A 716 25.67 52.86 -0.26
CA MET A 716 25.24 51.82 0.67
C MET A 716 23.77 51.99 1.03
N GLY A 717 23.19 50.91 1.55
CA GLY A 717 21.80 50.89 1.95
C GLY A 717 21.66 50.85 3.45
N ILE A 718 20.56 51.42 3.94
CA ILE A 718 20.31 51.47 5.38
C ILE A 718 20.07 50.07 5.93
N ASP A 719 19.58 49.15 5.10
CA ASP A 719 19.31 47.78 5.51
C ASP A 719 20.26 46.79 4.85
N ASP A 720 21.51 47.19 4.67
CA ASP A 720 22.53 46.33 4.10
C ASP A 720 23.38 45.74 5.21
N HIS A 721 23.63 44.44 5.12
CA HIS A 721 24.36 43.72 6.16
C HIS A 721 25.86 43.81 5.91
N PHE A 722 26.61 44.20 6.93
CA PHE A 722 28.04 44.43 6.78
C PHE A 722 28.77 43.15 6.38
N LEU A 723 28.44 42.02 7.02
CA LEU A 723 29.14 40.77 6.75
C LEU A 723 28.73 40.14 5.43
N GLU A 724 27.48 40.32 5.00
CA GLU A 724 27.01 39.71 3.77
C GLU A 724 27.34 40.55 2.53
N ARG A 725 27.95 41.72 2.70
CA ARG A 725 28.39 42.53 1.58
C ARG A 725 29.92 42.69 1.56
N GLY A 726 30.63 41.72 2.15
CA GLY A 726 32.07 41.66 2.07
C GLY A 726 32.82 41.93 3.36
N GLY A 727 32.12 42.15 4.48
CA GLY A 727 32.79 42.53 5.70
C GLY A 727 33.53 41.35 6.32
N ASP A 728 34.78 41.59 6.73
CA ASP A 728 35.62 40.64 7.43
C ASP A 728 35.81 41.13 8.87
N ILE A 730 38.97 42.42 9.81
CA ILE A 730 39.75 43.62 9.56
C ILE A 730 38.87 44.75 9.05
N LYS A 731 37.80 44.42 8.33
CA LYS A 731 36.88 45.46 7.87
C LYS A 731 36.10 46.05 9.03
N VAL A 732 35.74 45.23 10.03
CA VAL A 732 35.08 45.75 11.21
C VAL A 732 36.01 46.66 11.99
N MET A 733 37.27 46.26 12.15
CA MET A 733 38.23 47.10 12.87
C MET A 733 38.51 48.38 12.08
N GLN A 734 38.51 48.30 10.76
CA GLN A 734 38.62 49.53 9.95
C GLN A 734 37.42 50.43 10.19
N LEU A 735 36.21 49.87 10.10
CA LEU A 735 35.00 50.64 10.37
C LEU A 735 35.07 51.34 11.72
N ILE A 736 35.51 50.61 12.74
CA ILE A 736 35.64 51.19 14.08
C ILE A 736 36.63 52.34 14.06
N HIS A 737 37.75 52.17 13.36
CA HIS A 737 38.78 53.21 13.35
C HIS A 737 38.34 54.42 12.52
N GLN A 738 37.62 54.19 11.42
CA GLN A 738 37.07 55.30 10.66
C GLN A 738 35.97 56.02 11.44
N LEU A 739 35.29 55.31 12.34
CA LEU A 739 34.29 55.95 13.19
C LEU A 739 34.93 56.72 14.33
N LYS A 740 36.13 56.32 14.76
CA LYS A 740 36.85 57.11 15.76
C LYS A 740 37.25 58.46 15.20
N ASN A 741 37.68 58.50 13.93
CA ASN A 741 38.00 59.76 13.29
C ASN A 741 36.77 60.67 13.22
N ILE A 742 35.58 60.07 13.12
CA ILE A 742 34.35 60.87 13.15
C ILE A 742 34.06 61.34 14.56
N GLY A 743 34.25 60.46 15.55
CA GLY A 743 34.05 60.83 16.93
C GLY A 743 33.13 59.89 17.69
N LEU A 744 32.75 58.78 17.04
CA LEU A 744 31.85 57.81 17.62
C LEU A 744 32.60 56.53 17.94
N SER A 745 32.20 55.87 19.02
CA SER A 745 32.88 54.68 19.53
C SER A 745 31.97 53.47 19.37
N LEU A 746 32.45 52.48 18.63
CA LEU A 746 31.72 51.23 18.43
C LEU A 746 32.60 50.07 18.86
N ARG A 747 32.04 49.14 19.63
CA ARG A 747 32.78 47.97 20.07
C ARG A 747 32.67 46.86 19.03
N TYR A 748 33.70 46.02 18.98
CA TYR A 748 33.75 44.94 17.99
C TYR A 748 32.53 44.03 18.10
N ASP A 749 31.98 43.86 19.29
CA ASP A 749 30.79 43.04 19.46
C ASP A 749 29.52 43.74 18.98
N GLN A 750 29.44 45.06 19.15
CA GLN A 750 28.23 45.81 18.77
C GLN A 750 27.97 45.80 17.26
N LEU A 751 28.97 45.45 16.44
CA LEU A 751 28.73 45.35 15.01
C LEU A 751 27.90 44.11 14.68
N PHE A 752 28.18 42.98 15.33
CA PHE A 752 27.43 41.76 15.06
C PHE A 752 26.02 41.82 15.66
N THR A 753 25.79 42.69 16.63
CA THR A 753 24.45 42.92 17.14
C THR A 753 23.72 44.04 16.42
N HIS A 754 24.46 44.87 15.67
CA HIS A 754 23.87 45.93 14.85
C HIS A 754 24.54 45.91 13.49
N PRO A 755 24.25 44.89 12.67
CA PRO A 755 24.97 44.70 11.40
C PRO A 755 24.45 45.54 10.24
N THR A 756 23.57 46.51 10.48
CA THR A 756 23.11 47.40 9.44
C THR A 756 23.28 48.84 9.90
N ILE A 757 23.20 49.76 8.95
CA ILE A 757 23.29 51.18 9.28
C ILE A 757 22.08 51.63 10.08
N ARG A 758 20.92 51.02 9.83
CA ARG A 758 19.71 51.36 10.58
C ARG A 758 19.91 51.13 12.08
N GLN A 759 20.38 49.94 12.46
CA GLN A 759 20.63 49.66 13.86
C GLN A 759 21.85 50.41 14.36
N LEU A 760 22.86 50.58 13.50
CA LEU A 760 24.06 51.31 13.91
C LEU A 760 23.72 52.76 14.25
N LYS A 761 22.82 53.37 13.49
CA LYS A 761 22.38 54.73 13.80
C LYS A 761 21.70 54.77 15.17
N ARG A 762 20.77 53.85 15.42
CA ARG A 762 20.07 53.82 16.70
C ARG A 762 21.05 53.68 17.87
N LEU A 763 22.16 52.97 17.65
CA LEU A 763 23.14 52.81 18.71
C LEU A 763 23.94 54.10 18.92
N LEU A 764 24.30 54.78 17.83
CA LEU A 764 25.22 55.91 17.89
C LEU A 764 24.53 57.27 17.83
N THR A 765 23.24 57.33 17.51
CA THR A 765 22.55 58.62 17.46
C THR A 765 22.45 59.27 18.82
N GLU A 766 22.55 58.49 19.90
CA GLU A 766 22.56 59.01 21.26
C GLU A 766 23.96 59.37 21.73
N GLN A 767 24.97 59.20 20.89
CA GLN A 767 26.35 59.49 21.24
C GLN A 767 26.75 60.87 20.74
N LYS A 768 27.55 61.56 21.53
CA LYS A 768 28.09 62.86 21.18
C LYS A 768 29.51 62.71 20.65
N GLN A 769 29.84 63.49 19.62
CA GLN A 769 31.15 63.38 18.99
C GLN A 769 32.24 63.84 19.94
N VAL A 770 33.13 62.92 20.30
CA VAL A 770 34.25 63.19 21.19
C VAL A 770 35.52 63.33 20.35
N ASN A 771 36.33 64.33 20.66
CA ASN A 771 37.59 64.57 19.97
C ASN A 771 38.75 63.93 20.73
N GLY A 772 39.73 63.45 19.98
CA GLY A 772 40.87 62.77 20.55
C GLY A 772 40.77 61.26 20.59
N LEU A 773 39.72 60.68 19.99
CA LEU A 773 39.57 59.23 20.00
C LEU A 773 40.63 58.53 19.17
N LEU A 774 41.27 59.23 18.23
CA LEU A 774 42.28 58.65 17.35
C LEU A 774 43.52 59.55 17.42
N GLU A 775 44.52 59.11 18.16
CA GLU A 775 45.76 59.87 18.28
C GLU A 775 46.82 59.33 17.33
N PRO A 776 47.59 60.20 16.69
CA PRO A 776 48.65 59.74 15.80
C PRO A 776 49.78 59.08 16.57
N LEU A 777 50.65 58.40 15.82
CA LEU A 777 51.80 57.72 16.40
C LEU A 777 52.99 58.65 16.40
N ARG A 778 53.54 58.92 17.59
CA ARG A 778 54.68 59.82 17.71
C ARG A 778 55.93 59.15 17.17
N GLU A 779 56.61 59.81 16.24
CA GLU A 779 57.85 59.29 15.68
C GLU A 779 58.99 59.51 16.66
N LEU A 780 59.63 58.42 17.06
CA LEU A 780 60.72 58.50 18.03
C LEU A 780 61.89 59.27 17.46
N ASP A 781 62.52 60.09 18.30
CA ASP A 781 63.71 60.81 17.90
C ASP A 781 64.89 59.86 17.80
N GLU A 782 65.93 60.32 17.11
CA GLU A 782 67.09 59.46 16.82
C GLU A 782 67.78 59.05 18.11
N GLN A 783 68.04 57.74 18.23
CA GLN A 783 68.73 57.18 19.38
C GLN A 783 69.70 56.12 18.90
N ALA A 784 70.66 55.77 19.76
CA ALA A 784 71.57 54.67 19.44
C ALA A 784 70.83 53.35 19.38
N GLU A 785 70.19 52.98 20.47
CA GLU A 785 69.39 51.76 20.56
C GLU A 785 67.91 52.11 20.65
N TYR A 786 67.07 51.13 20.35
CA TYR A 786 65.63 51.29 20.46
C TYR A 786 65.04 50.07 21.16
N GLU A 787 64.06 50.31 22.02
CA GLU A 787 63.45 49.22 22.77
C GLU A 787 62.58 48.37 21.86
N THR A 788 62.60 47.06 22.09
CA THR A 788 61.83 46.13 21.30
C THR A 788 60.42 45.98 21.85
N SER A 789 59.55 45.40 21.03
CA SER A 789 58.18 45.12 21.45
C SER A 789 58.11 43.78 22.16
N ALA A 790 56.97 43.53 22.82
CA ALA A 790 56.80 42.30 23.58
C ALA A 790 56.91 41.07 22.68
N VAL A 791 56.31 41.14 21.49
CA VAL A 791 56.39 40.00 20.59
C VAL A 791 57.78 39.89 19.97
N GLU A 792 58.47 41.02 19.78
CA GLU A 792 59.86 40.97 19.33
C GLU A 792 60.75 40.35 20.40
N LYS A 793 60.51 40.69 21.66
CA LYS A 793 61.25 40.06 22.75
C LYS A 793 60.97 38.56 22.79
N ARG A 794 59.72 38.16 22.56
CA ARG A 794 59.37 36.74 22.64
C ARG A 794 60.02 35.95 21.50
N MET A 795 60.01 36.49 20.29
CA MET A 795 60.70 35.83 19.18
C MET A 795 62.19 35.74 19.46
N TYR A 796 62.77 36.78 20.05
CA TYR A 796 64.18 36.73 20.45
C TYR A 796 64.41 35.62 21.47
N ILE A 797 63.51 35.51 22.45
CA ILE A 797 63.65 34.50 23.50
C ILE A 797 63.58 33.10 22.90
N ILE A 798 62.71 32.90 21.91
CA ILE A 798 62.57 31.59 21.28
C ILE A 798 63.83 31.22 20.51
N GLN A 799 64.33 32.16 19.70
CA GLN A 799 65.49 31.87 18.87
C GLN A 799 66.73 31.59 19.69
N GLN A 800 66.84 32.18 20.88
CA GLN A 800 68.02 31.98 21.70
C GLN A 800 68.06 30.62 22.39
N GLN A 801 66.91 29.94 22.50
CA GLN A 801 66.93 28.57 23.02
C GLN A 801 67.83 27.69 22.15
N ASP A 802 67.51 27.58 20.86
CA ASP A 802 68.35 26.92 19.87
C ASP A 802 68.73 27.98 18.83
N VAL A 803 69.97 28.48 18.91
CA VAL A 803 70.40 29.59 18.09
C VAL A 803 70.69 29.09 16.68
N GLU A 804 70.42 27.81 16.44
CA GLU A 804 70.58 27.20 15.13
C GLU A 804 69.27 26.66 14.59
N SER A 805 68.14 27.23 15.02
CA SER A 805 66.82 26.74 14.65
C SER A 805 66.27 27.50 13.45
N ILE A 806 65.58 26.78 12.57
CA ILE A 806 64.89 27.37 11.44
C ILE A 806 63.38 27.29 11.61
N ALA A 807 62.91 27.02 12.82
CA ALA A 807 61.47 26.81 13.05
C ALA A 807 60.67 28.07 12.74
N TYR A 808 61.17 29.23 13.15
CA TYR A 808 60.50 30.50 12.89
C TYR A 808 61.12 31.25 11.72
N ASN A 809 61.71 30.51 10.77
CA ASN A 809 62.14 31.08 9.51
C ASN A 809 61.00 31.04 8.50
N VAL A 810 60.81 32.13 7.79
CA VAL A 810 59.70 32.30 6.86
C VAL A 810 60.25 32.19 5.45
N VAL A 811 59.87 31.12 4.75
CA VAL A 811 60.35 30.85 3.40
C VAL A 811 59.18 30.94 2.43
N TYR A 812 59.36 31.70 1.35
CA TYR A 812 58.37 31.81 0.29
C TYR A 812 59.07 31.72 -1.06
N THR A 813 58.41 31.10 -2.02
CA THR A 813 58.94 30.98 -3.38
C THR A 813 57.90 31.49 -4.38
N ILE A 814 58.39 32.16 -5.42
CA ILE A 814 57.55 32.62 -6.52
C ILE A 814 58.21 32.20 -7.82
N ASN A 815 57.45 31.53 -8.68
CA ASN A 815 57.95 31.09 -9.98
C ASN A 815 57.67 32.17 -11.02
N PHE A 816 58.73 32.76 -11.58
CA PHE A 816 58.64 33.79 -12.59
C PHE A 816 58.91 33.21 -13.98
N PRO A 817 58.39 33.84 -15.03
CA PRO A 817 58.82 33.47 -16.38
C PRO A 817 60.27 33.91 -16.60
N LEU A 818 60.93 33.25 -17.55
CA LEU A 818 62.32 33.56 -17.81
C LEU A 818 62.52 34.94 -18.44
N THR A 819 61.44 35.63 -18.81
CA THR A 819 61.55 36.97 -19.36
C THR A 819 61.93 38.00 -18.30
N VAL A 820 61.69 37.69 -17.01
CA VAL A 820 61.96 38.65 -15.95
C VAL A 820 63.46 38.75 -15.73
N ASP A 821 63.97 39.97 -15.69
CA ASP A 821 65.38 40.20 -15.39
C ASP A 821 65.66 39.82 -13.94
N THR A 822 66.57 38.87 -13.74
CA THR A 822 66.92 38.44 -12.40
C THR A 822 67.51 39.57 -11.57
N GLU A 823 68.15 40.55 -12.21
CA GLU A 823 68.73 41.67 -11.47
C GLU A 823 67.68 42.70 -11.07
N GLN A 824 66.68 42.94 -11.92
CA GLN A 824 65.58 43.82 -11.52
C GLN A 824 64.92 43.33 -10.24
N ILE A 825 64.93 42.03 -10.00
CA ILE A 825 64.43 41.50 -8.74
C ILE A 825 65.36 41.88 -7.60
N ARG A 826 66.66 41.57 -7.75
CA ARG A 826 67.64 41.96 -6.74
C ARG A 826 67.58 43.46 -6.47
N VAL A 827 67.56 44.26 -7.54
CA VAL A 827 67.48 45.71 -7.38
C VAL A 827 66.29 46.10 -6.52
N ALA A 828 65.09 45.62 -6.90
CA ALA A 828 63.88 45.96 -6.16
C ALA A 828 63.94 45.46 -4.72
N LEU A 829 64.43 44.24 -4.51
CA LEU A 829 64.58 43.73 -3.15
C LEU A 829 65.53 44.59 -2.34
N GLU A 830 66.59 45.10 -2.98
CA GLU A 830 67.51 46.00 -2.28
C GLU A 830 66.87 47.35 -2.00
N GLN A 831 65.91 47.78 -2.82
CA GLN A 831 65.17 48.99 -2.51
C GLN A 831 64.31 48.79 -1.27
N LEU A 832 63.68 47.62 -1.15
CA LEU A 832 62.84 47.35 0.03
C LEU A 832 63.66 47.29 1.30
N VAL A 833 64.92 46.86 1.22
CA VAL A 833 65.80 46.89 2.40
C VAL A 833 65.97 48.33 2.88
N LEU A 834 66.06 49.28 1.95
CA LEU A 834 66.20 50.67 2.31
C LEU A 834 64.87 51.27 2.79
N ARG A 835 63.78 50.93 2.11
CA ARG A 835 62.48 51.54 2.42
C ARG A 835 61.99 51.17 3.81
N HIS A 836 62.25 49.94 4.26
CA HIS A 836 61.71 49.42 5.50
C HIS A 836 62.83 49.22 6.50
N GLU A 837 62.71 49.86 7.67
CA GLU A 837 63.74 49.75 8.70
C GLU A 837 63.82 48.36 9.30
N GLY A 838 62.75 47.56 9.21
CA GLY A 838 62.81 46.21 9.73
C GLY A 838 63.84 45.37 9.00
N LEU A 839 63.96 45.55 7.68
CA LEU A 839 65.00 44.91 6.89
C LEU A 839 66.38 45.48 7.18
N ARG A 840 66.49 46.51 8.02
CA ARG A 840 67.77 47.04 8.47
C ARG A 840 67.84 47.10 9.99
N SER A 841 67.04 46.30 10.68
CA SER A 841 66.99 46.28 12.13
C SER A 841 67.78 45.11 12.68
N THR A 842 68.55 45.35 13.74
CA THR A 842 69.34 44.32 14.39
C THR A 842 69.00 44.31 15.88
N TYR A 843 68.89 43.10 16.44
CA TYR A 843 68.40 42.91 17.80
C TYR A 843 69.53 42.40 18.68
N HIS A 844 69.85 43.17 19.73
CA HIS A 844 70.92 42.84 20.66
C HIS A 844 70.36 42.93 22.08
N MET A 845 71.21 42.61 23.06
CA MET A 845 70.80 42.55 24.44
C MET A 845 71.67 43.49 25.28
N ARG A 846 71.03 44.50 25.88
CA ARG A 846 71.69 45.45 26.76
C ARG A 846 71.37 45.05 28.19
N GLY A 847 72.32 44.38 28.84
CA GLY A 847 72.07 43.79 30.14
C GLY A 847 71.07 42.64 30.05
N ASP A 848 69.91 42.80 30.70
CA ASP A 848 68.83 41.82 30.59
C ASP A 848 67.70 42.31 29.71
N GLU A 849 67.94 43.35 28.90
CA GLU A 849 66.92 43.95 28.06
C GLU A 849 67.25 43.74 26.60
N ILE A 850 66.28 43.22 25.84
CA ILE A 850 66.43 43.04 24.40
C ILE A 850 66.15 44.38 23.72
N VAL A 851 67.12 44.84 22.93
CA VAL A 851 67.03 46.14 22.27
C VAL A 851 67.13 45.94 20.76
N LYS A 852 66.88 47.02 20.03
CA LYS A 852 66.95 47.02 18.57
C LYS A 852 67.83 48.17 18.10
N ARG A 853 68.52 47.96 16.99
CA ARG A 853 69.39 48.97 16.40
C ARG A 853 69.17 49.00 14.88
N ILE A 854 68.84 50.17 14.36
CA ILE A 854 68.60 50.34 12.92
C ILE A 854 69.89 50.76 12.25
N VAL A 855 70.19 50.14 11.11
CA VAL A 855 71.42 50.40 10.36
C VAL A 855 71.06 51.15 9.09
N PRO A 856 71.85 52.15 8.68
CA PRO A 856 71.47 52.93 7.48
C PRO A 856 71.42 52.12 6.19
N ARG A 857 72.39 51.23 5.98
CA ARG A 857 72.45 50.46 4.74
C ARG A 857 72.83 49.01 5.06
N ALA A 858 72.18 48.07 4.38
CA ALA A 858 72.42 46.65 4.58
C ALA A 858 72.61 45.96 3.23
N GLU A 859 73.46 44.94 3.23
CA GLU A 859 73.81 44.22 2.01
C GLU A 859 72.99 42.95 1.91
N LEU A 860 72.19 42.84 0.85
CA LEU A 860 71.31 41.70 0.65
C LEU A 860 72.06 40.53 0.03
N SER A 861 71.69 39.32 0.44
CA SER A 861 72.27 38.09 -0.09
C SER A 861 71.39 37.58 -1.22
N PHE A 862 71.85 37.72 -2.46
CA PHE A 862 71.11 37.30 -3.65
C PHE A 862 71.94 36.24 -4.37
N VAL A 863 71.66 34.97 -4.07
CA VAL A 863 72.39 33.85 -4.65
C VAL A 863 71.70 33.42 -5.93
N ARG A 864 72.44 33.43 -7.05
CA ARG A 864 71.92 32.98 -8.33
C ARG A 864 72.43 31.57 -8.62
N GLN A 865 71.50 30.67 -8.94
CA GLN A 865 71.83 29.27 -9.16
C GLN A 865 71.10 28.75 -10.39
N THR A 866 71.50 27.57 -10.84
CA THR A 866 70.90 26.87 -11.97
C THR A 866 70.48 25.49 -11.51
N GLY A 867 69.24 25.10 -11.82
CA GLY A 867 68.74 23.83 -11.36
C GLY A 867 67.73 23.23 -12.32
N GLU A 868 67.31 22.02 -12.00
CA GLU A 868 66.28 21.30 -12.73
C GLU A 868 65.05 21.11 -11.84
N GLU A 869 63.97 20.61 -12.44
CA GLU A 869 62.72 20.45 -11.71
C GLU A 869 62.88 19.54 -10.50
N GLU A 870 63.69 18.48 -10.63
CA GLU A 870 63.90 17.52 -9.56
C GLU A 870 65.08 17.89 -8.67
N SER A 871 65.33 19.18 -8.46
CA SER A 871 66.46 19.63 -7.65
C SER A 871 66.17 20.98 -7.02
N VAL A 872 65.12 21.66 -7.50
CA VAL A 872 64.80 23.01 -7.01
C VAL A 872 64.63 23.00 -5.50
N GLN A 873 63.90 22.02 -4.97
CA GLN A 873 63.64 21.98 -3.54
C GLN A 873 64.92 21.73 -2.75
N SER A 874 65.75 20.78 -3.20
CA SER A 874 66.98 20.48 -2.48
C SER A 874 68.01 21.59 -2.65
N LEU A 875 67.99 22.29 -3.78
CA LEU A 875 68.78 23.51 -3.90
C LEU A 875 68.28 24.58 -2.95
N LEU A 876 66.97 24.61 -2.68
CA LEU A 876 66.40 25.59 -1.77
C LEU A 876 66.61 25.20 -0.31
N ALA A 877 66.55 23.90 -0.01
CA ALA A 877 66.61 23.45 1.38
C ALA A 877 67.91 23.81 2.06
N GLU A 878 69.01 23.85 1.30
CA GLU A 878 70.30 24.19 1.88
C GLU A 878 70.46 25.69 2.14
N GLN A 879 69.67 26.53 1.48
CA GLN A 879 69.72 27.96 1.70
C GLN A 879 68.92 28.40 2.92
N ILE A 880 68.16 27.49 3.53
CA ILE A 880 67.38 27.80 4.74
C ILE A 880 68.31 27.54 5.92
N LYS A 881 69.07 28.55 6.29
CA LYS A 881 70.04 28.49 7.38
C LYS A 881 69.60 29.41 8.51
N PRO A 882 70.09 29.18 9.73
CA PRO A 882 69.68 30.03 10.86
C PRO A 882 70.09 31.49 10.66
N PHE A 883 69.42 32.35 11.42
CA PHE A 883 69.68 33.78 11.40
C PHE A 883 70.30 34.22 12.72
N ASP A 884 71.22 35.18 12.64
CA ASP A 884 71.73 35.89 13.80
C ASP A 884 70.96 37.20 13.90
N LEU A 885 70.10 37.29 14.93
CA LEU A 885 69.19 38.44 15.04
C LEU A 885 69.95 39.74 15.29
N ALA A 886 71.26 39.68 15.46
CA ALA A 886 72.07 40.87 15.61
C ALA A 886 72.65 41.35 14.29
N LYS A 887 72.37 40.67 13.19
CA LYS A 887 72.93 41.02 11.88
C LYS A 887 71.80 41.20 10.88
N ALA A 888 71.87 42.29 10.10
CA ALA A 888 70.96 42.64 9.02
C ALA A 888 71.49 42.11 7.70
N PRO A 889 70.65 41.97 6.66
CA PRO A 889 69.26 42.44 6.51
C PRO A 889 68.17 41.53 7.06
N LEU A 890 68.50 40.38 7.67
CA LEU A 890 67.50 39.44 8.19
C LEU A 890 66.57 38.93 7.10
N LEU A 891 67.06 38.86 5.86
CA LEU A 891 66.29 38.29 4.75
C LEU A 891 67.25 37.93 3.64
N ARG A 892 67.41 36.63 3.38
CA ARG A 892 68.25 36.13 2.31
C ARG A 892 67.37 35.70 1.15
N ALA A 893 67.83 35.95 -0.08
CA ALA A 893 67.03 35.72 -1.26
C ALA A 893 67.89 35.07 -2.35
N GLY A 894 67.30 34.91 -3.53
CA GLY A 894 67.98 34.31 -4.65
C GLY A 894 66.99 33.84 -5.69
N VAL A 895 67.54 33.45 -6.85
CA VAL A 895 66.74 33.00 -7.98
C VAL A 895 67.34 31.70 -8.51
N ILE A 896 66.53 30.64 -8.55
CA ILE A 896 66.92 29.37 -9.14
C ILE A 896 66.33 29.30 -10.54
N GLU A 897 67.19 29.28 -11.55
CA GLU A 897 66.75 29.29 -12.94
C GLU A 897 66.79 27.89 -13.50
N THR A 898 65.63 27.40 -13.96
CA THR A 898 65.53 26.15 -14.68
C THR A 898 65.33 26.43 -16.16
N ALA A 899 65.07 25.38 -16.93
CA ALA A 899 64.85 25.55 -18.36
C ALA A 899 63.48 26.14 -18.70
N ASP A 900 62.57 26.21 -17.73
CA ASP A 900 61.22 26.68 -17.98
C ASP A 900 60.72 27.74 -17.01
N LYS A 901 61.47 28.04 -15.94
CA LYS A 901 61.00 29.02 -14.97
C LYS A 901 62.20 29.60 -14.22
N LYS A 902 61.92 30.70 -13.50
CA LYS A 902 62.89 31.34 -12.61
C LYS A 902 62.26 31.42 -11.22
N VAL A 903 62.75 30.60 -10.30
CA VAL A 903 62.15 30.47 -8.97
C VAL A 903 62.82 31.50 -8.05
N LEU A 904 62.11 32.58 -7.77
CA LEU A 904 62.57 33.53 -6.76
C LEU A 904 62.24 32.99 -5.38
N TRP A 905 63.25 32.97 -4.50
CA TRP A 905 63.07 32.50 -3.14
C TRP A 905 63.60 33.56 -2.18
N PHE A 906 62.99 33.63 -0.99
CA PHE A 906 63.54 34.43 0.08
C PHE A 906 63.21 33.77 1.40
N ASP A 907 64.10 33.97 2.38
CA ASP A 907 63.95 33.44 3.72
C ASP A 907 64.10 34.58 4.71
N SER A 908 63.08 34.79 5.54
CA SER A 908 63.08 35.83 6.55
C SER A 908 62.87 35.20 7.92
N HIS A 909 62.83 36.05 8.95
CA HIS A 909 62.58 35.62 10.31
C HIS A 909 61.26 36.17 10.79
N HIS A 910 60.55 35.39 11.62
CA HIS A 910 59.24 35.82 12.07
C HIS A 910 59.29 37.02 13.00
N ILE A 911 60.48 37.48 13.37
CA ILE A 911 60.62 38.77 14.06
C ILE A 911 60.43 39.94 13.11
N LEU A 912 60.35 39.68 11.81
CA LEU A 912 60.24 40.74 10.82
C LEU A 912 59.03 40.54 9.90
N LEU A 913 58.86 39.33 9.39
CA LEU A 913 57.86 39.06 8.36
C LEU A 913 56.70 38.26 8.95
N ASP A 914 55.60 38.95 9.23
CA ASP A 914 54.38 38.30 9.67
C ASP A 914 53.44 38.18 8.47
N GLY A 915 52.15 37.90 8.72
CA GLY A 915 51.22 37.71 7.63
C GLY A 915 51.03 38.96 6.79
N LEU A 916 50.71 40.09 7.45
CA LEU A 916 50.48 41.33 6.71
C LEU A 916 51.75 41.82 6.02
N SER A 917 52.92 41.61 6.63
CA SER A 917 54.17 42.04 6.02
C SER A 917 54.42 41.32 4.70
N LYS A 918 54.02 40.06 4.61
CA LYS A 918 54.17 39.32 3.35
C LYS A 918 53.28 39.91 2.27
N SER A 919 52.07 40.36 2.63
CA SER A 919 51.18 40.96 1.64
C SER A 919 51.70 42.32 1.20
N ILE A 920 52.30 43.09 2.12
CA ILE A 920 52.86 44.38 1.76
C ILE A 920 54.09 44.20 0.88
N LEU A 921 54.94 43.23 1.21
CA LEU A 921 56.16 43.00 0.44
C LEU A 921 55.83 42.55 -0.97
N ALA A 922 54.80 41.71 -1.13
CA ALA A 922 54.39 41.28 -2.46
C ALA A 922 53.78 42.41 -3.26
N ARG A 923 53.02 43.29 -2.59
CA ARG A 923 52.43 44.43 -3.28
C ARG A 923 53.51 45.37 -3.80
N GLU A 924 54.49 45.69 -2.95
CA GLU A 924 55.51 46.65 -3.34
C GLU A 924 56.50 46.06 -4.34
N LEU A 925 56.76 44.75 -4.26
CA LEU A 925 57.62 44.12 -5.26
C LEU A 925 56.94 44.08 -6.62
N GLN A 926 55.63 43.77 -6.65
CA GLN A 926 54.90 43.78 -7.91
C GLN A 926 54.84 45.17 -8.51
N ALA A 927 54.87 46.22 -7.67
CA ALA A 927 54.89 47.58 -8.16
C ALA A 927 56.28 47.95 -8.67
N LEU A 928 57.32 47.67 -7.88
CA LEU A 928 58.69 47.97 -8.31
C LEU A 928 59.06 47.17 -9.55
N LEU A 929 58.65 45.90 -9.63
CA LEU A 929 58.91 45.10 -10.82
C LEU A 929 58.18 45.63 -12.03
N GLY A 930 57.00 46.22 -11.81
CA GLY A 930 56.29 46.94 -12.85
C GLY A 930 56.81 48.34 -13.14
N GLN A 931 57.98 48.68 -12.62
CA GLN A 931 58.59 50.01 -12.81
C GLN A 931 57.63 51.12 -12.40
N GLN A 932 57.04 50.95 -11.22
CA GLN A 932 56.15 51.94 -10.63
C GLN A 932 56.81 52.61 -9.44
N VAL A 933 56.33 53.81 -9.12
CA VAL A 933 56.89 54.57 -8.01
C VAL A 933 56.34 54.05 -6.70
N LEU A 934 57.08 54.33 -5.62
CA LEU A 934 56.70 53.90 -4.28
C LEU A 934 56.85 55.08 -3.34
N SER A 935 55.73 55.66 -2.92
CA SER A 935 55.76 56.79 -1.99
C SER A 935 56.38 56.35 -0.67
N PRO A 936 57.39 57.07 -0.16
CA PRO A 936 58.12 56.58 1.01
C PRO A 936 57.22 56.38 2.23
N VAL A 937 57.66 55.50 3.12
CA VAL A 937 56.87 55.16 4.30
C VAL A 937 56.84 56.35 5.28
N GLU A 938 55.89 56.29 6.21
CA GLU A 938 55.66 57.37 7.16
C GLU A 938 55.91 56.99 8.61
N LYS A 939 55.71 55.73 8.99
CA LYS A 939 55.89 55.30 10.36
C LYS A 939 56.90 54.17 10.46
N THR A 940 57.46 54.00 11.66
CA THR A 940 58.45 52.97 11.93
C THR A 940 57.97 52.10 13.08
N TYR A 941 58.47 50.85 13.11
CA TYR A 941 58.08 49.92 14.17
C TYR A 941 58.55 50.39 15.53
N LYS A 942 59.68 51.11 15.58
CA LYS A 942 60.19 51.62 16.85
C LYS A 942 59.15 52.50 17.53
N SER A 943 58.39 53.27 16.75
CA SER A 943 57.35 54.12 17.31
C SER A 943 56.23 53.29 17.90
N PHE A 944 55.76 52.29 17.16
CA PHE A 944 54.68 51.43 17.65
C PHE A 944 55.09 50.67 18.91
N ALA A 945 56.36 50.24 18.95
CA ALA A 945 56.84 49.51 20.13
C ALA A 945 56.75 50.38 21.38
N ARG A 946 57.20 51.64 21.28
CA ARG A 946 57.10 52.54 22.42
C ARG A 946 55.66 52.81 22.80
N TRP A 947 54.80 53.01 21.80
CA TRP A 947 53.38 53.23 22.06
C TRP A 947 52.77 52.07 22.85
N GLN A 948 53.09 50.83 22.46
CA GLN A 948 52.49 49.67 23.09
C GLN A 948 53.11 49.41 24.46
N ASN A 949 54.44 49.57 24.57
CA ASN A 949 55.10 49.40 25.86
C ASN A 949 54.55 50.38 26.90
N GLU A 950 54.09 51.55 26.45
CA GLU A 950 53.46 52.49 27.36
C GLU A 950 52.01 52.08 27.65
N TRP A 951 51.30 51.59 26.64
CA TRP A 951 49.94 51.11 26.85
C TRP A 951 49.89 49.94 27.82
N PHE A 952 51.01 49.21 27.99
CA PHE A 952 51.04 48.11 28.94
C PHE A 952 50.95 48.59 30.38
N ALA A 953 51.17 49.88 30.62
CA ALA A 953 51.04 50.46 31.95
C ALA A 953 49.73 51.23 32.11
N SER A 954 48.78 51.04 31.20
CA SER A 954 47.52 51.75 31.24
C SER A 954 46.57 51.06 32.21
N ASP A 955 45.32 51.53 32.23
CA ASP A 955 44.26 50.87 32.99
C ASP A 955 43.52 49.83 32.16
N GLU A 956 43.41 50.06 30.86
CA GLU A 956 42.79 49.08 29.97
C GLU A 956 43.58 47.78 29.97
N TYR A 957 44.92 47.86 29.97
CA TYR A 957 45.75 46.66 30.01
C TYR A 957 45.47 45.84 31.26
N GLU A 958 45.30 46.49 32.41
CA GLU A 958 44.99 45.78 33.63
C GLU A 958 43.61 45.13 33.57
N GLN A 959 42.66 45.76 32.87
CA GLN A 959 41.36 45.15 32.67
C GLN A 959 41.47 43.89 31.81
N GLN A 960 42.27 43.97 30.74
CA GLN A 960 42.38 42.85 29.82
C GLN A 960 43.12 41.68 30.44
N ILE A 961 44.17 41.95 31.23
CA ILE A 961 44.88 40.87 31.89
C ILE A 961 44.03 40.21 32.95
N ALA A 962 43.02 40.93 33.47
CA ALA A 962 42.09 40.31 34.41
C ALA A 962 41.14 39.35 33.70
N TYR A 963 40.85 39.60 32.42
CA TYR A 963 40.00 38.68 31.66
C TYR A 963 40.64 37.31 31.57
N TRP A 964 41.93 37.25 31.27
CA TRP A 964 42.61 35.97 31.16
C TRP A 964 42.88 35.35 32.53
N LYS A 965 43.09 36.16 33.57
CA LYS A 965 43.32 35.62 34.90
C LYS A 965 42.04 35.04 35.49
N THR A 966 40.89 35.62 35.19
CA THR A 966 39.62 35.12 35.68
C THR A 966 39.00 34.08 34.75
N LEU A 967 39.66 33.77 33.63
CA LEU A 967 39.18 32.78 32.68
C LEU A 967 40.08 31.56 32.62
N LEU A 968 41.38 31.75 32.35
CA LEU A 968 42.32 30.65 32.18
C LEU A 968 42.84 30.10 33.50
N GLN A 969 42.25 30.49 34.62
CA GLN A 969 42.59 29.90 35.91
C GLN A 969 41.51 28.91 36.32
N GLY A 970 41.93 27.85 36.97
CA GLY A 970 41.11 26.69 37.27
C GLY A 970 41.60 25.48 36.52
N GLU A 971 40.83 24.40 36.60
CA GLU A 971 41.13 23.18 35.87
C GLU A 971 40.72 23.39 34.42
N LEU A 972 41.68 23.72 33.57
CA LEU A 972 41.40 23.98 32.17
C LEU A 972 41.07 22.68 31.45
N PRO A 973 40.41 22.76 30.30
CA PRO A 973 40.12 21.55 29.54
C PRO A 973 41.40 20.86 29.09
N ALA A 974 41.28 19.56 28.84
CA ALA A 974 42.41 18.72 28.43
C ALA A 974 42.05 18.03 27.13
N VAL A 975 42.76 18.37 26.06
CA VAL A 975 42.53 17.81 24.74
C VAL A 975 43.61 16.76 24.50
N GLN A 976 43.26 15.49 24.73
CA GLN A 976 44.14 14.36 24.45
C GLN A 976 43.78 13.82 23.07
N LEU A 977 44.35 14.43 22.04
CA LEU A 977 44.12 13.96 20.68
C LEU A 977 44.70 12.56 20.51
N PRO A 978 44.14 11.76 19.61
CA PRO A 978 44.67 10.40 19.41
C PRO A 978 46.04 10.42 18.76
N THR A 979 47.06 10.80 19.50
CA THR A 979 48.42 10.87 18.99
C THR A 979 49.21 9.63 19.39
N LYS A 980 50.44 9.54 18.88
CA LYS A 980 51.36 8.51 19.31
C LYS A 980 52.02 8.92 20.63
N LYS A 981 52.92 8.07 21.11
CA LYS A 981 53.59 8.33 22.37
C LYS A 981 54.37 9.63 22.30
N ARG A 982 54.14 10.50 23.27
CA ARG A 982 54.77 11.81 23.25
C ARG A 982 56.25 11.67 23.58
N PRO A 983 57.15 12.21 22.75
CA PRO A 983 58.57 12.10 23.06
C PRO A 983 58.90 12.82 24.34
N PRO A 984 59.97 12.41 25.03
CA PRO A 984 60.27 13.02 26.33
C PRO A 984 60.58 14.52 26.24
N GLN A 985 61.20 14.94 25.13
CA GLN A 985 61.54 16.33 24.94
C GLN A 985 60.48 17.05 24.11
N LEU A 986 60.89 18.11 23.43
CA LEU A 986 60.05 18.84 22.49
C LEU A 986 60.56 18.58 21.08
N THR A 987 59.66 18.19 20.19
CA THR A 987 60.00 17.93 18.80
C THR A 987 59.33 18.95 17.91
N PHE A 988 60.14 19.64 17.11
CA PHE A 988 59.62 20.59 16.13
C PHE A 988 59.71 20.05 14.71
N ASP A 989 60.00 18.76 14.56
CA ASP A 989 59.96 18.11 13.24
C ASP A 989 58.51 17.91 12.82
N GLY A 990 58.20 18.28 11.58
CA GLY A 990 56.83 18.22 11.13
C GLY A 990 56.71 17.99 9.63
N ALA A 991 55.46 17.86 9.20
CA ALA A 991 55.12 17.70 7.78
C ALA A 991 53.81 18.43 7.52
N ILE A 992 53.35 18.37 6.26
CA ILE A 992 52.20 19.13 5.81
C ILE A 992 51.28 18.24 5.00
N GLN A 993 49.98 18.32 5.27
CA GLN A 993 48.95 17.76 4.42
C GLN A 993 47.92 18.84 4.13
N MET A 994 47.25 18.73 2.98
CA MET A 994 46.39 19.81 2.51
C MET A 994 45.03 19.26 2.09
N TYR A 995 43.99 20.03 2.42
CA TYR A 995 42.61 19.72 2.01
C TYR A 995 42.02 20.94 1.32
N ARG A 996 41.49 20.74 0.12
CA ARG A 996 40.96 21.81 -0.71
C ARG A 996 39.43 21.76 -0.69
N VAL A 997 38.82 22.83 -0.20
CA VAL A 997 37.37 23.00 -0.27
C VAL A 997 37.05 23.68 -1.59
N ASN A 998 36.18 23.05 -2.39
CA ASN A 998 35.87 23.57 -3.72
C ASN A 998 35.18 24.94 -3.61
N PRO A 999 35.18 25.72 -4.69
CA PRO A 999 34.53 27.03 -4.63
C PRO A 999 33.04 26.96 -4.31
N GLU A 1000 32.37 25.86 -4.63
CA GLU A 1000 30.94 25.76 -4.33
C GLU A 1000 30.69 25.70 -2.83
N ILE A 1001 31.34 24.77 -2.14
CA ILE A 1001 31.18 24.66 -0.70
C ILE A 1001 31.70 25.92 -0.01
N THR A 1002 32.80 26.47 -0.53
CA THR A 1002 33.35 27.70 0.03
C THR A 1002 32.30 28.82 0.04
N ARG A 1003 31.47 28.89 -1.00
CA ARG A 1003 30.41 29.89 -1.01
C ARG A 1003 29.33 29.56 0.02
N LYS A 1004 28.95 28.29 0.12
CA LYS A 1004 27.92 27.90 1.08
C LYS A 1004 28.40 28.16 2.51
N LEU A 1005 29.68 27.93 2.78
CA LEU A 1005 30.22 28.24 4.10
C LEU A 1005 30.16 29.72 4.38
N LYS A 1006 30.52 30.56 3.40
CA LYS A 1006 30.51 32.00 3.60
C LYS A 1006 29.09 32.54 3.68
N ALA A 1007 28.22 32.10 2.78
CA ALA A 1007 26.83 32.57 2.80
C ALA A 1007 26.13 32.16 4.08
N THR A 1008 26.41 30.95 4.56
CA THR A 1008 25.84 30.51 5.83
C THR A 1008 26.30 31.38 6.98
N ALA A 1009 27.61 31.67 7.03
CA ALA A 1009 28.14 32.49 8.12
C ALA A 1009 27.53 33.88 8.11
N ALA A 1010 27.41 34.49 6.92
CA ALA A 1010 26.84 35.83 6.84
C ALA A 1010 25.37 35.84 7.22
N LYS A 1011 24.63 34.79 6.85
CA LYS A 1011 23.20 34.75 7.15
C LYS A 1011 22.93 34.75 8.64
N HIS A 1012 23.85 34.23 9.44
CA HIS A 1012 23.65 34.07 10.87
C HIS A 1012 24.62 34.92 11.68
N ASP A 1013 24.92 36.12 11.18
CA ASP A 1013 25.72 37.11 11.91
C ASP A 1013 27.09 36.55 12.33
N LEU A 1014 27.70 35.77 11.43
CA LEU A 1014 28.99 35.15 11.72
C LEU A 1014 29.97 35.45 10.60
N THR A 1015 31.25 35.34 10.92
CA THR A 1015 32.31 35.38 9.92
C THR A 1015 32.67 33.96 9.50
N LEU A 1016 33.41 33.85 8.39
CA LEU A 1016 33.88 32.54 7.97
C LEU A 1016 34.82 31.94 9.01
N TYR A 1017 35.62 32.79 9.67
CA TYR A 1017 36.51 32.31 10.72
C TYR A 1017 35.73 31.68 11.86
N MET A 1018 34.65 32.35 12.29
CA MET A 1018 33.83 31.79 13.37
C MET A 1018 33.22 30.46 12.97
N LEU A 1019 32.84 30.32 11.70
CA LEU A 1019 32.21 29.08 11.27
C LEU A 1019 33.22 27.94 11.21
N MET A 1020 34.42 28.21 10.68
CA MET A 1020 35.46 27.19 10.64
C MET A 1020 35.97 26.86 12.04
N LEU A 1021 36.05 27.86 12.91
CA LEU A 1021 36.48 27.61 14.29
C LEU A 1021 35.55 26.64 14.99
N THR A 1022 34.24 26.75 14.75
CA THR A 1022 33.29 25.82 15.35
C THR A 1022 33.48 24.41 14.80
N ILE A 1023 33.67 24.31 13.48
CA ILE A 1023 33.90 23.00 12.86
C ILE A 1023 35.17 22.37 13.40
N VAL A 1024 36.22 23.18 13.59
CA VAL A 1024 37.44 22.67 14.20
C VAL A 1024 37.20 22.28 15.65
N SER A 1025 36.43 23.09 16.38
CA SER A 1025 36.16 22.78 17.78
C SER A 1025 35.35 21.49 17.91
N ILE A 1026 34.35 21.31 17.04
CA ILE A 1026 33.59 20.06 17.04
C ILE A 1026 34.48 18.90 16.65
N TRP A 1027 35.36 19.12 15.67
CA TRP A 1027 36.27 18.07 15.23
C TRP A 1027 37.21 17.66 16.37
N LEU A 1028 37.75 18.64 17.11
CA LEU A 1028 38.62 18.31 18.23
C LEU A 1028 37.85 17.67 19.36
N SER A 1029 36.64 18.16 19.65
CA SER A 1029 35.83 17.60 20.72
C SER A 1029 35.50 16.14 20.45
N LYS A 1030 35.10 15.82 19.22
CA LYS A 1030 34.75 14.44 18.89
C LYS A 1030 35.95 13.51 18.97
N MET A 1031 37.14 14.01 18.64
CA MET A 1031 38.35 13.22 18.84
C MET A 1031 38.76 13.13 20.31
N ASN A 1032 38.34 14.10 21.12
CA ASN A 1032 38.59 14.07 22.57
C ASN A 1032 37.47 13.37 23.33
N SER A 1033 36.96 12.26 22.77
CA SER A 1033 35.89 11.47 23.39
C SER A 1033 34.64 12.31 23.63
N ASP A 1034 34.27 13.11 22.62
CA ASP A 1034 33.06 13.94 22.67
C ASP A 1034 33.06 14.84 23.90
N SER A 1035 34.16 15.57 24.10
CA SER A 1035 34.29 16.46 25.24
C SER A 1035 33.34 17.65 25.09
N ASN A 1036 32.92 18.20 26.24
CA ASN A 1036 32.02 19.34 26.26
C ASN A 1036 32.76 20.68 26.30
N GLN A 1037 34.09 20.66 26.39
CA GLN A 1037 34.88 21.89 26.34
C GLN A 1037 36.23 21.58 25.72
N VAL A 1038 36.72 22.51 24.91
CA VAL A 1038 38.00 22.36 24.22
C VAL A 1038 38.81 23.62 24.39
N ILE A 1039 40.12 23.47 24.20
CA ILE A 1039 41.07 24.59 24.29
C ILE A 1039 41.97 24.54 23.07
N LEU A 1040 42.07 25.67 22.37
CA LEU A 1040 42.93 25.77 21.20
C LEU A 1040 43.47 27.19 21.12
N GLY A 1041 44.38 27.42 20.17
CA GLY A 1041 44.96 28.73 20.02
C GLY A 1041 44.74 29.32 18.64
N THR A 1042 44.88 30.64 18.53
CA THR A 1042 44.73 31.32 17.25
C THR A 1042 45.69 32.50 17.22
N VAL A 1043 45.82 33.10 16.05
CA VAL A 1043 46.68 34.26 15.86
C VAL A 1043 45.83 35.45 15.42
N THR A 1044 46.26 36.64 15.84
CA THR A 1044 45.62 37.90 15.49
C THR A 1044 46.63 38.81 14.82
N ASP A 1045 46.11 39.80 14.10
CA ASP A 1045 47.00 40.70 13.35
C ASP A 1045 47.94 41.45 14.30
N GLY A 1046 47.45 41.83 15.47
CA GLY A 1046 48.27 42.52 16.44
C GLY A 1046 48.59 43.95 16.11
N ARG A 1047 47.82 44.57 15.22
CA ARG A 1047 48.06 45.96 14.80
C ARG A 1047 47.10 46.83 15.59
N GLN A 1048 47.53 47.21 16.79
CA GLN A 1048 46.67 47.97 17.70
C GLN A 1048 46.52 49.42 17.27
N HIS A 1049 47.61 50.05 16.81
CA HIS A 1049 47.55 51.41 16.31
C HIS A 1049 47.22 51.39 14.83
N PRO A 1050 46.17 52.12 14.40
CA PRO A 1050 45.73 52.02 13.00
C PRO A 1050 46.77 52.46 11.98
N ASP A 1051 47.85 53.11 12.41
CA ASP A 1051 48.89 53.58 11.50
C ASP A 1051 49.97 52.54 11.24
N THR A 1052 49.74 51.28 11.60
CA THR A 1052 50.75 50.24 11.45
C THR A 1052 50.35 49.17 10.44
N ARG A 1053 49.41 49.46 9.56
CA ARG A 1053 48.96 48.49 8.56
C ARG A 1053 49.77 48.55 7.27
N GLU A 1054 50.73 49.45 7.16
CA GLU A 1054 51.63 49.50 6.01
C GLU A 1054 53.08 49.30 6.41
N LEU A 1055 53.33 48.84 7.63
CA LEU A 1055 54.68 48.69 8.16
C LEU A 1055 55.11 47.22 8.11
N LEU A 1056 56.39 47.00 7.83
CA LEU A 1056 56.95 45.65 7.79
C LEU A 1056 57.49 45.30 9.16
N GLY A 1057 56.82 44.40 9.86
CA GLY A 1057 57.26 44.01 11.18
C GLY A 1057 56.43 42.86 11.72
N MET A 1058 56.82 42.38 12.89
CA MET A 1058 56.11 41.30 13.57
C MET A 1058 55.10 41.91 14.53
N PHE A 1059 53.82 41.70 14.26
CA PHE A 1059 52.74 42.17 15.10
C PHE A 1059 51.86 41.06 15.66
N VAL A 1060 51.93 39.85 15.08
CA VAL A 1060 50.97 38.81 15.39
C VAL A 1060 51.05 38.41 16.87
N ASN A 1061 49.89 38.38 17.52
CA ASN A 1061 49.78 37.94 18.91
C ASN A 1061 48.97 36.65 18.97
N THR A 1062 49.34 35.78 19.91
CA THR A 1062 48.73 34.47 20.06
C THR A 1062 47.69 34.52 21.19
N LEU A 1063 46.50 34.00 20.93
CA LEU A 1063 45.41 34.03 21.90
C LEU A 1063 44.96 32.61 22.23
N PRO A 1064 44.80 32.28 23.51
CA PRO A 1064 44.22 30.98 23.90
C PRO A 1064 42.70 31.05 23.85
N LEU A 1065 42.10 30.15 23.07
CA LEU A 1065 40.66 30.12 22.86
C LEU A 1065 40.06 28.96 23.65
N LEU A 1066 39.36 29.29 24.74
CA LEU A 1066 38.60 28.31 25.51
C LEU A 1066 37.16 28.31 25.01
N LEU A 1067 36.75 27.22 24.37
CA LEU A 1067 35.44 27.11 23.74
C LEU A 1067 34.69 25.91 24.29
N SER A 1068 33.36 25.96 24.17
CA SER A 1068 32.48 24.91 24.66
C SER A 1068 31.60 24.42 23.52
N ILE A 1069 31.34 23.12 23.51
CA ILE A 1069 30.52 22.48 22.49
C ILE A 1069 29.41 21.69 23.20
N ASP A 1070 28.16 21.98 22.85
CA ASP A 1070 27.02 21.23 23.34
C ASP A 1070 26.59 20.27 22.22
N HIS A 1071 26.91 18.99 22.39
CA HIS A 1071 26.55 17.99 21.39
C HIS A 1071 25.05 17.78 21.32
N GLU A 1072 24.30 18.18 22.34
CA GLU A 1072 22.84 18.04 22.37
C GLU A 1072 22.12 19.19 21.70
N GLU A 1073 22.85 20.15 21.11
CA GLU A 1073 22.25 21.29 20.46
C GLU A 1073 22.74 21.40 19.03
N SER A 1074 22.14 22.32 18.28
CA SER A 1074 22.38 22.41 16.85
C SER A 1074 23.73 23.04 16.56
N PHE A 1075 24.18 22.87 15.30
CA PHE A 1075 25.37 23.57 14.82
C PHE A 1075 25.19 25.08 14.94
N LEU A 1076 24.03 25.58 14.52
CA LEU A 1076 23.76 27.02 14.63
C LEU A 1076 23.80 27.49 16.07
N HIS A 1077 23.33 26.66 17.00
CA HIS A 1077 23.42 27.02 18.42
C HIS A 1077 24.88 27.12 18.85
N ASN A 1078 25.68 26.11 18.52
CA ASN A 1078 27.09 26.15 18.88
C ASN A 1078 27.85 27.23 18.13
N LEU A 1079 27.39 27.58 16.92
CA LEU A 1079 28.00 28.67 16.18
C LEU A 1079 27.83 29.99 16.93
N GLN A 1080 26.65 30.24 17.48
CA GLN A 1080 26.42 31.48 18.20
C GLN A 1080 27.12 31.50 19.55
N GLN A 1081 27.23 30.35 20.21
CA GLN A 1081 27.92 30.28 21.48
C GLN A 1081 29.43 30.34 21.33
N VAL A 1082 29.96 29.93 20.17
CA VAL A 1082 31.38 30.13 19.90
C VAL A 1082 31.70 31.62 19.74
N LYS A 1083 30.83 32.35 19.05
CA LYS A 1083 31.00 33.79 18.93
C LYS A 1083 31.00 34.46 20.30
N ALA A 1084 30.12 34.00 21.20
CA ALA A 1084 30.02 34.59 22.53
C ALA A 1084 31.26 34.36 23.36
N LYS A 1085 32.12 33.41 22.96
CA LYS A 1085 33.38 33.19 23.64
C LYS A 1085 34.58 33.76 22.88
N LEU A 1086 34.42 34.02 21.59
CA LEU A 1086 35.53 34.59 20.82
C LEU A 1086 35.56 36.10 20.94
N LEU A 1087 34.40 36.75 20.87
CA LEU A 1087 34.35 38.21 20.94
C LEU A 1087 34.94 38.79 22.22
N PRO A 1088 34.68 38.25 23.42
CA PRO A 1088 35.38 38.77 24.61
C PRO A 1088 36.89 38.59 24.53
N ALA A 1089 37.35 37.51 23.91
CA ALA A 1089 38.80 37.32 23.76
C ALA A 1089 39.39 38.36 22.80
N LEU A 1090 38.66 38.69 21.74
CA LEU A 1090 39.12 39.72 20.81
C LEU A 1090 39.02 41.12 21.41
N GLN A 1091 38.22 41.31 22.46
CA GLN A 1091 38.21 42.57 23.17
C GLN A 1091 39.39 42.70 24.13
N ASN A 1092 40.00 41.58 24.51
CA ASN A 1092 41.20 41.58 25.34
C ASN A 1092 42.34 40.88 24.60
N GLN A 1093 42.51 41.20 23.32
CA GLN A 1093 43.44 40.47 22.46
C GLN A 1093 44.86 41.03 22.50
N TYR A 1094 45.07 42.20 23.08
CA TYR A 1094 46.36 42.87 23.01
C TYR A 1094 47.22 42.65 24.24
N VAL A 1095 46.89 41.68 25.08
CA VAL A 1095 47.79 41.26 26.15
C VAL A 1095 48.78 40.24 25.57
N PRO A 1096 50.08 40.43 25.75
CA PRO A 1096 51.04 39.49 25.19
C PRO A 1096 50.85 38.08 25.76
N PHE A 1097 51.18 37.09 24.94
CA PHE A 1097 50.88 35.70 25.29
C PHE A 1097 51.67 35.25 26.52
N ASP A 1098 52.91 35.72 26.67
CA ASP A 1098 53.70 35.36 27.83
C ASP A 1098 53.06 35.88 29.11
N LYS A 1099 52.46 37.07 29.06
CA LYS A 1099 51.75 37.58 30.23
C LYS A 1099 50.45 36.83 30.45
N ILE A 1100 49.81 36.38 29.36
CA ILE A 1100 48.59 35.58 29.48
C ILE A 1100 48.88 34.28 30.22
N LEU A 1101 50.00 33.63 29.89
CA LEU A 1101 50.38 32.40 30.58
C LEU A 1101 50.64 32.68 32.06
N GLU A 1102 51.41 33.74 32.34
CA GLU A 1102 51.73 34.08 33.73
C GLU A 1102 50.47 34.36 34.54
N ALA A 1103 49.53 35.10 33.97
CA ALA A 1103 48.28 35.39 34.68
C ALA A 1103 47.50 34.11 34.95
N ALA A 1104 47.55 33.15 34.03
CA ALA A 1104 46.85 31.88 34.20
C ALA A 1104 47.54 30.95 35.18
N ARG A 1105 48.79 31.22 35.54
CA ARG A 1105 49.56 30.38 36.46
C ARG A 1105 49.58 28.93 35.97
N VAL A 1106 50.06 28.76 34.74
CA VAL A 1106 50.00 27.49 34.04
C VAL A 1106 51.25 26.67 34.34
N LYS A 1107 51.16 25.37 34.05
CA LYS A 1107 52.29 24.47 34.20
C LYS A 1107 53.23 24.61 33.01
N ARG A 1108 54.28 23.79 32.99
CA ARG A 1108 55.22 23.75 31.88
C ARG A 1108 55.64 22.31 31.62
N GLU A 1109 54.66 21.43 31.44
CA GLU A 1109 54.95 20.04 31.10
C GLU A 1109 55.70 19.97 29.78
N GLY A 1110 56.89 19.35 29.82
CA GLY A 1110 57.76 19.32 28.66
C GLY A 1110 57.24 18.51 27.49
N ASN A 1111 56.34 17.56 27.75
CA ASN A 1111 55.79 16.75 26.67
C ASN A 1111 54.80 17.50 25.79
N ARG A 1112 54.36 18.70 26.20
CA ARG A 1112 53.38 19.46 25.44
C ARG A 1112 53.75 20.94 25.48
N HIS A 1113 52.95 21.75 24.80
CA HIS A 1113 53.11 23.19 24.69
C HIS A 1113 52.23 23.90 25.72
N PRO A 1114 52.55 25.16 26.05
CA PRO A 1114 51.79 25.85 27.09
C PRO A 1114 50.34 26.11 26.67
N LEU A 1115 49.44 25.96 27.64
CA LEU A 1115 48.01 26.28 27.52
C LEU A 1115 47.28 25.40 26.50
N PHE A 1116 47.77 25.37 25.26
CA PHE A 1116 47.13 24.59 24.21
C PHE A 1116 48.17 23.82 23.42
N ASP A 1117 47.69 22.83 22.66
CA ASP A 1117 48.54 22.03 21.79
C ASP A 1117 48.18 22.13 20.31
N VAL A 1118 46.98 22.59 19.99
CA VAL A 1118 46.53 22.73 18.60
C VAL A 1118 46.23 24.19 18.34
N MET A 1119 46.66 24.67 17.17
CA MET A 1119 46.46 26.06 16.76
C MET A 1119 45.66 26.11 15.47
N PHE A 1120 44.71 27.04 15.40
CA PHE A 1120 43.88 27.26 14.23
C PHE A 1120 44.06 28.68 13.74
N MET A 1121 44.55 28.83 12.52
CA MET A 1121 44.82 30.14 11.92
C MET A 1121 44.04 30.30 10.63
N MET A 1122 43.77 31.56 10.28
CA MET A 1122 43.10 31.87 9.02
C MET A 1122 43.64 33.18 8.47
N GLN A 1123 44.12 33.13 7.22
CA GLN A 1123 44.58 34.31 6.50
C GLN A 1123 43.62 34.61 5.36
N GLY A 1124 43.38 35.90 5.11
CA GLY A 1124 42.49 36.30 4.05
C GLY A 1124 43.03 35.99 2.67
N ALA A 1125 42.23 36.35 1.67
CA ALA A 1125 42.60 36.14 0.28
C ALA A 1125 43.78 37.03 -0.10
N PRO A 1126 44.55 36.62 -1.11
CA PRO A 1126 45.67 37.47 -1.56
C PRO A 1126 45.17 38.77 -2.16
N GLU A 1127 45.86 39.86 -1.83
CA GLU A 1127 45.49 41.18 -2.33
C GLU A 1127 46.16 41.51 -3.66
N THR A 1128 47.31 40.93 -3.94
CA THR A 1128 48.00 41.12 -5.22
C THR A 1128 48.08 39.78 -5.95
N GLU A 1129 48.33 39.85 -7.26
CA GLU A 1129 48.54 38.63 -8.02
C GLU A 1129 49.89 38.00 -7.68
N LEU A 1130 50.91 38.85 -7.43
CA LEU A 1130 52.19 38.33 -6.98
C LEU A 1130 52.07 37.61 -5.65
N GLU A 1131 51.05 37.93 -4.85
CA GLU A 1131 50.83 37.22 -3.60
C GLU A 1131 50.11 35.90 -3.83
N SER A 1132 49.17 35.86 -4.76
CA SER A 1132 48.45 34.62 -5.06
C SER A 1132 49.37 33.58 -5.69
N ASN A 1133 50.50 33.99 -6.23
CA ASN A 1133 51.47 33.07 -6.83
C ASN A 1133 52.65 32.79 -5.90
N MET A 1134 52.56 33.18 -4.64
CA MET A 1134 53.58 32.84 -3.66
C MET A 1134 53.27 31.49 -3.02
N HIS A 1135 54.31 30.83 -2.53
CA HIS A 1135 54.18 29.50 -1.95
C HIS A 1135 54.94 29.47 -0.63
N HIS A 1136 54.21 29.24 0.47
CA HIS A 1136 54.84 29.12 1.77
C HIS A 1136 55.47 27.75 1.92
N ILE A 1137 56.68 27.72 2.47
CA ILE A 1137 57.46 26.49 2.62
C ILE A 1137 57.50 26.12 4.09
N ASN A 1138 57.35 24.82 4.37
CA ASN A 1138 57.35 24.34 5.74
C ASN A 1138 58.75 23.98 6.23
N ALA A 1139 59.59 23.44 5.36
CA ALA A 1139 60.96 23.03 5.68
C ALA A 1139 61.00 21.96 6.77
N GLY A 1140 59.92 21.21 6.93
CA GLY A 1140 59.89 20.11 7.87
C GLY A 1140 59.82 20.52 9.34
N ILE A 1141 59.09 21.59 9.64
CA ILE A 1141 58.99 22.13 10.99
C ILE A 1141 57.52 22.20 11.38
N SER A 1142 57.23 21.83 12.62
CA SER A 1142 55.89 21.94 13.21
C SER A 1142 56.04 22.65 14.55
N LYS A 1143 55.65 23.92 14.59
CA LYS A 1143 55.82 24.71 15.82
C LYS A 1143 54.94 24.17 16.95
N PHE A 1144 53.80 23.58 16.62
CA PHE A 1144 52.91 22.99 17.61
C PHE A 1144 52.64 21.54 17.21
N ASP A 1145 51.93 20.83 18.08
CA ASP A 1145 51.57 19.44 17.79
C ASP A 1145 50.78 19.34 16.50
N LEU A 1146 49.80 20.23 16.32
CA LEU A 1146 48.98 20.26 15.12
C LEU A 1146 48.54 21.68 14.87
N THR A 1147 48.71 22.15 13.64
CA THR A 1147 48.30 23.49 13.24
C THR A 1147 47.42 23.39 12.00
N LEU A 1148 46.29 24.08 12.03
CA LEU A 1148 45.36 24.15 10.90
C LEU A 1148 45.28 25.58 10.41
N GLU A 1149 45.70 25.82 9.17
CA GLU A 1149 45.64 27.14 8.56
C GLU A 1149 44.72 27.07 7.35
N VAL A 1150 43.70 27.93 7.33
CA VAL A 1150 42.76 28.01 6.22
C VAL A 1150 43.12 29.21 5.37
N LEU A 1151 43.47 28.96 4.10
CA LEU A 1151 43.89 30.00 3.17
C LEU A 1151 42.90 30.07 2.03
N GLU A 1152 42.36 31.27 1.79
CA GLU A 1152 41.41 31.49 0.71
C GLU A 1152 42.19 31.69 -0.60
N ARG A 1153 42.16 30.69 -1.46
CA ARG A 1153 42.92 30.72 -2.71
C ARG A 1153 42.06 30.18 -3.85
N GLU A 1154 42.00 30.95 -4.94
CA GLU A 1154 41.30 30.54 -6.17
C GLU A 1154 39.82 30.24 -5.90
N ASN A 1155 39.16 31.18 -5.23
CA ASN A 1155 37.74 31.11 -4.88
C ASN A 1155 37.39 29.92 -4.00
N GLY A 1156 38.39 29.17 -3.53
CA GLY A 1156 38.16 28.04 -2.65
C GLY A 1156 38.91 28.20 -1.34
N LEU A 1157 39.03 27.12 -0.58
CA LEU A 1157 39.72 27.12 0.71
C LEU A 1157 40.78 26.03 0.71
N ASN A 1158 42.02 26.42 0.93
CA ASN A 1158 43.14 25.49 1.09
C ASN A 1158 43.45 25.38 2.57
N ILE A 1159 43.06 24.27 3.18
CA ILE A 1159 43.25 24.03 4.61
C ILE A 1159 44.52 23.20 4.77
N VAL A 1160 45.54 23.81 5.41
CA VAL A 1160 46.85 23.20 5.54
C VAL A 1160 46.97 22.58 6.93
N PHE A 1161 47.38 21.32 6.98
CA PHE A 1161 47.53 20.56 8.23
C PHE A 1161 49.02 20.41 8.51
N GLU A 1162 49.54 21.23 9.43
CA GLU A 1162 50.91 21.13 9.88
C GLU A 1162 50.93 20.30 11.16
N TYR A 1163 51.66 19.19 11.15
CA TYR A 1163 51.59 18.23 12.25
C TYR A 1163 52.98 17.77 12.64
N ASN A 1164 53.12 17.44 13.92
CA ASN A 1164 54.35 16.87 14.44
C ASN A 1164 54.51 15.44 13.93
N THR A 1165 55.61 15.16 13.24
CA THR A 1165 55.82 13.83 12.67
C THR A 1165 56.10 12.78 13.75
N HIS A 1166 56.52 13.19 14.94
CA HIS A 1166 56.73 12.23 16.02
C HIS A 1166 55.43 11.83 16.70
N LEU A 1167 54.37 12.64 16.57
CA LEU A 1167 53.09 12.34 17.20
C LEU A 1167 52.05 11.81 16.21
N PHE A 1168 52.20 12.08 14.91
CA PHE A 1168 51.25 11.65 13.90
C PHE A 1168 52.00 11.02 12.73
N ASP A 1169 51.41 9.97 12.17
CA ASP A 1169 51.90 9.36 10.95
C ASP A 1169 51.18 9.96 9.75
N GLU A 1170 51.67 9.62 8.55
CA GLU A 1170 50.98 10.07 7.34
C GLU A 1170 49.58 9.48 7.26
N GLY A 1171 49.41 8.21 7.66
CA GLY A 1171 48.09 7.61 7.61
C GLY A 1171 47.16 8.18 8.67
N MET A 1172 47.71 8.53 9.83
CA MET A 1172 46.89 9.16 10.87
C MET A 1172 46.36 10.50 10.42
N ILE A 1173 47.21 11.30 9.78
CA ILE A 1173 46.79 12.60 9.28
C ILE A 1173 45.79 12.44 8.15
N LEU A 1174 46.06 11.51 7.22
CA LEU A 1174 45.15 11.28 6.10
C LEU A 1174 43.75 10.92 6.58
N ARG A 1175 43.64 10.21 7.71
CA ARG A 1175 42.32 9.94 8.27
C ARG A 1175 41.70 11.22 8.83
N MET A 1176 42.52 12.07 9.45
CA MET A 1176 41.98 13.24 10.12
C MET A 1176 41.52 14.30 9.13
N VAL A 1177 42.26 14.50 8.03
CA VAL A 1177 41.81 15.45 7.03
C VAL A 1177 40.56 14.94 6.34
N ALA A 1178 40.38 13.62 6.27
CA ALA A 1178 39.16 13.06 5.71
C ALA A 1178 38.00 13.16 6.70
N GLN A 1179 38.30 13.14 8.00
CA GLN A 1179 37.25 13.33 9.00
C GLN A 1179 36.81 14.78 9.08
N PHE A 1180 37.75 15.72 8.88
CA PHE A 1180 37.37 17.13 8.89
C PHE A 1180 36.46 17.46 7.71
N GLU A 1181 36.77 16.94 6.53
CA GLU A 1181 35.89 17.10 5.38
C GLU A 1181 34.53 16.48 5.66
N HIS A 1182 34.50 15.34 6.33
CA HIS A 1182 33.24 14.67 6.64
C HIS A 1182 32.37 15.55 7.53
N LEU A 1183 32.97 16.15 8.56
CA LEU A 1183 32.21 17.04 9.43
C LEU A 1183 31.83 18.33 8.73
N LEU A 1184 32.74 18.87 7.92
CA LEU A 1184 32.47 20.14 7.24
C LEU A 1184 31.27 20.01 6.30
N LEU A 1185 31.22 18.93 5.51
CA LEU A 1185 30.09 18.72 4.62
C LEU A 1185 28.83 18.37 5.41
N GLN A 1186 28.98 17.63 6.51
CA GLN A 1186 27.83 17.32 7.35
C GLN A 1186 27.26 18.58 7.99
N ALA A 1187 28.13 19.50 8.39
CA ALA A 1187 27.68 20.68 9.12
C ALA A 1187 27.02 21.70 8.20
N VAL A 1188 27.67 22.03 7.08
CA VAL A 1188 27.13 23.03 6.17
C VAL A 1188 25.81 22.57 5.57
N HIS A 1189 25.54 21.27 5.57
CA HIS A 1189 24.26 20.73 5.14
C HIS A 1189 23.39 20.26 6.29
N GLY A 1190 23.83 20.47 7.54
CA GLY A 1190 23.04 20.09 8.70
C GLY A 1190 23.09 21.13 9.79
N LEU A 1191 22.51 22.31 9.53
CA LEU A 1191 22.65 23.43 10.45
C LEU A 1191 21.72 23.30 11.66
N ASP A 1192 20.47 22.89 11.43
CA ASP A 1192 19.55 22.64 12.53
C ASP A 1192 19.74 21.27 13.17
N GLN A 1193 20.71 20.48 12.68
CA GLN A 1193 20.98 19.16 13.23
C GLN A 1193 21.87 19.26 14.46
N GLN A 1194 21.72 18.29 15.37
CA GLN A 1194 22.51 18.27 16.59
C GLN A 1194 23.92 17.76 16.31
N VAL A 1195 24.89 18.30 17.08
CA VAL A 1195 26.28 17.95 16.89
C VAL A 1195 26.53 16.48 17.21
N LYS A 1196 25.74 15.92 18.13
CA LYS A 1196 25.84 14.49 18.42
C LYS A 1196 25.57 13.64 17.18
N ARG A 1197 24.67 14.10 16.31
CA ARG A 1197 24.29 13.33 15.14
C ARG A 1197 25.31 13.40 14.01
N PHE A 1198 26.29 14.30 14.11
CA PHE A 1198 27.42 14.30 13.19
C PHE A 1198 28.37 13.17 13.58
N GLU A 1199 28.88 12.46 12.59
CA GLU A 1199 29.77 11.33 12.82
C GLU A 1199 31.16 11.64 12.28
N LEU A 1200 32.18 11.26 13.07
CA LEU A 1200 33.56 11.51 12.67
C LEU A 1200 34.05 10.45 11.69
N VAL A 1201 33.72 9.19 11.93
CA VAL A 1201 34.24 8.11 11.10
C VAL A 1201 33.64 8.21 9.71
N THR A 1202 34.46 7.94 8.70
CA THR A 1202 34.02 8.02 7.31
C THR A 1202 33.60 6.64 6.82
N GLU A 1203 32.81 6.63 5.75
CA GLU A 1203 32.35 5.36 5.19
C GLU A 1203 33.52 4.53 4.68
N ASP A 1204 34.59 5.17 4.21
CA ASP A 1204 35.78 4.43 3.84
C ASP A 1204 36.48 3.86 5.07
N GLU A 1205 36.45 4.58 6.19
CA GLU A 1205 37.00 4.05 7.43
C GLU A 1205 36.10 2.96 8.01
N LYS A 1206 34.78 3.08 7.82
CA LYS A 1206 33.87 2.05 8.29
C LYS A 1206 34.09 0.74 7.52
N ARG A 1207 34.39 0.83 6.23
CA ARG A 1207 34.58 -0.38 5.44
C ARG A 1207 35.99 -0.92 5.56
N ASP A 1208 36.98 -0.06 5.85
CA ASP A 1208 38.32 -0.55 6.14
C ASP A 1208 38.36 -1.26 7.48
N LEU A 1209 37.60 -0.75 8.46
CA LEU A 1209 37.55 -1.42 9.76
C LEU A 1209 36.86 -2.77 9.67
N PHE A 1210 35.85 -2.89 8.80
CA PHE A 1210 35.20 -4.18 8.61
C PHE A 1210 36.16 -5.19 8.00
N LEU A 1211 36.85 -4.81 6.92
CA LEU A 1211 37.72 -5.74 6.22
C LEU A 1211 38.92 -6.13 7.06
N ARG A 1212 39.45 -5.20 7.86
CA ARG A 1212 40.63 -5.46 8.66
C ARG A 1212 40.32 -6.04 10.04
N VAL A 1213 39.05 -6.05 10.45
CA VAL A 1213 38.70 -6.47 11.80
C VAL A 1213 37.53 -7.45 11.78
N ASN A 1214 36.36 -7.00 11.30
CA ASN A 1214 35.10 -7.71 11.50
C ASN A 1214 34.69 -8.55 10.30
N ASP A 1215 35.65 -9.05 9.51
CA ASP A 1215 35.33 -10.00 8.43
C ASP A 1215 35.79 -11.37 8.88
N THR A 1216 34.96 -12.02 9.71
CA THR A 1216 35.34 -13.23 10.40
C THR A 1216 34.34 -14.37 10.25
N ALA A 1217 33.36 -14.24 9.37
CA ALA A 1217 32.33 -15.26 9.23
C ALA A 1217 32.92 -16.55 8.65
N LYS A 1218 32.53 -17.68 9.22
CA LYS A 1218 32.98 -18.99 8.74
C LYS A 1218 31.96 -20.04 9.14
N ALA A 1219 31.39 -20.72 8.15
CA ALA A 1219 30.40 -21.75 8.42
C ALA A 1219 31.03 -22.90 9.19
N TYR A 1220 30.48 -23.20 10.38
CA TYR A 1220 30.99 -24.25 11.23
C TYR A 1220 29.92 -25.32 11.43
N PRO A 1221 30.33 -26.58 11.62
CA PRO A 1221 29.36 -27.66 11.77
C PRO A 1221 28.43 -27.43 12.95
N ASN A 1222 27.19 -27.88 12.81
CA ASN A 1222 26.17 -27.72 13.84
C ASN A 1222 25.99 -28.98 14.68
N LYS A 1223 26.95 -29.90 14.63
CA LYS A 1223 26.89 -31.11 15.45
C LYS A 1223 27.24 -30.75 16.88
N LEU A 1224 26.26 -30.87 17.78
CA LEU A 1224 26.45 -30.43 19.16
C LEU A 1224 27.50 -31.30 19.85
N ILE A 1225 28.11 -30.72 20.90
CA ILE A 1225 29.28 -31.33 21.53
C ILE A 1225 28.95 -32.69 22.12
N MET A 1226 27.70 -32.91 22.55
CA MET A 1226 27.31 -34.21 23.07
C MET A 1226 27.36 -35.27 21.99
N SER A 1227 26.80 -34.96 20.82
CA SER A 1227 26.81 -35.90 19.70
C SER A 1227 28.22 -36.22 19.24
N MET A 1228 29.18 -35.32 19.48
CA MET A 1228 30.56 -35.61 19.11
C MET A 1228 31.17 -36.67 20.04
N LEU A 1229 30.85 -36.59 21.34
CA LEU A 1229 31.33 -37.60 22.27
C LEU A 1229 30.75 -38.98 21.93
N GLU A 1230 29.47 -39.03 21.55
CA GLU A 1230 28.87 -40.28 21.09
C GLU A 1230 29.59 -40.78 19.84
N ASP A 1231 29.68 -39.93 18.81
CA ASP A 1231 30.31 -40.31 17.56
C ASP A 1231 31.75 -40.77 17.77
N TRP A 1232 32.49 -40.07 18.64
CA TRP A 1232 33.89 -40.41 18.83
C TRP A 1232 34.04 -41.68 19.67
N ALA A 1233 33.17 -41.88 20.66
CA ALA A 1233 33.27 -43.06 21.50
C ALA A 1233 33.01 -44.33 20.70
N ALA A 1234 32.05 -44.28 19.77
CA ALA A 1234 31.77 -45.44 18.93
C ALA A 1234 32.95 -45.79 18.03
N ALA A 1235 33.74 -44.80 17.62
CA ALA A 1235 34.88 -45.05 16.75
C ALA A 1235 36.09 -45.55 17.54
N THR A 1236 36.50 -44.80 18.55
CA THR A 1236 37.63 -45.17 19.41
C THR A 1236 37.12 -45.37 20.82
N PRO A 1237 36.55 -46.54 21.12
CA PRO A 1237 35.95 -46.74 22.45
C PRO A 1237 36.98 -46.90 23.55
N ASP A 1238 38.12 -47.51 23.26
CA ASP A 1238 39.14 -47.78 24.26
C ASP A 1238 40.31 -46.81 24.20
N LYS A 1239 40.10 -45.63 23.61
CA LYS A 1239 41.10 -44.58 23.61
C LYS A 1239 40.93 -43.73 24.86
N THR A 1240 42.05 -43.27 25.41
CA THR A 1240 42.03 -42.49 26.65
C THR A 1240 41.34 -41.16 26.41
N ALA A 1241 40.29 -40.89 27.19
CA ALA A 1241 39.57 -39.62 27.13
C ALA A 1241 39.82 -38.73 28.34
N LEU A 1242 39.79 -39.29 29.55
CA LEU A 1242 40.04 -38.53 30.76
C LEU A 1242 41.21 -39.14 31.53
N VAL A 1243 41.96 -38.27 32.21
CA VAL A 1243 43.07 -38.68 33.06
C VAL A 1243 43.02 -37.88 34.36
N PHE A 1244 42.56 -38.51 35.44
CA PHE A 1244 42.55 -37.90 36.76
C PHE A 1244 43.56 -38.63 37.64
N ARG A 1245 44.53 -37.87 38.17
CA ARG A 1245 45.63 -38.42 38.94
C ARG A 1245 46.35 -39.51 38.14
N GLU A 1246 46.29 -40.75 38.61
CA GLU A 1246 46.95 -41.86 37.92
C GLU A 1246 45.95 -42.90 37.44
N GLN A 1247 44.74 -42.46 37.09
CA GLN A 1247 43.71 -43.32 36.52
C GLN A 1247 43.24 -42.74 35.20
N ARG A 1248 42.90 -43.63 34.27
CA ARG A 1248 42.53 -43.25 32.92
C ARG A 1248 41.14 -43.79 32.60
N VAL A 1249 40.29 -42.93 32.06
CA VAL A 1249 38.95 -43.30 31.61
C VAL A 1249 38.92 -43.26 30.09
N THR A 1250 38.36 -44.30 29.48
CA THR A 1250 38.25 -44.35 28.03
C THR A 1250 36.95 -43.68 27.59
N TYR A 1251 36.87 -43.40 26.28
CA TYR A 1251 35.68 -42.78 25.72
C TYR A 1251 34.43 -43.61 26.02
N ARG A 1252 34.52 -44.93 25.81
CA ARG A 1252 33.38 -45.80 26.05
C ARG A 1252 32.98 -45.77 27.52
N GLU A 1253 33.95 -45.92 28.42
CA GLU A 1253 33.66 -45.84 29.84
C GLU A 1253 33.03 -44.50 30.21
N LEU A 1254 33.57 -43.41 29.66
CA LEU A 1254 32.99 -42.10 29.91
C LEU A 1254 31.58 -42.01 29.34
N ASN A 1255 31.41 -42.39 28.07
CA ASN A 1255 30.12 -42.28 27.43
C ASN A 1255 29.07 -43.11 28.16
N GLU A 1256 29.40 -44.37 28.47
CA GLU A 1256 28.44 -45.24 29.14
C GLU A 1256 28.08 -44.73 30.53
N ARG A 1257 29.08 -44.29 31.30
CA ARG A 1257 28.80 -43.73 32.62
C ARG A 1257 27.96 -42.46 32.51
N VAL A 1258 28.22 -41.65 31.48
CA VAL A 1258 27.43 -40.44 31.26
C VAL A 1258 26.00 -40.80 30.86
N ASN A 1259 25.84 -41.84 30.03
CA ASN A 1259 24.51 -42.27 29.61
C ASN A 1259 23.64 -42.63 30.80
N GLN A 1260 24.20 -43.39 31.75
CA GLN A 1260 23.43 -43.84 32.90
C GLN A 1260 22.90 -42.67 33.72
N LEU A 1261 23.76 -41.71 34.04
CA LEU A 1261 23.32 -40.54 34.78
C LEU A 1261 22.32 -39.70 33.98
N ALA A 1262 22.42 -39.77 32.65
CA ALA A 1262 21.44 -39.06 31.81
C ALA A 1262 20.06 -39.67 31.97
N HIS A 1263 19.96 -41.01 31.84
CA HIS A 1263 18.67 -41.67 32.03
C HIS A 1263 18.11 -41.41 33.41
N THR A 1264 18.96 -41.44 34.44
CA THR A 1264 18.49 -41.15 35.79
C THR A 1264 18.04 -39.70 35.92
N LEU A 1265 18.55 -38.81 35.08
CA LEU A 1265 18.11 -37.42 35.09
C LEU A 1265 16.80 -37.26 34.33
N ARG A 1266 16.65 -37.94 33.20
CA ARG A 1266 15.43 -37.82 32.41
C ARG A 1266 14.21 -38.22 33.22
N GLU A 1267 14.32 -39.27 34.03
CA GLU A 1267 13.23 -39.72 34.88
C GLU A 1267 12.97 -38.77 36.04
N LYS A 1268 13.81 -37.77 36.25
CA LYS A 1268 13.57 -36.73 37.24
C LYS A 1268 12.96 -35.48 36.64
N GLY A 1269 12.68 -35.47 35.34
CA GLY A 1269 12.08 -34.32 34.68
C GLY A 1269 13.06 -33.34 34.09
N VAL A 1270 14.09 -33.85 33.41
CA VAL A 1270 15.06 -33.01 32.73
C VAL A 1270 14.59 -32.84 31.29
N GLN A 1271 13.99 -31.69 31.00
CA GLN A 1271 13.52 -31.23 29.72
C GLN A 1271 14.42 -30.12 29.20
N PRO A 1272 14.49 -29.90 27.88
CA PRO A 1272 15.37 -28.86 27.34
C PRO A 1272 15.10 -27.51 27.98
N ASP A 1273 16.19 -26.75 28.15
CA ASP A 1273 16.22 -25.44 28.80
C ASP A 1273 15.84 -25.51 30.28
N ASP A 1274 15.88 -26.69 30.89
CA ASP A 1274 15.82 -26.81 32.34
C ASP A 1274 17.24 -26.79 32.91
N LEU A 1275 17.37 -26.24 34.11
CA LEU A 1275 18.65 -26.04 34.76
C LEU A 1275 18.78 -26.93 35.99
N VAL A 1276 19.91 -27.60 36.12
CA VAL A 1276 20.25 -28.34 37.33
C VAL A 1276 21.63 -27.88 37.80
N MET A 1277 21.72 -27.53 39.07
CA MET A 1277 22.93 -27.00 39.66
C MET A 1277 23.93 -28.13 39.95
N LEU A 1278 25.21 -27.76 39.98
CA LEU A 1278 26.29 -28.71 40.21
C LEU A 1278 27.13 -28.23 41.38
N MET A 1279 27.36 -29.12 42.35
CA MET A 1279 28.22 -28.85 43.51
C MET A 1279 29.24 -29.97 43.59
N ALA A 1280 30.35 -29.82 42.87
CA ALA A 1280 31.38 -30.85 42.83
C ALA A 1280 32.74 -30.19 42.66
N GLU A 1281 33.78 -30.93 43.04
CA GLU A 1281 35.16 -30.50 42.84
C GLU A 1281 35.76 -31.25 41.66
N ARG A 1282 36.97 -30.83 41.28
CA ARG A 1282 37.65 -31.40 40.12
C ARG A 1282 37.79 -32.91 40.27
N SER A 1283 37.11 -33.66 39.41
CA SER A 1283 37.07 -35.11 39.51
C SER A 1283 36.62 -35.67 38.16
N VAL A 1284 36.43 -36.99 38.10
CA VAL A 1284 35.82 -37.59 36.93
C VAL A 1284 34.30 -37.50 37.01
N GLU A 1285 33.76 -37.44 38.24
CA GLU A 1285 32.32 -37.32 38.40
C GLU A 1285 31.81 -35.98 37.88
N MET A 1286 32.57 -34.91 38.10
CA MET A 1286 32.20 -33.60 37.57
C MET A 1286 32.08 -33.65 36.05
N MET A 1287 33.05 -34.26 35.39
CA MET A 1287 32.99 -34.40 33.94
C MET A 1287 31.84 -35.32 33.53
N VAL A 1288 31.67 -36.44 34.25
CA VAL A 1288 30.54 -37.33 33.98
C VAL A 1288 29.23 -36.60 34.19
N ALA A 1289 29.14 -35.78 35.23
CA ALA A 1289 27.92 -35.02 35.48
C ALA A 1289 27.63 -34.07 34.32
N ILE A 1290 28.56 -33.14 34.05
CA ILE A 1290 28.35 -32.09 33.04
C ILE A 1290 27.85 -32.68 31.73
N PHE A 1291 28.55 -33.69 31.21
CA PHE A 1291 28.12 -34.29 29.95
C PHE A 1291 26.76 -34.97 30.07
N ALA A 1292 26.43 -35.49 31.26
CA ALA A 1292 25.16 -36.16 31.44
C ALA A 1292 24.02 -35.16 31.48
N VAL A 1293 24.26 -33.98 32.04
CA VAL A 1293 23.27 -32.90 32.01
C VAL A 1293 22.86 -32.61 30.58
N LEU A 1294 23.86 -32.49 29.69
CA LEU A 1294 23.59 -32.12 28.31
C LEU A 1294 22.90 -33.26 27.57
N LYS A 1295 23.34 -34.50 27.80
CA LYS A 1295 22.72 -35.64 27.13
C LYS A 1295 21.24 -35.76 27.46
N ALA A 1296 20.86 -35.44 28.70
CA ALA A 1296 19.45 -35.51 29.08
C ALA A 1296 18.64 -34.37 28.45
N GLY A 1297 19.27 -33.21 28.23
CA GLY A 1297 18.61 -32.12 27.55
C GLY A 1297 18.75 -30.77 28.22
N GLY A 1298 19.21 -30.76 29.47
CA GLY A 1298 19.27 -29.54 30.26
C GLY A 1298 20.60 -28.81 30.13
N ALA A 1299 20.76 -27.84 31.03
CA ALA A 1299 21.99 -27.06 31.13
C ALA A 1299 22.51 -27.15 32.56
N TYR A 1300 23.83 -27.01 32.71
CA TYR A 1300 24.47 -27.16 34.01
C TYR A 1300 24.83 -25.80 34.59
N LEU A 1301 24.62 -25.66 35.90
CA LEU A 1301 24.84 -24.40 36.62
C LEU A 1301 25.93 -24.61 37.66
N PRO A 1302 27.17 -24.21 37.39
CA PRO A 1302 28.27 -24.48 38.32
C PRO A 1302 28.12 -23.70 39.61
N ILE A 1303 28.32 -24.38 40.73
CA ILE A 1303 28.23 -23.80 42.06
C ILE A 1303 29.43 -24.31 42.85
N ASP A 1304 30.33 -23.41 43.23
CA ASP A 1304 31.50 -23.80 44.01
C ASP A 1304 31.02 -24.47 45.30
N PRO A 1305 31.43 -25.71 45.56
CA PRO A 1305 30.90 -26.41 46.74
C PRO A 1305 31.24 -25.74 48.06
N HIS A 1306 32.37 -25.05 48.13
CA HIS A 1306 32.79 -24.35 49.34
C HIS A 1306 32.26 -22.93 49.40
N SER A 1307 31.16 -22.62 48.71
CA SER A 1307 30.58 -21.30 48.74
C SER A 1307 29.80 -21.10 50.04
N PRO A 1308 29.88 -19.92 50.65
CA PRO A 1308 29.01 -19.60 51.79
C PRO A 1308 27.55 -19.89 51.46
N ALA A 1309 26.80 -20.25 52.50
CA ALA A 1309 25.40 -20.67 52.30
C ALA A 1309 24.54 -19.54 51.77
N GLU A 1310 24.93 -18.28 52.05
CA GLU A 1310 24.16 -17.16 51.54
C GLU A 1310 24.27 -17.05 50.02
N ARG A 1311 25.42 -17.43 49.45
CA ARG A 1311 25.57 -17.36 48.00
C ARG A 1311 24.75 -18.43 47.30
N ILE A 1312 24.85 -19.68 47.77
CA ILE A 1312 24.11 -20.76 47.13
C ILE A 1312 22.61 -20.55 47.28
N ALA A 1313 22.18 -19.94 48.39
CA ALA A 1313 20.76 -19.62 48.55
C ALA A 1313 20.32 -18.58 47.53
N TYR A 1314 21.18 -17.60 47.23
CA TYR A 1314 20.84 -16.60 46.23
C TYR A 1314 20.70 -17.23 44.85
N ILE A 1315 21.67 -18.07 44.47
CA ILE A 1315 21.60 -18.75 43.18
C ILE A 1315 20.52 -19.82 43.19
N PHE A 1316 20.14 -20.32 44.37
CA PHE A 1316 18.96 -21.18 44.46
C PHE A 1316 17.69 -20.40 44.11
N ALA A 1317 17.60 -19.15 44.57
CA ALA A 1317 16.40 -18.35 44.36
C ALA A 1317 16.30 -17.83 42.94
N ASP A 1318 17.37 -17.17 42.47
CA ASP A 1318 17.34 -16.56 41.14
C ASP A 1318 17.13 -17.60 40.06
N SER A 1319 17.84 -18.73 40.16
CA SER A 1319 17.63 -19.79 39.18
C SER A 1319 16.30 -20.47 39.38
N GLY A 1320 15.85 -20.63 40.64
CA GLY A 1320 14.69 -21.43 40.93
C GLY A 1320 14.81 -22.90 40.55
N ALA A 1321 16.01 -23.36 40.14
CA ALA A 1321 16.19 -24.75 39.73
C ALA A 1321 15.99 -25.71 40.89
N LYS A 1322 15.44 -26.88 40.60
CA LYS A 1322 15.11 -27.88 41.62
C LYS A 1322 16.19 -28.93 41.78
N LEU A 1323 16.70 -29.46 40.69
CA LEU A 1323 17.67 -30.54 40.74
C LEU A 1323 19.06 -30.00 41.06
N VAL A 1324 19.83 -30.79 41.82
CA VAL A 1324 21.20 -30.47 42.18
C VAL A 1324 22.01 -31.76 42.13
N LEU A 1325 22.95 -31.84 41.19
CA LEU A 1325 23.89 -32.96 41.11
C LEU A 1325 25.12 -32.60 41.94
N ALA A 1326 25.18 -33.13 43.15
CA ALA A 1326 26.25 -32.80 44.10
C ALA A 1326 27.04 -34.04 44.47
N GLN A 1327 28.25 -33.80 44.98
CA GLN A 1327 29.04 -34.87 45.55
C GLN A 1327 28.60 -35.15 46.99
N SER A 1328 29.08 -36.28 47.53
CA SER A 1328 28.70 -36.70 48.87
C SER A 1328 28.97 -35.65 49.94
N PRO A 1329 30.14 -35.00 50.00
CA PRO A 1329 30.37 -34.02 51.08
C PRO A 1329 29.52 -32.76 50.96
N PHE A 1330 28.76 -32.59 49.89
CA PHE A 1330 27.99 -31.38 49.66
C PHE A 1330 26.51 -31.63 49.46
N VAL A 1331 26.04 -32.87 49.65
CA VAL A 1331 24.61 -33.15 49.54
C VAL A 1331 23.84 -32.40 50.62
N GLU A 1332 24.38 -32.34 51.84
CA GLU A 1332 23.76 -31.58 52.92
C GLU A 1332 23.71 -30.08 52.61
N LYS A 1333 24.62 -29.57 51.77
CA LYS A 1333 24.59 -28.16 51.39
C LYS A 1333 23.43 -27.85 50.44
N ALA A 1334 23.13 -28.77 49.51
CA ALA A 1334 21.94 -28.69 48.67
C ALA A 1334 20.67 -29.10 49.44
N SER A 1335 20.62 -28.88 50.76
CA SER A 1335 19.44 -29.27 51.53
C SER A 1335 18.17 -28.62 50.99
N MET A 1336 18.22 -27.33 50.68
CA MET A 1336 17.02 -26.61 50.25
C MET A 1336 16.92 -26.60 48.72
N ALA A 1337 16.77 -27.80 48.18
CA ALA A 1337 16.43 -27.98 46.77
C ALA A 1337 15.17 -28.83 46.66
N GLU A 1338 15.10 -29.67 45.63
CA GLU A 1338 14.04 -30.65 45.51
C GLU A 1338 14.61 -32.03 45.27
N VAL A 1339 15.29 -32.20 44.15
CA VAL A 1339 15.89 -33.48 43.76
C VAL A 1339 17.40 -33.32 43.91
N VAL A 1340 17.95 -33.88 44.99
CA VAL A 1340 19.37 -33.81 45.29
C VAL A 1340 19.95 -35.22 45.12
N LEU A 1341 20.94 -35.36 44.24
CA LEU A 1341 21.53 -36.66 43.93
C LEU A 1341 23.00 -36.65 44.30
N ASP A 1342 23.44 -37.70 44.99
CA ASP A 1342 24.86 -37.89 45.27
C ASP A 1342 25.53 -38.52 44.07
N LEU A 1343 26.57 -37.85 43.56
CA LEU A 1343 27.28 -38.35 42.39
C LEU A 1343 28.22 -39.50 42.70
N ASN A 1344 28.44 -39.80 43.98
CA ASN A 1344 29.30 -40.91 44.38
C ASN A 1344 28.50 -42.13 44.86
N SER A 1345 27.19 -42.13 44.63
CA SER A 1345 26.33 -43.24 44.98
C SER A 1345 25.73 -43.82 43.71
N ALA A 1346 25.79 -45.16 43.58
CA ALA A 1346 25.24 -45.81 42.40
C ALA A 1346 23.72 -45.73 42.33
N SER A 1347 23.07 -45.25 43.39
CA SER A 1347 21.63 -45.03 43.33
C SER A 1347 21.27 -43.91 42.37
N SER A 1348 22.08 -42.84 42.36
CA SER A 1348 21.84 -41.73 41.45
C SER A 1348 22.21 -42.06 40.01
N TYR A 1349 22.71 -43.26 39.74
CA TYR A 1349 23.01 -43.73 38.39
C TYR A 1349 22.05 -44.86 38.02
N ALA A 1350 22.07 -45.23 36.74
CA ALA A 1350 21.19 -46.27 36.25
C ALA A 1350 21.98 -47.36 35.53
N ALA A 1351 21.27 -48.29 34.90
CA ALA A 1351 21.90 -49.43 34.25
C ALA A 1351 22.05 -49.29 32.75
N ASP A 1352 21.22 -48.47 32.11
CA ASP A 1352 21.19 -48.40 30.65
C ASP A 1352 22.45 -47.70 30.15
N THR A 1353 23.32 -48.45 29.48
CA THR A 1353 24.49 -47.88 28.81
C THR A 1353 24.16 -47.39 27.41
N SER A 1354 22.88 -47.25 27.08
CA SER A 1354 22.48 -46.77 25.76
C SER A 1354 22.54 -45.25 25.71
N ASN A 1355 22.95 -44.73 24.57
CA ASN A 1355 22.97 -43.29 24.36
C ASN A 1355 21.54 -42.76 24.39
N PRO A 1356 21.21 -41.86 25.31
CA PRO A 1356 19.85 -41.32 25.38
C PRO A 1356 19.52 -40.53 24.12
N PRO A 1357 18.24 -40.29 23.85
CA PRO A 1357 17.87 -39.66 22.57
C PRO A 1357 18.26 -38.20 22.52
N LEU A 1358 18.49 -37.71 21.31
CA LEU A 1358 18.79 -36.31 21.10
C LEU A 1358 17.52 -35.48 21.31
N VAL A 1359 17.57 -34.57 22.28
CA VAL A 1359 16.43 -33.70 22.58
C VAL A 1359 16.80 -32.23 22.57
N ASN A 1360 18.05 -31.88 22.28
CA ASN A 1360 18.50 -30.51 22.30
C ASN A 1360 18.69 -29.97 20.89
N GLN A 1361 18.48 -28.66 20.74
CA GLN A 1361 18.63 -27.96 19.48
C GLN A 1361 19.68 -26.87 19.63
N PRO A 1362 20.32 -26.45 18.51
CA PRO A 1362 21.45 -25.52 18.58
C PRO A 1362 21.17 -24.23 19.34
N GLY A 1363 19.90 -23.93 19.60
CA GLY A 1363 19.55 -22.72 20.32
C GLY A 1363 19.09 -22.96 21.75
N ASP A 1364 19.39 -24.14 22.29
CA ASP A 1364 19.01 -24.49 23.65
C ASP A 1364 20.16 -24.23 24.61
N LEU A 1365 19.80 -23.87 25.85
CA LEU A 1365 20.80 -23.51 26.84
C LEU A 1365 21.71 -24.70 27.16
N VAL A 1366 23.01 -24.45 27.17
CA VAL A 1366 23.99 -25.48 27.50
C VAL A 1366 24.62 -25.27 28.87
N TYR A 1367 24.76 -24.02 29.34
CA TYR A 1367 25.19 -23.76 30.71
C TYR A 1367 24.75 -22.36 31.10
N VAL A 1368 24.75 -22.11 32.42
CA VAL A 1368 24.38 -20.82 32.99
C VAL A 1368 25.47 -20.42 33.96
N MET A 1369 26.30 -19.46 33.56
CA MET A 1369 27.44 -19.01 34.35
C MET A 1369 27.05 -17.74 35.11
N TYR A 1370 27.18 -17.78 36.44
CA TYR A 1370 26.86 -16.62 37.26
C TYR A 1370 28.08 -15.73 37.41
N THR A 1371 27.82 -14.43 37.56
CA THR A 1371 28.89 -13.44 37.67
C THR A 1371 28.93 -12.82 39.07
N GLY A 1376 28.08 -6.33 43.98
CA GLY A 1376 27.14 -6.50 42.88
C GLY A 1376 26.57 -7.90 42.81
N LYS A 1377 25.28 -8.03 43.10
CA LYS A 1377 24.59 -9.31 43.14
C LYS A 1377 24.79 -10.06 41.82
N PRO A 1378 25.34 -11.27 41.85
CA PRO A 1378 25.60 -11.98 40.58
C PRO A 1378 24.36 -12.18 39.74
N LYS A 1379 24.57 -12.31 38.43
CA LYS A 1379 23.50 -12.52 37.47
C LYS A 1379 23.82 -13.75 36.63
N GLY A 1380 22.78 -14.43 36.18
CA GLY A 1380 22.95 -15.67 35.45
C GLY A 1380 23.07 -15.48 33.94
N VAL A 1381 24.27 -15.70 33.41
CA VAL A 1381 24.50 -15.58 31.98
C VAL A 1381 24.10 -16.91 31.32
N MET A 1382 23.05 -16.86 30.50
CA MET A 1382 22.54 -18.05 29.83
C MET A 1382 23.25 -18.22 28.48
N ILE A 1383 23.90 -19.37 28.30
CA ILE A 1383 24.64 -19.66 27.08
C ILE A 1383 23.95 -20.81 26.35
N GLU A 1384 23.74 -20.62 25.05
CA GLU A 1384 23.12 -21.63 24.21
C GLU A 1384 24.17 -22.57 23.63
N HIS A 1385 23.70 -23.62 22.96
CA HIS A 1385 24.60 -24.62 22.38
C HIS A 1385 25.41 -24.04 21.24
N GLY A 1386 24.73 -23.63 20.16
CA GLY A 1386 25.43 -23.13 18.99
C GLY A 1386 26.37 -21.99 19.29
N ALA A 1387 26.10 -21.24 20.37
CA ALA A 1387 27.04 -20.23 20.83
C ALA A 1387 28.35 -20.88 21.29
N LEU A 1388 28.25 -21.89 22.16
CA LEU A 1388 29.43 -22.61 22.61
C LEU A 1388 30.10 -23.35 21.44
N LEU A 1389 29.31 -23.86 20.51
CA LEU A 1389 29.88 -24.58 19.37
C LEU A 1389 30.73 -23.66 18.49
N ASN A 1390 30.38 -22.37 18.44
CA ASN A 1390 31.10 -21.45 17.58
C ASN A 1390 32.45 -21.06 18.17
N VAL A 1391 32.50 -20.80 19.48
CA VAL A 1391 33.77 -20.47 20.12
C VAL A 1391 34.67 -21.70 20.18
N LEU A 1392 34.09 -22.89 20.32
CA LEU A 1392 34.89 -24.11 20.32
C LEU A 1392 35.48 -24.39 18.94
N HIS A 1393 34.64 -24.29 17.90
CA HIS A 1393 35.15 -24.51 16.54
C HIS A 1393 36.18 -23.46 16.17
N GLY A 1394 35.98 -22.21 16.58
CA GLY A 1394 36.93 -21.17 16.26
C GLY A 1394 38.27 -21.37 16.96
N MET A 1395 38.22 -21.70 18.26
CA MET A 1395 39.46 -21.99 18.98
C MET A 1395 40.12 -23.26 18.44
N GLN A 1396 39.31 -24.24 18.04
CA GLN A 1396 39.88 -25.45 17.44
C GLN A 1396 40.46 -25.15 16.05
N ASP A 1397 39.86 -24.21 15.32
CA ASP A 1397 40.40 -23.87 14.01
C ASP A 1397 41.67 -23.05 14.14
N GLU A 1398 41.83 -22.35 15.27
CA GLU A 1398 42.99 -21.49 15.49
C GLU A 1398 44.07 -22.18 16.31
N TYR A 1399 43.70 -22.80 17.43
CA TYR A 1399 44.63 -23.55 18.28
C TYR A 1399 44.15 -25.00 18.30
N PRO A 1400 44.47 -25.77 17.27
CA PRO A 1400 43.88 -27.12 17.16
C PRO A 1400 44.40 -28.08 18.21
N LEU A 1401 43.49 -28.84 18.79
CA LEU A 1401 43.81 -29.96 19.68
C LEU A 1401 43.42 -31.23 18.95
N LEU A 1402 44.42 -32.01 18.55
CA LEU A 1402 44.21 -33.23 17.78
C LEU A 1402 44.22 -34.42 18.73
N GLN A 1403 44.33 -35.62 18.15
CA GLN A 1403 44.23 -36.84 18.96
C GLN A 1403 45.42 -36.98 19.90
N ASP A 1404 46.63 -36.75 19.40
CA ASP A 1404 47.83 -36.90 20.23
C ASP A 1404 48.04 -35.73 21.21
N ASP A 1405 47.05 -34.86 21.42
CA ASP A 1405 47.19 -33.66 22.24
C ASP A 1405 46.25 -33.74 23.43
N ALA A 1406 46.40 -32.79 24.36
CA ALA A 1406 45.66 -32.85 25.62
C ALA A 1406 45.48 -31.45 26.19
N PHE A 1407 44.57 -31.35 27.15
CA PHE A 1407 44.25 -30.14 27.89
C PHE A 1407 44.46 -30.40 29.38
N LEU A 1408 44.39 -29.34 30.19
CA LEU A 1408 44.47 -29.44 31.63
C LEU A 1408 43.30 -28.70 32.25
N LEU A 1409 42.49 -29.40 33.04
CA LEU A 1409 41.41 -28.77 33.78
C LEU A 1409 42.00 -28.17 35.04
N LYS A 1410 42.25 -26.87 35.01
CA LYS A 1410 42.81 -26.15 36.14
C LYS A 1410 42.00 -24.93 36.56
N THR A 1411 41.12 -24.42 35.69
CA THR A 1411 40.27 -23.29 36.01
C THR A 1411 39.01 -23.76 36.72
N THR A 1412 38.54 -22.95 37.66
CA THR A 1412 37.35 -23.31 38.43
C THR A 1412 36.12 -23.32 37.52
N TYR A 1413 35.21 -24.27 37.77
CA TYR A 1413 34.08 -24.37 36.87
C TYR A 1413 33.06 -23.24 37.04
N ILE A 1414 33.25 -22.35 38.00
CA ILE A 1414 32.44 -21.13 38.11
C ILE A 1414 33.06 -20.03 37.26
N PHE A 1415 33.99 -20.39 36.38
CA PHE A 1415 34.60 -19.46 35.45
C PHE A 1415 34.47 -20.00 34.04
N ASP A 1416 34.13 -19.11 33.09
CA ASP A 1416 33.83 -19.56 31.74
C ASP A 1416 35.05 -20.15 31.04
N ILE A 1417 36.25 -19.75 31.43
CA ILE A 1417 37.46 -20.29 30.81
C ILE A 1417 37.52 -21.80 31.00
N SER A 1418 37.01 -22.31 32.13
CA SER A 1418 37.00 -23.75 32.36
C SER A 1418 36.23 -24.50 31.27
N VAL A 1419 35.16 -23.89 30.74
CA VAL A 1419 34.36 -24.55 29.72
C VAL A 1419 35.18 -24.84 28.48
N ALA A 1420 36.15 -23.98 28.15
CA ALA A 1420 37.02 -24.24 27.02
C ALA A 1420 37.94 -25.42 27.27
N GLU A 1421 38.14 -25.81 28.53
CA GLU A 1421 38.90 -27.00 28.87
C GLU A 1421 38.03 -28.22 29.03
N ILE A 1422 36.80 -28.03 29.51
CA ILE A 1422 35.86 -29.13 29.67
C ILE A 1422 35.50 -29.73 28.30
N PHE A 1423 35.41 -28.89 27.28
CA PHE A 1423 34.99 -29.33 25.95
C PHE A 1423 36.03 -29.12 24.87
N GLY A 1424 37.20 -28.55 25.19
CA GLY A 1424 38.18 -28.24 24.17
C GLY A 1424 38.84 -29.47 23.57
N TRP A 1425 38.73 -30.62 24.22
CA TRP A 1425 39.34 -31.84 23.72
C TRP A 1425 38.39 -32.67 22.86
N VAL A 1426 37.08 -32.45 22.98
CA VAL A 1426 36.11 -33.28 22.24
C VAL A 1426 36.25 -33.10 20.73
N PRO A 1427 36.34 -31.89 20.18
CA PRO A 1427 36.68 -31.77 18.76
C PRO A 1427 38.15 -32.07 18.54
N GLY A 1428 38.42 -33.10 17.74
CA GLY A 1428 39.78 -33.54 17.49
C GLY A 1428 40.14 -34.83 18.20
N ARG A 1429 39.30 -35.27 19.13
CA ARG A 1429 39.47 -36.56 19.81
C ARG A 1429 40.75 -36.61 20.65
N GLY A 1430 40.94 -35.67 21.56
CA GLY A 1430 42.07 -35.69 22.48
C GLY A 1430 41.70 -36.24 23.84
N LYS A 1431 42.38 -35.75 24.87
CA LYS A 1431 42.08 -36.15 26.24
C LYS A 1431 42.13 -34.93 27.14
N LEU A 1432 41.48 -35.04 28.29
CA LEU A 1432 41.48 -33.98 29.30
C LEU A 1432 42.14 -34.52 30.56
N VAL A 1433 43.32 -34.00 30.88
CA VAL A 1433 43.97 -34.32 32.15
C VAL A 1433 43.35 -33.44 33.22
N ILE A 1434 42.75 -34.06 34.22
CA ILE A 1434 42.06 -33.34 35.30
C ILE A 1434 43.06 -33.11 36.42
N LEU A 1435 43.47 -31.86 36.61
CA LEU A 1435 44.39 -31.53 37.68
C LEU A 1435 43.73 -31.77 39.04
N GLU A 1436 44.52 -32.24 39.99
CA GLU A 1436 44.01 -32.49 41.33
C GLU A 1436 43.42 -31.21 41.92
N PRO A 1437 42.33 -31.30 42.68
CA PRO A 1437 41.77 -30.10 43.32
C PRO A 1437 42.83 -29.38 44.15
N GLU A 1438 42.77 -28.05 44.13
CA GLU A 1438 43.66 -27.12 44.82
C GLU A 1438 45.08 -27.13 44.28
N ALA A 1439 45.38 -27.97 43.29
CA ALA A 1439 46.73 -27.99 42.72
C ALA A 1439 46.97 -26.87 41.73
N GLU A 1440 45.97 -26.04 41.44
CA GLU A 1440 46.18 -24.91 40.54
C GLU A 1440 47.11 -23.87 41.13
N LYS A 1441 47.32 -23.89 42.44
CA LYS A 1441 48.19 -22.94 43.12
C LYS A 1441 49.61 -23.45 43.28
N ASN A 1442 49.88 -24.69 42.90
CA ASN A 1442 51.22 -25.27 43.00
C ASN A 1442 51.80 -25.42 41.60
N PRO A 1443 52.70 -24.53 41.18
CA PRO A 1443 53.29 -24.68 39.83
C PRO A 1443 54.07 -25.97 39.65
N LYS A 1444 54.53 -26.59 40.74
CA LYS A 1444 55.18 -27.89 40.62
C LYS A 1444 54.19 -28.95 40.14
N ALA A 1445 53.03 -29.05 40.79
CA ALA A 1445 52.03 -30.03 40.39
C ALA A 1445 51.50 -29.73 39.00
N ILE A 1446 51.38 -28.46 38.65
CA ILE A 1446 50.97 -28.10 37.29
C ILE A 1446 52.00 -28.62 36.29
N TRP A 1447 53.28 -28.29 36.50
CA TRP A 1447 54.32 -28.71 35.58
C TRP A 1447 54.40 -30.23 35.51
N GLN A 1448 54.35 -30.91 36.65
CA GLN A 1448 54.36 -32.38 36.66
C GLN A 1448 53.31 -32.95 35.72
N ALA A 1449 52.16 -32.27 35.60
CA ALA A 1449 51.09 -32.77 34.74
C ALA A 1449 51.46 -32.64 33.26
N VAL A 1450 51.93 -31.46 32.85
CA VAL A 1450 52.21 -31.24 31.43
C VAL A 1450 53.36 -32.12 30.97
N VAL A 1451 54.35 -32.34 31.84
CA VAL A 1451 55.48 -33.18 31.45
C VAL A 1451 55.05 -34.65 31.37
N GLY A 1452 54.27 -35.10 32.34
CA GLY A 1452 53.88 -36.50 32.41
C GLY A 1452 52.82 -36.90 31.40
N ALA A 1453 51.79 -36.09 31.26
CA ALA A 1453 50.68 -36.40 30.37
C ALA A 1453 50.85 -35.83 28.97
N GLY A 1454 51.83 -34.97 28.75
CA GLY A 1454 52.02 -34.36 27.45
C GLY A 1454 50.98 -33.30 27.13
N ILE A 1455 50.71 -32.40 28.07
CA ILE A 1455 49.67 -31.39 27.90
C ILE A 1455 50.16 -30.35 26.90
N THR A 1456 49.41 -30.17 25.81
CA THR A 1456 49.76 -29.22 24.76
C THR A 1456 48.95 -27.94 24.84
N HIS A 1457 47.81 -27.94 25.50
CA HIS A 1457 46.97 -26.77 25.66
C HIS A 1457 46.78 -26.48 27.14
N ILE A 1458 47.17 -25.29 27.57
CA ILE A 1458 47.00 -24.89 28.96
C ILE A 1458 46.52 -23.43 28.98
N ASN A 1459 45.62 -23.13 29.92
CA ASN A 1459 45.08 -21.80 30.11
C ASN A 1459 45.62 -21.23 31.41
N PHE A 1460 46.08 -20.00 31.37
CA PHE A 1460 46.65 -19.36 32.54
C PHE A 1460 46.14 -17.92 32.66
N VAL A 1461 45.80 -17.53 33.86
CA VAL A 1461 45.58 -16.11 34.16
C VAL A 1461 46.94 -15.42 34.28
N PRO A 1462 47.13 -14.26 33.64
CA PRO A 1462 48.45 -13.61 33.67
C PRO A 1462 49.08 -13.48 35.05
N SER A 1463 48.27 -13.30 36.10
CA SER A 1463 48.84 -13.21 37.45
C SER A 1463 49.46 -14.54 37.88
N MET A 1464 48.82 -15.66 37.52
CA MET A 1464 49.29 -16.97 37.89
C MET A 1464 50.33 -17.53 36.93
N LEU A 1465 50.50 -16.93 35.75
CA LEU A 1465 51.55 -17.34 34.85
C LEU A 1465 52.93 -16.88 35.31
N ILE A 1466 52.99 -15.87 36.17
CA ILE A 1466 54.25 -15.36 36.71
C ILE A 1466 54.88 -16.40 37.63
N PRO A 1467 54.15 -16.97 38.61
CA PRO A 1467 54.76 -18.07 39.40
C PRO A 1467 55.06 -19.30 38.57
N PHE A 1468 54.38 -19.48 37.43
CA PHE A 1468 54.67 -20.61 36.56
C PHE A 1468 55.86 -20.34 35.64
N VAL A 1469 56.09 -19.08 35.29
CA VAL A 1469 57.31 -18.71 34.57
C VAL A 1469 58.52 -18.84 35.49
N GLU A 1470 58.40 -18.32 36.71
CA GLU A 1470 59.30 -18.74 37.77
C GLU A 1470 59.12 -20.24 38.01
N TYR A 1471 59.99 -20.81 38.85
CA TYR A 1471 60.06 -22.26 39.04
C TYR A 1471 60.55 -22.92 37.75
N LEU A 1472 59.84 -22.74 36.64
CA LEU A 1472 60.32 -23.19 35.34
C LEU A 1472 61.64 -22.56 34.96
N GLU A 1473 62.03 -21.45 35.61
CA GLU A 1473 63.35 -20.86 35.45
C GLU A 1473 64.39 -21.79 36.06
N GLY A 1474 65.08 -22.56 35.22
CA GLY A 1474 66.06 -23.52 35.69
C GLY A 1474 65.71 -24.94 35.31
N ARG A 1475 64.43 -25.28 35.41
CA ARG A 1475 63.98 -26.61 35.04
C ARG A 1475 64.22 -26.86 33.55
N THR A 1476 64.60 -28.08 33.21
CA THR A 1476 64.88 -28.45 31.83
C THR A 1476 64.08 -29.69 31.39
N GLU A 1477 63.04 -30.06 32.14
CA GLU A 1477 62.23 -31.20 31.76
C GLU A 1477 61.59 -30.98 30.40
N ALA A 1478 61.59 -32.03 29.58
CA ALA A 1478 61.02 -31.93 28.24
C ALA A 1478 59.54 -31.62 28.31
N ASN A 1479 59.03 -30.98 27.26
CA ASN A 1479 57.65 -30.52 27.26
C ASN A 1479 57.02 -30.78 25.90
N ARG A 1480 55.70 -30.95 25.90
CA ARG A 1480 54.90 -31.00 24.69
C ARG A 1480 54.02 -29.77 24.54
N LEU A 1481 54.13 -28.80 25.44
CA LEU A 1481 53.25 -27.63 25.41
C LEU A 1481 53.39 -26.86 24.11
N ARG A 1482 52.26 -26.36 23.63
CA ARG A 1482 52.19 -25.73 22.31
C ARG A 1482 51.54 -24.35 22.43
N TYR A 1483 50.56 -24.23 23.32
CA TYR A 1483 49.80 -23.01 23.48
C TYR A 1483 49.60 -22.70 24.95
N ILE A 1484 49.99 -21.49 25.36
CA ILE A 1484 49.63 -20.95 26.66
C ILE A 1484 48.64 -19.81 26.40
N LEU A 1485 47.35 -20.11 26.52
CA LEU A 1485 46.30 -19.13 26.25
C LEU A 1485 46.04 -18.31 27.50
N ALA A 1486 46.25 -17.01 27.42
CA ALA A 1486 46.12 -16.11 28.56
C ALA A 1486 44.83 -15.31 28.48
N CYS A 1487 44.14 -15.20 29.60
CA CYS A 1487 42.89 -14.45 29.69
C CYS A 1487 42.55 -14.28 31.17
N GLY A 1488 41.75 -13.24 31.45
CA GLY A 1488 41.28 -12.93 32.78
C GLY A 1488 41.71 -11.56 33.27
N GLU A 1489 42.82 -11.05 32.76
CA GLU A 1489 43.33 -9.75 33.16
C GLU A 1489 44.32 -9.28 32.11
N ALA A 1490 44.75 -8.02 32.25
CA ALA A 1490 45.70 -7.45 31.30
C ALA A 1490 47.05 -8.15 31.43
N MET A 1491 47.65 -8.45 30.29
CA MET A 1491 48.93 -9.14 30.30
C MET A 1491 50.06 -8.12 30.51
N PRO A 1492 50.96 -8.37 31.46
CA PRO A 1492 52.12 -7.48 31.61
C PRO A 1492 53.02 -7.54 30.39
N ASP A 1493 53.47 -6.38 29.94
CA ASP A 1493 54.39 -6.33 28.80
C ASP A 1493 55.70 -7.05 29.09
N GLU A 1494 56.06 -7.20 30.37
CA GLU A 1494 57.30 -7.86 30.74
C GLU A 1494 57.18 -9.38 30.74
N LEU A 1495 55.97 -9.93 30.75
CA LEU A 1495 55.79 -11.37 30.84
C LEU A 1495 56.06 -12.06 29.51
N VAL A 1496 55.87 -11.35 28.39
CA VAL A 1496 56.08 -11.97 27.07
C VAL A 1496 57.50 -12.50 26.92
N PRO A 1497 58.56 -11.74 27.20
CA PRO A 1497 59.90 -12.33 27.12
C PRO A 1497 60.17 -13.35 28.21
N LYS A 1498 59.61 -13.17 29.41
CA LYS A 1498 59.83 -14.16 30.47
C LYS A 1498 59.22 -15.51 30.11
N VAL A 1499 58.06 -15.51 29.44
CA VAL A 1499 57.44 -16.76 29.01
C VAL A 1499 58.30 -17.46 27.97
N TYR A 1500 58.64 -16.75 26.89
CA TYR A 1500 59.41 -17.35 25.81
C TYR A 1500 60.81 -17.76 26.25
N GLU A 1501 61.32 -17.19 27.34
CA GLU A 1501 62.64 -17.59 27.82
C GLU A 1501 62.59 -18.94 28.51
N VAL A 1502 61.66 -19.12 29.46
CA VAL A 1502 61.59 -20.36 30.21
C VAL A 1502 61.03 -21.50 29.36
N LEU A 1503 60.19 -21.16 28.39
CA LEU A 1503 59.52 -22.18 27.56
C LEU A 1503 59.52 -21.73 26.11
N PRO A 1504 60.64 -21.89 25.41
CA PRO A 1504 60.64 -21.66 23.97
C PRO A 1504 59.74 -22.65 23.26
N GLU A 1505 59.44 -22.35 22.00
CA GLU A 1505 58.57 -23.16 21.14
C GLU A 1505 57.11 -23.08 21.61
N VAL A 1506 56.86 -22.51 22.78
CA VAL A 1506 55.47 -22.29 23.15
C VAL A 1506 54.97 -21.05 22.42
N LYS A 1507 53.65 -20.98 22.22
CA LYS A 1507 53.03 -19.85 21.53
C LYS A 1507 52.13 -19.13 22.53
N LEU A 1508 52.63 -18.03 23.09
CA LEU A 1508 51.84 -17.25 24.03
C LEU A 1508 50.79 -16.44 23.28
N GLU A 1509 49.54 -16.58 23.71
CA GLU A 1509 48.41 -15.90 23.07
C GLU A 1509 47.57 -15.23 24.13
N ASN A 1510 47.26 -13.96 23.92
CA ASN A 1510 46.41 -13.20 24.83
C ASN A 1510 44.99 -13.22 24.29
N ILE A 1511 44.06 -13.77 25.07
CA ILE A 1511 42.68 -13.90 24.66
C ILE A 1511 41.80 -13.01 25.54
N TYR A 1512 40.72 -12.51 24.96
CA TYR A 1512 39.77 -11.66 25.67
C TYR A 1512 38.35 -12.09 25.32
N GLY A 1513 37.45 -11.96 26.29
CA GLY A 1513 36.07 -12.28 26.09
C GLY A 1513 35.25 -12.24 27.37
N PRO A 1514 34.15 -11.51 27.34
CA PRO A 1514 33.25 -11.50 28.51
C PRO A 1514 32.46 -12.80 28.58
N THR A 1515 31.88 -13.03 29.77
CA THR A 1515 31.07 -14.22 29.96
C THR A 1515 29.81 -14.18 29.09
N GLU A 1516 29.31 -12.97 28.79
CA GLU A 1516 28.14 -12.80 27.95
C GLU A 1516 28.43 -13.05 26.47
N ALA A 1517 29.66 -13.40 26.11
CA ALA A 1517 29.98 -13.82 24.76
C ALA A 1517 30.62 -15.21 24.81
N THR A 1518 29.90 -16.16 25.42
CA THR A 1518 30.41 -17.50 25.75
C THR A 1518 31.65 -17.40 26.62
N ILE A 1519 32.83 -17.61 26.03
CA ILE A 1519 34.07 -17.72 26.77
C ILE A 1519 35.08 -16.66 26.32
N TYR A 1520 35.27 -16.53 25.02
CA TYR A 1520 36.23 -15.58 24.45
C TYR A 1520 35.54 -14.77 23.36
N ALA A 1521 36.32 -13.90 22.72
CA ALA A 1521 35.80 -13.04 21.66
C ALA A 1521 36.91 -12.52 20.76
N SER A 1522 38.06 -12.20 21.34
CA SER A 1522 39.20 -11.69 20.58
C SER A 1522 40.47 -12.39 21.02
N ARG A 1523 41.48 -12.34 20.15
CA ARG A 1523 42.74 -13.01 20.40
C ARG A 1523 43.86 -12.25 19.71
N TYR A 1524 45.04 -12.27 20.31
CA TYR A 1524 46.22 -11.66 19.73
C TYR A 1524 47.42 -12.57 19.97
N SER A 1525 48.11 -12.95 18.90
CA SER A 1525 49.22 -13.90 18.97
C SER A 1525 50.51 -13.13 19.25
N LEU A 1526 51.07 -13.33 20.43
CA LEU A 1526 52.34 -12.72 20.77
C LEU A 1526 53.48 -13.51 20.13
N ALA A 1527 54.52 -12.80 19.72
CA ALA A 1527 55.69 -13.40 19.10
C ALA A 1527 56.93 -13.13 19.94
N LYS A 1528 57.99 -13.87 19.65
CA LYS A 1528 59.25 -13.73 20.37
C LYS A 1528 59.93 -12.38 20.14
N GLY A 1529 59.44 -11.59 19.19
CA GLY A 1529 59.97 -10.24 19.03
C GLY A 1529 59.90 -9.42 20.30
N SER A 1530 58.81 -9.59 21.06
CA SER A 1530 58.64 -8.96 22.38
C SER A 1530 58.82 -7.44 22.32
N GLN A 1531 57.92 -6.81 21.56
CA GLN A 1531 58.00 -5.39 21.25
C GLN A 1531 56.65 -4.68 21.42
N GLU A 1532 55.63 -5.40 21.90
CA GLU A 1532 54.28 -4.87 21.99
C GLU A 1532 54.06 -4.35 23.40
N SER A 1533 54.03 -3.03 23.55
CA SER A 1533 53.72 -2.39 24.81
C SER A 1533 52.21 -2.34 25.07
N PRO A 1534 51.37 -2.02 24.07
CA PRO A 1534 49.92 -2.05 24.34
C PRO A 1534 49.41 -3.41 24.77
N VAL A 1535 50.04 -4.48 24.32
CA VAL A 1535 49.57 -5.86 24.53
C VAL A 1535 48.11 -5.93 24.12
N PRO A 1536 47.81 -5.98 22.82
CA PRO A 1536 46.42 -5.91 22.37
C PRO A 1536 45.62 -7.12 22.79
N ILE A 1537 44.32 -6.90 22.99
CA ILE A 1537 43.41 -8.02 23.18
C ILE A 1537 43.11 -8.71 21.87
N GLY A 1538 43.34 -8.04 20.74
CA GLY A 1538 43.35 -8.67 19.44
C GLY A 1538 42.16 -8.29 18.59
N LYS A 1539 41.97 -9.06 17.53
CA LYS A 1539 40.87 -8.98 16.58
C LYS A 1539 39.84 -10.07 16.87
N PRO A 1540 38.60 -9.89 16.43
CA PRO A 1540 37.55 -10.87 16.76
C PRO A 1540 37.83 -12.25 16.18
N LEU A 1541 37.27 -13.25 16.84
CA LEU A 1541 37.43 -14.66 16.46
C LEU A 1541 36.43 -14.98 15.34
N PRO A 1542 36.47 -16.19 14.79
CA PRO A 1542 35.50 -16.57 13.75
C PRO A 1542 34.06 -16.31 14.17
N ASN A 1543 33.29 -15.73 13.24
CA ASN A 1543 31.89 -15.38 13.45
C ASN A 1543 31.69 -14.50 14.68
N TYR A 1544 32.72 -13.73 15.04
CA TYR A 1544 32.64 -12.69 16.05
C TYR A 1544 32.79 -11.34 15.36
N ARG A 1545 32.10 -10.33 15.90
CA ARG A 1545 32.23 -8.97 15.41
C ARG A 1545 32.25 -8.03 16.60
N MET A 1546 33.25 -7.15 16.65
CA MET A 1546 33.44 -6.23 17.75
C MET A 1546 33.29 -4.79 17.26
N TYR A 1547 32.74 -3.95 18.13
CA TYR A 1547 32.51 -2.54 17.81
C TYR A 1547 32.88 -1.69 19.01
N ILE A 1548 33.54 -0.56 18.74
CA ILE A 1548 33.87 0.43 19.76
C ILE A 1548 33.03 1.66 19.46
N ILE A 1549 32.14 2.02 20.40
CA ILE A 1549 31.17 3.08 20.18
C ILE A 1549 31.39 4.20 21.21
N ASN A 1550 30.79 5.35 20.94
CA ASN A 1550 30.90 6.52 21.79
C ASN A 1550 29.67 6.63 22.68
N ARG A 1551 29.55 7.77 23.37
CA ARG A 1551 28.41 7.99 24.27
C ARG A 1551 27.10 8.24 23.53
N HIS A 1552 27.13 8.34 22.21
CA HIS A 1552 25.92 8.55 21.42
C HIS A 1552 25.63 7.40 20.46
N GLY A 1553 26.41 6.33 20.50
CA GLY A 1553 26.15 5.15 19.71
C GLY A 1553 26.84 5.10 18.36
N GLN A 1554 27.83 5.94 18.12
CA GLN A 1554 28.53 5.99 16.84
C GLN A 1554 29.84 5.23 16.92
N LEU A 1555 30.21 4.59 15.81
CA LEU A 1555 31.46 3.85 15.74
C LEU A 1555 32.64 4.81 15.87
N GLN A 1556 33.55 4.50 16.80
CA GLN A 1556 34.72 5.35 16.99
C GLN A 1556 35.80 5.01 15.97
N PRO A 1557 36.52 6.00 15.47
CA PRO A 1557 37.61 5.74 14.52
C PRO A 1557 38.83 5.18 15.25
N ILE A 1558 39.87 4.91 14.46
CA ILE A 1558 41.11 4.36 15.01
C ILE A 1558 41.73 5.35 15.99
N GLY A 1559 42.16 4.85 17.14
CA GLY A 1559 42.81 5.65 18.15
C GLY A 1559 41.88 6.31 19.15
N VAL A 1560 40.65 6.61 18.74
CA VAL A 1560 39.70 7.26 19.65
C VAL A 1560 39.07 6.21 20.55
N PRO A 1561 39.07 6.41 21.87
CA PRO A 1561 38.56 5.40 22.77
C PRO A 1561 37.03 5.40 22.86
N GLY A 1562 36.50 4.25 23.25
CA GLY A 1562 35.07 4.11 23.42
C GLY A 1562 34.76 2.81 24.13
N GLU A 1563 33.48 2.47 24.16
CA GLU A 1563 33.01 1.24 24.81
C GLU A 1563 33.05 0.09 23.82
N LEU A 1564 33.74 -0.98 24.19
CA LEU A 1564 33.77 -2.17 23.35
C LEU A 1564 32.42 -2.88 23.40
N CYS A 1565 31.97 -3.35 22.25
CA CYS A 1565 30.70 -4.06 22.13
C CYS A 1565 30.90 -5.28 21.26
N ILE A 1566 30.17 -6.35 21.58
CA ILE A 1566 30.33 -7.64 20.92
C ILE A 1566 29.07 -7.98 20.15
N ALA A 1567 29.25 -8.74 19.08
CA ALA A 1567 28.14 -9.20 18.25
C ALA A 1567 28.57 -10.47 17.52
N GLY A 1568 27.61 -11.33 17.23
CA GLY A 1568 27.88 -12.53 16.47
C GLY A 1568 27.03 -13.69 16.96
N ALA A 1569 27.44 -14.89 16.56
CA ALA A 1569 26.69 -16.10 16.87
C ALA A 1569 26.87 -16.53 18.32
N SER A 1570 28.08 -16.41 18.86
CA SER A 1570 28.39 -16.84 20.23
C SER A 1570 27.99 -15.80 21.27
N LEU A 1571 26.90 -15.05 21.04
CA LEU A 1571 26.39 -14.10 22.02
C LEU A 1571 25.39 -14.79 22.93
N ALA A 1572 25.33 -14.33 24.18
CA ALA A 1572 24.49 -14.97 25.18
C ALA A 1572 23.02 -14.66 24.92
N ARG A 1573 22.14 -15.58 25.36
CA ARG A 1573 20.71 -15.37 25.20
C ARG A 1573 20.21 -14.26 26.11
N GLY A 1574 20.85 -14.05 27.24
CA GLY A 1574 20.47 -12.99 28.15
C GLY A 1574 20.70 -13.40 29.59
N TYR A 1575 20.40 -12.47 30.49
CA TYR A 1575 20.51 -12.72 31.92
C TYR A 1575 19.27 -13.43 32.42
N LEU A 1576 19.46 -14.38 33.33
CA LEU A 1576 18.36 -15.18 33.86
C LEU A 1576 17.54 -14.36 34.85
N ASN A 1577 16.23 -14.31 34.62
CA ASN A 1577 15.30 -13.59 35.51
C ASN A 1577 15.69 -12.13 35.67
N ASN A 1578 16.20 -11.53 34.60
CA ASN A 1578 16.58 -10.11 34.60
C ASN A 1578 16.45 -9.57 33.18
N PRO A 1579 15.21 -9.36 32.71
CA PRO A 1579 15.04 -8.79 31.37
C PRO A 1579 15.45 -7.33 31.30
N ALA A 1580 15.40 -6.60 32.41
CA ALA A 1580 15.82 -5.21 32.41
C ALA A 1580 17.32 -5.09 32.11
N LEU A 1581 18.13 -5.90 32.79
CA LEU A 1581 19.56 -5.91 32.51
C LEU A 1581 19.85 -6.50 31.13
N THR A 1582 19.03 -7.46 30.69
CA THR A 1582 19.20 -8.01 29.35
C THR A 1582 18.91 -6.96 28.29
N GLU A 1583 17.93 -6.08 28.53
CA GLU A 1583 17.65 -4.99 27.60
C GLU A 1583 18.65 -3.86 27.70
N GLU A 1584 19.35 -3.72 28.84
CA GLU A 1584 20.34 -2.65 28.99
C GLU A 1584 21.65 -3.01 28.32
N LYS A 1585 22.10 -4.26 28.48
CA LYS A 1585 23.42 -4.66 28.00
C LYS A 1585 23.38 -5.37 26.65
N PHE A 1586 22.22 -5.90 26.24
CA PHE A 1586 22.05 -6.52 24.93
C PHE A 1586 21.04 -5.67 24.16
N THR A 1587 21.56 -4.73 23.35
CA THR A 1587 20.70 -3.78 22.67
C THR A 1587 20.81 -3.95 21.15
N PRO A 1588 19.72 -3.75 20.43
CA PRO A 1588 19.82 -3.70 18.97
C PRO A 1588 20.51 -2.43 18.50
N HIS A 1589 21.28 -2.56 17.42
CA HIS A 1589 22.08 -1.45 16.93
C HIS A 1589 22.06 -1.44 15.41
N PRO A 1590 22.09 -0.25 14.80
CA PRO A 1590 22.15 -0.19 13.33
C PRO A 1590 23.41 -0.79 12.73
N LEU A 1591 24.48 -0.94 13.52
CA LEU A 1591 25.69 -1.58 13.02
C LEU A 1591 25.43 -3.04 12.67
N GLU A 1592 24.58 -3.71 13.44
CA GLU A 1592 24.23 -5.10 13.20
C GLU A 1592 22.91 -5.24 12.46
N LYS A 1593 22.32 -4.14 12.01
CA LYS A 1593 21.06 -4.14 11.25
C LYS A 1593 19.93 -4.77 12.08
N GLY A 1594 19.66 -4.16 13.22
CA GLY A 1594 18.62 -4.63 14.12
C GLY A 1594 19.04 -5.76 15.04
N GLU A 1595 20.13 -6.47 14.72
CA GLU A 1595 20.62 -7.51 15.61
C GLU A 1595 21.24 -6.88 16.86
N ARG A 1596 21.42 -7.71 17.88
CA ARG A 1596 21.85 -7.20 19.18
C ARG A 1596 23.36 -7.04 19.26
N ILE A 1597 23.79 -6.24 20.23
CA ILE A 1597 25.20 -6.10 20.61
C ILE A 1597 25.27 -6.07 22.13
N TYR A 1598 26.36 -6.62 22.66
CA TYR A 1598 26.57 -6.65 24.11
C TYR A 1598 27.49 -5.50 24.51
N ARG A 1599 27.00 -4.65 25.41
CA ARG A 1599 27.81 -3.56 25.95
C ARG A 1599 28.74 -4.12 27.02
N THR A 1600 30.03 -4.19 26.71
CA THR A 1600 30.98 -4.77 27.66
C THR A 1600 31.14 -3.89 28.90
N GLY A 1601 31.04 -2.58 28.75
CA GLY A 1601 31.41 -1.67 29.82
C GLY A 1601 32.89 -1.46 29.96
N ASP A 1602 33.69 -1.97 29.02
CA ASP A 1602 35.14 -1.82 29.05
C ASP A 1602 35.54 -0.82 27.98
N LEU A 1603 36.44 0.10 28.34
CA LEU A 1603 36.96 1.07 27.39
C LEU A 1603 38.00 0.40 26.49
N ALA A 1604 37.97 0.75 25.21
CA ALA A 1604 38.86 0.13 24.24
C ALA A 1604 39.11 1.10 23.09
N ARG A 1605 40.23 0.89 22.40
CA ARG A 1605 40.62 1.72 21.28
C ARG A 1605 41.00 0.83 20.11
N TYR A 1606 40.70 1.31 18.91
CA TYR A 1606 41.14 0.65 17.69
C TYR A 1606 42.57 1.05 17.36
N ARG A 1607 43.35 0.08 16.91
CA ARG A 1607 44.72 0.29 16.48
C ARG A 1607 44.78 0.20 14.96
N GLU A 1608 45.81 0.83 14.37
CA GLU A 1608 45.95 0.83 12.91
C GLU A 1608 45.96 -0.59 12.36
N ASP A 1609 46.68 -1.51 13.01
CA ASP A 1609 46.58 -2.92 12.65
C ASP A 1609 45.13 -3.39 12.59
N GLY A 1610 44.29 -2.89 13.50
CA GLY A 1610 42.97 -3.44 13.73
C GLY A 1610 42.79 -4.10 15.08
N ASN A 1611 43.88 -4.47 15.75
CA ASN A 1611 43.78 -5.11 17.05
C ASN A 1611 43.28 -4.13 18.10
N ILE A 1612 42.39 -4.60 18.95
CA ILE A 1612 41.77 -3.77 19.98
C ILE A 1612 42.65 -3.77 21.21
N GLU A 1613 42.66 -2.66 21.93
CA GLU A 1613 43.45 -2.49 23.14
C GLU A 1613 42.52 -2.25 24.32
N TYR A 1614 42.71 -3.00 25.40
CA TYR A 1614 41.90 -2.86 26.59
C TYR A 1614 42.36 -1.63 27.37
N LEU A 1615 41.43 -0.72 27.64
CA LEU A 1615 41.73 0.52 28.34
C LEU A 1615 41.12 0.59 29.74
N GLY A 1616 40.49 -0.49 30.20
CA GLY A 1616 39.90 -0.53 31.53
C GLY A 1616 38.40 -0.37 31.50
N ARG A 1617 37.81 -0.47 32.69
CA ARG A 1617 36.37 -0.30 32.83
C ARG A 1617 36.01 1.18 32.88
N MET A 1618 34.90 1.52 32.22
CA MET A 1618 34.52 2.93 32.10
C MET A 1618 34.17 3.54 33.45
N ASP A 1619 33.57 2.76 34.35
CA ASP A 1619 33.24 3.28 35.68
C ASP A 1619 34.44 3.28 36.62
N HIS A 1620 35.54 2.63 36.24
CA HIS A 1620 36.77 2.67 37.03
C HIS A 1620 37.89 3.31 36.21
N GLN A 1621 37.71 4.56 35.79
CA GLN A 1621 38.71 5.26 34.99
C GLN A 1621 39.34 6.37 35.83
N VAL A 1622 40.67 6.42 35.82
CA VAL A 1622 41.43 7.37 36.63
C VAL A 1622 41.85 8.54 35.74
N LYS A 1623 41.54 9.76 36.18
CA LYS A 1623 41.84 10.97 35.42
C LYS A 1623 42.47 11.99 36.36
N ILE A 1624 43.67 12.44 36.02
CA ILE A 1624 44.37 13.47 36.78
C ILE A 1624 44.38 14.73 35.93
N ARG A 1625 43.68 15.77 36.41
CA ARG A 1625 43.56 17.04 35.69
C ARG A 1625 43.01 16.83 34.28
N GLY A 1626 41.94 16.06 34.19
CA GLY A 1626 41.29 15.82 32.91
C GLY A 1626 41.91 14.70 32.11
N TYR A 1627 43.23 14.59 32.15
CA TYR A 1627 43.93 13.58 31.35
C TYR A 1627 43.73 12.19 31.95
N ARG A 1628 43.49 11.21 31.08
CA ARG A 1628 43.35 9.84 31.52
C ARG A 1628 44.69 9.27 31.93
N ILE A 1629 44.69 8.44 32.96
CA ILE A 1629 45.90 7.84 33.52
C ILE A 1629 45.93 6.37 33.15
N GLU A 1630 47.04 5.93 32.55
CA GLU A 1630 47.29 4.52 32.28
C GLU A 1630 48.26 4.03 33.35
N LEU A 1631 47.72 3.51 34.45
CA LEU A 1631 48.54 3.12 35.58
C LEU A 1631 49.50 1.99 35.26
N ASP A 1632 49.22 1.20 34.21
CA ASP A 1632 50.15 0.15 33.82
C ASP A 1632 51.45 0.74 33.28
N GLU A 1633 51.36 1.84 32.53
CA GLU A 1633 52.56 2.47 31.99
C GLU A 1633 53.40 3.11 33.10
N ILE A 1634 52.77 3.50 34.21
CA ILE A 1634 53.52 4.03 35.34
C ILE A 1634 54.33 2.93 36.01
N ARG A 1635 53.69 1.78 36.27
CA ARG A 1635 54.38 0.69 36.95
C ARG A 1635 55.53 0.14 36.10
N SER A 1636 55.31 0.01 34.79
CA SER A 1636 56.37 -0.50 33.92
C SER A 1636 57.58 0.42 33.92
N LYS A 1637 57.34 1.73 33.86
CA LYS A 1637 58.44 2.69 33.96
C LYS A 1637 59.07 2.69 35.35
N LEU A 1638 58.37 2.20 36.36
CA LEU A 1638 58.94 2.03 37.70
C LEU A 1638 59.60 0.66 37.87
N ILE A 1639 59.26 -0.31 37.03
CA ILE A 1639 59.81 -1.65 37.15
C ILE A 1639 61.05 -1.88 36.29
N GLN A 1640 61.30 -1.03 35.29
CA GLN A 1640 62.46 -1.21 34.43
C GLN A 1640 63.79 -0.98 35.14
N GLU A 1641 63.77 -0.36 36.32
CA GLU A 1641 65.00 -0.12 37.07
C GLU A 1641 65.56 -1.43 37.60
N GLU A 1642 66.67 -1.33 38.35
CA GLU A 1642 67.28 -2.52 38.93
C GLU A 1642 66.46 -3.03 40.11
N THR A 1643 65.99 -2.11 40.96
CA THR A 1643 65.17 -2.47 42.13
C THR A 1643 63.73 -2.70 41.65
N ILE A 1644 63.48 -3.90 41.16
CA ILE A 1644 62.15 -4.27 40.69
C ILE A 1644 61.35 -4.83 41.84
N GLN A 1645 61.05 -3.98 42.83
CA GLN A 1645 60.14 -4.37 43.91
C GLN A 1645 58.75 -4.67 43.37
N ASP A 1646 58.50 -4.27 42.13
CA ASP A 1646 57.18 -4.47 41.49
C ASP A 1646 56.11 -3.80 42.37
N ALA A 1647 56.24 -2.49 42.59
CA ALA A 1647 55.19 -1.76 43.31
C ALA A 1647 54.10 -1.38 42.30
N VAL A 1648 52.83 -1.50 42.70
CA VAL A 1648 51.72 -1.19 41.77
C VAL A 1648 51.15 0.17 42.18
N VAL A 1649 50.68 0.94 41.19
CA VAL A 1649 50.16 2.31 41.48
C VAL A 1649 48.64 2.26 41.40
N VAL A 1650 47.97 2.94 42.32
CA VAL A 1650 46.49 3.00 42.30
C VAL A 1650 46.07 4.42 42.72
N ALA A 1651 44.84 4.80 42.45
CA ALA A 1651 44.37 6.14 42.76
C ALA A 1651 43.52 6.15 44.03
N ARG A 1652 43.77 7.13 44.88
CA ARG A 1652 42.94 7.43 46.04
C ARG A 1652 42.40 8.84 45.90
N ASN A 1653 41.64 9.28 46.91
CA ASN A 1653 40.98 10.58 46.86
C ASN A 1653 41.22 11.32 48.17
N ASP A 1654 41.52 12.61 48.05
CA ASP A 1654 41.76 13.46 49.21
C ASP A 1654 40.66 14.50 49.37
N ALA A 1659 41.18 13.57 44.65
CA ALA A 1659 41.76 12.63 43.69
C ALA A 1659 43.27 12.81 43.58
N TYR A 1660 44.00 11.73 43.82
CA TYR A 1660 45.46 11.76 43.74
C TYR A 1660 45.97 10.36 43.46
N LEU A 1661 47.16 10.30 42.87
CA LEU A 1661 47.82 9.03 42.55
C LEU A 1661 48.86 8.72 43.61
N CYS A 1662 48.87 7.48 44.10
CA CYS A 1662 49.80 7.06 45.12
C CYS A 1662 50.37 5.70 44.77
N ALA A 1663 51.56 5.42 45.30
CA ALA A 1663 52.24 4.15 45.06
C ALA A 1663 53.03 3.72 46.29
N GLN A 1669 64.66 -2.06 47.83
CA GLN A 1669 66.07 -2.09 48.21
C GLN A 1669 66.80 -0.80 47.81
N GLU A 1670 66.22 0.33 48.22
CA GLU A 1670 66.80 1.63 47.92
C GLU A 1670 66.06 2.68 48.73
N TRP A 1671 66.78 3.75 49.11
CA TRP A 1671 66.21 4.88 49.82
C TRP A 1671 65.65 5.95 48.88
N THR A 1672 65.18 5.55 47.69
CA THR A 1672 64.56 6.48 46.75
C THR A 1672 63.44 7.28 47.39
N VAL A 1673 63.63 8.58 47.56
CA VAL A 1673 62.59 9.48 48.06
C VAL A 1673 62.57 10.71 47.16
N GLY A 1674 61.48 10.89 46.42
CA GLY A 1674 61.37 11.98 45.46
C GLY A 1674 62.35 11.91 44.30
N GLN A 1675 63.41 11.11 44.43
CA GLN A 1675 64.28 10.83 43.29
C GLN A 1675 63.58 9.94 42.26
N LEU A 1676 62.68 9.06 42.71
CA LEU A 1676 61.87 8.30 41.77
C LEU A 1676 61.04 9.20 40.87
N ARG A 1677 60.73 10.42 41.34
CA ARG A 1677 60.07 11.39 40.48
C ARG A 1677 60.98 11.78 39.32
N GLU A 1678 62.27 11.97 39.58
CA GLU A 1678 63.21 12.26 38.51
C GLU A 1678 63.30 11.10 37.53
N LEU A 1679 63.19 9.87 38.02
CA LEU A 1679 63.15 8.72 37.12
C LEU A 1679 61.87 8.71 36.31
N LEU A 1680 60.74 9.00 36.95
CA LEU A 1680 59.46 9.06 36.26
C LEU A 1680 59.21 10.40 35.57
N ARG A 1681 60.21 11.27 35.52
CA ARG A 1681 60.07 12.55 34.84
C ARG A 1681 60.58 12.51 33.40
N ARG A 1682 61.65 11.74 33.15
CA ARG A 1682 62.23 11.62 31.82
C ARG A 1682 61.51 10.61 30.95
N GLU A 1683 60.43 10.00 31.42
CA GLU A 1683 59.66 9.05 30.63
C GLU A 1683 58.15 9.25 30.69
N LEU A 1684 57.62 9.87 31.75
CA LEU A 1684 56.20 10.03 31.93
C LEU A 1684 55.85 11.50 32.11
N PRO A 1685 54.65 11.92 31.70
CA PRO A 1685 54.25 13.31 31.90
C PRO A 1685 53.92 13.58 33.36
N GLU A 1686 53.94 14.87 33.71
CA GLU A 1686 53.75 15.25 35.11
C GLU A 1686 52.38 14.87 35.64
N TYR A 1687 51.36 14.78 34.77
CA TYR A 1687 50.06 14.34 35.21
C TYR A 1687 49.98 12.85 35.44
N MET A 1688 50.97 12.09 34.99
CA MET A 1688 51.06 10.66 35.27
C MET A 1688 52.27 10.32 36.14
N ILE A 1689 52.63 11.23 37.05
CA ILE A 1689 53.61 10.97 38.10
C ILE A 1689 52.85 10.85 39.41
N PRO A 1690 53.04 9.79 40.18
CA PRO A 1690 52.35 9.66 41.48
C PRO A 1690 52.83 10.76 42.42
N ALA A 1691 51.88 11.51 43.00
CA ALA A 1691 52.27 12.57 43.92
C ALA A 1691 52.92 11.97 45.16
N HIS A 1692 52.21 11.07 45.85
CA HIS A 1692 52.72 10.38 47.03
C HIS A 1692 53.22 9.01 46.63
N PHE A 1693 54.40 8.64 47.13
CA PHE A 1693 55.00 7.34 46.80
C PHE A 1693 54.93 6.42 47.99
N ALA A 1726 69.81 21.77 49.93
CA ALA A 1726 70.81 22.55 49.22
C ALA A 1726 72.22 22.10 49.58
N ALA A 1727 72.96 21.60 48.59
CA ALA A 1727 74.35 21.17 48.78
C ALA A 1727 75.19 21.56 47.58
N PRO A 1728 75.41 22.86 47.37
CA PRO A 1728 76.30 23.28 46.27
C PRO A 1728 77.73 22.86 46.58
N ARG A 1729 78.39 22.29 45.58
CA ARG A 1729 79.68 21.62 45.77
C ARG A 1729 80.87 22.47 45.34
N THR A 1730 80.85 22.99 44.12
CA THR A 1730 81.94 23.81 43.60
C THR A 1730 81.50 25.27 43.51
N GLU A 1731 82.47 26.12 43.16
CA GLU A 1731 82.16 27.54 42.98
C GLU A 1731 81.18 27.77 41.83
N LEU A 1732 81.27 26.94 40.79
CA LEU A 1732 80.34 27.07 39.67
C LEU A 1732 78.91 26.76 40.10
N GLU A 1733 78.71 25.61 40.76
CA GLU A 1733 77.38 25.27 41.24
C GLU A 1733 76.90 26.25 42.31
N ALA A 1734 77.81 26.76 43.15
CA ALA A 1734 77.43 27.78 44.12
C ALA A 1734 76.95 29.05 43.42
N THR A 1735 77.67 29.47 42.37
CA THR A 1735 77.23 30.62 41.59
C THR A 1735 75.88 30.34 40.94
N LEU A 1736 75.77 29.19 40.25
CA LEU A 1736 74.55 28.84 39.54
C LEU A 1736 73.32 28.90 40.45
N ALA A 1737 73.48 28.53 41.72
CA ALA A 1737 72.36 28.60 42.65
C ALA A 1737 71.92 30.03 42.89
N HIS A 1738 72.86 30.97 42.90
CA HIS A 1738 72.52 32.38 43.14
C HIS A 1738 71.78 32.96 41.95
N ILE A 1739 72.27 32.70 40.73
CA ILE A 1739 71.62 33.25 39.54
C ILE A 1739 70.24 32.64 39.35
N TRP A 1740 70.12 31.32 39.56
CA TRP A 1740 68.81 30.69 39.49
C TRP A 1740 67.86 31.31 40.50
N GLY A 1741 68.29 31.40 41.77
CA GLY A 1741 67.42 31.94 42.80
C GLY A 1741 66.99 33.37 42.54
N GLU A 1742 67.93 34.20 42.07
CA GLU A 1742 67.60 35.60 41.80
C GLU A 1742 66.62 35.73 40.64
N VAL A 1743 66.71 34.85 39.64
CA VAL A 1743 65.80 34.92 38.51
C VAL A 1743 64.48 34.23 38.82
N LEU A 1744 64.54 33.02 39.36
CA LEU A 1744 63.32 32.26 39.65
C LEU A 1744 62.58 32.81 40.85
N GLY A 1745 63.26 33.52 41.76
CA GLY A 1745 62.64 34.00 42.97
C GLY A 1745 62.63 33.02 44.12
N ILE A 1746 63.38 31.94 44.03
CA ILE A 1746 63.41 30.90 45.05
C ILE A 1746 64.67 31.06 45.90
N GLU A 1747 64.53 30.84 47.20
CA GLU A 1747 65.64 30.94 48.13
C GLU A 1747 66.27 29.57 48.36
N ARG A 1748 67.60 29.55 48.46
CA ARG A 1748 68.38 28.35 48.77
C ARG A 1748 68.09 27.23 47.77
N ILE A 1749 68.25 27.56 46.48
CA ILE A 1749 68.13 26.54 45.44
C ILE A 1749 69.28 25.58 45.56
N GLY A 1750 68.97 24.30 45.75
CA GLY A 1750 70.00 23.27 45.75
C GLY A 1750 70.13 22.62 44.40
N ILE A 1751 71.26 21.94 44.20
CA ILE A 1751 71.42 21.14 42.99
C ILE A 1751 70.39 20.01 43.02
N ARG A 1752 70.14 19.43 41.84
CA ARG A 1752 69.14 18.37 41.66
C ARG A 1752 67.72 18.88 41.89
N ASP A 1753 67.49 20.18 41.66
CA ASP A 1753 66.16 20.77 41.69
C ASP A 1753 65.76 21.13 40.25
N ASN A 1754 64.58 20.69 39.84
CA ASN A 1754 64.14 20.90 38.47
C ASN A 1754 63.90 22.39 38.22
N PHE A 1755 64.56 22.93 37.20
CA PHE A 1755 64.47 24.36 36.90
C PHE A 1755 63.05 24.75 36.49
N PHE A 1756 62.43 23.95 35.63
CA PHE A 1756 61.06 24.23 35.21
C PHE A 1756 60.07 24.02 36.35
N GLU A 1757 60.39 23.11 37.28
CA GLU A 1757 59.54 22.94 38.45
C GLU A 1757 59.59 24.17 39.35
N LEU A 1758 60.77 24.76 39.50
CA LEU A 1758 60.98 26.01 40.24
C LEU A 1758 60.39 27.23 39.52
N GLY A 1759 59.60 27.03 38.48
CA GLY A 1759 58.99 28.13 37.77
C GLY A 1759 59.75 28.59 36.55
N GLY A 1760 60.59 27.72 35.96
CA GLY A 1760 61.43 28.15 34.87
C GLY A 1760 60.71 28.16 33.53
N ASP A 1761 61.12 29.08 32.67
CA ASP A 1761 60.61 29.18 31.31
C ASP A 1761 61.75 29.58 30.38
N SER A 1762 61.45 29.57 29.08
CA SER A 1762 62.44 29.98 28.10
C SER A 1762 62.87 31.43 28.27
N ILE A 1763 62.03 32.25 28.92
CA ILE A 1763 62.42 33.63 29.21
C ILE A 1763 63.45 33.66 30.33
N LYS A 1764 63.18 32.95 31.42
CA LYS A 1764 64.08 32.92 32.56
C LYS A 1764 65.40 32.24 32.24
N GLY A 1765 65.42 31.35 31.24
CA GLY A 1765 66.69 30.79 30.80
C GLY A 1765 67.58 31.82 30.15
N LEU A 1766 66.98 32.71 29.35
CA LEU A 1766 67.75 33.80 28.76
C LEU A 1766 68.28 34.74 29.83
N GLN A 1767 67.51 34.96 30.89
CA GLN A 1767 68.00 35.77 32.00
C GLN A 1767 69.13 35.06 32.74
N ILE A 1768 68.94 33.78 33.05
CA ILE A 1768 69.99 33.02 33.74
C ILE A 1768 71.25 32.98 32.91
N ALA A 1769 71.11 32.86 31.58
CA ALA A 1769 72.28 32.89 30.71
C ALA A 1769 72.92 34.27 30.68
N SER A 1770 72.09 35.32 30.73
CA SER A 1770 72.62 36.69 30.67
C SER A 1770 73.41 37.02 31.93
N ARG A 1771 72.83 36.75 33.11
CA ARG A 1771 73.56 36.98 34.36
C ARG A 1771 74.86 36.19 34.38
N LEU A 1772 74.88 35.01 33.78
CA LEU A 1772 76.06 34.16 33.78
C LEU A 1772 77.12 34.63 32.80
N GLN A 1773 76.76 35.41 31.77
CA GLN A 1773 77.78 35.90 30.85
C GLN A 1773 78.58 37.05 31.45
N ARG A 1774 77.92 37.94 32.19
CA ARG A 1774 78.60 39.06 32.82
C ARG A 1774 79.68 38.60 33.80
N ILE A 1775 79.54 37.38 34.34
CA ILE A 1775 80.58 36.77 35.13
C ILE A 1775 81.44 35.80 34.30
N ASN A 1776 81.38 35.93 32.97
CA ASN A 1776 82.21 35.20 32.00
C ASN A 1776 81.90 33.71 31.92
N TRP A 1777 80.79 33.26 32.49
CA TRP A 1777 80.33 31.90 32.29
C TRP A 1777 79.48 31.83 31.02
N THR A 1778 79.45 30.65 30.41
CA THR A 1778 78.75 30.44 29.14
C THR A 1778 77.77 29.28 29.30
N MET A 1779 76.48 29.59 29.40
CA MET A 1779 75.43 28.59 29.51
C MET A 1779 74.56 28.62 28.26
N VAL A 1780 74.25 27.44 27.73
CA VAL A 1780 73.33 27.31 26.60
C VAL A 1780 71.93 27.07 27.15
N ILE A 1781 70.96 27.83 26.62
CA ILE A 1781 69.60 27.75 27.15
C ILE A 1781 68.95 26.41 26.83
N ASN A 1782 69.28 25.83 25.67
CA ASN A 1782 68.76 24.51 25.32
C ASN A 1782 69.20 23.46 26.33
N HIS A 1783 70.39 23.62 26.92
CA HIS A 1783 70.87 22.64 27.89
C HIS A 1783 70.01 22.61 29.14
N LEU A 1784 69.33 23.73 29.45
CA LEU A 1784 68.38 23.73 30.56
C LEU A 1784 67.24 22.75 30.31
N PHE A 1785 66.82 22.61 29.05
CA PHE A 1785 65.77 21.66 28.70
C PHE A 1785 66.28 20.22 28.67
N LEU A 1786 67.59 20.03 28.57
CA LEU A 1786 68.20 18.71 28.59
C LEU A 1786 68.75 18.32 29.96
N TYR A 1787 69.25 19.29 30.74
CA TYR A 1787 69.85 19.05 32.05
C TYR A 1787 69.19 19.99 33.05
N PRO A 1788 67.97 19.67 33.50
CA PRO A 1788 67.20 20.64 34.28
C PRO A 1788 67.65 20.75 35.73
N THR A 1789 68.76 20.11 36.08
CA THR A 1789 69.35 20.22 37.40
C THR A 1789 70.74 20.84 37.29
N ILE A 1790 71.16 21.49 38.37
CA ILE A 1790 72.45 22.20 38.36
C ILE A 1790 73.60 21.21 38.22
N GLU A 1791 73.61 20.16 39.05
CA GLU A 1791 74.67 19.15 38.94
C GLU A 1791 74.70 18.49 37.58
N GLN A 1792 73.59 18.54 36.83
CA GLN A 1792 73.54 17.95 35.50
C GLN A 1792 74.05 18.93 34.46
N ILE A 1793 73.77 20.21 34.63
CA ILE A 1793 74.10 21.19 33.61
C ILE A 1793 75.46 21.86 33.85
N ALA A 1794 75.93 21.89 35.09
CA ALA A 1794 77.19 22.56 35.38
C ALA A 1794 78.37 22.03 34.58
N PRO A 1795 78.57 20.71 34.39
CA PRO A 1795 79.63 20.27 33.48
C PRO A 1795 79.22 20.28 32.02
N PHE A 1796 77.95 19.95 31.73
CA PHE A 1796 77.48 19.85 30.35
C PHE A 1796 77.44 21.19 29.62
N VAL A 1797 77.78 22.28 30.30
CA VAL A 1797 77.96 23.59 29.68
C VAL A 1797 78.74 24.43 30.68
N THR A 1798 78.31 25.67 30.92
CA THR A 1798 78.96 26.60 31.85
C THR A 1798 80.48 26.57 31.68
N SER A 1799 80.90 26.75 30.43
CA SER A 1799 82.31 26.98 30.15
C SER A 1799 82.63 28.45 30.38
N GLU A 1800 83.93 28.74 30.52
CA GLU A 1800 84.42 30.07 30.80
C GLU A 1800 84.96 30.70 29.52
N GLN A 1801 84.80 32.02 29.40
CA GLN A 1801 85.38 32.79 28.30
C GLN A 1801 86.77 33.26 28.69
N VAL A 1802 87.79 32.64 28.12
CA VAL A 1802 89.17 32.84 28.57
C VAL A 1802 89.58 34.30 28.40
N VAL A 1803 90.01 34.92 29.50
CA VAL A 1803 90.47 36.30 29.50
C VAL A 1803 91.99 36.29 29.55
N ILE A 1804 92.62 37.12 28.72
CA ILE A 1804 94.06 37.15 28.57
C ILE A 1804 94.54 38.59 28.81
N GLU A 1805 95.84 38.74 29.06
CA GLU A 1805 96.41 40.04 29.42
C GLU A 1805 97.87 40.08 28.92
N ALA A 1806 98.06 40.64 27.72
CA ALA A 1806 99.39 40.77 27.14
C ALA A 1806 99.42 41.69 25.92
N ALA A 1807 99.74 41.13 24.76
CA ALA A 1807 99.94 41.83 23.49
C ALA A 1807 101.22 42.67 23.52
N ALA A 1808 101.08 43.99 23.47
CA ALA A 1808 102.19 44.91 23.63
C ALA A 1808 102.14 45.46 25.05
N GLU A 1809 103.15 45.12 25.87
CA GLU A 1809 103.16 45.52 27.27
C GLU A 1809 104.04 46.72 27.55
N ASN A 1810 105.24 46.77 26.98
CA ASN A 1810 106.17 47.87 27.18
C ASN A 1810 106.42 48.56 25.84
N LEU A 1811 106.39 49.90 25.85
CA LEU A 1811 106.60 50.70 24.67
C LEU A 1811 107.84 51.58 24.85
N TYR A 1812 108.58 51.78 23.77
CA TYR A 1812 109.79 52.60 23.78
C TYR A 1812 109.72 53.58 22.62
N PHE A 1813 109.43 54.84 22.92
CA PHE A 1813 109.36 55.89 21.92
C PHE A 1813 110.78 56.20 21.44
N GLN A 1814 111.16 55.66 20.29
CA GLN A 1814 112.48 55.88 19.71
C GLN A 1814 112.78 57.37 19.59
N MET B 1 -88.05 -33.60 14.40
CA MET B 1 -87.22 -33.20 15.54
C MET B 1 -87.53 -31.78 15.98
N GLY B 2 -87.11 -30.82 15.15
CA GLY B 2 -87.33 -29.41 15.45
C GLY B 2 -87.42 -28.56 14.20
N ARG B 3 -88.27 -27.53 14.23
CA ARG B 3 -88.42 -26.62 13.11
C ARG B 3 -87.50 -25.42 13.34
N ILE B 4 -86.50 -25.27 12.47
CA ILE B 4 -85.49 -24.23 12.62
C ILE B 4 -85.77 -23.13 11.62
N LEU B 5 -85.76 -21.88 12.09
CA LEU B 5 -85.87 -20.71 11.22
C LEU B 5 -84.46 -20.16 11.03
N PHE B 6 -83.88 -20.43 9.87
CA PHE B 6 -82.53 -19.93 9.56
C PHE B 6 -82.63 -18.49 9.08
N LEU B 7 -81.98 -17.58 9.81
CA LEU B 7 -81.99 -16.16 9.48
C LEU B 7 -80.66 -15.79 8.84
N THR B 8 -80.72 -15.28 7.61
CA THR B 8 -79.53 -14.80 6.92
C THR B 8 -79.93 -13.70 5.96
N THR B 9 -78.94 -12.92 5.54
CA THR B 9 -79.19 -11.86 4.56
C THR B 9 -78.04 -11.80 3.57
N PHE B 10 -76.82 -11.97 4.06
CA PHE B 10 -75.63 -11.89 3.23
C PHE B 10 -75.04 -13.26 2.91
N MET B 11 -75.58 -14.32 3.48
CA MET B 11 -75.21 -15.68 3.12
C MET B 11 -76.28 -16.25 2.19
N SER B 12 -76.23 -17.56 1.98
CA SER B 12 -77.11 -18.20 1.02
C SER B 12 -78.20 -18.99 1.73
N LYS B 13 -79.11 -19.50 0.91
CA LYS B 13 -80.20 -20.36 1.29
C LYS B 13 -79.79 -21.82 1.31
N GLY B 14 -78.57 -22.13 0.88
CA GLY B 14 -78.03 -23.47 0.91
C GLY B 14 -76.58 -23.46 1.35
N ASN B 15 -76.36 -23.06 2.60
CA ASN B 15 -75.02 -23.07 3.19
C ASN B 15 -74.75 -24.42 3.82
N LYS B 16 -73.48 -24.65 4.15
CA LYS B 16 -73.07 -25.88 4.84
C LYS B 16 -73.93 -26.11 6.07
N VAL B 17 -74.27 -25.05 6.79
CA VAL B 17 -75.05 -25.19 8.02
C VAL B 17 -76.47 -25.63 7.70
N VAL B 18 -77.10 -25.03 6.69
CA VAL B 18 -78.47 -25.40 6.35
C VAL B 18 -78.51 -26.84 5.83
N ARG B 19 -77.56 -27.20 4.97
CA ARG B 19 -77.52 -28.57 4.46
C ARG B 19 -77.21 -29.56 5.56
N TYR B 20 -76.33 -29.19 6.49
CA TYR B 20 -76.06 -30.07 7.64
C TYR B 20 -77.27 -30.15 8.55
N LEU B 21 -77.96 -29.03 8.77
CA LEU B 21 -79.20 -29.06 9.55
C LEU B 21 -80.24 -29.95 8.87
N GLU B 22 -80.42 -29.79 7.56
CA GLU B 22 -81.36 -30.62 6.83
C GLU B 22 -80.92 -32.08 6.80
N SER B 23 -79.61 -32.34 6.83
CA SER B 23 -79.15 -33.71 6.89
C SER B 23 -79.60 -34.41 8.16
N LEU B 24 -79.78 -33.65 9.24
CA LEU B 24 -80.20 -34.19 10.54
C LEU B 24 -81.71 -34.22 10.70
N HIS B 25 -82.46 -34.33 9.61
CA HIS B 25 -83.93 -34.44 9.64
C HIS B 25 -84.59 -33.17 10.19
N HIS B 26 -83.98 -32.02 10.00
CA HIS B 26 -84.59 -30.77 10.44
C HIS B 26 -85.37 -30.13 9.31
N GLU B 27 -86.42 -29.40 9.69
CA GLU B 27 -87.18 -28.57 8.74
C GLU B 27 -86.63 -27.16 8.88
N VAL B 28 -85.84 -26.75 7.89
CA VAL B 28 -85.17 -25.46 7.92
C VAL B 28 -85.94 -24.49 7.02
N VAL B 29 -86.63 -23.55 7.64
CA VAL B 29 -87.27 -22.45 6.92
C VAL B 29 -86.27 -21.31 6.84
N ILE B 30 -85.93 -20.90 5.62
CA ILE B 30 -84.95 -19.85 5.38
C ILE B 30 -85.67 -18.53 5.20
N CYS B 31 -85.19 -17.50 5.88
CA CYS B 31 -85.75 -16.16 5.78
C CYS B 31 -84.64 -15.17 5.53
N GLN B 32 -84.78 -14.35 4.48
CA GLN B 32 -83.77 -13.38 4.09
C GLN B 32 -84.29 -11.95 4.12
N GLU B 33 -85.31 -11.68 4.95
CA GLU B 33 -85.90 -10.36 5.07
C GLU B 33 -86.19 -10.08 6.54
N LYS B 34 -86.75 -8.91 6.81
CA LYS B 34 -87.07 -8.53 8.19
C LYS B 34 -88.15 -9.45 8.76
N VAL B 35 -87.87 -10.03 9.92
CA VAL B 35 -88.81 -10.91 10.60
C VAL B 35 -89.59 -10.08 11.61
N HIS B 36 -90.91 -10.02 11.45
CA HIS B 36 -91.80 -9.37 12.39
C HIS B 36 -92.53 -10.45 13.18
N ALA B 37 -92.76 -10.17 14.47
CA ALA B 37 -93.27 -11.20 15.37
C ALA B 37 -94.59 -11.79 14.88
N GLN B 38 -95.38 -11.01 14.13
CA GLN B 38 -96.67 -11.48 13.62
C GLN B 38 -96.52 -12.13 12.25
N SER B 39 -95.63 -13.13 12.15
CA SER B 39 -95.35 -13.82 10.91
C SER B 39 -95.55 -15.32 11.08
N ALA B 40 -95.94 -15.97 9.98
CA ALA B 40 -96.10 -17.42 9.99
C ALA B 40 -94.76 -18.14 10.03
N ASN B 41 -93.71 -17.53 9.46
CA ASN B 41 -92.38 -18.12 9.52
C ASN B 41 -91.85 -18.19 10.95
N LEU B 42 -92.46 -17.46 11.88
CA LEU B 42 -92.05 -17.45 13.27
C LEU B 42 -92.91 -18.35 14.15
N GLN B 43 -93.92 -19.01 13.57
CA GLN B 43 -94.83 -19.86 14.32
C GLN B 43 -94.45 -21.32 14.15
N GLU B 44 -94.68 -22.10 15.21
CA GLU B 44 -94.32 -23.53 15.27
C GLU B 44 -92.82 -23.72 15.06
N ILE B 45 -92.02 -22.76 15.50
CA ILE B 45 -90.56 -22.77 15.33
C ILE B 45 -89.94 -23.06 16.68
N ASP B 46 -89.03 -24.04 16.72
CA ASP B 46 -88.37 -24.43 17.97
C ASP B 46 -86.95 -23.89 18.10
N TRP B 47 -86.33 -23.48 17.00
CA TRP B 47 -84.97 -22.94 17.02
C TRP B 47 -84.84 -21.83 16.00
N ILE B 48 -84.08 -20.79 16.35
CA ILE B 48 -83.73 -19.73 15.42
C ILE B 48 -82.21 -19.68 15.32
N VAL B 49 -81.68 -19.87 14.12
CA VAL B 49 -80.24 -19.84 13.87
C VAL B 49 -79.97 -18.71 12.89
N SER B 50 -79.17 -17.73 13.31
CA SER B 50 -78.84 -16.58 12.49
C SER B 50 -77.38 -16.64 12.05
N TYR B 51 -77.13 -16.19 10.83
CA TYR B 51 -75.79 -16.22 10.25
C TYR B 51 -75.77 -15.14 9.16
N ALA B 52 -75.13 -14.01 9.46
CA ALA B 52 -75.09 -12.85 8.57
C ALA B 52 -76.50 -12.33 8.30
N TYR B 53 -77.24 -12.06 9.37
CA TYR B 53 -78.57 -11.48 9.28
C TYR B 53 -78.44 -9.97 9.39
N GLY B 54 -78.84 -9.26 8.34
CA GLY B 54 -78.60 -7.83 8.25
C GLY B 54 -79.66 -6.96 8.86
N TYR B 55 -80.52 -7.54 9.70
CA TYR B 55 -81.56 -6.79 10.38
C TYR B 55 -81.53 -7.14 11.87
N ILE B 56 -82.11 -6.24 12.67
CA ILE B 56 -82.19 -6.42 14.11
C ILE B 56 -83.58 -6.97 14.44
N LEU B 57 -83.62 -7.92 15.36
CA LEU B 57 -84.87 -8.56 15.74
C LEU B 57 -85.53 -7.80 16.89
N ASP B 58 -86.85 -7.68 16.83
CA ASP B 58 -87.59 -6.99 17.87
C ASP B 58 -87.45 -7.72 19.20
N LYS B 59 -87.53 -6.96 20.30
CA LYS B 59 -87.35 -7.52 21.63
C LYS B 59 -88.38 -8.59 21.96
N GLU B 60 -89.54 -8.56 21.30
CA GLU B 60 -90.53 -9.61 21.52
C GLU B 60 -90.03 -10.96 21.04
N ILE B 61 -89.33 -10.97 19.90
CA ILE B 61 -88.80 -12.22 19.36
C ILE B 61 -87.64 -12.73 20.21
N VAL B 62 -86.74 -11.83 20.62
CA VAL B 62 -85.59 -12.24 21.41
C VAL B 62 -86.02 -12.69 22.80
N SER B 63 -87.21 -12.30 23.25
CA SER B 63 -87.75 -12.78 24.51
C SER B 63 -88.59 -14.04 24.35
N ARG B 64 -89.43 -14.08 23.31
CA ARG B 64 -90.24 -15.27 23.07
C ARG B 64 -89.36 -16.48 22.80
N PHE B 65 -88.30 -16.30 22.00
CA PHE B 65 -87.37 -17.36 21.67
C PHE B 65 -86.07 -17.26 22.45
N ARG B 66 -86.12 -16.78 23.69
CA ARG B 66 -84.93 -16.70 24.52
C ARG B 66 -84.37 -18.10 24.76
N GLY B 67 -83.05 -18.23 24.61
CA GLY B 67 -82.42 -19.54 24.65
C GLY B 67 -82.57 -20.35 23.39
N ARG B 68 -83.24 -19.81 22.37
CA ARG B 68 -83.45 -20.52 21.12
C ARG B 68 -82.98 -19.74 19.89
N ILE B 69 -82.54 -18.49 20.04
CA ILE B 69 -82.02 -17.70 18.94
C ILE B 69 -80.50 -17.77 19.02
N ILE B 70 -79.88 -18.38 18.01
CA ILE B 70 -78.45 -18.59 17.99
C ILE B 70 -77.87 -17.79 16.82
N ASN B 71 -76.68 -17.21 17.04
CA ASN B 71 -75.98 -16.48 15.99
C ASN B 71 -74.61 -17.07 15.77
N LEU B 72 -74.16 -17.04 14.51
CA LEU B 72 -72.85 -17.51 14.11
C LEU B 72 -72.03 -16.28 13.70
N HIS B 73 -71.19 -15.81 14.63
CA HIS B 73 -70.39 -14.60 14.41
C HIS B 73 -68.94 -14.97 14.22
N PRO B 74 -68.30 -14.54 13.14
CA PRO B 74 -66.89 -14.89 12.88
C PRO B 74 -65.91 -13.97 13.61
N SER B 75 -65.96 -14.00 14.94
CA SER B 75 -65.05 -13.22 15.76
C SER B 75 -64.92 -13.90 17.12
N LEU B 76 -63.95 -13.43 17.90
CA LEU B 76 -63.74 -13.93 19.26
C LEU B 76 -64.38 -12.94 20.22
N LEU B 77 -65.70 -13.03 20.34
CA LEU B 77 -66.45 -12.15 21.23
C LEU B 77 -65.84 -12.20 22.63
N PRO B 78 -65.76 -11.07 23.34
CA PRO B 78 -66.39 -9.76 23.08
C PRO B 78 -65.76 -8.91 21.97
N TRP B 79 -64.78 -9.42 21.24
CA TRP B 79 -64.03 -8.60 20.28
C TRP B 79 -64.69 -8.57 18.91
N ASN B 80 -64.51 -7.44 18.22
CA ASN B 80 -64.91 -7.28 16.82
C ASN B 80 -66.41 -7.52 16.64
N LYS B 81 -67.21 -7.03 17.58
CA LYS B 81 -68.65 -7.12 17.45
C LYS B 81 -69.12 -6.24 16.30
N GLY B 82 -70.27 -6.59 15.74
CA GLY B 82 -70.89 -5.79 14.70
C GLY B 82 -70.54 -6.22 13.29
N ARG B 83 -70.36 -5.26 12.39
CA ARG B 83 -70.16 -5.52 10.98
C ARG B 83 -68.67 -5.58 10.65
N ASP B 84 -68.37 -6.17 9.49
CA ASP B 84 -67.00 -6.36 9.02
C ASP B 84 -66.08 -6.88 10.12
N PRO B 85 -66.43 -8.00 10.77
CA PRO B 85 -65.69 -8.39 11.99
C PRO B 85 -64.30 -8.94 11.73
N VAL B 86 -64.07 -9.61 10.61
CA VAL B 86 -62.76 -10.23 10.38
C VAL B 86 -61.72 -9.17 10.07
N PHE B 87 -62.11 -8.15 9.29
CA PHE B 87 -61.17 -7.07 8.99
C PHE B 87 -60.75 -6.33 10.25
N TRP B 88 -61.71 -5.90 11.06
CA TRP B 88 -61.40 -5.22 12.31
C TRP B 88 -60.67 -6.11 13.31
N SER B 89 -60.67 -7.43 13.11
CA SER B 89 -59.81 -8.30 13.91
C SER B 89 -58.34 -8.18 13.49
N VAL B 90 -58.09 -7.91 12.21
CA VAL B 90 -56.73 -7.76 11.72
C VAL B 90 -56.21 -6.34 11.91
N TRP B 91 -57.02 -5.36 11.52
CA TRP B 91 -56.59 -3.96 11.59
C TRP B 91 -56.36 -3.54 13.04
N ASP B 92 -57.34 -3.77 13.91
CA ASP B 92 -57.22 -3.41 15.32
C ASP B 92 -56.38 -4.39 16.12
N GLU B 93 -55.84 -5.43 15.48
CA GLU B 93 -54.93 -6.39 16.12
C GLU B 93 -55.56 -7.01 17.36
N THR B 94 -56.83 -7.39 17.26
CA THR B 94 -57.56 -8.02 18.35
C THR B 94 -57.35 -9.53 18.31
N PRO B 95 -57.76 -10.25 19.35
CA PRO B 95 -57.75 -11.72 19.28
C PRO B 95 -58.58 -12.21 18.10
N LYS B 96 -58.20 -13.37 17.56
CA LYS B 96 -58.83 -13.95 16.39
C LYS B 96 -59.56 -15.23 16.78
N GLY B 97 -60.78 -15.39 16.28
CA GLY B 97 -61.53 -16.60 16.57
C GLY B 97 -62.91 -16.55 15.95
N VAL B 98 -63.76 -17.49 16.38
CA VAL B 98 -65.15 -17.57 15.94
C VAL B 98 -66.01 -17.90 17.14
N THR B 99 -67.25 -17.42 17.12
CA THR B 99 -68.12 -17.50 18.28
C THR B 99 -69.52 -17.93 17.87
N ILE B 100 -70.09 -18.88 18.60
CA ILE B 100 -71.51 -19.21 18.54
C ILE B 100 -72.13 -18.75 19.85
N HIS B 101 -73.11 -17.85 19.76
CA HIS B 101 -73.63 -17.17 20.94
C HIS B 101 -75.14 -17.01 20.83
N LEU B 102 -75.74 -16.48 21.90
CA LEU B 102 -77.15 -16.17 21.95
C LEU B 102 -77.39 -14.72 21.57
N ILE B 103 -78.62 -14.42 21.17
CA ILE B 103 -79.00 -13.08 20.71
C ILE B 103 -79.70 -12.35 21.85
N ASP B 104 -79.24 -11.13 22.13
CA ASP B 104 -79.82 -10.26 23.13
C ASP B 104 -80.63 -9.16 22.46
N GLU B 105 -80.84 -8.06 23.18
CA GLU B 105 -81.44 -6.85 22.61
C GLU B 105 -80.40 -5.89 22.05
N HIS B 106 -79.12 -6.21 22.21
CA HIS B 106 -78.03 -5.40 21.67
C HIS B 106 -77.19 -6.25 20.71
N VAL B 107 -76.17 -5.64 20.13
CA VAL B 107 -75.42 -6.23 19.03
C VAL B 107 -74.33 -7.14 19.59
N ASP B 108 -74.49 -8.45 19.36
CA ASP B 108 -73.45 -9.44 19.63
C ASP B 108 -72.97 -9.42 21.07
N THR B 109 -73.84 -8.99 21.98
CA THR B 109 -73.53 -8.98 23.41
C THR B 109 -74.00 -10.23 24.14
N GLY B 110 -74.65 -11.14 23.44
CA GLY B 110 -75.25 -12.29 24.09
C GLY B 110 -74.21 -13.21 24.73
N ASP B 111 -74.69 -14.08 25.60
CA ASP B 111 -73.83 -15.05 26.25
C ASP B 111 -73.34 -16.08 25.23
N ILE B 112 -72.20 -16.67 25.53
CA ILE B 112 -71.50 -17.52 24.58
C ILE B 112 -71.81 -18.98 24.87
N LEU B 113 -72.06 -19.74 23.81
CA LEU B 113 -72.29 -21.18 23.93
C LEU B 113 -70.99 -21.94 23.68
N VAL B 114 -70.41 -21.77 22.49
CA VAL B 114 -69.11 -22.35 22.16
C VAL B 114 -68.27 -21.30 21.45
N GLN B 115 -66.95 -21.41 21.62
CA GLN B 115 -66.03 -20.47 21.00
C GLN B 115 -64.75 -21.20 20.62
N GLU B 116 -64.14 -20.73 19.53
CA GLU B 116 -62.94 -21.35 19.00
C GLU B 116 -61.97 -20.25 18.56
N GLU B 117 -60.68 -20.53 18.67
CA GLU B 117 -59.65 -19.58 18.31
C GLU B 117 -59.06 -19.94 16.95
N ILE B 118 -59.07 -18.97 16.03
CA ILE B 118 -58.49 -19.16 14.70
C ILE B 118 -57.26 -18.28 14.59
N ALA B 119 -56.41 -18.62 13.61
CA ALA B 119 -55.15 -17.92 13.41
C ALA B 119 -55.00 -17.54 11.95
N PHE B 120 -54.59 -16.30 11.70
CA PHE B 120 -54.36 -15.79 10.36
C PHE B 120 -52.86 -15.65 10.11
N ALA B 121 -52.45 -15.89 8.87
CA ALA B 121 -51.06 -15.77 8.47
C ALA B 121 -50.74 -14.34 8.05
N ASP B 122 -49.44 -14.02 8.03
CA ASP B 122 -49.02 -12.70 7.59
C ASP B 122 -49.06 -12.56 6.08
N GLU B 123 -48.86 -13.65 5.34
CA GLU B 123 -48.94 -13.64 3.89
C GLU B 123 -50.34 -13.93 3.39
N ASP B 124 -51.32 -14.04 4.28
CA ASP B 124 -52.70 -14.24 3.90
C ASP B 124 -53.35 -12.90 3.58
N THR B 125 -54.02 -12.82 2.43
CA THR B 125 -54.78 -11.62 2.11
C THR B 125 -56.02 -11.55 3.01
N LEU B 126 -56.63 -10.37 3.03
CA LEU B 126 -57.84 -10.19 3.84
C LEU B 126 -58.95 -11.11 3.34
N LEU B 127 -59.04 -11.33 2.03
CA LEU B 127 -60.03 -12.26 1.49
C LEU B 127 -59.75 -13.68 1.96
N ASP B 128 -58.47 -14.07 1.99
CA ASP B 128 -58.12 -15.37 2.54
C ASP B 128 -58.54 -15.49 4.00
N CYS B 129 -58.50 -14.38 4.74
CA CYS B 129 -58.90 -14.42 6.14
C CYS B 129 -60.40 -14.60 6.28
N TYR B 130 -61.19 -13.93 5.43
CA TYR B 130 -62.64 -14.05 5.51
C TYR B 130 -63.08 -15.50 5.31
N ASN B 131 -62.44 -16.20 4.36
CA ASN B 131 -62.80 -17.59 4.10
C ASN B 131 -62.52 -18.47 5.31
N LYS B 132 -61.31 -18.35 5.87
CA LYS B 132 -60.93 -19.21 6.99
C LYS B 132 -61.85 -19.01 8.18
N ALA B 133 -62.27 -17.77 8.43
CA ALA B 133 -63.19 -17.50 9.53
C ALA B 133 -64.56 -18.09 9.25
N ASN B 134 -65.08 -17.89 8.03
CA ASN B 134 -66.37 -18.46 7.68
C ASN B 134 -66.34 -19.98 7.71
N GLN B 135 -65.22 -20.60 7.33
CA GLN B 135 -65.12 -22.05 7.40
C GLN B 135 -65.09 -22.53 8.85
N ALA B 136 -64.41 -21.78 9.73
CA ALA B 136 -64.32 -22.19 11.12
C ALA B 136 -65.67 -22.16 11.81
N ILE B 137 -66.44 -21.09 11.60
CA ILE B 137 -67.74 -20.98 12.25
C ILE B 137 -68.72 -21.99 11.67
N GLU B 138 -68.55 -22.36 10.40
CA GLU B 138 -69.38 -23.41 9.82
C GLU B 138 -69.03 -24.78 10.39
N GLU B 139 -67.74 -25.07 10.52
CA GLU B 139 -67.32 -26.36 11.07
C GLU B 139 -67.61 -26.45 12.56
N LEU B 140 -67.48 -25.33 13.28
CA LEU B 140 -67.78 -25.33 14.71
C LEU B 140 -69.26 -25.62 14.95
N PHE B 141 -70.13 -25.04 14.14
CA PHE B 141 -71.56 -25.33 14.24
C PHE B 141 -71.83 -26.82 13.98
N ILE B 142 -71.24 -27.35 12.91
CA ILE B 142 -71.41 -28.77 12.57
C ILE B 142 -70.91 -29.66 13.70
N ARG B 143 -69.95 -29.18 14.49
CA ARG B 143 -69.35 -29.99 15.54
C ARG B 143 -70.14 -29.94 16.85
N GLU B 144 -70.82 -28.84 17.14
CA GLU B 144 -71.42 -28.63 18.46
C GLU B 144 -72.93 -28.39 18.42
N TRP B 145 -73.57 -28.54 17.25
CA TRP B 145 -75.00 -28.25 17.18
C TRP B 145 -75.82 -29.24 17.99
N GLU B 146 -75.48 -30.53 17.92
CA GLU B 146 -76.20 -31.53 18.70
C GLU B 146 -76.02 -31.31 20.20
N ASN B 147 -74.79 -30.97 20.62
CA ASN B 147 -74.55 -30.68 22.02
C ASN B 147 -75.33 -29.45 22.49
N ILE B 148 -75.75 -28.59 21.57
CA ILE B 148 -76.52 -27.41 21.94
C ILE B 148 -78.00 -27.75 22.08
N VAL B 149 -78.56 -28.51 21.14
CA VAL B 149 -79.98 -28.81 21.19
C VAL B 149 -80.30 -29.75 22.35
N HIS B 150 -79.34 -30.58 22.75
CA HIS B 150 -79.54 -31.49 23.87
C HIS B 150 -79.24 -30.85 25.21
N GLY B 151 -78.91 -29.55 25.23
CA GLY B 151 -78.62 -28.87 26.47
C GLY B 151 -77.32 -29.27 27.13
N ARG B 152 -76.38 -29.85 26.38
CA ARG B 152 -75.13 -30.32 26.96
C ARG B 152 -74.13 -29.19 27.14
N ILE B 153 -74.23 -28.12 26.35
CA ILE B 153 -73.32 -26.99 26.41
C ILE B 153 -73.85 -26.00 27.45
N ALA B 154 -72.98 -25.60 28.37
CA ALA B 154 -73.34 -24.64 29.40
C ALA B 154 -72.94 -23.23 28.97
N PRO B 155 -73.87 -22.29 28.88
CA PRO B 155 -73.50 -20.94 28.43
C PRO B 155 -72.65 -20.22 29.45
N TYR B 156 -71.72 -19.39 28.95
CA TYR B 156 -70.96 -18.49 29.80
C TYR B 156 -71.01 -17.07 29.22
N ARG B 157 -70.87 -16.10 30.11
CA ARG B 157 -70.97 -14.69 29.72
C ARG B 157 -69.66 -14.21 29.12
N GLN B 158 -69.75 -13.20 28.26
CA GLN B 158 -68.57 -12.61 27.64
C GLN B 158 -67.72 -11.89 28.69
N THR B 159 -66.46 -11.65 28.33
CA THR B 159 -65.56 -10.90 29.20
C THR B 159 -65.81 -9.40 29.06
N ALA B 160 -65.01 -8.60 29.77
CA ALA B 160 -65.32 -7.18 29.94
C ALA B 160 -64.83 -6.33 28.77
N GLY B 161 -63.79 -6.77 28.08
CA GLY B 161 -63.23 -6.01 26.97
C GLY B 161 -64.07 -6.02 25.73
N GLY B 162 -63.44 -5.78 24.60
CA GLY B 162 -64.09 -5.97 23.31
C GLY B 162 -64.34 -4.64 22.59
N THR B 163 -64.44 -4.73 21.28
CA THR B 163 -64.75 -3.61 20.41
C THR B 163 -66.02 -3.89 19.62
N LEU B 164 -66.68 -2.81 19.20
CA LEU B 164 -67.91 -2.89 18.43
C LEU B 164 -67.79 -1.99 17.21
N HIS B 165 -68.18 -2.50 16.05
CA HIS B 165 -68.07 -1.76 14.80
C HIS B 165 -69.40 -1.78 14.06
N PHE B 166 -69.55 -0.82 13.14
CA PHE B 166 -70.76 -0.61 12.38
C PHE B 166 -70.46 -0.66 10.89
N LYS B 167 -71.51 -0.69 10.09
CA LYS B 167 -71.34 -0.49 8.66
C LYS B 167 -70.87 0.93 8.40
N ALA B 168 -70.25 1.12 7.23
CA ALA B 168 -69.66 2.39 6.80
C ALA B 168 -68.48 2.81 7.68
N ASP B 169 -67.96 1.92 8.51
CA ASP B 169 -66.70 2.14 9.19
C ASP B 169 -65.50 1.72 8.34
N ARG B 170 -65.75 1.09 7.20
CA ARG B 170 -64.71 0.58 6.33
C ARG B 170 -64.64 1.33 5.00
N ASP B 171 -65.53 2.30 4.77
CA ASP B 171 -65.51 3.06 3.53
C ASP B 171 -64.12 3.57 3.19
N PHE B 172 -63.30 3.83 4.20
CA PHE B 172 -61.94 4.31 3.98
C PHE B 172 -61.01 3.16 3.57
N TYR B 173 -61.19 1.99 4.16
CA TYR B 173 -60.31 0.83 3.91
C TYR B 173 -60.89 -0.12 2.86
N LYS B 174 -61.54 0.43 1.84
CA LYS B 174 -62.18 -0.41 0.84
C LYS B 174 -61.21 -0.95 -0.20
N ASN B 175 -60.07 -0.31 -0.39
CA ASN B 175 -59.10 -0.73 -1.39
C ASN B 175 -58.07 -1.70 -0.84
N LEU B 176 -58.30 -2.26 0.35
CA LEU B 176 -57.34 -3.12 1.02
C LEU B 176 -57.84 -4.55 1.14
N ASN B 177 -58.75 -4.96 0.24
CA ASN B 177 -59.35 -6.28 0.34
C ASN B 177 -58.34 -7.38 0.01
N MET B 178 -57.46 -7.13 -0.95
CA MET B 178 -56.51 -8.12 -1.41
C MET B 178 -55.10 -7.90 -0.84
N THR B 179 -54.95 -6.93 0.05
CA THR B 179 -53.67 -6.67 0.68
C THR B 179 -53.40 -7.71 1.76
N THR B 180 -52.15 -8.18 1.82
CA THR B 180 -51.76 -9.17 2.82
C THR B 180 -51.86 -8.59 4.22
N VAL B 181 -51.88 -9.48 5.22
CA VAL B 181 -52.02 -9.06 6.61
C VAL B 181 -50.82 -8.21 7.02
N ARG B 182 -49.62 -8.63 6.66
CA ARG B 182 -48.42 -7.90 7.03
C ARG B 182 -48.43 -6.49 6.43
N GLU B 183 -48.75 -6.39 5.14
CA GLU B 183 -48.77 -5.09 4.48
C GLU B 183 -49.94 -4.23 4.94
N LEU B 184 -51.02 -4.86 5.43
CA LEU B 184 -52.12 -4.08 5.99
C LEU B 184 -51.71 -3.45 7.31
N LEU B 185 -51.05 -4.22 8.18
CA LEU B 185 -50.57 -3.67 9.46
C LEU B 185 -49.49 -2.63 9.23
N ALA B 186 -48.63 -2.84 8.23
CA ALA B 186 -47.63 -1.84 7.89
C ALA B 186 -48.28 -0.51 7.50
N LEU B 187 -49.36 -0.58 6.73
CA LEU B 187 -50.09 0.64 6.38
C LEU B 187 -50.74 1.27 7.60
N LYS B 188 -51.07 0.46 8.63
CA LYS B 188 -51.63 1.01 9.85
C LYS B 188 -50.60 1.81 10.63
N ARG B 189 -49.38 1.27 10.77
CA ARG B 189 -48.32 1.98 11.46
C ARG B 189 -47.92 3.26 10.73
N LEU B 190 -48.26 3.38 9.44
CA LEU B 190 -47.85 4.51 8.62
C LEU B 190 -48.99 5.47 8.33
N CYS B 191 -50.12 5.34 9.04
CA CYS B 191 -51.27 6.20 8.76
C CYS B 191 -52.02 6.62 10.02
N ALA B 192 -51.50 6.32 11.21
CA ALA B 192 -52.18 6.65 12.46
C ALA B 192 -51.18 7.20 13.46
N GLU B 193 -51.72 7.68 14.58
CA GLU B 193 -50.97 8.42 15.59
C GLU B 193 -51.30 7.88 16.97
N PRO B 194 -50.30 7.48 17.76
CA PRO B 194 -50.59 6.86 19.05
C PRO B 194 -50.28 7.72 20.26
N LYS B 195 -49.89 8.98 20.04
CA LYS B 195 -49.54 9.90 21.12
C LYS B 195 -48.45 9.35 22.02
N GLU B 198 -47.46 12.66 22.31
CA GLU B 198 -47.87 13.86 21.60
C GLU B 198 -47.47 15.12 22.37
N LYS B 199 -47.24 16.22 21.65
CA LYS B 199 -46.90 17.49 22.27
C LYS B 199 -47.49 18.65 21.48
N PRO B 200 -48.42 19.40 22.05
CA PRO B 200 -48.96 20.58 21.37
C PRO B 200 -47.97 21.75 21.43
N ILE B 201 -48.21 22.71 20.54
CA ILE B 201 -47.36 23.89 20.43
C ILE B 201 -48.05 25.04 21.15
N ASP B 202 -47.38 25.59 22.16
CA ASP B 202 -47.92 26.68 22.96
C ASP B 202 -47.05 27.93 22.87
N LYS B 203 -46.25 28.07 21.81
CA LYS B 203 -45.30 29.16 21.69
C LYS B 203 -45.40 29.80 20.32
N THR B 204 -45.24 31.12 20.28
CA THR B 204 -45.04 31.84 19.03
C THR B 204 -43.55 31.83 18.68
N PHE B 205 -43.20 32.45 17.56
CA PHE B 205 -41.80 32.43 17.16
C PHE B 205 -40.98 33.43 17.97
N HIS B 206 -41.43 34.68 18.05
CA HIS B 206 -40.70 35.69 18.81
C HIS B 206 -40.56 35.27 20.27
N GLN B 207 -41.52 34.52 20.79
CA GLN B 207 -41.38 33.94 22.12
C GLN B 207 -40.12 33.08 22.21
N LEU B 208 -39.96 32.16 21.25
CA LEU B 208 -38.81 31.26 21.29
C LEU B 208 -37.54 31.97 20.86
N PHE B 209 -37.66 33.04 20.08
CA PHE B 209 -36.47 33.78 19.67
C PHE B 209 -35.93 34.62 20.81
N GLU B 210 -36.81 35.37 21.49
CA GLU B 210 -36.38 36.14 22.65
C GLU B 210 -35.78 35.24 23.72
N GLN B 211 -36.26 34.00 23.82
CA GLN B 211 -35.64 33.04 24.73
C GLN B 211 -34.23 32.67 24.25
N GLN B 212 -34.03 32.57 22.93
CA GLN B 212 -32.71 32.28 22.40
C GLN B 212 -31.78 33.47 22.51
N VAL B 213 -32.34 34.69 22.42
CA VAL B 213 -31.54 35.89 22.62
C VAL B 213 -30.92 35.91 24.01
N GLU B 214 -31.62 35.37 25.01
CA GLU B 214 -31.11 35.35 26.37
C GLU B 214 -30.08 34.25 26.60
N MET B 215 -30.06 33.22 25.75
CA MET B 215 -29.09 32.14 25.90
C MET B 215 -27.84 32.35 25.04
N THR B 216 -27.97 33.06 23.93
CA THR B 216 -26.84 33.41 23.05
C THR B 216 -26.84 34.92 22.78
N PRO B 217 -26.67 35.75 23.83
CA PRO B 217 -26.88 37.19 23.68
C PRO B 217 -25.85 37.87 22.77
N ASP B 218 -24.58 37.54 22.98
CA ASP B 218 -23.49 38.15 22.24
C ASP B 218 -23.02 37.29 21.07
N HIS B 219 -23.81 36.31 20.66
CA HIS B 219 -23.48 35.51 19.50
C HIS B 219 -23.86 36.26 18.21
N VAL B 220 -23.11 35.99 17.15
CA VAL B 220 -23.42 36.59 15.86
C VAL B 220 -24.69 35.95 15.30
N ALA B 221 -25.68 36.78 14.99
CA ALA B 221 -26.95 36.31 14.44
C ALA B 221 -27.08 36.55 12.95
N VAL B 222 -26.67 37.73 12.48
CA VAL B 222 -26.85 38.15 11.09
C VAL B 222 -25.54 38.75 10.60
N VAL B 223 -25.19 38.49 9.34
CA VAL B 223 -23.97 39.01 8.72
C VAL B 223 -24.31 39.49 7.32
N ASP B 224 -24.04 40.76 7.03
CA ASP B 224 -24.35 41.36 5.74
C ASP B 224 -23.22 42.33 5.37
N ARG B 225 -22.47 41.98 4.31
CA ARG B 225 -21.43 42.83 3.75
C ARG B 225 -20.40 43.22 4.81
N GLY B 226 -19.89 42.21 5.51
CA GLY B 226 -18.89 42.42 6.53
C GLY B 226 -19.38 43.05 7.82
N GLN B 227 -20.59 43.60 7.85
CA GLN B 227 -21.18 44.09 9.08
C GLN B 227 -21.98 42.97 9.76
N SER B 228 -22.12 43.07 11.08
CA SER B 228 -22.71 41.99 11.85
C SER B 228 -23.68 42.55 12.88
N LEU B 229 -24.54 41.66 13.39
CA LEU B 229 -25.51 41.97 14.44
C LEU B 229 -25.54 40.81 15.41
N THR B 230 -25.34 41.09 16.70
CA THR B 230 -25.49 40.06 17.70
C THR B 230 -26.97 39.81 17.98
N TYR B 231 -27.26 38.67 18.59
CA TYR B 231 -28.64 38.34 18.93
C TYR B 231 -29.27 39.40 19.82
N LYS B 232 -28.48 39.95 20.75
CA LYS B 232 -28.99 41.03 21.60
C LYS B 232 -29.24 42.29 20.77
N GLN B 233 -28.37 42.57 19.81
CA GLN B 233 -28.54 43.78 19.00
C GLN B 233 -29.71 43.64 18.04
N LEU B 234 -29.91 42.45 17.47
CA LEU B 234 -31.05 42.22 16.59
C LEU B 234 -32.36 42.33 17.35
N ASN B 235 -32.41 41.80 18.56
CA ASN B 235 -33.63 41.86 19.36
C ASN B 235 -33.99 43.30 19.71
N GLU B 236 -32.99 44.07 20.17
CA GLU B 236 -33.25 45.45 20.58
C GLU B 236 -33.68 46.30 19.41
N ARG B 237 -33.03 46.15 18.26
CA ARG B 237 -33.41 46.94 17.09
C ARG B 237 -34.79 46.57 16.57
N ALA B 238 -35.16 45.30 16.68
CA ALA B 238 -36.50 44.89 16.28
C ALA B 238 -37.55 45.40 17.26
N ASN B 239 -37.24 45.37 18.56
CA ASN B 239 -38.18 45.85 19.56
C ASN B 239 -38.46 47.34 19.40
N GLN B 240 -37.46 48.10 18.95
CA GLN B 240 -37.68 49.53 18.70
C GLN B 240 -38.69 49.73 17.58
N LEU B 241 -38.47 49.05 16.45
CA LEU B 241 -39.42 49.15 15.34
C LEU B 241 -40.76 48.53 15.69
N ALA B 242 -40.77 47.53 16.57
CA ALA B 242 -42.03 46.89 16.95
C ALA B 242 -42.85 47.79 17.88
N HIS B 243 -42.18 48.46 18.83
CA HIS B 243 -42.87 49.47 19.63
C HIS B 243 -43.50 50.53 18.75
N HIS B 244 -42.77 50.97 17.72
CA HIS B 244 -43.32 51.94 16.78
C HIS B 244 -44.48 51.34 15.98
N LEU B 245 -44.32 50.09 15.53
CA LEU B 245 -45.35 49.45 14.72
C LEU B 245 -46.63 49.23 15.53
N ARG B 246 -46.50 48.71 16.74
CA ARG B 246 -47.68 48.48 17.57
C ARG B 246 -48.39 49.77 17.91
N GLY B 247 -47.65 50.87 18.09
CA GLY B 247 -48.28 52.15 18.33
C GLY B 247 -49.03 52.69 17.13
N LYS B 248 -48.63 52.30 15.92
CA LYS B 248 -49.32 52.72 14.72
C LYS B 248 -50.61 51.94 14.47
N GLY B 249 -50.86 50.87 15.22
CA GLY B 249 -52.12 50.16 15.11
C GLY B 249 -52.00 48.67 14.83
N VAL B 250 -50.77 48.17 14.73
CA VAL B 250 -50.57 46.76 14.41
C VAL B 250 -51.12 45.90 15.54
N LYS B 251 -52.14 45.11 15.23
CA LYS B 251 -52.79 44.20 16.16
C LYS B 251 -52.68 42.77 15.65
N PRO B 252 -52.91 41.78 16.51
CA PRO B 252 -52.79 40.38 16.07
C PRO B 252 -53.61 40.08 14.82
N ASP B 253 -53.03 39.25 13.96
CA ASP B 253 -53.55 38.83 12.66
C ASP B 253 -53.56 39.94 11.62
N ASP B 254 -53.12 41.15 11.96
CA ASP B 254 -52.96 42.19 10.95
C ASP B 254 -51.76 41.88 10.06
N GLN B 255 -51.89 42.19 8.78
CA GLN B 255 -50.84 41.96 7.79
C GLN B 255 -50.14 43.27 7.49
N VAL B 256 -48.82 43.31 7.70
CA VAL B 256 -48.00 44.44 7.33
C VAL B 256 -46.95 43.94 6.33
N ALA B 257 -46.70 44.74 5.31
CA ALA B 257 -45.86 44.34 4.19
C ALA B 257 -44.44 44.87 4.34
N ILE B 258 -43.50 44.11 3.80
CA ILE B 258 -42.08 44.46 3.80
C ILE B 258 -41.59 44.31 2.37
N MET B 259 -41.02 45.38 1.82
CA MET B 259 -40.45 45.37 0.47
C MET B 259 -39.02 45.86 0.57
N LEU B 260 -38.14 44.95 1.00
CA LEU B 260 -36.73 45.24 1.20
C LEU B 260 -35.87 44.26 0.40
N ASP B 261 -34.72 44.74 -0.07
CA ASP B 261 -33.70 43.83 -0.55
C ASP B 261 -33.08 43.11 0.65
N LYS B 262 -32.47 41.96 0.38
CA LYS B 262 -31.86 41.18 1.45
C LYS B 262 -30.77 42.00 2.13
N SER B 263 -30.94 42.22 3.44
CA SER B 263 -30.04 43.07 4.20
C SER B 263 -30.22 42.76 5.68
N LEU B 264 -29.57 43.56 6.53
CA LEU B 264 -29.78 43.43 7.97
C LEU B 264 -31.15 43.95 8.38
N ASP B 265 -31.62 45.02 7.72
CA ASP B 265 -32.91 45.59 8.04
C ASP B 265 -34.07 44.66 7.68
N MET B 266 -33.85 43.72 6.76
CA MET B 266 -34.89 42.75 6.44
C MET B 266 -35.15 41.82 7.62
N ILE B 267 -34.09 41.36 8.28
CA ILE B 267 -34.25 40.53 9.47
C ILE B 267 -34.91 41.33 10.58
N VAL B 268 -34.56 42.61 10.69
CA VAL B 268 -35.15 43.47 11.72
C VAL B 268 -36.63 43.69 11.44
N SER B 269 -36.98 43.99 10.19
CA SER B 269 -38.37 44.26 9.85
C SER B 269 -39.24 43.02 10.00
N ILE B 270 -38.70 41.84 9.63
CA ILE B 270 -39.47 40.60 9.74
C ILE B 270 -39.78 40.31 11.20
N LEU B 271 -38.78 40.42 12.07
CA LEU B 271 -38.99 40.15 13.49
C LEU B 271 -39.73 41.27 14.21
N ALA B 272 -39.71 42.49 13.67
CA ALA B 272 -40.44 43.59 14.30
C ALA B 272 -41.94 43.41 14.11
N VAL B 273 -42.35 42.90 12.95
CA VAL B 273 -43.77 42.62 12.70
C VAL B 273 -44.27 41.57 13.69
N MET B 274 -43.49 40.52 13.90
CA MET B 274 -43.88 39.46 14.83
C MET B 274 -44.00 40.00 16.25
N LYS B 275 -42.99 40.77 16.69
CA LYS B 275 -43.01 41.31 18.04
C LYS B 275 -44.15 42.29 18.23
N ALA B 276 -44.48 43.07 17.19
CA ALA B 276 -45.64 43.94 17.27
C ALA B 276 -46.92 43.12 17.40
N GLY B 277 -47.00 42.00 16.70
CA GLY B 277 -48.14 41.11 16.81
C GLY B 277 -48.75 40.68 15.50
N GLY B 278 -48.27 41.25 14.39
CA GLY B 278 -48.85 41.00 13.09
C GLY B 278 -48.09 39.96 12.28
N ALA B 279 -48.57 39.75 11.06
CA ALA B 279 -47.96 38.87 10.09
C ALA B 279 -47.26 39.70 9.02
N TYR B 280 -46.17 39.16 8.47
CA TYR B 280 -45.34 39.90 7.53
C TYR B 280 -45.58 39.39 6.12
N VAL B 281 -45.91 40.30 5.20
CA VAL B 281 -46.18 39.97 3.80
C VAL B 281 -44.97 40.37 2.97
N PRO B 282 -44.09 39.42 2.64
CA PRO B 282 -42.87 39.78 1.90
C PRO B 282 -43.17 40.13 0.46
N ILE B 283 -42.48 41.17 -0.02
CA ILE B 283 -42.61 41.62 -1.41
C ILE B 283 -41.20 41.83 -1.95
N ASP B 284 -40.88 41.12 -3.03
CA ASP B 284 -39.54 41.22 -3.60
C ASP B 284 -39.43 42.49 -4.43
N PRO B 285 -38.44 43.36 -4.16
CA PRO B 285 -38.36 44.64 -4.90
C PRO B 285 -38.01 44.48 -6.36
N ASP B 286 -37.62 43.28 -6.81
CA ASP B 286 -37.29 43.03 -8.20
C ASP B 286 -38.42 42.34 -8.96
N TYR B 287 -39.58 42.14 -8.31
CA TYR B 287 -40.74 41.60 -9.00
C TYR B 287 -41.26 42.59 -10.02
N PRO B 288 -41.97 42.11 -11.04
CA PRO B 288 -42.71 43.03 -11.92
C PRO B 288 -43.68 43.87 -11.11
N GLY B 289 -43.79 45.15 -11.50
CA GLY B 289 -44.67 46.06 -10.77
C GLY B 289 -46.11 45.60 -10.73
N GLU B 290 -46.54 44.82 -11.73
CA GLU B 290 -47.89 44.28 -11.72
C GLU B 290 -48.11 43.38 -10.52
N ARG B 291 -47.12 42.53 -10.20
CA ARG B 291 -47.26 41.64 -9.06
C ARG B 291 -47.23 42.42 -7.76
N ILE B 292 -46.23 43.28 -7.58
CA ILE B 292 -46.15 44.14 -6.41
C ILE B 292 -47.46 44.88 -6.18
N ALA B 293 -48.12 45.26 -7.28
CA ALA B 293 -49.43 45.89 -7.17
C ALA B 293 -50.49 44.87 -6.74
N TYR B 294 -50.46 43.68 -7.36
CA TYR B 294 -51.43 42.65 -6.99
C TYR B 294 -51.22 42.19 -5.55
N MET B 295 -49.98 41.94 -5.16
CA MET B 295 -49.71 41.44 -3.82
C MET B 295 -50.06 42.48 -2.76
N LEU B 296 -49.80 43.76 -3.06
CA LEU B 296 -50.20 44.81 -2.13
C LEU B 296 -51.71 44.97 -2.07
N ALA B 297 -52.40 44.74 -3.20
CA ALA B 297 -53.85 44.90 -3.22
C ALA B 297 -54.54 43.75 -2.49
N ASP B 298 -54.11 42.52 -2.75
CA ASP B 298 -54.77 41.36 -2.13
C ASP B 298 -54.60 41.37 -0.63
N SER B 299 -53.41 41.69 -0.15
CA SER B 299 -53.17 41.76 1.29
C SER B 299 -53.95 42.93 1.89
N SER B 300 -54.37 42.76 3.14
CA SER B 300 -54.94 43.86 3.91
C SER B 300 -53.89 44.86 4.37
N ALA B 301 -52.67 44.76 3.82
CA ALA B 301 -51.55 45.58 4.28
C ALA B 301 -51.84 47.06 4.12
N ALA B 302 -51.86 47.78 5.24
CA ALA B 302 -51.90 49.24 5.24
C ALA B 302 -50.52 49.85 5.44
N ILE B 303 -49.64 49.14 6.13
CA ILE B 303 -48.30 49.61 6.45
C ILE B 303 -47.30 48.85 5.58
N LEU B 304 -46.37 49.57 4.98
CA LEU B 304 -45.33 48.98 4.14
C LEU B 304 -43.97 49.43 4.66
N LEU B 305 -43.24 48.52 5.28
CA LEU B 305 -41.87 48.78 5.71
C LEU B 305 -40.96 48.68 4.49
N THR B 306 -40.57 49.83 3.94
CA THR B 306 -39.72 49.86 2.76
C THR B 306 -38.69 50.97 2.93
N ASN B 307 -37.87 51.16 1.89
CA ASN B 307 -36.85 52.20 1.85
C ASN B 307 -37.19 53.20 0.75
N ALA B 308 -36.33 54.22 0.63
CA ALA B 308 -36.57 55.26 -0.37
C ALA B 308 -36.43 54.72 -1.79
N LEU B 309 -35.56 53.73 -1.98
CA LEU B 309 -35.34 53.19 -3.32
C LEU B 309 -36.59 52.52 -3.88
N HIS B 310 -37.40 51.91 -3.01
CA HIS B 310 -38.53 51.11 -3.43
C HIS B 310 -39.88 51.71 -3.05
N GLU B 311 -39.90 52.92 -2.48
CA GLU B 311 -41.15 53.52 -2.06
C GLU B 311 -42.13 53.67 -3.22
N GLU B 312 -41.63 54.11 -4.38
CA GLU B 312 -42.49 54.43 -5.50
C GLU B 312 -43.11 53.18 -6.14
N LYS B 313 -42.55 52.01 -5.88
CA LYS B 313 -43.12 50.78 -6.43
C LYS B 313 -44.46 50.42 -5.80
N ALA B 314 -44.83 51.06 -4.70
CA ALA B 314 -46.12 50.85 -4.07
C ALA B 314 -47.22 51.74 -4.65
N ASN B 315 -46.84 52.79 -5.40
CA ASN B 315 -47.79 53.72 -6.00
C ASN B 315 -48.71 54.34 -4.96
N GLY B 316 -48.13 54.69 -3.81
CA GLY B 316 -48.89 55.32 -2.75
C GLY B 316 -50.10 54.53 -2.29
N ALA B 317 -49.99 53.21 -2.24
CA ALA B 317 -51.09 52.35 -1.83
C ALA B 317 -51.01 51.91 -0.37
N CYS B 318 -49.94 52.29 0.34
CA CYS B 318 -49.76 51.88 1.71
C CYS B 318 -49.05 52.99 2.49
N ASP B 319 -49.29 53.03 3.79
CA ASP B 319 -48.55 53.91 4.67
C ASP B 319 -47.11 53.43 4.77
N ILE B 320 -46.17 54.33 4.53
CA ILE B 320 -44.75 53.98 4.37
C ILE B 320 -44.03 54.23 5.69
N ILE B 321 -43.25 53.25 6.14
CA ILE B 321 -42.42 53.37 7.33
C ILE B 321 -40.98 53.14 6.88
N ASP B 322 -40.21 54.20 6.75
CA ASP B 322 -38.83 54.07 6.28
C ASP B 322 -37.97 53.37 7.33
N VAL B 323 -37.35 52.25 6.97
CA VAL B 323 -36.48 51.53 7.89
C VAL B 323 -35.14 52.22 8.13
N HIS B 324 -34.89 53.39 7.51
CA HIS B 324 -33.66 54.16 7.73
C HIS B 324 -33.90 55.45 8.51
N ASP B 325 -35.10 56.00 8.48
CA ASP B 325 -35.42 57.17 9.27
C ASP B 325 -35.41 56.80 10.76
N PRO B 326 -34.61 57.47 11.58
CA PRO B 326 -34.54 57.11 13.00
C PRO B 326 -35.84 57.32 13.75
N ASP B 327 -36.74 58.16 13.24
CA ASP B 327 -38.03 58.38 13.90
C ASP B 327 -38.94 57.17 13.79
N SER B 328 -38.66 56.24 12.87
CA SER B 328 -39.42 55.01 12.78
C SER B 328 -39.02 54.00 13.85
N TYR B 329 -37.97 54.28 14.61
CA TYR B 329 -37.48 53.39 15.65
C TYR B 329 -37.66 54.03 17.01
N SER B 330 -38.34 53.33 17.91
CA SER B 330 -38.55 53.83 19.25
C SER B 330 -37.26 53.77 20.05
N GLU B 331 -37.35 54.19 21.32
CA GLU B 331 -36.22 54.15 22.24
C GLU B 331 -36.28 52.94 23.18
N ASN B 332 -37.39 52.22 23.18
CA ASN B 332 -37.60 51.09 24.09
C ASN B 332 -36.98 49.85 23.45
N THR B 333 -35.81 49.45 23.94
CA THR B 333 -35.15 48.25 23.46
C THR B 333 -35.68 46.98 24.11
N ASN B 334 -36.55 47.10 25.10
CA ASN B 334 -37.05 45.93 25.81
C ASN B 334 -38.07 45.17 24.97
N ASN B 335 -38.26 43.91 25.33
CA ASN B 335 -39.20 43.06 24.60
C ASN B 335 -40.63 43.56 24.78
N LEU B 336 -41.42 43.43 23.71
CA LEU B 336 -42.80 43.87 23.75
C LEU B 336 -43.63 42.94 24.64
N PRO B 337 -44.73 43.45 25.21
CA PRO B 337 -45.67 42.55 25.91
C PRO B 337 -46.36 41.65 24.91
N HIS B 338 -46.42 40.36 25.23
CA HIS B 338 -46.94 39.37 24.30
C HIS B 338 -48.44 39.52 24.13
N VAL B 339 -48.89 39.55 22.87
CA VAL B 339 -50.30 39.69 22.53
C VAL B 339 -50.78 38.63 21.57
N ASN B 340 -49.94 37.66 21.20
CA ASN B 340 -50.27 36.70 20.17
C ASN B 340 -50.53 35.32 20.76
N ARG B 341 -51.28 34.53 19.99
CA ARG B 341 -51.54 33.12 20.23
C ARG B 341 -50.93 32.30 19.10
N PRO B 342 -50.54 31.05 19.37
CA PRO B 342 -49.88 30.25 18.31
C PRO B 342 -50.70 30.08 17.05
N ASP B 343 -52.03 30.22 17.13
CA ASP B 343 -52.89 30.10 15.96
C ASP B 343 -53.06 31.43 15.22
N ASP B 344 -52.19 32.40 15.48
CA ASP B 344 -52.25 33.68 14.78
C ASP B 344 -51.31 33.65 13.58
N LEU B 345 -51.64 34.45 12.57
CA LEU B 345 -50.81 34.51 11.37
C LEU B 345 -49.41 35.03 11.70
N VAL B 346 -48.43 34.53 10.94
CA VAL B 346 -47.05 34.96 11.04
C VAL B 346 -46.52 35.50 9.72
N TYR B 347 -46.94 34.92 8.59
CA TYR B 347 -46.59 35.48 7.30
C TYR B 347 -47.61 35.05 6.26
N VAL B 348 -47.61 35.76 5.13
CA VAL B 348 -48.46 35.43 3.97
C VAL B 348 -47.57 35.51 2.74
N MET B 349 -47.23 34.35 2.18
CA MET B 349 -46.46 34.26 0.95
C MET B 349 -47.36 33.75 -0.18
N TYR B 350 -47.06 34.19 -1.39
CA TYR B 350 -47.91 33.92 -2.54
C TYR B 350 -47.34 32.80 -3.40
N THR B 351 -48.22 32.24 -4.24
CA THR B 351 -47.87 31.10 -5.08
C THR B 351 -47.17 31.60 -6.35
N SER B 352 -47.02 30.71 -7.33
CA SER B 352 -46.31 31.07 -8.55
C SER B 352 -47.14 31.98 -9.44
N GLY B 353 -48.36 31.55 -9.77
CA GLY B 353 -49.17 32.28 -10.72
C GLY B 353 -49.05 31.82 -12.16
N SER B 354 -48.32 30.73 -12.40
CA SER B 354 -48.19 30.21 -13.76
C SER B 354 -49.50 29.61 -14.25
N THR B 355 -50.22 28.90 -13.37
CA THR B 355 -51.50 28.33 -13.74
C THR B 355 -52.61 29.36 -13.79
N GLY B 356 -52.44 30.52 -13.16
CA GLY B 356 -53.45 31.56 -13.17
C GLY B 356 -53.18 32.68 -12.20
N LEU B 357 -54.14 32.93 -11.30
CA LEU B 357 -54.03 34.03 -10.35
C LEU B 357 -53.17 33.62 -9.16
N ALA B 358 -52.48 34.60 -8.58
CA ALA B 358 -51.64 34.35 -7.42
C ALA B 358 -52.49 34.22 -6.16
N LYS B 359 -52.06 33.33 -5.26
CA LYS B 359 -52.81 33.00 -4.07
C LYS B 359 -52.00 33.34 -2.83
N GLY B 360 -52.59 34.11 -1.92
CA GLY B 360 -51.94 34.44 -0.66
C GLY B 360 -52.07 33.35 0.36
N VAL B 361 -50.99 32.60 0.58
CA VAL B 361 -51.01 31.47 1.51
C VAL B 361 -50.78 31.98 2.92
N MET B 362 -51.71 31.67 3.82
CA MET B 362 -51.66 32.17 5.19
C MET B 362 -51.10 31.07 6.09
N ILE B 363 -49.92 31.31 6.66
CA ILE B 363 -49.26 30.37 7.56
C ILE B 363 -49.29 30.98 8.97
N GLU B 364 -49.57 30.14 9.95
CA GLU B 364 -49.71 30.57 11.34
C GLU B 364 -48.43 30.26 12.13
N HIS B 365 -48.38 30.79 13.36
CA HIS B 365 -47.17 30.69 14.17
C HIS B 365 -46.81 29.24 14.45
N HIS B 366 -47.78 28.44 14.90
CA HIS B 366 -47.49 27.05 15.28
C HIS B 366 -46.99 26.22 14.10
N ASN B 367 -47.32 26.60 12.87
CA ASN B 367 -46.80 25.88 11.71
C ASN B 367 -45.30 26.07 11.57
N LEU B 368 -44.82 27.30 11.81
CA LEU B 368 -43.39 27.57 11.71
C LEU B 368 -42.64 27.00 12.92
N VAL B 369 -43.26 27.05 14.09
CA VAL B 369 -42.64 26.49 15.29
C VAL B 369 -42.46 24.99 15.14
N ASN B 370 -43.44 24.31 14.53
CA ASN B 370 -43.33 22.87 14.32
C ASN B 370 -42.13 22.53 13.44
N PHE B 371 -41.91 23.31 12.39
CA PHE B 371 -40.78 23.05 11.49
C PHE B 371 -39.45 23.40 12.15
N CYS B 372 -39.37 24.59 12.76
CA CYS B 372 -38.11 25.04 13.34
C CYS B 372 -37.68 24.17 14.52
N GLU B 373 -38.64 23.68 15.30
CA GLU B 373 -38.32 22.80 16.42
C GLU B 373 -38.13 21.35 15.98
N TRP B 374 -38.38 21.04 14.72
CA TRP B 374 -37.96 19.78 14.11
C TRP B 374 -36.64 19.90 13.37
N TYR B 375 -36.40 21.06 12.75
CA TYR B 375 -35.18 21.25 11.96
C TYR B 375 -33.94 21.18 12.83
N ARG B 376 -33.96 21.83 13.99
CA ARG B 376 -32.77 21.89 14.84
C ARG B 376 -32.34 20.52 15.36
N PRO B 377 -33.22 19.66 15.89
CA PRO B 377 -32.73 18.34 16.31
C PRO B 377 -32.44 17.40 15.16
N TYR B 378 -33.21 17.47 14.06
CA TYR B 378 -33.01 16.56 12.95
C TYR B 378 -31.64 16.76 12.31
N PHE B 379 -31.28 18.01 12.04
CA PHE B 379 -30.00 18.33 11.43
C PHE B 379 -28.92 18.67 12.44
N GLY B 380 -29.23 18.62 13.74
CA GLY B 380 -28.26 18.89 14.78
C GLY B 380 -27.60 20.25 14.67
N VAL B 381 -28.41 21.32 14.73
CA VAL B 381 -27.92 22.67 14.55
C VAL B 381 -27.42 23.19 15.89
N THR B 382 -26.16 23.61 15.94
CA THR B 382 -25.53 24.19 17.11
C THR B 382 -25.32 25.67 16.90
N PRO B 383 -25.08 26.43 17.99
CA PRO B 383 -24.75 27.86 17.81
C PRO B 383 -23.47 28.10 17.03
N ALA B 384 -22.69 27.07 16.74
CA ALA B 384 -21.48 27.19 15.94
C ALA B 384 -21.73 27.07 14.44
N ASP B 385 -22.96 26.75 14.03
CA ASP B 385 -23.27 26.63 12.62
C ASP B 385 -23.43 28.01 11.99
N LYS B 386 -23.27 28.06 10.67
CA LYS B 386 -23.47 29.26 9.89
C LYS B 386 -24.32 28.91 8.67
N ALA B 387 -25.36 29.72 8.42
CA ALA B 387 -26.33 29.41 7.38
C ALA B 387 -26.35 30.51 6.32
N LEU B 388 -26.91 30.16 5.17
CA LEU B 388 -26.98 31.04 4.01
C LEU B 388 -28.42 31.50 3.79
N VAL B 389 -28.60 32.81 3.67
CA VAL B 389 -29.93 33.38 3.34
C VAL B 389 -29.96 33.53 1.82
N TYR B 390 -30.25 32.42 1.14
CA TYR B 390 -30.20 32.34 -0.31
C TYR B 390 -31.56 32.60 -0.95
N SER B 391 -32.62 31.97 -0.43
CA SER B 391 -33.94 32.15 -1.00
C SER B 391 -34.48 33.54 -0.70
N SER B 392 -35.22 34.10 -1.66
CA SER B 392 -35.84 35.40 -1.46
C SER B 392 -36.84 35.34 -0.32
N PHE B 393 -36.94 36.42 0.44
CA PHE B 393 -37.82 36.37 1.61
C PHE B 393 -39.29 36.26 1.24
N SER B 394 -39.62 36.34 -0.05
CA SER B 394 -40.96 36.08 -0.55
C SER B 394 -41.19 34.60 -0.90
N PHE B 395 -40.26 33.73 -0.53
CA PHE B 395 -40.40 32.29 -0.76
C PHE B 395 -40.12 31.54 0.54
N ASP B 396 -40.87 30.45 0.75
CA ASP B 396 -40.80 29.72 2.01
C ASP B 396 -39.40 29.19 2.31
N GLY B 397 -38.55 29.04 1.29
CA GLY B 397 -37.16 28.68 1.53
C GLY B 397 -36.45 29.67 2.44
N SER B 398 -36.80 30.96 2.35
CA SER B 398 -36.20 31.95 3.24
C SER B 398 -36.63 31.74 4.68
N ALA B 399 -37.86 31.26 4.90
CA ALA B 399 -38.28 30.94 6.26
C ALA B 399 -37.41 29.83 6.84
N LEU B 400 -37.05 28.85 6.02
CA LEU B 400 -36.08 27.84 6.44
C LEU B 400 -34.71 28.47 6.66
N ASP B 401 -34.34 29.44 5.82
CA ASP B 401 -33.03 30.08 5.96
C ASP B 401 -32.92 30.83 7.28
N ILE B 402 -33.92 31.62 7.61
CA ILE B 402 -33.83 32.59 8.70
C ILE B 402 -34.28 31.97 10.02
N PHE B 403 -35.53 31.49 10.04
CA PHE B 403 -36.19 31.19 11.31
C PHE B 403 -35.64 29.92 11.95
N THR B 404 -35.28 28.93 11.14
CA THR B 404 -34.84 27.66 11.70
C THR B 404 -33.51 27.80 12.44
N HIS B 405 -32.57 28.56 11.86
CA HIS B 405 -31.24 28.69 12.46
C HIS B 405 -31.21 29.72 13.58
N LEU B 406 -32.09 30.73 13.53
CA LEU B 406 -32.13 31.72 14.60
C LEU B 406 -32.56 31.10 15.92
N LEU B 407 -33.40 30.07 15.89
CA LEU B 407 -33.81 29.38 17.10
C LEU B 407 -32.74 28.41 17.61
N ALA B 408 -31.63 28.27 16.89
CA ALA B 408 -30.55 27.39 17.31
C ALA B 408 -29.32 28.12 17.82
N GLY B 409 -29.21 29.42 17.58
CA GLY B 409 -28.02 30.17 17.93
C GLY B 409 -27.02 30.34 16.82
N ALA B 410 -27.35 29.94 15.59
CA ALA B 410 -26.43 30.01 14.46
C ALA B 410 -26.41 31.42 13.89
N ALA B 411 -25.58 31.62 12.87
CA ALA B 411 -25.39 32.91 12.23
C ALA B 411 -25.90 32.86 10.80
N LEU B 412 -26.68 33.86 10.41
CA LEU B 412 -27.23 33.96 9.06
C LEU B 412 -26.34 34.86 8.21
N HIS B 413 -25.95 34.36 7.05
CA HIS B 413 -25.16 35.13 6.10
C HIS B 413 -26.03 35.47 4.90
N ILE B 414 -26.20 36.76 4.64
CA ILE B 414 -27.04 37.22 3.54
C ILE B 414 -26.28 37.07 2.23
N VAL B 415 -26.88 36.39 1.26
CA VAL B 415 -26.37 36.31 -0.11
C VAL B 415 -27.09 37.38 -0.92
N PRO B 416 -26.40 38.40 -1.41
CA PRO B 416 -27.06 39.39 -2.27
C PRO B 416 -27.59 38.75 -3.54
N SER B 417 -28.57 39.40 -4.15
CA SER B 417 -29.14 38.89 -5.40
C SER B 417 -28.11 38.83 -6.52
N GLU B 418 -26.92 39.42 -6.33
CA GLU B 418 -25.85 39.35 -7.31
C GLU B 418 -24.93 38.15 -7.09
N ARG B 419 -24.92 37.57 -5.89
CA ARG B 419 -24.05 36.45 -5.58
C ARG B 419 -24.72 35.09 -5.69
N LYS B 420 -26.06 35.04 -5.56
CA LYS B 420 -26.76 33.76 -5.59
C LYS B 420 -26.80 33.13 -6.96
N TYR B 421 -26.43 33.84 -8.02
CA TYR B 421 -26.47 33.30 -9.36
C TYR B 421 -25.11 32.76 -9.83
N ASP B 422 -24.02 33.19 -9.20
CA ASP B 422 -22.69 32.69 -9.52
C ASP B 422 -22.31 31.71 -8.40
N LEU B 423 -22.43 30.41 -8.69
CA LEU B 423 -22.17 29.41 -7.67
C LEU B 423 -20.69 29.25 -7.37
N ASP B 424 -19.81 29.62 -8.30
CA ASP B 424 -18.39 29.57 -8.01
C ASP B 424 -18.02 30.59 -6.94
N ALA B 425 -18.54 31.81 -7.06
CA ALA B 425 -18.33 32.80 -6.01
C ALA B 425 -19.07 32.44 -4.74
N LEU B 426 -20.21 31.74 -4.86
CA LEU B 426 -20.95 31.31 -3.68
C LEU B 426 -20.16 30.27 -2.89
N ASN B 427 -19.50 29.35 -3.59
CA ASN B 427 -18.66 28.37 -2.90
C ASN B 427 -17.41 29.01 -2.31
N ASP B 428 -16.88 30.04 -2.96
CA ASP B 428 -15.79 30.80 -2.37
C ASP B 428 -16.23 31.44 -1.05
N TYR B 429 -17.40 32.07 -1.05
CA TYR B 429 -17.92 32.66 0.18
C TYR B 429 -18.14 31.60 1.25
N CYS B 430 -18.75 30.48 0.89
CA CYS B 430 -19.01 29.42 1.86
C CYS B 430 -17.71 28.87 2.43
N ASN B 431 -16.69 28.70 1.59
CA ASN B 431 -15.41 28.19 2.09
C ASN B 431 -14.67 29.26 2.90
N GLN B 432 -14.70 30.51 2.43
CA GLN B 432 -13.99 31.57 3.15
C GLN B 432 -14.63 31.87 4.49
N GLU B 433 -15.94 31.70 4.61
CA GLU B 433 -16.66 32.03 5.84
C GLU B 433 -17.03 30.81 6.67
N GLY B 434 -16.95 29.61 6.11
CA GLY B 434 -17.24 28.40 6.86
C GLY B 434 -18.72 28.14 7.04
N ILE B 435 -19.49 28.25 5.96
CA ILE B 435 -20.91 27.97 6.00
C ILE B 435 -21.12 26.47 6.08
N THR B 436 -21.90 26.02 7.07
CA THR B 436 -22.04 24.60 7.36
C THR B 436 -23.37 24.01 6.89
N ILE B 437 -24.46 24.74 6.98
CA ILE B 437 -25.79 24.21 6.67
C ILE B 437 -26.59 25.27 5.92
N SER B 438 -27.35 24.84 4.92
CA SER B 438 -28.17 25.75 4.13
C SER B 438 -29.16 24.93 3.31
N TYR B 439 -30.14 25.63 2.75
CA TYR B 439 -31.06 25.05 1.78
C TYR B 439 -30.84 25.71 0.42
N LEU B 440 -30.60 24.88 -0.59
CA LEU B 440 -30.46 25.36 -1.96
C LEU B 440 -31.56 24.74 -2.81
N PRO B 441 -32.23 25.52 -3.65
CA PRO B 441 -33.20 24.94 -4.59
C PRO B 441 -32.54 23.87 -5.47
N THR B 442 -33.38 23.00 -6.01
CA THR B 442 -32.87 21.80 -6.69
C THR B 442 -31.96 22.16 -7.86
N GLY B 443 -32.28 23.24 -8.59
CA GLY B 443 -31.44 23.62 -9.71
C GLY B 443 -30.07 24.11 -9.27
N ALA B 444 -30.04 25.04 -8.31
CA ALA B 444 -28.77 25.56 -7.83
C ALA B 444 -27.97 24.50 -7.08
N ALA B 445 -28.65 23.57 -6.40
CA ALA B 445 -27.95 22.52 -5.69
C ALA B 445 -27.18 21.61 -6.65
N GLU B 446 -27.88 21.08 -7.67
CA GLU B 446 -27.22 20.20 -8.64
C GLU B 446 -26.05 20.88 -9.32
N GLN B 447 -26.12 22.19 -9.52
CA GLN B 447 -25.00 22.94 -10.08
C GLN B 447 -23.99 23.36 -9.02
N PHE B 448 -24.29 23.17 -7.75
CA PHE B 448 -23.32 23.41 -6.69
C PHE B 448 -22.54 22.16 -6.32
N MET B 449 -23.06 20.97 -6.66
CA MET B 449 -22.36 19.73 -6.37
C MET B 449 -21.09 19.58 -7.18
N GLN B 450 -21.00 20.25 -8.33
CA GLN B 450 -19.82 20.18 -9.19
C GLN B 450 -18.71 21.13 -8.74
N MET B 451 -18.94 21.90 -7.69
CA MET B 451 -17.93 22.80 -7.14
C MET B 451 -17.22 22.14 -5.96
N ASP B 452 -15.98 22.56 -5.72
CA ASP B 452 -15.16 21.98 -4.65
C ASP B 452 -15.47 22.71 -3.36
N ASN B 453 -16.23 22.06 -2.48
CA ASN B 453 -16.69 22.65 -1.23
C ASN B 453 -16.17 21.83 -0.05
N GLN B 454 -15.60 22.52 0.94
CA GLN B 454 -15.14 21.89 2.16
C GLN B 454 -15.84 22.41 3.40
N SER B 455 -16.76 23.37 3.25
CA SER B 455 -17.38 24.02 4.39
C SER B 455 -18.67 23.33 4.84
N PHE B 456 -19.51 22.93 3.88
CA PHE B 456 -20.82 22.40 4.23
C PHE B 456 -20.73 21.03 4.89
N ARG B 457 -21.59 20.81 5.88
CA ARG B 457 -21.82 19.49 6.44
C ARG B 457 -23.21 18.95 6.12
N VAL B 458 -24.16 19.82 5.82
CA VAL B 458 -25.53 19.44 5.45
C VAL B 458 -26.00 20.40 4.37
N VAL B 459 -26.46 19.85 3.25
CA VAL B 459 -27.04 20.63 2.16
C VAL B 459 -28.41 20.06 1.87
N ILE B 460 -29.45 20.86 2.11
CA ILE B 460 -30.83 20.45 1.91
C ILE B 460 -31.32 21.02 0.60
N THR B 461 -32.06 20.21 -0.16
CA THR B 461 -32.58 20.64 -1.45
C THR B 461 -34.02 20.15 -1.59
N GLY B 462 -34.70 20.68 -2.60
CA GLY B 462 -36.08 20.34 -2.84
C GLY B 462 -36.78 21.42 -3.62
N GLY B 463 -37.91 21.06 -4.21
CA GLY B 463 -38.66 21.96 -5.06
C GLY B 463 -38.90 21.37 -6.42
N ASP B 464 -37.83 20.92 -7.07
CA ASP B 464 -37.90 20.14 -8.29
C ASP B 464 -37.38 18.73 -8.01
N VAL B 465 -37.54 17.86 -9.01
CA VAL B 465 -37.13 16.47 -8.86
C VAL B 465 -35.60 16.40 -8.85
N LEU B 466 -35.05 15.92 -7.74
CA LEU B 466 -33.61 15.77 -7.62
C LEU B 466 -33.15 14.51 -8.34
N LYS B 467 -32.11 14.64 -9.16
CA LYS B 467 -31.52 13.51 -9.88
C LYS B 467 -30.04 13.33 -9.61
N LYS B 468 -29.33 14.38 -9.22
CA LYS B 468 -27.89 14.31 -9.02
C LYS B 468 -27.57 14.06 -7.56
N ILE B 469 -26.80 13.01 -7.29
CA ILE B 469 -26.30 12.74 -5.96
C ILE B 469 -24.79 12.88 -5.86
N GLU B 470 -24.06 12.86 -6.97
CA GLU B 470 -22.61 12.98 -6.94
C GLU B 470 -22.23 14.43 -6.65
N ARG B 471 -21.40 14.63 -5.63
CA ARG B 471 -21.02 15.97 -5.20
C ARG B 471 -19.54 16.00 -4.83
N ASN B 472 -18.92 17.15 -5.08
CA ASN B 472 -17.51 17.37 -4.74
C ASN B 472 -17.42 18.02 -3.36
N GLY B 473 -17.82 17.25 -2.36
CA GLY B 473 -17.79 17.74 -0.99
C GLY B 473 -18.14 16.64 -0.03
N THR B 474 -17.74 16.83 1.23
CA THR B 474 -18.00 15.89 2.31
C THR B 474 -19.25 16.25 3.09
N TYR B 475 -20.28 16.76 2.42
CA TYR B 475 -21.53 17.14 3.08
C TYR B 475 -22.63 16.14 2.75
N LYS B 476 -23.58 16.01 3.69
CA LYS B 476 -24.73 15.16 3.47
C LYS B 476 -25.74 15.85 2.58
N LEU B 477 -26.40 15.08 1.72
CA LEU B 477 -27.42 15.59 0.81
C LEU B 477 -28.80 15.18 1.31
N TYR B 478 -29.73 16.13 1.29
CA TYR B 478 -31.08 15.90 1.76
C TYR B 478 -32.08 16.37 0.71
N ASN B 479 -33.13 15.56 0.50
CA ASN B 479 -34.21 15.90 -0.41
C ASN B 479 -35.47 16.15 0.41
N GLY B 480 -36.15 17.24 0.14
CA GLY B 480 -37.33 17.62 0.89
C GLY B 480 -38.49 17.98 -0.01
N TYR B 481 -39.70 17.63 0.45
CA TYR B 481 -40.92 17.90 -0.29
C TYR B 481 -41.89 18.66 0.61
N GLY B 482 -42.64 19.59 0.02
CA GLY B 482 -43.63 20.34 0.74
C GLY B 482 -44.20 21.51 -0.04
N PRO B 483 -45.51 21.69 0.01
CA PRO B 483 -46.13 22.86 -0.59
C PRO B 483 -46.08 24.05 0.36
N THR B 484 -46.26 25.24 -0.21
CA THR B 484 -46.31 26.45 0.61
C THR B 484 -47.51 26.41 1.56
N GLU B 485 -48.58 25.71 1.17
CA GLU B 485 -49.77 25.62 2.01
C GLU B 485 -49.52 24.82 3.29
N CYS B 486 -48.46 24.01 3.31
CA CYS B 486 -48.11 23.26 4.51
C CYS B 486 -46.71 23.65 5.00
N THR B 487 -46.56 24.94 5.31
CA THR B 487 -45.33 25.54 5.86
C THR B 487 -44.25 25.46 4.78
N ILE B 488 -43.12 24.82 5.02
CA ILE B 488 -41.99 24.80 4.09
C ILE B 488 -41.85 23.42 3.45
N MET B 489 -41.60 22.40 4.26
CA MET B 489 -41.51 21.03 3.82
C MET B 489 -42.27 20.14 4.81
N VAL B 490 -42.73 19.00 4.32
CA VAL B 490 -43.42 18.02 5.14
C VAL B 490 -42.71 16.67 5.20
N THR B 491 -41.78 16.39 4.29
CA THR B 491 -41.01 15.16 4.32
C THR B 491 -39.53 15.49 4.17
N MET B 492 -38.68 14.50 4.47
CA MET B 492 -37.25 14.69 4.39
C MET B 492 -36.57 13.34 4.14
N PHE B 493 -35.57 13.34 3.27
CA PHE B 493 -34.85 12.12 2.92
C PHE B 493 -33.37 12.43 2.79
N GLU B 494 -32.54 11.63 3.44
CA GLU B 494 -31.09 11.72 3.29
C GLU B 494 -30.65 10.81 2.15
N VAL B 495 -30.09 11.40 1.10
CA VAL B 495 -29.64 10.63 -0.06
C VAL B 495 -28.43 9.79 0.36
N ASP B 496 -28.64 8.48 0.49
CA ASP B 496 -27.60 7.57 0.92
C ASP B 496 -26.94 6.81 -0.23
N LYS B 497 -27.64 6.67 -1.35
CA LYS B 497 -27.15 5.89 -2.49
C LYS B 497 -27.87 6.38 -3.73
N PRO B 498 -27.43 5.98 -4.92
CA PRO B 498 -28.17 6.34 -6.13
C PRO B 498 -29.54 5.70 -6.15
N TYR B 499 -30.51 6.44 -6.69
CA TYR B 499 -31.87 5.95 -6.90
C TYR B 499 -32.33 6.32 -8.30
N ALA B 500 -33.20 5.48 -8.86
CA ALA B 500 -33.88 5.86 -10.09
C ALA B 500 -34.83 7.03 -9.83
N ASN B 501 -35.59 6.96 -8.75
CA ASN B 501 -36.39 8.07 -8.25
C ASN B 501 -36.01 8.28 -6.79
N ILE B 502 -35.25 9.34 -6.52
CA ILE B 502 -34.79 9.65 -5.17
C ILE B 502 -36.01 9.95 -4.31
N PRO B 503 -36.24 9.21 -3.22
CA PRO B 503 -37.45 9.40 -2.42
C PRO B 503 -37.48 10.78 -1.77
N ILE B 504 -38.70 11.30 -1.60
CA ILE B 504 -38.87 12.54 -0.85
C ILE B 504 -38.87 12.32 0.65
N GLY B 505 -38.89 11.07 1.10
CA GLY B 505 -38.62 10.74 2.48
C GLY B 505 -39.84 10.45 3.31
N LYS B 506 -39.66 10.57 4.61
CA LYS B 506 -40.66 10.30 5.63
C LYS B 506 -41.19 11.59 6.23
N PRO B 507 -42.41 11.58 6.78
CA PRO B 507 -43.00 12.82 7.32
C PRO B 507 -42.18 13.38 8.47
N ILE B 508 -42.31 14.70 8.66
CA ILE B 508 -41.60 15.39 9.74
C ILE B 508 -42.44 15.32 11.01
N ASP B 509 -42.11 16.16 11.98
CA ASP B 509 -42.79 16.12 13.27
C ASP B 509 -44.25 16.54 13.14
N ARG B 510 -45.12 15.83 13.87
CA ARG B 510 -46.55 16.11 13.91
C ARG B 510 -47.14 16.23 12.51
N THR B 511 -46.65 15.38 11.61
CA THR B 511 -47.05 15.39 10.21
C THR B 511 -47.32 13.96 9.77
N ARG B 512 -48.43 13.75 9.07
CA ARG B 512 -48.80 12.44 8.56
C ARG B 512 -49.15 12.55 7.09
N ILE B 513 -48.61 11.64 6.28
CA ILE B 513 -48.84 11.62 4.84
C ILE B 513 -49.75 10.45 4.51
N LEU B 514 -50.73 10.69 3.63
CA LEU B 514 -51.71 9.67 3.24
C LEU B 514 -51.82 9.64 1.73
N ILE B 515 -51.75 8.44 1.16
CA ILE B 515 -51.92 8.22 -0.26
C ILE B 515 -53.36 7.77 -0.49
N LEU B 516 -54.17 8.65 -1.07
CA LEU B 516 -55.57 8.38 -1.30
C LEU B 516 -55.86 8.25 -2.80
N ASP B 517 -56.97 7.58 -3.10
CA ASP B 517 -57.39 7.40 -4.49
C ASP B 517 -58.23 8.61 -4.91
N GLU B 518 -59.11 8.42 -5.90
CA GLU B 518 -59.98 9.51 -6.34
C GLU B 518 -61.16 9.74 -5.41
N ALA B 519 -61.51 8.74 -4.58
CA ALA B 519 -62.62 8.85 -3.64
C ALA B 519 -62.14 8.95 -2.20
N LEU B 520 -60.92 9.46 -2.01
CA LEU B 520 -60.37 9.73 -0.67
C LEU B 520 -60.32 8.47 0.18
N ALA B 521 -59.97 7.35 -0.43
CA ALA B 521 -59.85 6.07 0.25
C ALA B 521 -58.38 5.66 0.35
N LEU B 522 -58.05 4.98 1.44
CA LEU B 522 -56.68 4.61 1.71
C LEU B 522 -56.19 3.59 0.68
N GLN B 523 -55.08 3.90 0.01
CA GLN B 523 -54.41 3.05 -0.97
C GLN B 523 -53.40 2.14 -0.29
N PRO B 524 -53.26 0.89 -0.74
CA PRO B 524 -52.26 0.00 -0.16
C PRO B 524 -50.85 0.53 -0.40
N ILE B 525 -49.93 0.05 0.44
CA ILE B 525 -48.52 0.41 0.26
C ILE B 525 -48.04 -0.07 -1.09
N GLY B 526 -47.43 0.84 -1.86
CA GLY B 526 -46.99 0.57 -3.20
C GLY B 526 -47.92 1.10 -4.27
N VAL B 527 -49.22 1.17 -3.97
CA VAL B 527 -50.19 1.72 -4.90
C VAL B 527 -50.09 3.24 -4.89
N ALA B 528 -50.03 3.84 -6.07
CA ALA B 528 -49.92 5.28 -6.18
C ALA B 528 -51.26 5.95 -5.92
N GLY B 529 -51.21 7.27 -5.77
CA GLY B 529 -52.40 8.05 -5.53
C GLY B 529 -52.04 9.48 -5.20
N GLU B 530 -53.04 10.24 -4.79
CA GLU B 530 -52.83 11.63 -4.43
C GLU B 530 -52.24 11.75 -3.03
N LEU B 531 -51.22 12.59 -2.89
CA LEU B 531 -50.58 12.82 -1.61
C LEU B 531 -51.42 13.81 -0.80
N PHE B 532 -51.83 13.39 0.39
CA PHE B 532 -52.60 14.23 1.31
C PHE B 532 -51.78 14.50 2.56
N ILE B 533 -51.78 15.74 3.02
CA ILE B 533 -51.01 16.17 4.18
C ILE B 533 -51.96 16.47 5.32
N VAL B 534 -51.74 15.79 6.45
CA VAL B 534 -52.48 16.04 7.68
C VAL B 534 -51.47 16.23 8.79
N GLY B 535 -51.62 17.31 9.55
CA GLY B 535 -50.74 17.56 10.67
C GLY B 535 -50.67 19.04 10.99
N GLU B 536 -49.66 19.36 11.81
CA GLU B 536 -49.44 20.71 12.33
C GLU B 536 -48.83 21.66 11.31
N GLY B 537 -48.51 21.19 10.10
CA GLY B 537 -47.94 22.08 9.11
C GLY B 537 -48.95 22.83 8.28
N LEU B 538 -50.22 22.41 8.30
CA LEU B 538 -51.23 23.00 7.45
C LEU B 538 -51.54 24.43 7.89
N GLY B 539 -51.48 25.36 6.95
CA GLY B 539 -51.80 26.75 7.22
C GLY B 539 -53.30 26.98 7.34
N ARG B 540 -53.65 28.25 7.56
CA ARG B 540 -55.04 28.60 7.75
C ARG B 540 -55.83 28.54 6.44
N GLY B 541 -55.20 28.85 5.32
CA GLY B 541 -55.84 28.80 4.03
C GLY B 541 -55.41 29.96 3.16
N TYR B 542 -56.11 30.14 2.05
CA TYR B 542 -55.80 31.20 1.10
C TYR B 542 -56.48 32.50 1.50
N LEU B 543 -55.76 33.61 1.33
CA LEU B 543 -56.30 34.91 1.68
C LEU B 543 -57.37 35.33 0.68
N ASN B 544 -58.55 35.66 1.20
CA ASN B 544 -59.69 36.12 0.40
C ASN B 544 -60.19 35.09 -0.59
N ARG B 545 -59.95 33.80 -0.33
CA ARG B 545 -60.43 32.72 -1.18
C ARG B 545 -60.98 31.60 -0.29
N PRO B 546 -62.13 31.84 0.36
CA PRO B 546 -62.67 30.80 1.25
C PRO B 546 -63.18 29.58 0.50
N GLU B 547 -63.65 29.74 -0.74
CA GLU B 547 -64.13 28.59 -1.50
C GLU B 547 -62.96 27.71 -1.97
N LEU B 548 -61.89 28.33 -2.47
CA LEU B 548 -60.72 27.56 -2.86
C LEU B 548 -60.04 26.94 -1.64
N THR B 549 -60.11 27.61 -0.48
CA THR B 549 -59.60 27.02 0.74
C THR B 549 -60.31 25.72 1.06
N ALA B 550 -61.64 25.70 0.92
CA ALA B 550 -62.41 24.48 1.20
C ALA B 550 -62.10 23.39 0.19
N GLU B 551 -61.78 23.75 -1.06
CA GLU B 551 -61.47 22.74 -2.07
C GLU B 551 -60.15 22.05 -1.78
N LYS B 552 -59.12 22.82 -1.40
CA LYS B 552 -57.79 22.26 -1.14
C LYS B 552 -57.63 21.76 0.29
N PHE B 553 -58.17 22.49 1.27
CA PHE B 553 -58.16 22.08 2.67
C PHE B 553 -59.52 21.44 2.95
N ILE B 554 -59.58 20.12 2.86
CA ILE B 554 -60.84 19.40 3.03
C ILE B 554 -60.88 18.77 4.40
N VAL B 555 -62.08 18.39 4.82
CA VAL B 555 -62.30 17.55 5.99
C VAL B 555 -62.71 16.18 5.46
N HIS B 556 -61.96 15.15 5.83
CA HIS B 556 -62.16 13.84 5.23
C HIS B 556 -63.54 13.30 5.62
N PRO B 557 -64.29 12.71 4.68
CA PRO B 557 -65.66 12.27 4.98
C PRO B 557 -65.73 11.09 5.93
N GLN B 558 -64.65 10.36 6.16
CA GLN B 558 -64.65 9.22 7.07
C GLN B 558 -63.82 9.46 8.32
N THR B 559 -62.57 9.93 8.18
CA THR B 559 -61.73 10.19 9.33
C THR B 559 -62.07 11.50 10.01
N GLY B 560 -62.71 12.44 9.30
CA GLY B 560 -63.03 13.73 9.87
C GLY B 560 -61.87 14.66 10.08
N GLU B 561 -60.70 14.34 9.52
CA GLU B 561 -59.51 15.14 9.71
C GLU B 561 -59.34 16.16 8.59
N ARG B 562 -58.66 17.26 8.91
CA ARG B 562 -58.37 18.30 7.93
C ARG B 562 -57.13 17.91 7.14
N MET B 563 -57.27 17.84 5.81
CA MET B 563 -56.20 17.40 4.93
C MET B 563 -56.04 18.39 3.78
N TYR B 564 -54.82 18.48 3.27
CA TYR B 564 -54.52 19.31 2.12
C TYR B 564 -54.36 18.44 0.88
N ARG B 565 -55.09 18.78 -0.18
CA ARG B 565 -54.95 18.12 -1.47
C ARG B 565 -53.77 18.73 -2.21
N THR B 566 -52.71 17.93 -2.41
CA THR B 566 -51.54 18.47 -3.09
C THR B 566 -51.75 18.56 -4.59
N GLY B 567 -52.49 17.63 -5.16
CA GLY B 567 -52.51 17.47 -6.61
C GLY B 567 -51.30 16.73 -7.14
N ASP B 568 -50.53 16.09 -6.27
CA ASP B 568 -49.34 15.34 -6.65
C ASP B 568 -49.57 13.85 -6.44
N ARG B 569 -48.97 13.06 -7.32
CA ARG B 569 -49.06 11.61 -7.25
C ARG B 569 -47.82 11.06 -6.56
N ALA B 570 -48.03 10.07 -5.68
CA ALA B 570 -46.94 9.52 -4.89
C ALA B 570 -47.31 8.12 -4.44
N ARG B 571 -46.32 7.40 -3.95
CA ARG B 571 -46.52 6.05 -3.42
C ARG B 571 -45.61 5.83 -2.22
N PHE B 572 -46.03 4.92 -1.34
CA PHE B 572 -45.25 4.56 -0.17
C PHE B 572 -44.36 3.36 -0.49
N LEU B 573 -43.07 3.53 -0.30
CA LEU B 573 -42.13 2.43 -0.44
C LEU B 573 -42.16 1.54 0.80
N PRO B 574 -41.78 0.26 0.68
CA PRO B 574 -41.85 -0.64 1.84
C PRO B 574 -41.01 -0.18 3.01
N ASP B 575 -39.96 0.60 2.78
CA ASP B 575 -39.14 1.12 3.87
C ASP B 575 -39.82 2.25 4.64
N GLY B 576 -40.90 2.82 4.10
CA GLY B 576 -41.62 3.91 4.73
C GLY B 576 -41.49 5.24 4.02
N ASN B 577 -40.41 5.44 3.26
CA ASN B 577 -40.23 6.70 2.55
C ASN B 577 -41.24 6.82 1.42
N ILE B 578 -41.56 8.06 1.08
CA ILE B 578 -42.54 8.37 0.05
C ILE B 578 -41.81 8.68 -1.24
N GLU B 579 -42.44 8.35 -2.37
CA GLU B 579 -41.83 8.48 -3.69
C GLU B 579 -42.70 9.39 -4.54
N PHE B 580 -42.17 10.56 -4.88
CA PHE B 580 -42.90 11.48 -5.75
C PHE B 580 -42.95 10.93 -7.17
N LEU B 581 -44.15 10.88 -7.75
CA LEU B 581 -44.35 10.30 -9.07
C LEU B 581 -44.81 11.31 -10.11
N GLY B 582 -45.01 12.57 -9.73
CA GLY B 582 -45.42 13.61 -10.64
C GLY B 582 -46.73 14.22 -10.24
N ARG B 583 -47.16 15.20 -11.03
CA ARG B 583 -48.43 15.88 -10.80
C ARG B 583 -49.54 15.18 -11.57
N LEU B 584 -50.71 15.07 -10.93
CA LEU B 584 -51.83 14.34 -11.53
C LEU B 584 -52.32 15.01 -12.81
N ASP B 585 -52.18 16.33 -12.93
CA ASP B 585 -52.60 17.02 -14.14
C ASP B 585 -51.52 17.05 -15.22
N ASN B 586 -50.26 16.82 -14.85
CA ASN B 586 -49.14 16.82 -15.80
C ASN B 586 -48.90 15.45 -16.41
N LEU B 587 -49.96 14.72 -16.74
CA LEU B 587 -49.85 13.40 -17.38
C LEU B 587 -50.11 13.57 -18.87
N VAL B 588 -49.05 13.51 -19.67
CA VAL B 588 -49.18 13.56 -21.13
C VAL B 588 -49.33 12.13 -21.64
N LYS B 589 -49.74 11.98 -22.89
CA LYS B 589 -49.95 10.67 -23.48
C LYS B 589 -49.23 10.59 -24.83
N ILE B 590 -48.57 9.46 -25.07
CA ILE B 590 -47.89 9.18 -26.32
C ILE B 590 -48.36 7.81 -26.79
N ARG B 591 -49.10 7.77 -27.90
CA ARG B 591 -49.59 6.52 -28.49
C ARG B 591 -50.41 5.71 -27.48
N GLY B 592 -51.36 6.38 -26.84
CA GLY B 592 -52.21 5.70 -25.86
C GLY B 592 -51.48 5.20 -24.64
N TYR B 593 -50.35 5.82 -24.30
CA TYR B 593 -49.57 5.45 -23.12
C TYR B 593 -49.42 6.69 -22.23
N ARG B 594 -49.91 6.58 -21.01
CA ARG B 594 -49.77 7.66 -20.04
C ARG B 594 -48.34 7.63 -19.49
N ILE B 595 -47.56 8.67 -19.80
CA ILE B 595 -46.18 8.73 -19.38
C ILE B 595 -45.95 9.97 -18.52
N GLU B 596 -44.96 9.88 -17.64
CA GLU B 596 -44.53 11.01 -16.84
C GLU B 596 -43.16 11.45 -17.34
N PRO B 597 -43.03 12.65 -17.94
CA PRO B 597 -41.74 13.04 -18.52
C PRO B 597 -40.60 13.08 -17.52
N GLY B 598 -40.87 13.14 -16.23
CA GLY B 598 -39.81 13.17 -15.24
C GLY B 598 -39.13 11.84 -15.00
N GLU B 599 -39.75 10.74 -15.43
CA GLU B 599 -39.17 9.42 -15.24
C GLU B 599 -38.06 9.10 -16.23
N ILE B 600 -37.83 9.98 -17.20
CA ILE B 600 -36.81 9.75 -18.22
C ILE B 600 -35.51 10.45 -17.89
N GLU B 601 -35.60 11.62 -17.27
CA GLU B 601 -34.41 12.38 -16.90
C GLU B 601 -33.37 11.60 -16.09
N PRO B 602 -33.74 10.76 -15.12
CA PRO B 602 -32.70 10.02 -14.39
C PRO B 602 -31.83 9.13 -15.27
N PHE B 603 -32.43 8.38 -16.20
CA PHE B 603 -31.65 7.49 -17.05
C PHE B 603 -30.71 8.26 -17.96
N LEU B 604 -31.15 9.41 -18.46
CA LEU B 604 -30.30 10.21 -19.34
C LEU B 604 -29.11 10.79 -18.58
N MET B 605 -29.24 10.98 -17.26
CA MET B 605 -28.12 11.48 -16.47
C MET B 605 -27.18 10.36 -16.05
N ASN B 606 -27.66 9.12 -15.98
CA ASN B 606 -26.80 7.98 -15.74
C ASN B 606 -25.81 7.75 -16.87
N HIS B 607 -25.98 8.44 -18.00
CA HIS B 607 -25.03 8.35 -19.08
C HIS B 607 -23.65 8.84 -18.62
N PRO B 608 -22.57 8.22 -19.08
CA PRO B 608 -21.24 8.61 -18.57
C PRO B 608 -20.87 10.05 -18.84
N LEU B 609 -21.24 10.59 -20.00
CA LEU B 609 -20.82 11.93 -20.40
C LEU B 609 -21.81 13.01 -20.03
N ILE B 610 -23.04 12.66 -19.66
CA ILE B 610 -24.08 13.63 -19.39
C ILE B 610 -24.12 13.93 -17.91
N GLU B 611 -24.07 15.22 -17.57
CA GLU B 611 -24.08 15.68 -16.19
C GLU B 611 -25.42 16.26 -15.75
N LEU B 612 -26.13 16.95 -16.64
CA LEU B 612 -27.43 17.53 -16.34
C LEU B 612 -28.41 17.20 -17.45
N THR B 613 -29.64 16.83 -17.08
CA THR B 613 -30.69 16.54 -18.04
C THR B 613 -32.00 17.19 -17.60
N THR B 614 -32.88 17.40 -18.56
CA THR B 614 -34.26 17.78 -18.30
C THR B 614 -35.10 17.43 -19.52
N VAL B 615 -36.21 16.75 -19.30
CA VAL B 615 -37.10 16.32 -20.37
C VAL B 615 -38.30 17.26 -20.39
N LEU B 616 -38.64 17.76 -21.59
CA LEU B 616 -39.76 18.68 -21.77
C LEU B 616 -40.80 18.05 -22.70
N ALA B 617 -42.06 18.21 -22.33
CA ALA B 617 -43.18 17.66 -23.10
C ALA B 617 -43.78 18.81 -23.92
N LYS B 618 -43.29 18.97 -25.14
CA LYS B 618 -43.85 19.95 -26.06
C LYS B 618 -45.11 19.39 -26.73
N GLU B 619 -45.89 20.29 -27.32
CA GLU B 619 -47.16 19.92 -27.92
C GLU B 619 -47.20 20.39 -29.38
N GLN B 620 -47.96 19.67 -30.18
CA GLN B 620 -48.25 20.04 -31.55
C GLN B 620 -49.66 20.59 -31.67
N ALA B 621 -49.88 21.41 -32.70
CA ALA B 621 -51.17 22.09 -32.87
C ALA B 621 -52.31 21.10 -33.01
N ASP B 622 -52.08 19.94 -33.61
CA ASP B 622 -53.08 18.89 -33.65
C ASP B 622 -53.39 18.29 -32.28
N GLY B 623 -52.80 18.78 -31.18
CA GLY B 623 -52.97 18.16 -29.88
C GLY B 623 -51.99 17.05 -29.56
N ARG B 624 -51.06 16.76 -30.46
CA ARG B 624 -50.10 15.69 -30.24
C ARG B 624 -48.97 16.16 -29.34
N LYS B 625 -48.41 15.21 -28.60
CA LYS B 625 -47.35 15.45 -27.65
C LYS B 625 -46.05 14.81 -28.16
N TYR B 626 -44.94 15.52 -27.99
CA TYR B 626 -43.63 14.96 -28.28
C TYR B 626 -42.64 15.42 -27.22
N LEU B 627 -41.64 14.58 -26.97
CA LEU B 627 -40.64 14.81 -25.95
C LEU B 627 -39.33 15.26 -26.59
N VAL B 628 -38.71 16.26 -25.97
CA VAL B 628 -37.39 16.74 -26.36
C VAL B 628 -36.50 16.72 -25.13
N GLY B 629 -35.29 16.16 -25.29
CA GLY B 629 -34.39 15.96 -24.18
C GLY B 629 -33.23 16.94 -24.22
N TYR B 630 -33.10 17.72 -23.17
CA TYR B 630 -32.03 18.69 -23.02
C TYR B 630 -31.00 18.15 -22.05
N TYR B 631 -29.72 18.19 -22.44
CA TYR B 631 -28.65 17.61 -21.64
C TYR B 631 -27.42 18.50 -21.70
N VAL B 632 -26.60 18.38 -20.65
CA VAL B 632 -25.32 19.08 -20.55
C VAL B 632 -24.20 18.05 -20.69
N ALA B 633 -23.25 18.33 -21.58
CA ALA B 633 -22.16 17.41 -21.86
C ALA B 633 -20.97 18.21 -22.37
N PRO B 634 -19.77 17.65 -22.32
CA PRO B 634 -18.62 18.36 -22.90
C PRO B 634 -18.78 18.63 -24.39
N GLU B 635 -19.23 17.64 -25.15
CA GLU B 635 -19.47 17.79 -26.58
C GLU B 635 -20.81 17.14 -26.92
N GLU B 636 -21.31 17.45 -28.12
CA GLU B 636 -22.55 16.86 -28.58
C GLU B 636 -22.41 15.35 -28.71
N ILE B 637 -23.49 14.64 -28.41
CA ILE B 637 -23.50 13.19 -28.48
C ILE B 637 -24.44 12.76 -29.61
N PRO B 638 -24.09 11.72 -30.36
CA PRO B 638 -24.98 11.27 -31.45
C PRO B 638 -26.40 11.00 -30.98
N HIS B 639 -27.36 11.31 -31.86
CA HIS B 639 -28.77 11.10 -31.54
C HIS B 639 -29.07 9.63 -31.32
N GLY B 640 -28.57 8.76 -32.21
CA GLY B 640 -28.81 7.34 -32.07
C GLY B 640 -28.12 6.73 -30.86
N GLU B 641 -26.97 7.29 -30.46
CA GLU B 641 -26.30 6.80 -29.27
C GLU B 641 -27.15 7.03 -28.03
N LEU B 642 -27.99 8.07 -28.04
CA LEU B 642 -28.86 8.33 -26.90
C LEU B 642 -30.08 7.42 -26.93
N ARG B 643 -30.60 7.14 -28.13
CA ARG B 643 -31.68 6.17 -28.27
C ARG B 643 -31.24 4.79 -27.83
N GLU B 644 -29.95 4.46 -28.01
CA GLU B 644 -29.45 3.18 -27.53
C GLU B 644 -29.29 3.18 -26.02
N TRP B 645 -28.84 4.31 -25.45
CA TRP B 645 -28.67 4.40 -24.01
C TRP B 645 -30.02 4.32 -23.29
N LEU B 646 -31.00 5.08 -23.77
CA LEU B 646 -32.33 5.00 -23.18
C LEU B 646 -33.00 3.67 -23.49
N GLY B 647 -32.61 3.01 -24.58
CA GLY B 647 -33.15 1.70 -24.90
C GLY B 647 -32.72 0.61 -23.94
N ASN B 648 -31.82 0.91 -23.01
CA ASN B 648 -31.40 -0.07 -22.02
C ASN B 648 -32.38 -0.21 -20.86
N ASP B 649 -33.22 0.81 -20.62
CA ASP B 649 -34.19 0.71 -19.53
C ASP B 649 -35.47 1.48 -19.79
N LEU B 650 -35.82 1.76 -21.05
CA LEU B 650 -37.03 2.50 -21.37
C LEU B 650 -37.64 1.97 -22.65
N PRO B 651 -38.97 2.00 -22.76
CA PRO B 651 -39.64 1.60 -24.00
C PRO B 651 -39.49 2.67 -25.08
N ASP B 652 -40.15 2.42 -26.22
CA ASP B 652 -40.03 3.30 -27.36
C ASP B 652 -40.71 4.64 -27.13
N TYR B 653 -41.97 4.60 -26.67
CA TYR B 653 -42.73 5.84 -26.48
C TYR B 653 -42.11 6.74 -25.43
N MET B 654 -41.33 6.18 -24.51
CA MET B 654 -40.58 6.96 -23.53
C MET B 654 -39.13 7.13 -23.94
N ILE B 655 -38.89 7.42 -25.22
CA ILE B 655 -37.58 7.83 -25.67
C ILE B 655 -37.76 9.16 -26.40
N PRO B 656 -37.19 10.25 -25.89
CA PRO B 656 -37.38 11.56 -26.53
C PRO B 656 -37.10 11.52 -28.03
N THR B 657 -37.96 12.19 -28.80
CA THR B 657 -37.83 12.22 -30.24
C THR B 657 -36.75 13.19 -30.69
N TYR B 658 -36.45 14.22 -29.89
CA TYR B 658 -35.45 15.21 -30.21
C TYR B 658 -34.53 15.40 -29.01
N PHE B 659 -33.25 15.61 -29.27
CA PHE B 659 -32.25 15.84 -28.23
C PHE B 659 -31.51 17.12 -28.52
N VAL B 660 -31.16 17.86 -27.45
CA VAL B 660 -30.51 19.17 -27.57
C VAL B 660 -29.32 19.20 -26.62
N HIS B 661 -28.16 19.56 -27.16
CA HIS B 661 -26.93 19.68 -26.39
C HIS B 661 -26.68 21.13 -26.02
N MET B 662 -26.49 21.39 -24.73
CA MET B 662 -26.13 22.70 -24.23
C MET B 662 -25.03 22.56 -23.20
N LYS B 663 -24.15 23.56 -23.16
CA LYS B 663 -23.05 23.58 -22.21
C LYS B 663 -23.44 24.16 -20.86
N ALA B 664 -24.63 24.76 -20.74
CA ALA B 664 -25.05 25.38 -19.50
C ALA B 664 -26.57 25.43 -19.43
N PHE B 665 -27.13 24.91 -18.35
CA PHE B 665 -28.56 25.02 -18.11
C PHE B 665 -28.88 26.40 -17.53
N PRO B 666 -29.75 27.18 -18.16
CA PRO B 666 -30.15 28.46 -17.55
C PRO B 666 -31.00 28.23 -16.31
N LEU B 667 -30.72 29.02 -15.29
CA LEU B 667 -31.41 28.93 -14.01
C LEU B 667 -32.24 30.18 -13.75
N THR B 668 -33.45 29.98 -13.24
CA THR B 668 -34.34 31.10 -12.95
C THR B 668 -33.89 31.83 -11.69
N ALA B 669 -34.68 32.83 -11.29
CA ALA B 669 -34.33 33.64 -10.12
C ALA B 669 -34.54 32.90 -8.80
N ASN B 670 -35.22 31.76 -8.81
CA ASN B 670 -35.49 31.01 -7.59
C ASN B 670 -34.93 29.60 -7.64
N GLY B 671 -33.79 29.43 -8.30
CA GLY B 671 -33.13 28.14 -8.33
C GLY B 671 -33.88 27.06 -9.09
N LYS B 672 -34.72 27.44 -10.04
CA LYS B 672 -35.39 26.51 -10.93
C LYS B 672 -34.80 26.63 -12.33
N VAL B 673 -34.96 25.58 -13.12
CA VAL B 673 -34.46 25.57 -14.48
C VAL B 673 -35.37 26.42 -15.36
N ASP B 674 -34.77 27.22 -16.24
CA ASP B 674 -35.52 28.08 -17.15
C ASP B 674 -36.01 27.24 -18.34
N ARG B 675 -37.02 26.42 -18.07
CA ARG B 675 -37.55 25.50 -19.07
C ARG B 675 -38.17 26.25 -20.25
N ARG B 676 -38.71 27.45 -20.01
CA ARG B 676 -39.23 28.28 -21.08
C ARG B 676 -38.14 29.01 -21.85
N ALA B 677 -36.86 28.80 -21.51
CA ALA B 677 -35.76 29.44 -22.19
C ALA B 677 -34.87 28.46 -22.95
N LEU B 678 -35.09 27.16 -22.82
CA LEU B 678 -34.31 26.19 -23.56
C LEU B 678 -34.67 26.26 -25.04
N PRO B 679 -33.69 26.19 -25.93
CA PRO B 679 -33.97 26.37 -27.36
C PRO B 679 -34.90 25.29 -27.89
N ASP B 680 -35.76 25.70 -28.83
CA ASP B 680 -36.72 24.80 -29.45
C ASP B 680 -36.10 24.08 -30.64
N VAL B 681 -36.84 23.14 -31.20
CA VAL B 681 -36.36 22.31 -32.30
C VAL B 681 -37.33 22.44 -33.47
N GLN B 682 -36.85 22.01 -34.65
CA GLN B 682 -37.67 21.99 -35.86
C GLN B 682 -38.56 20.75 -35.81
N ALA B 683 -39.82 20.94 -35.43
CA ALA B 683 -40.76 19.84 -35.26
C ALA B 683 -41.55 19.68 -36.56
N ASP B 684 -41.21 18.65 -37.32
CA ASP B 684 -42.01 18.31 -38.49
C ASP B 684 -43.41 17.90 -38.05
N ALA B 685 -44.35 17.94 -39.00
CA ALA B 685 -45.73 17.65 -38.65
C ALA B 685 -45.96 16.18 -38.31
N GLU B 686 -45.03 15.29 -38.65
CA GLU B 686 -45.23 13.87 -38.43
C GLU B 686 -44.41 13.30 -37.27
N LEU B 687 -43.51 14.10 -36.68
CA LEU B 687 -42.73 13.69 -35.51
C LEU B 687 -41.96 12.39 -35.78
N LEU B 688 -41.40 12.29 -36.98
CA LEU B 688 -40.69 11.08 -37.37
C LEU B 688 -39.29 11.03 -36.79
N GLY B 689 -38.56 12.14 -36.83
CA GLY B 689 -37.23 12.20 -36.26
C GLY B 689 -36.23 11.37 -37.05
N GLU B 690 -34.99 11.39 -36.56
CA GLU B 690 -33.91 10.66 -37.21
C GLU B 690 -34.15 9.15 -37.10
N ASP B 691 -33.29 8.39 -37.79
CA ASP B 691 -33.38 6.95 -37.92
C ASP B 691 -34.66 6.51 -38.66
N TYR B 692 -35.36 7.44 -39.30
CA TYR B 692 -36.52 7.11 -40.11
C TYR B 692 -36.10 7.06 -41.58
N VAL B 693 -36.24 5.90 -42.20
CA VAL B 693 -36.00 5.72 -43.63
C VAL B 693 -37.34 5.37 -44.27
N ALA B 694 -37.75 6.17 -45.25
CA ALA B 694 -39.06 5.99 -45.84
C ALA B 694 -39.06 4.78 -46.77
N PRO B 695 -40.23 4.18 -47.00
CA PRO B 695 -40.33 3.07 -47.97
C PRO B 695 -39.85 3.51 -49.34
N THR B 696 -38.91 2.73 -49.90
CA THR B 696 -38.27 3.05 -51.17
C THR B 696 -38.89 2.31 -52.35
N ASP B 697 -39.85 1.42 -52.11
CA ASP B 697 -40.54 0.73 -53.19
C ASP B 697 -41.95 0.38 -52.70
N GLU B 698 -42.66 -0.43 -53.47
CA GLU B 698 -44.05 -0.73 -53.15
C GLU B 698 -44.18 -1.79 -52.06
N LEU B 699 -43.27 -2.77 -52.03
CA LEU B 699 -43.36 -3.79 -50.98
C LEU B 699 -43.08 -3.19 -49.61
N GLU B 700 -42.01 -2.41 -49.49
CA GLU B 700 -41.72 -1.74 -48.22
C GLU B 700 -42.85 -0.82 -47.80
N GLN B 701 -43.56 -0.23 -48.77
CA GLN B 701 -44.72 0.59 -48.43
C GLN B 701 -45.87 -0.28 -47.95
N GLN B 702 -46.15 -1.38 -48.65
CA GLN B 702 -47.18 -2.31 -48.21
C GLN B 702 -46.88 -2.85 -46.82
N LEU B 703 -45.63 -3.28 -46.59
CA LEU B 703 -45.25 -3.79 -45.29
C LEU B 703 -45.35 -2.71 -44.22
N ALA B 704 -44.94 -1.48 -44.55
CA ALA B 704 -45.01 -0.39 -43.58
C ALA B 704 -46.45 -0.10 -43.18
N GLN B 705 -47.38 -0.17 -44.14
CA GLN B 705 -48.79 0.03 -43.82
C GLN B 705 -49.30 -1.07 -42.89
N VAL B 706 -48.94 -2.32 -43.18
CA VAL B 706 -49.36 -3.43 -42.32
C VAL B 706 -48.68 -3.32 -40.96
N TRP B 707 -47.39 -3.01 -40.95
CA TRP B 707 -46.68 -2.82 -39.69
C TRP B 707 -47.31 -1.70 -38.86
N SER B 708 -47.88 -0.69 -39.51
CA SER B 708 -48.50 0.41 -38.79
C SER B 708 -49.78 -0.03 -38.09
N HIS B 709 -50.61 -0.82 -38.78
CA HIS B 709 -51.88 -1.25 -38.19
C HIS B 709 -51.65 -2.20 -37.03
N VAL B 710 -50.73 -3.14 -37.17
CA VAL B 710 -50.49 -4.13 -36.13
C VAL B 710 -49.85 -3.47 -34.90
N LEU B 711 -48.79 -2.70 -35.11
CA LEU B 711 -48.06 -2.10 -34.00
C LEU B 711 -48.70 -0.82 -33.48
N GLY B 712 -49.69 -0.28 -34.17
CA GLY B 712 -50.35 0.92 -33.70
C GLY B 712 -49.51 2.18 -33.76
N ILE B 713 -48.55 2.22 -34.67
CA ILE B 713 -47.70 3.40 -34.89
C ILE B 713 -48.07 3.99 -36.24
N PRO B 714 -48.37 5.30 -36.32
CA PRO B 714 -48.86 5.87 -37.58
C PRO B 714 -47.93 5.67 -38.77
N GLN B 715 -46.72 6.20 -38.71
CA GLN B 715 -45.77 6.12 -39.82
C GLN B 715 -44.53 5.39 -39.34
N MET B 716 -44.22 4.27 -39.99
CA MET B 716 -43.10 3.42 -39.60
C MET B 716 -42.03 3.41 -40.69
N GLY B 717 -40.77 3.33 -40.24
CA GLY B 717 -39.64 3.30 -41.13
C GLY B 717 -39.14 1.90 -41.41
N ILE B 718 -38.38 1.77 -42.50
CA ILE B 718 -37.90 0.47 -42.94
C ILE B 718 -36.81 -0.09 -42.03
N ASP B 719 -36.23 0.74 -41.17
CA ASP B 719 -35.22 0.28 -40.21
C ASP B 719 -35.75 0.25 -38.79
N ASP B 720 -37.06 0.37 -38.60
CA ASP B 720 -37.65 0.28 -37.27
C ASP B 720 -37.82 -1.18 -36.87
N HIS B 721 -37.60 -1.46 -35.58
CA HIS B 721 -37.58 -2.82 -35.06
C HIS B 721 -38.96 -3.21 -34.56
N PHE B 722 -39.40 -4.42 -34.93
CA PHE B 722 -40.73 -4.87 -34.51
C PHE B 722 -40.80 -5.05 -33.00
N LEU B 723 -39.78 -5.67 -32.41
CA LEU B 723 -39.80 -5.94 -30.97
C LEU B 723 -39.50 -4.70 -30.13
N GLU B 724 -38.77 -3.73 -30.68
CA GLU B 724 -38.46 -2.51 -29.96
C GLU B 724 -39.58 -1.47 -30.04
N ARG B 725 -40.62 -1.73 -30.81
CA ARG B 725 -41.70 -0.76 -31.03
C ARG B 725 -43.05 -1.34 -30.64
N GLY B 726 -43.07 -2.13 -29.58
CA GLY B 726 -44.30 -2.66 -29.02
C GLY B 726 -44.69 -4.04 -29.51
N GLY B 727 -43.86 -4.68 -30.34
CA GLY B 727 -44.21 -6.00 -30.85
C GLY B 727 -44.04 -7.06 -29.78
N ASP B 728 -45.07 -7.88 -29.61
CA ASP B 728 -45.04 -9.02 -28.70
C ASP B 728 -45.03 -10.30 -29.53
N ILE B 730 -48.44 -12.15 -30.19
CA ILE B 730 -49.72 -12.09 -30.90
C ILE B 730 -49.62 -11.15 -32.08
N LYS B 731 -48.80 -10.09 -31.99
CA LYS B 731 -48.71 -9.12 -33.07
C LYS B 731 -47.95 -9.65 -34.27
N VAL B 732 -46.91 -10.46 -34.07
CA VAL B 732 -46.27 -11.10 -35.21
C VAL B 732 -47.23 -12.09 -35.86
N MET B 733 -48.07 -12.75 -35.06
CA MET B 733 -49.12 -13.61 -35.61
C MET B 733 -50.12 -12.79 -36.41
N GLN B 734 -50.58 -11.68 -35.84
CA GLN B 734 -51.46 -10.78 -36.58
C GLN B 734 -50.79 -10.26 -37.83
N LEU B 735 -49.48 -9.98 -37.76
CA LEU B 735 -48.73 -9.59 -38.94
C LEU B 735 -48.77 -10.70 -39.99
N ILE B 736 -48.38 -11.92 -39.59
CA ILE B 736 -48.38 -13.04 -40.52
C ILE B 736 -49.78 -13.27 -41.08
N HIS B 737 -50.81 -13.06 -40.26
CA HIS B 737 -52.18 -13.21 -40.73
C HIS B 737 -52.56 -12.07 -41.67
N GLN B 738 -52.27 -10.83 -41.28
CA GLN B 738 -52.61 -9.69 -42.13
C GLN B 738 -51.75 -9.65 -43.39
N LEU B 739 -50.50 -10.12 -43.31
CA LEU B 739 -49.68 -10.21 -44.51
C LEU B 739 -50.15 -11.34 -45.42
N LYS B 740 -50.69 -12.41 -44.83
CA LYS B 740 -51.24 -13.49 -45.64
C LYS B 740 -52.45 -13.01 -46.43
N ASN B 741 -53.26 -12.13 -45.83
CA ASN B 741 -54.43 -11.55 -46.49
C ASN B 741 -54.04 -10.52 -47.56
N ILE B 742 -52.75 -10.26 -47.75
CA ILE B 742 -52.25 -9.46 -48.87
C ILE B 742 -51.49 -10.32 -49.87
N GLY B 743 -51.29 -11.61 -49.58
CA GLY B 743 -50.54 -12.47 -50.47
C GLY B 743 -49.08 -12.64 -50.09
N LEU B 744 -48.73 -12.34 -48.84
CA LEU B 744 -47.35 -12.40 -48.38
C LEU B 744 -47.23 -13.52 -47.35
N SER B 745 -46.26 -14.41 -47.55
CA SER B 745 -46.06 -15.58 -46.71
C SER B 745 -44.87 -15.35 -45.79
N LEU B 746 -45.13 -15.25 -44.49
CA LEU B 746 -44.09 -15.08 -43.49
C LEU B 746 -44.20 -16.21 -42.46
N ARG B 747 -43.05 -16.72 -42.04
CA ARG B 747 -42.99 -17.71 -40.96
C ARG B 747 -42.63 -17.04 -39.64
N TYR B 748 -43.00 -17.72 -38.56
CA TYR B 748 -42.76 -17.17 -37.22
C TYR B 748 -41.27 -16.95 -36.97
N ASP B 749 -40.43 -17.91 -37.37
CA ASP B 749 -38.99 -17.78 -37.18
C ASP B 749 -38.38 -16.68 -38.05
N GLN B 750 -39.03 -16.35 -39.17
CA GLN B 750 -38.45 -15.38 -40.10
C GLN B 750 -38.61 -13.94 -39.64
N LEU B 751 -39.60 -13.65 -38.80
CA LEU B 751 -39.75 -12.30 -38.26
C LEU B 751 -38.61 -11.99 -37.28
N PHE B 752 -38.26 -12.95 -36.42
CA PHE B 752 -37.22 -12.72 -35.44
C PHE B 752 -35.83 -12.73 -36.06
N THR B 753 -35.68 -13.25 -37.28
CA THR B 753 -34.42 -13.15 -37.99
C THR B 753 -34.38 -11.96 -38.94
N HIS B 754 -35.52 -11.35 -39.23
CA HIS B 754 -35.61 -10.14 -40.05
C HIS B 754 -36.56 -9.17 -39.38
N PRO B 755 -36.14 -8.56 -38.27
CA PRO B 755 -37.08 -7.77 -37.47
C PRO B 755 -37.27 -6.35 -37.97
N THR B 756 -36.95 -6.09 -39.23
CA THR B 756 -37.19 -4.78 -39.85
C THR B 756 -37.81 -4.98 -41.22
N ILE B 757 -38.42 -3.90 -41.72
CA ILE B 757 -39.06 -3.95 -43.03
C ILE B 757 -38.00 -4.09 -44.12
N ARG B 758 -36.87 -3.40 -43.98
CA ARG B 758 -35.80 -3.51 -44.95
C ARG B 758 -35.32 -4.94 -45.09
N GLN B 759 -35.08 -5.61 -43.97
CA GLN B 759 -34.70 -7.02 -44.02
C GLN B 759 -35.86 -7.90 -44.47
N LEU B 760 -37.09 -7.52 -44.14
CA LEU B 760 -38.24 -8.34 -44.51
C LEU B 760 -38.50 -8.26 -46.01
N LYS B 761 -38.26 -7.09 -46.61
CA LYS B 761 -38.41 -6.96 -48.06
C LYS B 761 -37.46 -7.90 -48.79
N ARG B 762 -36.19 -7.93 -48.38
CA ARG B 762 -35.21 -8.80 -49.03
C ARG B 762 -35.61 -10.26 -48.93
N LEU B 763 -36.01 -10.70 -47.73
CA LEU B 763 -36.38 -12.11 -47.54
C LEU B 763 -37.55 -12.49 -48.43
N LEU B 764 -38.64 -11.73 -48.38
CA LEU B 764 -39.82 -12.07 -49.16
C LEU B 764 -39.58 -11.90 -50.65
N THR B 765 -38.65 -11.02 -51.04
CA THR B 765 -38.33 -10.87 -52.46
C THR B 765 -37.40 -11.98 -52.94
N GLU B 766 -36.37 -12.30 -52.16
CA GLU B 766 -35.41 -13.33 -52.57
C GLU B 766 -35.99 -14.74 -52.47
N GLN B 767 -36.76 -15.02 -51.42
CA GLN B 767 -37.39 -16.32 -51.27
C GLN B 767 -38.70 -16.45 -52.04
N LYS B 768 -39.12 -15.39 -52.73
CA LYS B 768 -40.33 -15.38 -53.55
C LYS B 768 -41.58 -15.77 -52.76
N GLN B 769 -41.65 -15.31 -51.50
CA GLN B 769 -42.80 -15.56 -50.64
C GLN B 769 -43.80 -14.43 -50.81
N VAL B 770 -43.89 -13.91 -52.04
CA VAL B 770 -44.76 -12.80 -52.39
C VAL B 770 -45.64 -13.25 -53.55
N ASN B 771 -46.79 -12.60 -53.68
CA ASN B 771 -47.78 -12.89 -54.72
C ASN B 771 -48.33 -14.31 -54.55
N GLY B 772 -48.98 -14.51 -53.39
CA GLY B 772 -49.58 -15.78 -53.05
C GLY B 772 -51.11 -15.73 -53.08
N LEU B 773 -51.69 -16.89 -52.77
CA LEU B 773 -53.14 -17.07 -52.85
C LEU B 773 -53.78 -16.80 -51.48
N LEU B 774 -54.82 -15.98 -51.50
CA LEU B 774 -55.59 -15.65 -50.30
C LEU B 774 -56.57 -16.79 -50.06
N GLU B 775 -56.29 -17.64 -49.09
CA GLU B 775 -57.13 -18.81 -48.86
C GLU B 775 -58.08 -18.57 -47.69
N PRO B 776 -59.35 -18.27 -47.92
CA PRO B 776 -60.28 -18.03 -46.81
C PRO B 776 -60.73 -19.35 -46.19
N LEU B 777 -61.54 -19.23 -45.14
CA LEU B 777 -62.08 -20.37 -44.41
C LEU B 777 -63.52 -20.61 -44.88
N ARG B 778 -63.74 -21.74 -45.54
CA ARG B 778 -65.07 -22.05 -46.05
C ARG B 778 -66.01 -22.43 -44.90
N GLU B 779 -67.23 -21.91 -44.95
CA GLU B 779 -68.21 -22.20 -43.92
C GLU B 779 -68.86 -23.56 -44.16
N LEU B 780 -69.09 -24.29 -43.08
CA LEU B 780 -69.68 -25.62 -43.16
C LEU B 780 -71.18 -25.52 -43.38
N ASP B 781 -71.69 -26.31 -44.31
CA ASP B 781 -73.12 -26.35 -44.56
C ASP B 781 -73.85 -26.95 -43.35
N GLU B 782 -75.18 -26.86 -43.39
CA GLU B 782 -75.98 -27.27 -42.25
C GLU B 782 -75.85 -28.77 -42.01
N GLN B 783 -75.85 -29.16 -40.74
CA GLN B 783 -75.84 -30.56 -40.33
C GLN B 783 -76.54 -30.67 -38.99
N ALA B 784 -76.86 -31.91 -38.61
CA ALA B 784 -77.41 -32.15 -37.28
C ALA B 784 -76.30 -32.31 -36.25
N GLU B 785 -75.14 -32.78 -36.68
CA GLU B 785 -73.98 -32.94 -35.81
C GLU B 785 -72.73 -32.58 -36.59
N TYR B 786 -71.80 -31.89 -35.95
CA TYR B 786 -70.57 -31.44 -36.57
C TYR B 786 -69.38 -32.09 -35.89
N GLU B 787 -68.23 -32.00 -36.55
CA GLU B 787 -67.01 -32.62 -36.06
C GLU B 787 -66.28 -31.68 -35.11
N THR B 788 -65.84 -32.22 -33.98
CA THR B 788 -65.09 -31.46 -32.99
C THR B 788 -63.63 -31.31 -33.44
N SER B 789 -62.89 -30.49 -32.69
CA SER B 789 -61.47 -30.31 -32.92
C SER B 789 -60.68 -31.19 -31.97
N ALA B 790 -59.36 -31.26 -32.23
CA ALA B 790 -58.48 -32.07 -31.40
C ALA B 790 -58.51 -31.62 -29.95
N VAL B 791 -58.38 -30.31 -29.72
CA VAL B 791 -58.40 -29.81 -28.35
C VAL B 791 -59.80 -29.90 -27.76
N GLU B 792 -60.84 -29.83 -28.60
CA GLU B 792 -62.20 -30.03 -28.12
C GLU B 792 -62.43 -31.48 -27.71
N LYS B 793 -61.83 -32.42 -28.43
CA LYS B 793 -61.91 -33.82 -28.06
C LYS B 793 -61.20 -34.07 -26.73
N ARG B 794 -60.01 -33.50 -26.54
CA ARG B 794 -59.25 -33.73 -25.32
C ARG B 794 -59.97 -33.14 -24.11
N MET B 795 -60.62 -31.99 -24.26
CA MET B 795 -61.37 -31.42 -23.15
C MET B 795 -62.58 -32.28 -22.81
N TYR B 796 -63.20 -32.89 -23.82
CA TYR B 796 -64.35 -33.76 -23.57
C TYR B 796 -63.93 -35.00 -22.78
N ILE B 797 -62.78 -35.59 -23.11
CA ILE B 797 -62.40 -36.84 -22.45
C ILE B 797 -61.98 -36.59 -21.00
N ILE B 798 -61.34 -35.45 -20.72
CA ILE B 798 -60.91 -35.18 -19.34
C ILE B 798 -62.12 -34.96 -18.45
N GLN B 799 -63.13 -34.22 -18.94
CA GLN B 799 -64.33 -34.00 -18.15
C GLN B 799 -65.10 -35.30 -17.94
N GLN B 800 -65.00 -36.26 -18.87
CA GLN B 800 -65.75 -37.49 -18.73
C GLN B 800 -65.21 -38.37 -17.60
N GLN B 801 -63.89 -38.38 -17.39
CA GLN B 801 -63.29 -39.17 -16.32
C GLN B 801 -63.97 -38.88 -14.99
N ASP B 802 -63.81 -37.66 -14.50
CA ASP B 802 -64.54 -37.18 -13.33
C ASP B 802 -65.58 -36.19 -13.82
N VAL B 803 -66.83 -36.65 -13.96
CA VAL B 803 -67.89 -35.78 -14.45
C VAL B 803 -68.23 -34.67 -13.47
N GLU B 804 -67.84 -34.81 -12.21
CA GLU B 804 -68.09 -33.81 -11.19
C GLU B 804 -66.89 -32.90 -10.96
N SER B 805 -65.90 -32.95 -11.84
CA SER B 805 -64.71 -32.12 -11.70
C SER B 805 -64.99 -30.68 -12.12
N ILE B 806 -64.38 -29.74 -11.42
CA ILE B 806 -64.45 -28.32 -11.76
C ILE B 806 -63.06 -27.77 -12.11
N ALA B 807 -62.11 -28.67 -12.37
CA ALA B 807 -60.74 -28.24 -12.62
C ALA B 807 -60.62 -27.41 -13.89
N TYR B 808 -61.49 -27.65 -14.87
CA TYR B 808 -61.46 -26.89 -16.12
C TYR B 808 -62.65 -25.94 -16.25
N ASN B 809 -63.29 -25.61 -15.13
CA ASN B 809 -64.25 -24.52 -15.11
C ASN B 809 -63.49 -23.19 -15.00
N VAL B 810 -63.97 -22.20 -15.76
CA VAL B 810 -63.30 -20.90 -15.86
C VAL B 810 -64.20 -19.87 -15.21
N VAL B 811 -63.77 -19.34 -14.06
CA VAL B 811 -64.56 -18.39 -13.27
C VAL B 811 -63.85 -17.06 -13.26
N TYR B 812 -64.60 -15.98 -13.52
CA TYR B 812 -64.09 -14.62 -13.46
C TYR B 812 -65.08 -13.74 -12.70
N THR B 813 -64.57 -12.64 -12.15
CA THR B 813 -65.38 -11.67 -11.44
C THR B 813 -65.03 -10.27 -11.89
N ILE B 814 -66.04 -9.40 -11.94
CA ILE B 814 -65.86 -7.99 -12.27
C ILE B 814 -66.70 -7.18 -11.30
N ASN B 815 -66.06 -6.25 -10.57
CA ASN B 815 -66.76 -5.43 -9.59
C ASN B 815 -67.23 -4.15 -10.28
N PHE B 816 -68.50 -4.14 -10.68
CA PHE B 816 -69.10 -2.94 -11.27
C PHE B 816 -69.53 -1.97 -10.18
N PRO B 817 -69.63 -0.69 -10.50
CA PRO B 817 -70.26 0.25 -9.57
C PRO B 817 -71.75 -0.04 -9.45
N LEU B 818 -72.33 0.45 -8.35
CA LEU B 818 -73.76 0.26 -8.14
C LEU B 818 -74.61 1.03 -9.15
N THR B 819 -74.00 1.84 -10.01
CA THR B 819 -74.72 2.69 -10.95
C THR B 819 -75.04 1.98 -12.26
N VAL B 820 -74.74 0.69 -12.39
CA VAL B 820 -75.07 -0.07 -13.59
C VAL B 820 -76.31 -0.91 -13.31
N ASP B 821 -77.12 -1.08 -14.36
CA ASP B 821 -78.35 -1.86 -14.23
C ASP B 821 -78.01 -3.35 -14.33
N THR B 822 -78.38 -4.11 -13.31
CA THR B 822 -78.09 -5.54 -13.30
C THR B 822 -78.74 -6.24 -14.49
N GLU B 823 -79.93 -5.78 -14.91
CA GLU B 823 -80.59 -6.39 -16.05
C GLU B 823 -79.88 -6.05 -17.36
N GLN B 824 -79.29 -4.85 -17.45
CA GLN B 824 -78.54 -4.49 -18.65
C GLN B 824 -77.31 -5.39 -18.82
N ILE B 825 -76.79 -5.92 -17.72
CA ILE B 825 -75.72 -6.92 -17.83
C ILE B 825 -76.29 -8.24 -18.32
N ARG B 826 -77.50 -8.59 -17.87
CA ARG B 826 -78.12 -9.84 -18.29
C ARG B 826 -78.44 -9.82 -19.78
N VAL B 827 -79.03 -8.72 -20.26
CA VAL B 827 -79.43 -8.66 -21.67
C VAL B 827 -78.20 -8.64 -22.57
N ALA B 828 -77.12 -7.99 -22.13
CA ALA B 828 -75.91 -7.96 -22.95
C ALA B 828 -75.22 -9.32 -22.98
N LEU B 829 -75.32 -10.09 -21.89
CA LEU B 829 -74.79 -11.45 -21.90
C LEU B 829 -75.66 -12.37 -22.74
N GLU B 830 -76.98 -12.20 -22.67
CA GLU B 830 -77.87 -13.02 -23.49
C GLU B 830 -77.67 -12.74 -24.96
N GLN B 831 -77.38 -11.49 -25.32
CA GLN B 831 -77.00 -11.19 -26.70
C GLN B 831 -75.75 -11.94 -27.11
N LEU B 832 -74.78 -12.06 -26.19
CA LEU B 832 -73.54 -12.74 -26.52
C LEU B 832 -73.74 -14.24 -26.69
N VAL B 833 -74.72 -14.83 -26.01
CA VAL B 833 -75.07 -16.23 -26.24
C VAL B 833 -75.52 -16.41 -27.69
N LEU B 834 -76.36 -15.50 -28.18
CA LEU B 834 -76.83 -15.59 -29.56
C LEU B 834 -75.71 -15.31 -30.54
N ARG B 835 -74.84 -14.35 -30.21
CA ARG B 835 -73.83 -13.92 -31.17
C ARG B 835 -72.79 -15.01 -31.42
N HIS B 836 -72.38 -15.72 -30.37
CA HIS B 836 -71.32 -16.72 -30.47
C HIS B 836 -71.92 -18.12 -30.41
N GLU B 837 -71.65 -18.92 -31.45
CA GLU B 837 -72.19 -20.28 -31.51
C GLU B 837 -71.68 -21.14 -30.36
N GLY B 838 -70.44 -20.93 -29.93
CA GLY B 838 -69.90 -21.71 -28.84
C GLY B 838 -70.73 -21.66 -27.58
N LEU B 839 -71.33 -20.51 -27.28
CA LEU B 839 -72.22 -20.39 -26.13
C LEU B 839 -73.54 -21.12 -26.33
N ARG B 840 -73.84 -21.56 -27.55
CA ARG B 840 -75.00 -22.41 -27.81
C ARG B 840 -74.59 -23.80 -28.30
N SER B 841 -73.30 -24.12 -28.24
CA SER B 841 -72.80 -25.41 -28.71
C SER B 841 -72.91 -26.46 -27.62
N THR B 842 -73.30 -27.67 -28.02
CA THR B 842 -73.32 -28.83 -27.13
C THR B 842 -72.45 -29.93 -27.72
N TYR B 843 -71.81 -30.70 -26.83
CA TYR B 843 -70.86 -31.72 -27.22
C TYR B 843 -71.40 -33.08 -26.81
N HIS B 844 -71.54 -33.96 -27.79
CA HIS B 844 -72.01 -35.32 -27.54
C HIS B 844 -71.03 -36.34 -28.11
N MET B 845 -71.41 -37.61 -28.07
CA MET B 845 -70.58 -38.68 -28.62
C MET B 845 -71.46 -39.61 -29.44
N ARG B 846 -71.03 -39.91 -30.67
CA ARG B 846 -71.75 -40.79 -31.58
C ARG B 846 -70.90 -42.04 -31.75
N GLY B 847 -71.22 -43.08 -30.99
CA GLY B 847 -70.45 -44.31 -31.03
C GLY B 847 -69.07 -44.16 -30.44
N ASP B 848 -68.06 -43.96 -31.30
CA ASP B 848 -66.68 -43.82 -30.87
C ASP B 848 -66.08 -42.48 -31.31
N GLU B 849 -66.92 -41.48 -31.58
CA GLU B 849 -66.45 -40.20 -32.07
C GLU B 849 -67.08 -39.07 -31.27
N ILE B 850 -66.24 -38.13 -30.84
CA ILE B 850 -66.70 -36.95 -30.11
C ILE B 850 -67.28 -35.95 -31.11
N VAL B 851 -68.59 -35.70 -31.01
CA VAL B 851 -69.28 -34.85 -31.98
C VAL B 851 -69.67 -33.54 -31.33
N LYS B 852 -70.32 -32.67 -32.11
CA LYS B 852 -70.76 -31.36 -31.63
C LYS B 852 -72.11 -31.03 -32.24
N ARG B 853 -72.94 -30.34 -31.46
CA ARG B 853 -74.23 -29.84 -31.93
C ARG B 853 -74.36 -28.36 -31.57
N ILE B 854 -75.30 -27.70 -32.22
CA ILE B 854 -75.58 -26.29 -31.98
C ILE B 854 -77.09 -26.11 -31.92
N VAL B 855 -77.58 -25.39 -30.91
CA VAL B 855 -79.00 -25.11 -30.76
C VAL B 855 -79.23 -23.62 -31.03
N PRO B 856 -80.26 -23.26 -31.80
CA PRO B 856 -80.46 -21.84 -32.13
C PRO B 856 -80.84 -20.96 -30.95
N ARG B 857 -81.10 -21.51 -29.77
CA ARG B 857 -81.49 -20.71 -28.63
C ARG B 857 -81.03 -21.39 -27.35
N ALA B 858 -80.65 -20.59 -26.36
CA ALA B 858 -80.22 -21.08 -25.06
C ALA B 858 -80.70 -20.14 -23.98
N GLU B 859 -80.94 -20.69 -22.78
CA GLU B 859 -81.45 -19.92 -21.65
C GLU B 859 -80.33 -19.77 -20.63
N LEU B 860 -79.85 -18.54 -20.46
CA LEU B 860 -78.75 -18.26 -19.55
C LEU B 860 -79.24 -18.28 -18.10
N SER B 861 -78.39 -18.78 -17.21
CA SER B 861 -78.65 -18.74 -15.78
C SER B 861 -78.05 -17.47 -15.20
N PHE B 862 -78.89 -16.69 -14.49
CA PHE B 862 -78.49 -15.39 -13.95
C PHE B 862 -79.06 -15.29 -12.53
N VAL B 863 -78.26 -15.68 -11.56
CA VAL B 863 -78.67 -15.68 -10.15
C VAL B 863 -78.35 -14.32 -9.56
N ARG B 864 -79.39 -13.59 -9.14
CA ARG B 864 -79.24 -12.32 -8.45
C ARG B 864 -79.17 -12.57 -6.95
N GLN B 865 -78.06 -12.15 -6.34
CA GLN B 865 -77.84 -12.35 -4.91
C GLN B 865 -77.44 -11.04 -4.25
N THR B 866 -77.57 -11.02 -2.93
CA THR B 866 -77.18 -9.89 -2.10
C THR B 866 -76.20 -10.37 -1.05
N GLY B 867 -75.11 -9.63 -0.87
CA GLY B 867 -74.11 -10.04 0.09
C GLY B 867 -73.35 -8.89 0.73
N GLU B 868 -72.34 -9.24 1.54
CA GLU B 868 -71.42 -8.28 2.15
C GLU B 868 -70.00 -8.63 1.74
N GLU B 869 -69.05 -7.80 2.17
CA GLU B 869 -67.67 -7.99 1.73
C GLU B 869 -67.12 -9.33 2.18
N GLU B 870 -67.42 -9.74 3.41
CA GLU B 870 -66.94 -11.02 3.95
C GLU B 870 -67.90 -12.17 3.66
N SER B 871 -68.55 -12.15 2.50
CA SER B 871 -69.53 -13.17 2.15
C SER B 871 -69.54 -13.45 0.65
N VAL B 872 -68.94 -12.54 -0.14
CA VAL B 872 -68.98 -12.68 -1.59
C VAL B 872 -68.33 -13.99 -2.04
N GLN B 873 -67.25 -14.38 -1.37
CA GLN B 873 -66.56 -15.61 -1.77
C GLN B 873 -67.38 -16.85 -1.44
N SER B 874 -68.01 -16.88 -0.26
CA SER B 874 -68.83 -18.03 0.11
C SER B 874 -70.08 -18.13 -0.75
N LEU B 875 -70.58 -17.01 -1.26
CA LEU B 875 -71.71 -17.04 -2.18
C LEU B 875 -71.31 -17.44 -3.59
N LEU B 876 -70.04 -17.28 -3.94
CA LEU B 876 -69.56 -17.62 -5.26
C LEU B 876 -69.05 -19.05 -5.35
N ALA B 877 -68.50 -19.57 -4.26
CA ALA B 877 -67.98 -20.94 -4.26
C ALA B 877 -69.09 -21.95 -4.53
N GLU B 878 -70.27 -21.72 -3.95
CA GLU B 878 -71.40 -22.62 -4.15
C GLU B 878 -71.90 -22.60 -5.59
N GLN B 879 -71.71 -21.49 -6.29
CA GLN B 879 -72.20 -21.38 -7.66
C GLN B 879 -71.29 -22.06 -8.67
N ILE B 880 -70.05 -22.36 -8.28
CA ILE B 880 -69.10 -23.04 -9.16
C ILE B 880 -69.43 -24.52 -9.11
N LYS B 881 -70.12 -25.02 -10.14
CA LYS B 881 -70.63 -26.37 -10.19
C LYS B 881 -70.16 -27.05 -11.48
N PRO B 882 -70.13 -28.38 -11.50
CA PRO B 882 -69.71 -29.08 -12.71
C PRO B 882 -70.67 -28.82 -13.87
N PHE B 883 -70.11 -28.81 -15.08
CA PHE B 883 -70.87 -28.62 -16.29
C PHE B 883 -71.16 -29.97 -16.96
N ASP B 884 -72.33 -30.05 -17.59
CA ASP B 884 -72.65 -31.15 -18.49
C ASP B 884 -72.39 -30.64 -19.90
N LEU B 885 -71.41 -31.24 -20.58
CA LEU B 885 -71.00 -30.77 -21.90
C LEU B 885 -72.07 -30.98 -22.96
N ALA B 886 -73.23 -31.55 -22.59
CA ALA B 886 -74.34 -31.72 -23.52
C ALA B 886 -75.49 -30.75 -23.26
N LYS B 887 -75.45 -29.99 -22.17
CA LYS B 887 -76.47 -28.99 -21.87
C LYS B 887 -75.89 -27.60 -22.07
N ALA B 888 -76.59 -26.77 -22.83
CA ALA B 888 -76.20 -25.41 -23.16
C ALA B 888 -77.13 -24.40 -22.50
N PRO B 889 -76.65 -23.15 -22.29
CA PRO B 889 -75.32 -22.61 -22.60
C PRO B 889 -74.26 -23.10 -21.64
N LEU B 890 -73.03 -23.33 -22.11
CA LEU B 890 -71.93 -23.72 -21.23
C LEU B 890 -71.33 -22.53 -20.49
N LEU B 891 -72.20 -21.67 -19.95
CA LEU B 891 -71.79 -20.50 -19.18
C LEU B 891 -72.92 -20.12 -18.24
N ARG B 892 -72.59 -19.95 -16.97
CA ARG B 892 -73.52 -19.47 -15.96
C ARG B 892 -73.02 -18.13 -15.42
N ALA B 893 -73.94 -17.35 -14.86
CA ALA B 893 -73.58 -16.00 -14.45
C ALA B 893 -74.48 -15.55 -13.30
N GLY B 894 -74.27 -14.32 -12.87
CA GLY B 894 -75.01 -13.75 -11.76
C GLY B 894 -74.31 -12.52 -11.22
N VAL B 895 -75.05 -11.75 -10.42
CA VAL B 895 -74.54 -10.51 -9.85
C VAL B 895 -74.78 -10.53 -8.35
N ILE B 896 -73.71 -10.48 -7.57
CA ILE B 896 -73.77 -10.29 -6.13
C ILE B 896 -73.75 -8.80 -5.86
N GLU B 897 -74.72 -8.30 -5.10
CA GLU B 897 -74.83 -6.89 -4.80
C GLU B 897 -74.52 -6.65 -3.33
N THR B 898 -73.48 -5.88 -3.06
CA THR B 898 -73.14 -5.45 -1.71
C THR B 898 -73.71 -4.05 -1.48
N ALA B 899 -73.13 -3.31 -0.54
CA ALA B 899 -73.50 -1.93 -0.31
C ALA B 899 -72.58 -0.95 -1.03
N ASP B 900 -71.55 -1.46 -1.70
CA ASP B 900 -70.57 -0.61 -2.37
C ASP B 900 -70.23 -1.05 -3.80
N LYS B 901 -70.52 -2.28 -4.18
CA LYS B 901 -70.19 -2.75 -5.53
C LYS B 901 -71.17 -3.82 -5.96
N LYS B 902 -71.23 -4.03 -7.28
CA LYS B 902 -71.97 -5.12 -7.91
C LYS B 902 -70.96 -6.03 -8.59
N VAL B 903 -70.67 -7.17 -7.97
CA VAL B 903 -69.72 -8.12 -8.54
C VAL B 903 -70.46 -9.01 -9.53
N LEU B 904 -70.04 -8.94 -10.79
CA LEU B 904 -70.56 -9.79 -11.85
C LEU B 904 -69.66 -11.02 -11.97
N TRP B 905 -70.24 -12.19 -11.79
CA TRP B 905 -69.49 -13.45 -11.86
C TRP B 905 -70.01 -14.27 -13.02
N PHE B 906 -69.10 -14.95 -13.72
CA PHE B 906 -69.48 -15.93 -14.72
C PHE B 906 -68.57 -17.14 -14.61
N ASP B 907 -69.12 -18.30 -14.96
CA ASP B 907 -68.40 -19.57 -14.93
C ASP B 907 -68.61 -20.26 -16.27
N SER B 908 -67.52 -20.58 -16.95
CA SER B 908 -67.56 -21.23 -18.24
C SER B 908 -66.75 -22.53 -18.18
N HIS B 909 -66.57 -23.15 -19.34
CA HIS B 909 -65.78 -24.37 -19.47
C HIS B 909 -64.64 -24.11 -20.45
N HIS B 910 -63.48 -24.69 -20.18
CA HIS B 910 -62.32 -24.47 -21.03
C HIS B 910 -62.52 -25.04 -22.43
N ILE B 911 -63.58 -25.83 -22.66
CA ILE B 911 -63.91 -26.25 -24.01
C ILE B 911 -64.46 -25.09 -24.82
N LEU B 912 -64.84 -23.99 -24.16
CA LEU B 912 -65.38 -22.81 -24.82
C LEU B 912 -64.52 -21.57 -24.60
N LEU B 913 -64.16 -21.28 -23.35
CA LEU B 913 -63.47 -20.05 -23.02
C LEU B 913 -61.98 -20.33 -22.85
N ASP B 914 -61.16 -19.75 -23.72
CA ASP B 914 -59.71 -19.81 -23.59
C ASP B 914 -59.18 -18.40 -23.34
N GLY B 915 -57.86 -18.23 -23.51
CA GLY B 915 -57.25 -16.95 -23.23
C GLY B 915 -57.78 -15.84 -24.12
N LEU B 916 -57.79 -16.09 -25.44
CA LEU B 916 -58.18 -15.04 -26.37
C LEU B 916 -59.70 -14.90 -26.47
N SER B 917 -60.45 -15.98 -26.27
CA SER B 917 -61.91 -15.85 -26.22
C SER B 917 -62.35 -15.00 -25.05
N LYS B 918 -61.55 -15.00 -23.98
CA LYS B 918 -61.84 -14.14 -22.83
C LYS B 918 -61.71 -12.67 -23.22
N SER B 919 -60.64 -12.32 -23.93
CA SER B 919 -60.45 -10.95 -24.35
C SER B 919 -61.53 -10.49 -25.33
N ILE B 920 -62.00 -11.40 -26.18
CA ILE B 920 -63.09 -11.07 -27.10
C ILE B 920 -64.38 -10.86 -26.35
N LEU B 921 -64.67 -11.73 -25.38
CA LEU B 921 -65.88 -11.56 -24.57
C LEU B 921 -65.85 -10.27 -23.77
N ALA B 922 -64.66 -9.83 -23.36
CA ALA B 922 -64.55 -8.59 -22.59
C ALA B 922 -64.78 -7.38 -23.46
N ARG B 923 -64.21 -7.37 -24.68
CA ARG B 923 -64.36 -6.21 -25.56
C ARG B 923 -65.79 -6.07 -26.08
N GLU B 924 -66.55 -7.17 -26.12
CA GLU B 924 -67.91 -7.10 -26.63
C GLU B 924 -68.92 -6.75 -25.54
N LEU B 925 -68.70 -7.22 -24.32
CA LEU B 925 -69.58 -6.82 -23.22
C LEU B 925 -69.43 -5.34 -22.92
N GLN B 926 -68.21 -4.81 -23.03
CA GLN B 926 -67.98 -3.38 -22.83
C GLN B 926 -68.72 -2.56 -23.88
N ALA B 927 -68.74 -3.04 -25.12
CA ALA B 927 -69.46 -2.33 -26.18
C ALA B 927 -70.97 -2.43 -26.00
N LEU B 928 -71.47 -3.64 -25.74
CA LEU B 928 -72.91 -3.82 -25.53
C LEU B 928 -73.41 -3.04 -24.33
N LEU B 929 -72.60 -2.95 -23.26
CA LEU B 929 -72.97 -2.13 -22.11
C LEU B 929 -72.83 -0.64 -22.42
N GLY B 930 -71.94 -0.27 -23.34
CA GLY B 930 -71.84 1.11 -23.76
C GLY B 930 -72.75 1.45 -24.92
N GLN B 931 -73.75 0.59 -25.15
CA GLN B 931 -74.74 0.77 -26.21
C GLN B 931 -74.08 1.02 -27.57
N GLN B 932 -73.28 0.03 -27.98
CA GLN B 932 -72.59 0.07 -29.26
C GLN B 932 -73.06 -1.10 -30.11
N VAL B 933 -73.32 -0.81 -31.38
CA VAL B 933 -73.77 -1.82 -32.33
C VAL B 933 -72.58 -2.71 -32.69
N LEU B 934 -72.62 -3.96 -32.24
CA LEU B 934 -71.61 -4.94 -32.58
C LEU B 934 -71.89 -5.54 -33.95
N SER B 935 -70.85 -5.64 -34.77
CA SER B 935 -70.95 -6.27 -36.06
C SER B 935 -71.40 -7.72 -35.90
N PRO B 936 -72.01 -8.29 -36.92
CA PRO B 936 -72.31 -9.72 -36.92
C PRO B 936 -71.07 -10.57 -37.17
N VAL B 937 -71.06 -11.76 -36.57
CA VAL B 937 -69.91 -12.63 -36.70
C VAL B 937 -69.90 -13.27 -38.09
N GLU B 938 -68.72 -13.69 -38.53
CA GLU B 938 -68.52 -14.20 -39.88
C GLU B 938 -68.36 -15.71 -39.90
N LYS B 939 -67.33 -16.23 -39.25
CA LYS B 939 -67.03 -17.65 -39.29
C LYS B 939 -67.45 -18.33 -38.00
N THR B 940 -67.29 -19.65 -37.96
CA THR B 940 -67.68 -20.49 -36.85
C THR B 940 -66.56 -21.47 -36.53
N TYR B 941 -66.62 -22.03 -35.31
CA TYR B 941 -65.61 -23.02 -34.92
C TYR B 941 -65.78 -24.31 -35.71
N LYS B 942 -67.02 -24.71 -35.98
CA LYS B 942 -67.27 -25.92 -36.76
C LYS B 942 -66.56 -25.90 -38.10
N SER B 943 -66.37 -24.71 -38.67
CA SER B 943 -65.60 -24.57 -39.90
C SER B 943 -64.11 -24.78 -39.65
N PHE B 944 -63.59 -24.17 -38.57
CA PHE B 944 -62.17 -24.36 -38.26
C PHE B 944 -61.87 -25.80 -37.90
N ALA B 945 -62.82 -26.48 -37.25
CA ALA B 945 -62.63 -27.88 -36.91
C ALA B 945 -62.36 -28.71 -38.15
N ARG B 946 -63.19 -28.53 -39.19
CA ARG B 946 -62.95 -29.23 -40.44
C ARG B 946 -61.59 -28.86 -41.03
N TRP B 947 -61.32 -27.55 -41.17
CA TRP B 947 -60.08 -27.10 -41.79
C TRP B 947 -58.86 -27.73 -41.14
N GLN B 948 -58.85 -27.80 -39.80
CA GLN B 948 -57.68 -28.34 -39.12
C GLN B 948 -57.68 -29.87 -39.13
N ASN B 949 -58.85 -30.51 -39.09
CA ASN B 949 -58.91 -31.96 -39.11
C ASN B 949 -58.32 -32.51 -40.40
N GLU B 950 -58.52 -31.80 -41.52
CA GLU B 950 -57.92 -32.25 -42.77
C GLU B 950 -56.48 -31.79 -42.92
N TRP B 951 -56.11 -30.70 -42.26
CA TRP B 951 -54.72 -30.22 -42.36
C TRP B 951 -53.74 -31.22 -41.77
N PHE B 952 -54.21 -32.07 -40.85
CA PHE B 952 -53.34 -33.07 -40.25
C PHE B 952 -52.75 -34.03 -41.29
N ALA B 953 -53.41 -34.16 -42.45
CA ALA B 953 -52.89 -34.98 -43.55
C ALA B 953 -52.22 -34.06 -44.57
N SER B 954 -50.93 -33.79 -44.35
CA SER B 954 -50.17 -32.88 -45.20
C SER B 954 -48.69 -33.19 -45.02
N ASP B 955 -47.83 -32.42 -45.70
CA ASP B 955 -46.43 -32.64 -45.36
C ASP B 955 -46.04 -31.76 -44.20
N GLU B 956 -46.82 -30.70 -43.96
CA GLU B 956 -46.47 -29.70 -42.95
C GLU B 956 -46.68 -30.25 -41.54
N TYR B 957 -47.87 -30.82 -41.28
CA TYR B 957 -48.13 -31.45 -39.99
C TYR B 957 -47.10 -32.53 -39.70
N GLU B 958 -46.59 -33.20 -40.74
CA GLU B 958 -45.53 -34.18 -40.57
C GLU B 958 -44.17 -33.51 -40.41
N GLN B 959 -43.94 -32.36 -41.07
CA GLN B 959 -42.74 -31.57 -40.79
C GLN B 959 -42.73 -31.06 -39.36
N GLN B 960 -43.90 -30.89 -38.75
CA GLN B 960 -43.99 -30.55 -37.33
C GLN B 960 -43.90 -31.79 -36.45
N ILE B 961 -44.61 -32.87 -36.81
CA ILE B 961 -44.53 -34.12 -36.05
C ILE B 961 -43.10 -34.65 -36.01
N ALA B 962 -42.30 -34.35 -37.05
CA ALA B 962 -40.92 -34.82 -37.07
C ALA B 962 -40.07 -34.09 -36.03
N TYR B 963 -40.36 -32.81 -35.80
CA TYR B 963 -39.60 -32.04 -34.82
C TYR B 963 -39.57 -32.72 -33.47
N TRP B 964 -40.72 -33.23 -33.02
CA TRP B 964 -40.79 -33.85 -31.70
C TRP B 964 -40.36 -35.31 -31.75
N LYS B 965 -40.73 -36.03 -32.80
CA LYS B 965 -40.28 -37.41 -32.96
C LYS B 965 -38.76 -37.51 -33.06
N THR B 966 -38.09 -36.41 -33.39
CA THR B 966 -36.64 -36.34 -33.40
C THR B 966 -36.08 -35.52 -32.24
N LEU B 967 -36.89 -35.23 -31.23
CA LEU B 967 -36.47 -34.43 -30.09
C LEU B 967 -36.91 -35.05 -28.77
N LEU B 968 -38.08 -35.68 -28.77
CA LEU B 968 -38.67 -36.22 -27.55
C LEU B 968 -38.67 -37.74 -27.49
N GLN B 969 -38.10 -38.42 -28.48
CA GLN B 969 -38.09 -39.88 -28.50
C GLN B 969 -36.94 -40.48 -27.70
N GLY B 970 -35.92 -39.70 -27.34
CA GLY B 970 -34.79 -40.25 -26.61
C GLY B 970 -34.90 -40.08 -25.11
N GLU B 971 -33.76 -39.77 -24.47
CA GLU B 971 -33.73 -39.59 -23.03
C GLU B 971 -34.40 -38.26 -22.67
N LEU B 972 -35.57 -38.34 -22.05
CA LEU B 972 -36.30 -37.14 -21.67
C LEU B 972 -35.79 -36.62 -20.33
N PRO B 973 -35.50 -35.32 -20.21
CA PRO B 973 -35.03 -34.79 -18.93
C PRO B 973 -36.06 -34.96 -17.84
N ALA B 974 -35.58 -35.08 -16.61
CA ALA B 974 -36.42 -35.24 -15.44
C ALA B 974 -36.17 -34.06 -14.51
N VAL B 975 -37.17 -33.23 -14.31
CA VAL B 975 -37.09 -32.13 -13.36
C VAL B 975 -37.66 -32.62 -12.03
N GLN B 976 -36.79 -32.66 -11.01
CA GLN B 976 -37.14 -33.19 -9.70
C GLN B 976 -37.24 -32.00 -8.75
N LEU B 977 -38.43 -31.41 -8.68
CA LEU B 977 -38.66 -30.30 -7.79
C LEU B 977 -38.71 -30.78 -6.34
N PRO B 978 -38.25 -29.96 -5.40
CA PRO B 978 -38.37 -30.33 -3.99
C PRO B 978 -39.82 -30.40 -3.54
N THR B 979 -40.43 -31.56 -3.69
CA THR B 979 -41.82 -31.77 -3.32
C THR B 979 -41.92 -32.69 -2.11
N LYS B 980 -43.07 -32.64 -1.44
CA LYS B 980 -43.35 -33.59 -0.37
C LYS B 980 -43.60 -34.97 -0.97
N LYS B 981 -43.80 -35.95 -0.09
CA LYS B 981 -44.04 -37.32 -0.52
C LYS B 981 -45.20 -37.38 -1.50
N ARG B 982 -44.90 -37.77 -2.73
CA ARG B 982 -45.89 -37.67 -3.80
C ARG B 982 -47.08 -38.58 -3.52
N PRO B 983 -48.29 -38.14 -3.81
CA PRO B 983 -49.47 -38.98 -3.61
C PRO B 983 -49.42 -40.22 -4.47
N PRO B 984 -50.21 -41.25 -4.14
CA PRO B 984 -50.17 -42.47 -4.97
C PRO B 984 -50.70 -42.25 -6.38
N GLN B 985 -51.78 -41.47 -6.52
CA GLN B 985 -52.34 -41.11 -7.80
C GLN B 985 -52.08 -39.64 -8.09
N LEU B 986 -52.83 -39.07 -9.02
CA LEU B 986 -52.72 -37.66 -9.38
C LEU B 986 -53.75 -36.85 -8.60
N THR B 987 -53.28 -35.97 -7.74
CA THR B 987 -54.14 -35.05 -6.99
C THR B 987 -54.20 -33.71 -7.71
N PHE B 988 -55.36 -33.07 -7.66
CA PHE B 988 -55.58 -31.81 -8.38
C PHE B 988 -56.08 -30.70 -7.47
N ASP B 989 -55.88 -30.84 -6.16
CA ASP B 989 -56.23 -29.79 -5.21
C ASP B 989 -55.03 -28.86 -5.05
N GLY B 990 -55.29 -27.55 -5.13
CA GLY B 990 -54.20 -26.59 -5.13
C GLY B 990 -54.54 -25.28 -4.47
N ALA B 991 -53.56 -24.38 -4.48
CA ALA B 991 -53.70 -23.03 -3.95
C ALA B 991 -52.88 -22.09 -4.83
N ILE B 992 -52.81 -20.82 -4.44
CA ILE B 992 -52.22 -19.79 -5.28
C ILE B 992 -51.46 -18.77 -4.45
N GLN B 993 -50.24 -18.46 -4.86
CA GLN B 993 -49.45 -17.35 -4.35
C GLN B 993 -48.99 -16.50 -5.53
N MET B 994 -48.64 -15.25 -5.26
CA MET B 994 -48.33 -14.31 -6.33
C MET B 994 -47.09 -13.49 -5.99
N TYR B 995 -46.31 -13.17 -7.03
CA TYR B 995 -45.16 -12.29 -6.94
C TYR B 995 -45.35 -11.14 -7.91
N ARG B 996 -45.26 -9.92 -7.39
CA ARG B 996 -45.45 -8.70 -8.18
C ARG B 996 -44.09 -8.10 -8.50
N VAL B 997 -43.79 -8.01 -9.80
CA VAL B 997 -42.61 -7.30 -10.27
C VAL B 997 -42.98 -5.84 -10.44
N ASN B 998 -42.30 -4.96 -9.70
CA ASN B 998 -42.68 -3.55 -9.67
C ASN B 998 -42.60 -2.94 -11.07
N PRO B 999 -43.29 -1.82 -11.30
CA PRO B 999 -43.24 -1.19 -12.63
C PRO B 999 -41.83 -0.87 -13.10
N GLU B 1000 -40.93 -0.53 -12.18
CA GLU B 1000 -39.56 -0.20 -12.57
C GLU B 1000 -38.85 -1.40 -13.19
N ILE B 1001 -38.88 -2.54 -12.51
CA ILE B 1001 -38.20 -3.73 -13.02
C ILE B 1001 -38.87 -4.24 -14.28
N THR B 1002 -40.22 -4.19 -14.31
CA THR B 1002 -40.95 -4.58 -15.52
C THR B 1002 -40.49 -3.78 -16.72
N ARG B 1003 -40.28 -2.47 -16.52
CA ARG B 1003 -39.80 -1.61 -17.61
C ARG B 1003 -38.40 -2.02 -18.05
N LYS B 1004 -37.55 -2.44 -17.10
CA LYS B 1004 -36.20 -2.87 -17.46
C LYS B 1004 -36.22 -4.24 -18.13
N LEU B 1005 -37.13 -5.12 -17.71
CA LEU B 1005 -37.20 -6.46 -18.30
C LEU B 1005 -37.55 -6.39 -19.77
N LYS B 1006 -38.55 -5.58 -20.13
CA LYS B 1006 -38.96 -5.47 -21.53
C LYS B 1006 -37.91 -4.72 -22.34
N ALA B 1007 -37.32 -3.68 -21.75
CA ALA B 1007 -36.28 -2.94 -22.45
C ALA B 1007 -35.07 -3.82 -22.73
N THR B 1008 -34.70 -4.67 -21.76
CA THR B 1008 -33.57 -5.56 -21.96
C THR B 1008 -33.88 -6.63 -23.01
N ALA B 1009 -35.11 -7.17 -22.99
CA ALA B 1009 -35.48 -8.14 -24.00
C ALA B 1009 -35.51 -7.51 -25.39
N ALA B 1010 -35.97 -6.27 -25.49
CA ALA B 1010 -36.07 -5.61 -26.79
C ALA B 1010 -34.68 -5.33 -27.37
N LYS B 1011 -33.76 -4.82 -26.54
CA LYS B 1011 -32.44 -4.48 -27.05
C LYS B 1011 -31.68 -5.69 -27.56
N HIS B 1012 -32.02 -6.88 -27.07
CA HIS B 1012 -31.32 -8.11 -27.42
C HIS B 1012 -32.19 -9.07 -28.23
N ASP B 1013 -33.09 -8.53 -29.06
CA ASP B 1013 -33.92 -9.31 -29.95
C ASP B 1013 -34.67 -10.42 -29.22
N LEU B 1014 -35.38 -10.05 -28.17
CA LEU B 1014 -36.09 -11.02 -27.34
C LEU B 1014 -37.45 -10.46 -26.94
N THR B 1015 -38.41 -11.36 -26.84
CA THR B 1015 -39.70 -11.02 -26.25
C THR B 1015 -39.65 -11.25 -24.75
N LEU B 1016 -40.55 -10.57 -24.02
CA LEU B 1016 -40.58 -10.73 -22.58
C LEU B 1016 -40.88 -12.16 -22.17
N TYR B 1017 -41.65 -12.88 -22.99
CA TYR B 1017 -41.87 -14.30 -22.74
C TYR B 1017 -40.54 -15.07 -22.78
N MET B 1018 -39.70 -14.78 -23.78
CA MET B 1018 -38.42 -15.45 -23.89
C MET B 1018 -37.53 -15.11 -22.70
N LEU B 1019 -37.55 -13.86 -22.25
CA LEU B 1019 -36.78 -13.47 -21.08
C LEU B 1019 -37.30 -14.16 -19.83
N MET B 1020 -38.63 -14.28 -19.70
CA MET B 1020 -39.21 -14.94 -18.54
C MET B 1020 -39.07 -16.46 -18.63
N LEU B 1021 -39.36 -17.03 -19.81
CA LEU B 1021 -39.19 -18.47 -19.99
C LEU B 1021 -37.76 -18.88 -19.70
N THR B 1022 -36.79 -18.02 -20.02
CA THR B 1022 -35.42 -18.22 -19.62
C THR B 1022 -35.36 -18.33 -18.10
N ILE B 1023 -35.47 -17.19 -17.40
CA ILE B 1023 -35.35 -17.10 -15.94
C ILE B 1023 -36.07 -18.25 -15.24
N VAL B 1024 -37.22 -18.67 -15.78
CA VAL B 1024 -37.92 -19.81 -15.20
C VAL B 1024 -37.09 -21.08 -15.34
N SER B 1025 -36.50 -21.29 -16.52
CA SER B 1025 -35.76 -22.52 -16.77
C SER B 1025 -34.53 -22.62 -15.87
N ILE B 1026 -33.80 -21.53 -15.70
CA ILE B 1026 -32.64 -21.53 -14.80
C ILE B 1026 -33.10 -21.76 -13.37
N TRP B 1027 -34.26 -21.19 -13.01
CA TRP B 1027 -34.84 -21.44 -11.70
C TRP B 1027 -35.15 -22.91 -11.49
N LEU B 1028 -35.79 -23.55 -12.47
CA LEU B 1028 -36.08 -24.97 -12.36
C LEU B 1028 -34.81 -25.81 -12.40
N SER B 1029 -33.82 -25.39 -13.19
CA SER B 1029 -32.60 -26.16 -13.32
C SER B 1029 -31.81 -26.15 -12.01
N LYS B 1030 -31.64 -24.96 -11.41
CA LYS B 1030 -30.90 -24.87 -10.17
C LYS B 1030 -31.57 -25.61 -9.02
N MET B 1031 -32.89 -25.84 -9.11
CA MET B 1031 -33.54 -26.73 -8.15
C MET B 1031 -33.21 -28.18 -8.45
N ASN B 1032 -32.98 -28.52 -9.71
CA ASN B 1032 -32.59 -29.87 -10.12
C ASN B 1032 -31.09 -30.06 -10.04
N SER B 1033 -30.46 -29.54 -8.99
CA SER B 1033 -29.01 -29.64 -8.78
C SER B 1033 -28.23 -29.06 -9.96
N ASP B 1034 -28.71 -27.92 -10.47
CA ASP B 1034 -28.06 -27.22 -11.57
C ASP B 1034 -27.91 -28.11 -12.80
N SER B 1035 -29.04 -28.68 -13.23
CA SER B 1035 -29.06 -29.50 -14.44
C SER B 1035 -28.77 -28.64 -15.67
N ASN B 1036 -28.42 -29.31 -16.77
CA ASN B 1036 -28.14 -28.62 -18.02
C ASN B 1036 -29.24 -28.80 -19.06
N GLN B 1037 -30.21 -29.68 -18.83
CA GLN B 1037 -31.31 -29.90 -19.75
C GLN B 1037 -32.60 -30.04 -18.95
N VAL B 1038 -33.55 -29.14 -19.17
CA VAL B 1038 -34.81 -29.12 -18.44
C VAL B 1038 -35.97 -29.29 -19.41
N ILE B 1039 -37.14 -29.56 -18.87
CA ILE B 1039 -38.37 -29.73 -19.64
C ILE B 1039 -39.48 -28.95 -18.94
N LEU B 1040 -40.27 -28.24 -19.73
CA LEU B 1040 -41.31 -27.36 -19.21
C LEU B 1040 -42.58 -27.56 -20.04
N GLY B 1041 -43.57 -26.72 -19.76
CA GLY B 1041 -44.78 -26.70 -20.55
C GLY B 1041 -45.19 -25.27 -20.83
N THR B 1042 -45.94 -25.10 -21.92
CA THR B 1042 -46.36 -23.77 -22.33
C THR B 1042 -47.66 -23.87 -23.12
N VAL B 1043 -48.37 -22.76 -23.20
CA VAL B 1043 -49.63 -22.66 -23.91
C VAL B 1043 -49.43 -21.75 -25.11
N THR B 1044 -49.94 -22.17 -26.27
CA THR B 1044 -49.87 -21.38 -27.50
C THR B 1044 -51.26 -20.90 -27.88
N ASP B 1045 -51.29 -19.85 -28.71
CA ASP B 1045 -52.55 -19.24 -29.09
C ASP B 1045 -53.48 -20.23 -29.78
N GLY B 1046 -52.95 -21.02 -30.71
CA GLY B 1046 -53.76 -21.96 -31.46
C GLY B 1046 -54.60 -21.35 -32.55
N ARG B 1047 -54.34 -20.09 -32.92
CA ARG B 1047 -55.08 -19.42 -33.98
C ARG B 1047 -54.34 -19.64 -35.30
N GLN B 1048 -54.54 -20.83 -35.86
CA GLN B 1048 -53.77 -21.22 -37.05
C GLN B 1048 -54.26 -20.48 -38.29
N HIS B 1049 -55.58 -20.36 -38.44
CA HIS B 1049 -56.09 -19.69 -39.63
C HIS B 1049 -56.19 -18.18 -39.39
N PRO B 1050 -56.06 -17.34 -40.41
CA PRO B 1050 -56.26 -15.90 -40.20
C PRO B 1050 -57.70 -15.53 -39.85
N ASP B 1051 -58.67 -16.38 -40.17
CA ASP B 1051 -60.07 -16.09 -39.89
C ASP B 1051 -60.53 -16.60 -38.53
N THR B 1052 -59.63 -17.12 -37.69
CA THR B 1052 -60.05 -17.59 -36.38
C THR B 1052 -59.64 -16.61 -35.27
N ARG B 1053 -59.35 -15.36 -35.61
CA ARG B 1053 -58.87 -14.42 -34.60
C ARG B 1053 -59.99 -13.87 -33.72
N GLU B 1054 -61.24 -13.88 -34.20
CA GLU B 1054 -62.36 -13.28 -33.49
C GLU B 1054 -63.43 -14.30 -33.14
N LEU B 1055 -63.05 -15.57 -33.01
CA LEU B 1055 -64.01 -16.63 -32.72
C LEU B 1055 -63.92 -17.05 -31.25
N LEU B 1056 -65.08 -17.33 -30.68
CA LEU B 1056 -65.19 -17.72 -29.28
C LEU B 1056 -65.15 -19.24 -29.21
N GLY B 1057 -63.99 -19.79 -28.83
CA GLY B 1057 -63.85 -21.22 -28.72
C GLY B 1057 -62.55 -21.58 -28.05
N MET B 1058 -62.31 -22.89 -27.97
CA MET B 1058 -61.09 -23.43 -27.37
C MET B 1058 -60.07 -23.67 -28.47
N PHE B 1059 -58.97 -22.93 -28.44
CA PHE B 1059 -57.93 -23.03 -29.47
C PHE B 1059 -56.55 -23.35 -28.92
N VAL B 1060 -56.28 -23.09 -27.64
CA VAL B 1060 -54.92 -23.14 -27.15
C VAL B 1060 -54.39 -24.57 -27.13
N ASN B 1061 -53.07 -24.70 -27.31
CA ASN B 1061 -52.40 -25.98 -27.39
C ASN B 1061 -51.26 -26.01 -26.37
N THR B 1062 -51.13 -27.14 -25.68
CA THR B 1062 -50.05 -27.32 -24.71
C THR B 1062 -48.85 -27.97 -25.40
N LEU B 1063 -47.66 -27.40 -25.15
CA LEU B 1063 -46.46 -27.79 -25.86
C LEU B 1063 -45.34 -28.12 -24.87
N PRO B 1064 -44.70 -29.29 -25.01
CA PRO B 1064 -43.51 -29.59 -24.19
C PRO B 1064 -42.33 -28.75 -24.65
N LEU B 1065 -41.75 -27.98 -23.75
CA LEU B 1065 -40.63 -27.10 -24.05
C LEU B 1065 -39.37 -27.69 -23.45
N LEU B 1066 -38.65 -28.46 -24.26
CA LEU B 1066 -37.36 -29.03 -23.86
C LEU B 1066 -36.28 -27.99 -24.08
N LEU B 1067 -35.68 -27.50 -23.00
CA LEU B 1067 -34.72 -26.41 -23.05
C LEU B 1067 -33.38 -26.86 -22.50
N SER B 1068 -32.39 -25.97 -22.62
CA SER B 1068 -31.02 -26.24 -22.19
C SER B 1068 -30.41 -24.99 -21.60
N ILE B 1069 -29.64 -25.16 -20.52
CA ILE B 1069 -28.97 -24.06 -19.86
C ILE B 1069 -27.51 -24.43 -19.66
N ASP B 1070 -26.61 -23.53 -20.04
CA ASP B 1070 -25.17 -23.67 -19.82
C ASP B 1070 -24.79 -22.69 -18.72
N HIS B 1071 -24.53 -23.20 -17.52
CA HIS B 1071 -24.24 -22.34 -16.38
C HIS B 1071 -22.89 -21.65 -16.54
N GLU B 1072 -21.95 -22.26 -17.26
CA GLU B 1072 -20.63 -21.66 -17.45
C GLU B 1072 -20.69 -20.45 -18.39
N GLU B 1073 -21.72 -20.35 -19.22
CA GLU B 1073 -21.86 -19.21 -20.11
C GLU B 1073 -22.69 -18.12 -19.42
N SER B 1074 -23.08 -17.10 -20.17
CA SER B 1074 -23.73 -15.92 -19.60
C SER B 1074 -25.25 -16.03 -19.71
N PHE B 1075 -25.92 -15.09 -19.03
CA PHE B 1075 -27.37 -15.02 -19.11
C PHE B 1075 -27.83 -14.60 -20.50
N LEU B 1076 -27.18 -13.59 -21.07
CA LEU B 1076 -27.53 -13.14 -22.41
C LEU B 1076 -27.27 -14.22 -23.44
N HIS B 1077 -26.20 -15.01 -23.26
CA HIS B 1077 -25.97 -16.14 -24.14
C HIS B 1077 -27.11 -17.15 -24.04
N ASN B 1078 -27.39 -17.62 -22.82
CA ASN B 1078 -28.48 -18.56 -22.63
C ASN B 1078 -29.83 -17.99 -23.05
N LEU B 1079 -29.97 -16.66 -22.99
CA LEU B 1079 -31.18 -16.02 -23.49
C LEU B 1079 -31.36 -16.30 -24.97
N GLN B 1080 -30.30 -16.16 -25.76
CA GLN B 1080 -30.38 -16.41 -27.19
C GLN B 1080 -30.63 -17.89 -27.49
N GLN B 1081 -30.03 -18.78 -26.70
CA GLN B 1081 -30.26 -20.22 -26.89
C GLN B 1081 -31.73 -20.56 -26.65
N VAL B 1082 -32.36 -19.90 -25.68
CA VAL B 1082 -33.77 -20.17 -25.38
C VAL B 1082 -34.65 -19.82 -26.58
N LYS B 1083 -34.36 -18.70 -27.24
CA LYS B 1083 -35.10 -18.35 -28.45
C LYS B 1083 -34.89 -19.40 -29.54
N ALA B 1084 -33.64 -19.79 -29.76
CA ALA B 1084 -33.33 -20.77 -30.80
C ALA B 1084 -33.95 -22.13 -30.50
N LYS B 1085 -34.34 -22.39 -29.26
CA LYS B 1085 -35.05 -23.61 -28.91
C LYS B 1085 -36.57 -23.42 -28.92
N LEU B 1086 -37.04 -22.18 -28.84
CA LEU B 1086 -38.47 -21.88 -28.78
C LEU B 1086 -39.09 -21.76 -30.17
N LEU B 1087 -38.48 -20.98 -31.05
CA LEU B 1087 -39.00 -20.81 -32.40
C LEU B 1087 -39.23 -22.13 -33.15
N PRO B 1088 -38.37 -23.14 -33.07
CA PRO B 1088 -38.72 -24.43 -33.68
C PRO B 1088 -39.99 -25.04 -33.14
N ALA B 1089 -40.29 -24.81 -31.85
CA ALA B 1089 -41.53 -25.32 -31.27
C ALA B 1089 -42.72 -24.44 -31.63
N LEU B 1090 -42.55 -23.11 -31.56
CA LEU B 1090 -43.64 -22.21 -31.92
C LEU B 1090 -43.98 -22.25 -33.41
N GLN B 1091 -43.03 -22.64 -34.26
CA GLN B 1091 -43.40 -22.98 -35.63
C GLN B 1091 -44.26 -24.24 -35.64
N ASN B 1092 -43.89 -25.22 -34.81
CA ASN B 1092 -44.50 -26.55 -34.82
C ASN B 1092 -45.53 -26.71 -33.70
N GLN B 1093 -46.34 -25.67 -33.48
CA GLN B 1093 -47.26 -25.57 -32.35
C GLN B 1093 -48.67 -26.06 -32.67
N TYR B 1094 -48.89 -26.67 -33.84
CA TYR B 1094 -50.24 -27.06 -34.23
C TYR B 1094 -50.41 -28.58 -34.26
N VAL B 1095 -49.56 -29.31 -33.55
CA VAL B 1095 -49.71 -30.75 -33.37
C VAL B 1095 -50.52 -30.98 -32.10
N PRO B 1096 -51.64 -31.71 -32.15
CA PRO B 1096 -52.39 -31.98 -30.92
C PRO B 1096 -51.53 -32.70 -29.90
N PHE B 1097 -51.69 -32.33 -28.64
CA PHE B 1097 -50.84 -32.87 -27.58
C PHE B 1097 -51.03 -34.37 -27.42
N ASP B 1098 -52.25 -34.87 -27.65
CA ASP B 1098 -52.48 -36.30 -27.55
C ASP B 1098 -51.67 -37.06 -28.60
N LYS B 1099 -51.56 -36.50 -29.81
CA LYS B 1099 -50.70 -37.10 -30.83
C LYS B 1099 -49.23 -36.86 -30.52
N ILE B 1100 -48.91 -35.77 -29.81
CA ILE B 1100 -47.54 -35.51 -29.40
C ILE B 1100 -47.03 -36.62 -28.48
N LEU B 1101 -47.88 -37.09 -27.57
CA LEU B 1101 -47.47 -38.11 -26.62
C LEU B 1101 -47.08 -39.41 -27.32
N GLU B 1102 -47.81 -39.78 -28.38
CA GLU B 1102 -47.50 -41.00 -29.10
C GLU B 1102 -46.14 -40.91 -29.79
N ALA B 1103 -45.79 -39.72 -30.29
CA ALA B 1103 -44.52 -39.56 -31.00
C ALA B 1103 -43.34 -39.80 -30.06
N ALA B 1104 -43.43 -39.29 -28.83
CA ALA B 1104 -42.37 -39.51 -27.85
C ALA B 1104 -42.43 -40.90 -27.22
N ARG B 1105 -43.59 -41.54 -27.24
CA ARG B 1105 -43.81 -42.86 -26.64
C ARG B 1105 -43.31 -42.89 -25.20
N VAL B 1106 -43.90 -42.01 -24.39
CA VAL B 1106 -43.57 -41.88 -22.98
C VAL B 1106 -44.47 -42.82 -22.18
N LYS B 1107 -43.92 -43.36 -21.09
CA LYS B 1107 -44.66 -44.28 -20.25
C LYS B 1107 -45.50 -43.53 -19.22
N ARG B 1108 -46.53 -44.22 -18.72
CA ARG B 1108 -47.41 -43.65 -17.71
C ARG B 1108 -46.87 -43.98 -16.32
N GLU B 1109 -46.67 -42.94 -15.51
CA GLU B 1109 -46.26 -43.12 -14.12
C GLU B 1109 -47.42 -43.06 -13.15
N GLY B 1110 -48.59 -42.62 -13.58
CA GLY B 1110 -49.76 -42.52 -12.70
C GLY B 1110 -49.75 -41.35 -11.75
N ASN B 1111 -48.67 -41.18 -10.99
CA ASN B 1111 -48.54 -40.08 -10.06
C ASN B 1111 -47.96 -38.82 -10.70
N ARG B 1112 -47.63 -38.86 -11.98
CA ARG B 1112 -47.02 -37.73 -12.67
C ARG B 1112 -47.76 -37.44 -13.96
N HIS B 1113 -47.60 -36.20 -14.43
CA HIS B 1113 -48.19 -35.77 -15.68
C HIS B 1113 -47.29 -36.14 -16.85
N PRO B 1114 -47.86 -36.35 -18.03
CA PRO B 1114 -47.05 -36.74 -19.19
C PRO B 1114 -46.02 -35.68 -19.54
N LEU B 1115 -44.78 -36.13 -19.76
CA LEU B 1115 -43.66 -35.27 -20.16
C LEU B 1115 -43.30 -34.24 -19.08
N PHE B 1116 -44.03 -33.13 -19.02
CA PHE B 1116 -43.71 -32.07 -18.10
C PHE B 1116 -44.66 -32.06 -16.90
N ASP B 1117 -44.14 -31.59 -15.76
CA ASP B 1117 -44.93 -31.38 -14.56
C ASP B 1117 -45.06 -29.91 -14.18
N VAL B 1118 -44.35 -29.01 -14.84
CA VAL B 1118 -44.44 -27.57 -14.59
C VAL B 1118 -44.94 -26.89 -15.86
N MET B 1119 -45.78 -25.88 -15.68
CA MET B 1119 -46.39 -25.16 -16.80
C MET B 1119 -46.07 -23.69 -16.70
N PHE B 1120 -45.74 -23.08 -17.83
CA PHE B 1120 -45.46 -21.65 -17.91
C PHE B 1120 -46.45 -21.01 -18.89
N MET B 1121 -47.26 -20.08 -18.38
CA MET B 1121 -48.19 -19.31 -19.20
C MET B 1121 -47.84 -17.83 -19.13
N MET B 1122 -48.16 -17.10 -20.19
CA MET B 1122 -47.89 -15.67 -20.22
C MET B 1122 -48.93 -15.02 -21.15
N GLN B 1123 -50.06 -14.63 -20.56
CA GLN B 1123 -51.05 -13.85 -21.29
C GLN B 1123 -50.60 -12.40 -21.40
N GLY B 1124 -50.89 -11.78 -22.53
CA GLY B 1124 -50.45 -10.43 -22.77
C GLY B 1124 -51.20 -9.40 -21.94
N ALA B 1125 -51.05 -8.16 -22.34
CA ALA B 1125 -51.71 -7.06 -21.66
C ALA B 1125 -53.19 -7.01 -22.04
N PRO B 1126 -54.05 -6.53 -21.14
CA PRO B 1126 -55.48 -6.45 -21.44
C PRO B 1126 -55.74 -5.43 -22.55
N GLU B 1127 -56.52 -5.84 -23.56
CA GLU B 1127 -56.84 -4.95 -24.67
C GLU B 1127 -57.92 -3.95 -24.30
N THR B 1128 -58.83 -4.31 -23.40
CA THR B 1128 -59.92 -3.44 -22.98
C THR B 1128 -59.84 -3.21 -21.47
N GLU B 1129 -60.43 -2.09 -21.04
CA GLU B 1129 -60.40 -1.76 -19.62
C GLU B 1129 -61.22 -2.74 -18.80
N LEU B 1130 -62.33 -3.22 -19.36
CA LEU B 1130 -63.11 -4.26 -18.67
C LEU B 1130 -62.27 -5.50 -18.43
N GLU B 1131 -61.48 -5.90 -19.42
CA GLU B 1131 -60.60 -7.05 -19.26
C GLU B 1131 -59.58 -6.82 -18.16
N SER B 1132 -59.10 -5.57 -18.04
CA SER B 1132 -58.13 -5.26 -16.98
C SER B 1132 -58.75 -5.38 -15.60
N ASN B 1133 -60.06 -5.09 -15.48
CA ASN B 1133 -60.76 -5.13 -14.20
C ASN B 1133 -61.43 -6.48 -13.93
N MET B 1134 -61.03 -7.53 -14.64
CA MET B 1134 -61.53 -8.88 -14.38
C MET B 1134 -60.53 -9.65 -13.53
N HIS B 1135 -61.07 -10.55 -12.70
CA HIS B 1135 -60.28 -11.32 -11.76
C HIS B 1135 -60.53 -12.79 -11.99
N HIS B 1136 -59.48 -13.53 -12.39
CA HIS B 1136 -59.59 -14.97 -12.53
C HIS B 1136 -59.62 -15.61 -11.14
N ILE B 1137 -60.55 -16.54 -10.94
CA ILE B 1137 -60.75 -17.16 -9.63
C ILE B 1137 -60.31 -18.62 -9.72
N ASN B 1138 -59.65 -19.10 -8.67
CA ASN B 1138 -59.23 -20.48 -8.55
C ASN B 1138 -60.08 -21.15 -7.48
N ALA B 1139 -60.65 -22.31 -7.81
CA ALA B 1139 -61.50 -23.07 -6.90
C ALA B 1139 -60.72 -24.03 -6.03
N GLY B 1140 -59.47 -23.70 -5.71
CA GLY B 1140 -58.63 -24.64 -4.97
C GLY B 1140 -58.16 -25.79 -5.82
N ILE B 1141 -57.85 -25.54 -7.09
CA ILE B 1141 -57.46 -26.58 -8.04
C ILE B 1141 -56.06 -26.28 -8.55
N SER B 1142 -55.32 -27.35 -8.87
CA SER B 1142 -53.98 -27.25 -9.44
C SER B 1142 -53.91 -28.28 -10.56
N LYS B 1143 -53.98 -27.82 -11.81
CA LYS B 1143 -53.95 -28.73 -12.95
C LYS B 1143 -52.66 -29.51 -13.02
N PHE B 1144 -51.54 -28.91 -12.62
CA PHE B 1144 -50.24 -29.54 -12.63
C PHE B 1144 -49.63 -29.46 -11.25
N ASP B 1145 -48.41 -29.98 -11.11
CA ASP B 1145 -47.69 -29.84 -9.85
C ASP B 1145 -47.45 -28.37 -9.52
N LEU B 1146 -47.03 -27.59 -10.51
CA LEU B 1146 -46.78 -26.18 -10.33
C LEU B 1146 -47.01 -25.47 -11.65
N THR B 1147 -47.78 -24.38 -11.62
CA THR B 1147 -48.08 -23.61 -12.83
C THR B 1147 -47.76 -22.15 -12.56
N LEU B 1148 -46.87 -21.58 -13.38
CA LEU B 1148 -46.54 -20.17 -13.29
C LEU B 1148 -47.21 -19.42 -14.44
N GLU B 1149 -47.94 -18.36 -14.09
CA GLU B 1149 -48.56 -17.49 -15.08
C GLU B 1149 -48.13 -16.05 -14.82
N VAL B 1150 -47.59 -15.41 -15.86
CA VAL B 1150 -47.15 -14.02 -15.78
C VAL B 1150 -48.23 -13.16 -16.43
N LEU B 1151 -48.78 -12.22 -15.66
CA LEU B 1151 -49.87 -11.37 -16.11
C LEU B 1151 -49.41 -9.92 -16.10
N GLU B 1152 -49.47 -9.27 -17.26
CA GLU B 1152 -49.11 -7.86 -17.38
C GLU B 1152 -50.31 -7.02 -16.97
N ARG B 1153 -50.30 -6.53 -15.73
CA ARG B 1153 -51.40 -5.76 -15.18
C ARG B 1153 -50.85 -4.60 -14.35
N GLU B 1154 -51.48 -3.43 -14.49
CA GLU B 1154 -51.14 -2.25 -13.70
C GLU B 1154 -49.70 -1.80 -13.93
N ASN B 1155 -49.29 -1.77 -15.20
CA ASN B 1155 -47.93 -1.38 -15.59
C ASN B 1155 -46.86 -2.21 -14.88
N GLY B 1156 -47.19 -3.46 -14.54
CA GLY B 1156 -46.26 -4.34 -13.87
C GLY B 1156 -46.45 -5.78 -14.28
N LEU B 1157 -45.96 -6.71 -13.47
CA LEU B 1157 -46.08 -8.14 -13.74
C LEU B 1157 -46.59 -8.84 -12.50
N ASN B 1158 -47.71 -9.54 -12.63
CA ASN B 1158 -48.30 -10.34 -11.56
C ASN B 1158 -48.03 -11.80 -11.88
N ILE B 1159 -47.02 -12.38 -11.23
CA ILE B 1159 -46.61 -13.75 -11.49
C ILE B 1159 -47.34 -14.64 -10.50
N VAL B 1160 -48.26 -15.46 -11.01
CA VAL B 1160 -49.11 -16.32 -10.19
C VAL B 1160 -48.49 -17.71 -10.10
N PHE B 1161 -48.50 -18.27 -8.89
CA PHE B 1161 -47.98 -19.60 -8.63
C PHE B 1161 -49.14 -20.50 -8.21
N GLU B 1162 -49.61 -21.35 -9.13
CA GLU B 1162 -50.67 -22.32 -8.84
C GLU B 1162 -49.99 -23.65 -8.53
N TYR B 1163 -50.07 -24.07 -7.26
CA TYR B 1163 -49.32 -25.22 -6.79
C TYR B 1163 -50.24 -26.23 -6.14
N ASN B 1164 -49.94 -27.52 -6.34
CA ASN B 1164 -50.69 -28.59 -5.70
C ASN B 1164 -50.37 -28.64 -4.21
N THR B 1165 -51.41 -28.63 -3.38
CA THR B 1165 -51.22 -28.56 -1.93
C THR B 1165 -50.67 -29.86 -1.35
N HIS B 1166 -50.75 -30.97 -2.07
CA HIS B 1166 -50.19 -32.23 -1.57
C HIS B 1166 -48.67 -32.28 -1.76
N LEU B 1167 -48.13 -31.52 -2.71
CA LEU B 1167 -46.71 -31.54 -3.01
C LEU B 1167 -45.95 -30.37 -2.42
N PHE B 1168 -46.62 -29.25 -2.14
CA PHE B 1168 -46.01 -28.07 -1.56
C PHE B 1168 -46.89 -27.54 -0.45
N ASP B 1169 -46.28 -27.15 0.67
CA ASP B 1169 -47.03 -26.43 1.70
C ASP B 1169 -46.83 -24.94 1.52
N GLU B 1170 -47.40 -24.16 2.45
CA GLU B 1170 -47.35 -22.71 2.33
C GLU B 1170 -45.93 -22.18 2.48
N GLY B 1171 -45.14 -22.78 3.38
CA GLY B 1171 -43.78 -22.31 3.58
C GLY B 1171 -42.85 -22.66 2.45
N MET B 1172 -43.07 -23.80 1.81
CA MET B 1172 -42.23 -24.21 0.69
C MET B 1172 -42.41 -23.28 -0.51
N ILE B 1173 -43.67 -23.03 -0.88
CA ILE B 1173 -43.95 -22.17 -2.02
C ILE B 1173 -43.42 -20.76 -1.77
N LEU B 1174 -43.52 -20.29 -0.52
CA LEU B 1174 -43.02 -18.96 -0.21
C LEU B 1174 -41.50 -18.88 -0.36
N ARG B 1175 -40.78 -19.97 -0.06
CA ARG B 1175 -39.36 -20.02 -0.38
C ARG B 1175 -39.14 -19.99 -1.87
N MET B 1176 -39.85 -20.85 -2.61
CA MET B 1176 -39.68 -20.92 -4.05
C MET B 1176 -40.00 -19.59 -4.72
N VAL B 1177 -41.02 -18.89 -4.21
CA VAL B 1177 -41.36 -17.57 -4.76
C VAL B 1177 -40.23 -16.58 -4.49
N ALA B 1178 -39.70 -16.58 -3.26
CA ALA B 1178 -38.60 -15.67 -2.94
C ALA B 1178 -37.34 -16.01 -3.70
N GLN B 1179 -37.16 -17.28 -4.08
CA GLN B 1179 -36.01 -17.67 -4.89
C GLN B 1179 -36.16 -17.16 -6.32
N PHE B 1180 -37.38 -17.17 -6.85
CA PHE B 1180 -37.61 -16.68 -8.20
C PHE B 1180 -37.32 -15.19 -8.30
N GLU B 1181 -37.79 -14.41 -7.33
CA GLU B 1181 -37.49 -12.99 -7.32
C GLU B 1181 -35.99 -12.74 -7.22
N HIS B 1182 -35.29 -13.56 -6.44
CA HIS B 1182 -33.85 -13.39 -6.27
C HIS B 1182 -33.12 -13.59 -7.60
N LEU B 1183 -33.48 -14.64 -8.33
CA LEU B 1183 -32.88 -14.86 -9.65
C LEU B 1183 -33.29 -13.76 -10.62
N LEU B 1184 -34.56 -13.36 -10.60
CA LEU B 1184 -35.03 -12.33 -11.51
C LEU B 1184 -34.28 -11.03 -11.30
N LEU B 1185 -34.21 -10.55 -10.05
CA LEU B 1185 -33.48 -9.32 -9.75
C LEU B 1185 -31.98 -9.48 -9.93
N GLN B 1186 -31.47 -10.71 -9.97
CA GLN B 1186 -30.05 -10.91 -10.26
C GLN B 1186 -29.79 -10.84 -11.77
N ALA B 1187 -30.63 -11.51 -12.56
CA ALA B 1187 -30.39 -11.57 -13.99
C ALA B 1187 -30.61 -10.22 -14.67
N VAL B 1188 -31.51 -9.39 -14.14
CA VAL B 1188 -31.81 -8.13 -14.80
C VAL B 1188 -30.67 -7.14 -14.61
N HIS B 1189 -29.95 -7.21 -13.50
CA HIS B 1189 -28.80 -6.35 -13.24
C HIS B 1189 -27.49 -7.02 -13.60
N GLY B 1190 -27.52 -8.30 -14.00
CA GLY B 1190 -26.34 -9.03 -14.38
C GLY B 1190 -26.58 -9.91 -15.58
N LEU B 1191 -26.56 -9.32 -16.78
CA LEU B 1191 -26.74 -10.07 -18.02
C LEU B 1191 -25.40 -10.52 -18.62
N ASP B 1192 -24.32 -9.78 -18.34
CA ASP B 1192 -22.97 -10.21 -18.68
C ASP B 1192 -22.42 -11.23 -17.70
N GLN B 1193 -23.05 -11.40 -16.54
CA GLN B 1193 -22.60 -12.39 -15.56
C GLN B 1193 -22.97 -13.80 -15.99
N GLN B 1194 -22.20 -14.75 -15.48
CA GLN B 1194 -22.44 -16.15 -15.81
C GLN B 1194 -23.60 -16.69 -14.98
N VAL B 1195 -24.39 -17.57 -15.59
CA VAL B 1195 -25.53 -18.17 -14.89
C VAL B 1195 -25.08 -18.93 -13.65
N LYS B 1196 -23.86 -19.48 -13.68
CA LYS B 1196 -23.34 -20.20 -12.52
C LYS B 1196 -23.22 -19.29 -11.31
N ARG B 1197 -23.02 -17.98 -11.52
CA ARG B 1197 -22.89 -17.04 -10.43
C ARG B 1197 -24.23 -16.58 -9.87
N PHE B 1198 -25.33 -17.11 -10.37
CA PHE B 1198 -26.66 -16.80 -9.86
C PHE B 1198 -27.01 -17.77 -8.73
N GLU B 1199 -27.35 -17.23 -7.57
CA GLU B 1199 -27.61 -18.05 -6.39
C GLU B 1199 -29.12 -18.20 -6.19
N LEU B 1200 -29.55 -19.45 -5.99
CA LEU B 1200 -30.96 -19.72 -5.72
C LEU B 1200 -31.34 -19.31 -4.31
N VAL B 1201 -30.44 -19.51 -3.35
CA VAL B 1201 -30.70 -19.21 -1.95
C VAL B 1201 -30.65 -17.70 -1.74
N THR B 1202 -31.43 -17.23 -0.76
CA THR B 1202 -31.46 -15.83 -0.39
C THR B 1202 -30.87 -15.65 1.00
N GLU B 1203 -30.58 -14.38 1.33
CA GLU B 1203 -29.93 -14.06 2.60
C GLU B 1203 -30.81 -14.45 3.79
N ASP B 1204 -32.12 -14.34 3.65
CA ASP B 1204 -33.01 -14.76 4.73
C ASP B 1204 -33.01 -16.27 4.90
N GLU B 1205 -32.88 -17.03 3.80
CA GLU B 1205 -32.74 -18.47 3.91
C GLU B 1205 -31.39 -18.86 4.50
N LYS B 1206 -30.35 -18.07 4.24
CA LYS B 1206 -29.02 -18.39 4.74
C LYS B 1206 -28.99 -18.31 6.27
N ARG B 1207 -29.54 -17.22 6.83
CA ARG B 1207 -29.49 -17.03 8.27
C ARG B 1207 -30.31 -18.07 9.01
N ASP B 1208 -31.51 -18.39 8.49
CA ASP B 1208 -32.33 -19.42 9.11
C ASP B 1208 -31.58 -20.76 9.19
N LEU B 1209 -30.87 -21.12 8.13
CA LEU B 1209 -30.04 -22.32 8.16
C LEU B 1209 -29.01 -22.25 9.28
N PHE B 1210 -28.33 -21.11 9.40
CA PHE B 1210 -27.37 -20.92 10.50
C PHE B 1210 -28.04 -21.06 11.86
N LEU B 1211 -29.18 -20.37 12.05
CA LEU B 1211 -29.88 -20.41 13.32
C LEU B 1211 -30.57 -21.75 13.59
N ARG B 1212 -30.71 -22.61 12.58
CA ARG B 1212 -31.37 -23.90 12.76
C ARG B 1212 -30.42 -25.09 12.63
N VAL B 1213 -29.21 -24.90 12.10
CA VAL B 1213 -28.31 -26.02 11.85
C VAL B 1213 -26.92 -25.71 12.38
N ASN B 1214 -26.28 -24.66 11.84
CA ASN B 1214 -24.87 -24.39 12.08
C ASN B 1214 -24.63 -23.34 13.15
N ASP B 1215 -25.48 -23.30 14.18
CA ASP B 1215 -25.26 -22.42 15.33
C ASP B 1215 -24.61 -23.15 16.50
N THR B 1216 -23.93 -24.27 16.22
CA THR B 1216 -23.29 -25.06 17.27
C THR B 1216 -21.97 -24.41 17.65
N ALA B 1217 -21.90 -23.89 18.87
CA ALA B 1217 -20.68 -23.25 19.35
C ALA B 1217 -20.72 -23.26 20.88
N LYS B 1218 -19.81 -24.00 21.50
CA LYS B 1218 -19.71 -24.08 22.95
C LYS B 1218 -18.25 -24.09 23.35
N ALA B 1219 -17.97 -23.50 24.51
CA ALA B 1219 -16.60 -23.40 25.02
C ALA B 1219 -16.23 -24.71 25.71
N TYR B 1220 -15.27 -25.44 25.14
CA TYR B 1220 -14.86 -26.70 25.70
C TYR B 1220 -13.40 -26.65 26.16
N PRO B 1221 -13.07 -27.28 27.28
CA PRO B 1221 -11.73 -27.12 27.86
C PRO B 1221 -10.64 -27.67 26.96
N ASN B 1222 -9.44 -27.11 27.13
CA ASN B 1222 -8.27 -27.49 26.35
C ASN B 1222 -7.40 -28.53 27.05
N LYS B 1223 -7.96 -29.27 28.00
CA LYS B 1223 -7.20 -30.29 28.73
C LYS B 1223 -7.09 -31.53 27.86
N LEU B 1224 -5.86 -31.88 27.48
CA LEU B 1224 -5.64 -33.03 26.62
C LEU B 1224 -6.08 -34.31 27.31
N ILE B 1225 -6.48 -35.29 26.50
CA ILE B 1225 -6.97 -36.55 27.04
C ILE B 1225 -5.89 -37.32 27.79
N MET B 1226 -4.62 -37.08 27.47
CA MET B 1226 -3.53 -37.74 28.17
C MET B 1226 -3.38 -37.19 29.58
N SER B 1227 -3.47 -35.87 29.74
CA SER B 1227 -3.35 -35.27 31.06
C SER B 1227 -4.58 -35.50 31.92
N MET B 1228 -5.74 -35.75 31.31
CA MET B 1228 -6.93 -36.02 32.11
C MET B 1228 -6.79 -37.29 32.92
N LEU B 1229 -6.26 -38.35 32.30
CA LEU B 1229 -6.00 -39.59 33.03
C LEU B 1229 -4.99 -39.35 34.15
N GLU B 1230 -3.99 -38.51 33.91
CA GLU B 1230 -3.01 -38.19 34.94
C GLU B 1230 -3.67 -37.52 36.13
N ASP B 1231 -4.50 -36.50 35.88
CA ASP B 1231 -5.20 -35.82 36.96
C ASP B 1231 -6.18 -36.75 37.64
N TRP B 1232 -6.95 -37.51 36.87
CA TRP B 1232 -7.94 -38.42 37.45
C TRP B 1232 -7.26 -39.54 38.24
N ALA B 1233 -6.08 -39.97 37.81
CA ALA B 1233 -5.38 -41.04 38.54
C ALA B 1233 -4.91 -40.55 39.90
N ALA B 1234 -4.45 -39.30 40.00
CA ALA B 1234 -3.97 -38.79 41.27
C ALA B 1234 -5.08 -38.68 42.30
N ALA B 1235 -6.27 -38.26 41.87
CA ALA B 1235 -7.39 -38.09 42.80
C ALA B 1235 -7.99 -39.43 43.20
N THR B 1236 -8.25 -40.30 42.22
CA THR B 1236 -8.87 -41.60 42.47
C THR B 1236 -7.94 -42.69 41.91
N PRO B 1237 -6.84 -43.00 42.61
CA PRO B 1237 -5.92 -44.03 42.10
C PRO B 1237 -6.47 -45.43 42.20
N ASP B 1238 -7.45 -45.68 43.07
CA ASP B 1238 -7.98 -47.02 43.31
C ASP B 1238 -9.26 -47.29 42.54
N LYS B 1239 -9.69 -46.37 41.69
CA LYS B 1239 -10.91 -46.59 40.92
C LYS B 1239 -10.61 -47.46 39.69
N THR B 1240 -11.59 -48.28 39.32
CA THR B 1240 -11.43 -49.21 38.21
C THR B 1240 -11.57 -48.47 36.88
N ALA B 1241 -10.56 -48.62 36.03
CA ALA B 1241 -10.54 -48.00 34.70
C ALA B 1241 -10.74 -48.99 33.57
N LEU B 1242 -10.11 -50.15 33.64
CA LEU B 1242 -10.22 -51.18 32.62
C LEU B 1242 -10.76 -52.46 33.22
N VAL B 1243 -11.60 -53.15 32.46
CA VAL B 1243 -12.12 -54.45 32.86
C VAL B 1243 -11.97 -55.43 31.69
N PHE B 1244 -10.91 -56.22 31.69
CA PHE B 1244 -10.68 -57.22 30.66
C PHE B 1244 -10.76 -58.61 31.29
N ARG B 1245 -11.69 -59.44 30.78
CA ARG B 1245 -11.92 -60.77 31.32
C ARG B 1245 -12.17 -60.69 32.84
N GLU B 1246 -11.31 -61.34 33.62
CA GLU B 1246 -11.44 -61.31 35.08
C GLU B 1246 -10.48 -60.32 35.73
N GLN B 1247 -9.83 -59.47 34.95
CA GLN B 1247 -8.90 -58.48 35.47
C GLN B 1247 -9.59 -57.12 35.62
N ARG B 1248 -9.10 -56.32 36.55
CA ARG B 1248 -9.63 -54.97 36.80
C ARG B 1248 -8.44 -54.04 37.02
N VAL B 1249 -8.04 -53.34 35.96
CA VAL B 1249 -6.94 -52.39 36.04
C VAL B 1249 -7.45 -51.07 36.59
N THR B 1250 -6.72 -50.50 37.53
CA THR B 1250 -7.13 -49.26 38.17
C THR B 1250 -6.45 -48.06 37.50
N TYR B 1251 -6.97 -46.87 37.80
CA TYR B 1251 -6.43 -45.65 37.21
C TYR B 1251 -4.94 -45.52 37.48
N ARG B 1252 -4.52 -45.80 38.71
CA ARG B 1252 -3.10 -45.75 39.04
C ARG B 1252 -2.32 -46.77 38.23
N GLU B 1253 -2.73 -48.04 38.30
CA GLU B 1253 -2.05 -49.10 37.56
C GLU B 1253 -1.96 -48.79 36.08
N LEU B 1254 -3.06 -48.29 35.50
CA LEU B 1254 -3.02 -47.89 34.10
C LEU B 1254 -1.96 -46.82 33.88
N ASN B 1255 -2.11 -45.67 34.55
CA ASN B 1255 -1.17 -44.56 34.42
C ASN B 1255 0.27 -45.02 34.54
N GLU B 1256 0.57 -45.81 35.58
CA GLU B 1256 1.94 -46.30 35.79
C GLU B 1256 2.42 -47.12 34.59
N ARG B 1257 1.63 -48.13 34.19
CA ARG B 1257 2.02 -48.97 33.06
C ARG B 1257 2.11 -48.16 31.78
N VAL B 1258 1.28 -47.12 31.63
CA VAL B 1258 1.40 -46.24 30.48
C VAL B 1258 2.69 -45.42 30.57
N ASN B 1259 3.03 -44.95 31.77
CA ASN B 1259 4.24 -44.16 31.95
C ASN B 1259 5.48 -44.97 31.58
N GLN B 1260 5.51 -46.25 31.95
CA GLN B 1260 6.67 -47.08 31.68
C GLN B 1260 6.90 -47.23 30.18
N LEU B 1261 5.85 -47.56 29.43
CA LEU B 1261 5.98 -47.65 27.98
C LEU B 1261 6.24 -46.29 27.35
N ALA B 1262 5.77 -45.21 28.00
CA ALA B 1262 6.00 -43.88 27.46
C ALA B 1262 7.46 -43.47 27.57
N HIS B 1263 8.08 -43.69 28.73
CA HIS B 1263 9.50 -43.38 28.90
C HIS B 1263 10.35 -44.16 27.90
N THR B 1264 9.93 -45.38 27.57
CA THR B 1264 10.67 -46.16 26.57
C THR B 1264 10.51 -45.55 25.18
N LEU B 1265 9.31 -45.07 24.85
CA LEU B 1265 9.09 -44.49 23.53
C LEU B 1265 9.86 -43.19 23.37
N ARG B 1266 9.89 -42.35 24.40
CA ARG B 1266 10.71 -41.14 24.35
C ARG B 1266 12.19 -41.48 24.19
N GLU B 1267 12.65 -42.51 24.90
CA GLU B 1267 14.02 -42.99 24.70
C GLU B 1267 14.23 -43.50 23.28
N LYS B 1268 13.18 -44.00 22.63
CA LYS B 1268 13.27 -44.45 21.25
C LYS B 1268 13.21 -43.30 20.25
N GLY B 1269 12.99 -42.07 20.71
CA GLY B 1269 12.97 -40.91 19.85
C GLY B 1269 11.60 -40.41 19.45
N VAL B 1270 10.61 -40.50 20.33
CA VAL B 1270 9.26 -40.02 20.04
C VAL B 1270 9.16 -38.56 20.46
N GLN B 1271 8.88 -37.69 19.50
CA GLN B 1271 8.63 -36.28 19.70
C GLN B 1271 7.30 -35.94 19.04
N PRO B 1272 6.73 -34.76 19.32
CA PRO B 1272 5.46 -34.37 18.69
C PRO B 1272 5.39 -34.65 17.20
N ASP B 1273 4.22 -35.13 16.76
CA ASP B 1273 3.88 -35.44 15.37
C ASP B 1273 4.64 -36.63 14.80
N ASP B 1274 5.31 -37.41 15.63
CA ASP B 1274 5.95 -38.65 15.19
C ASP B 1274 4.94 -39.79 15.25
N LEU B 1275 4.89 -40.58 14.20
CA LEU B 1275 3.90 -41.65 14.08
C LEU B 1275 4.44 -42.96 14.64
N VAL B 1276 3.58 -43.69 15.34
CA VAL B 1276 3.93 -44.96 15.96
C VAL B 1276 2.84 -45.96 15.59
N MET B 1277 3.24 -47.02 14.88
CA MET B 1277 2.28 -48.02 14.41
C MET B 1277 1.98 -49.04 15.50
N LEU B 1278 0.72 -49.48 15.55
CA LEU B 1278 0.25 -50.42 16.55
C LEU B 1278 -0.36 -51.63 15.85
N MET B 1279 0.14 -52.82 16.17
CA MET B 1279 -0.41 -54.09 15.67
C MET B 1279 -0.73 -54.95 16.87
N ALA B 1280 -1.98 -54.90 17.33
CA ALA B 1280 -2.39 -55.64 18.51
C ALA B 1280 -3.88 -55.94 18.43
N GLU B 1281 -4.28 -56.98 19.15
CA GLU B 1281 -5.70 -57.32 19.29
C GLU B 1281 -6.27 -56.67 20.54
N ARG B 1282 -7.59 -56.79 20.70
CA ARG B 1282 -8.25 -56.18 21.84
C ARG B 1282 -7.72 -56.77 23.15
N SER B 1283 -7.13 -55.92 23.97
CA SER B 1283 -6.41 -56.37 25.17
C SER B 1283 -6.17 -55.15 26.06
N VAL B 1284 -5.41 -55.35 27.13
CA VAL B 1284 -4.95 -54.22 27.93
C VAL B 1284 -3.71 -53.60 27.29
N GLU B 1285 -2.92 -54.39 26.57
CA GLU B 1285 -1.74 -53.86 25.89
C GLU B 1285 -2.12 -52.84 24.84
N MET B 1286 -3.22 -53.08 24.12
CA MET B 1286 -3.67 -52.13 23.12
C MET B 1286 -4.05 -50.79 23.76
N MET B 1287 -4.68 -50.84 24.93
CA MET B 1287 -5.05 -49.60 25.62
C MET B 1287 -3.83 -48.91 26.19
N VAL B 1288 -2.93 -49.66 26.82
CA VAL B 1288 -1.72 -49.07 27.41
C VAL B 1288 -0.86 -48.45 26.31
N ALA B 1289 -0.74 -49.14 25.17
CA ALA B 1289 0.07 -48.61 24.07
C ALA B 1289 -0.46 -47.28 23.58
N ILE B 1290 -1.77 -47.20 23.30
CA ILE B 1290 -2.37 -45.99 22.74
C ILE B 1290 -2.07 -44.79 23.62
N PHE B 1291 -2.34 -44.91 24.93
CA PHE B 1291 -2.03 -43.81 25.84
C PHE B 1291 -0.52 -43.58 25.96
N ALA B 1292 0.28 -44.62 25.72
CA ALA B 1292 1.73 -44.47 25.84
C ALA B 1292 2.30 -43.65 24.67
N VAL B 1293 1.77 -43.86 23.47
CA VAL B 1293 2.18 -43.03 22.34
C VAL B 1293 1.82 -41.57 22.60
N LEU B 1294 0.68 -41.34 23.26
CA LEU B 1294 0.24 -39.98 23.53
C LEU B 1294 1.12 -39.32 24.58
N LYS B 1295 1.32 -40.00 25.73
CA LYS B 1295 2.14 -39.44 26.79
C LYS B 1295 3.57 -39.19 26.31
N ALA B 1296 4.10 -40.08 25.47
CA ALA B 1296 5.43 -39.86 24.92
C ALA B 1296 5.45 -38.62 24.03
N GLY B 1297 4.38 -38.40 23.28
CA GLY B 1297 4.26 -37.20 22.47
C GLY B 1297 3.88 -37.43 21.02
N GLY B 1298 3.73 -38.69 20.63
CA GLY B 1298 3.47 -39.06 19.26
C GLY B 1298 2.00 -39.31 18.99
N ALA B 1299 1.73 -39.95 17.85
CA ALA B 1299 0.39 -40.33 17.44
C ALA B 1299 0.38 -41.81 17.08
N TYR B 1300 -0.73 -42.47 17.38
CA TYR B 1300 -0.84 -43.90 17.16
C TYR B 1300 -1.54 -44.18 15.83
N LEU B 1301 -0.90 -45.01 15.00
CA LEU B 1301 -1.45 -45.43 13.72
C LEU B 1301 -1.93 -46.87 13.84
N PRO B 1302 -3.24 -47.10 13.92
CA PRO B 1302 -3.75 -48.47 14.10
C PRO B 1302 -3.73 -49.25 12.79
N ILE B 1303 -3.10 -50.43 12.82
CA ILE B 1303 -3.06 -51.33 11.69
C ILE B 1303 -3.51 -52.70 12.18
N ASP B 1304 -4.43 -53.32 11.44
CA ASP B 1304 -5.02 -54.57 11.88
C ASP B 1304 -3.96 -55.67 11.93
N PRO B 1305 -3.88 -56.43 13.03
CA PRO B 1305 -2.83 -57.46 13.12
C PRO B 1305 -2.97 -58.58 12.10
N HIS B 1306 -4.21 -58.94 11.72
CA HIS B 1306 -4.45 -60.03 10.79
C HIS B 1306 -4.77 -59.53 9.38
N SER B 1307 -4.22 -58.35 9.01
CA SER B 1307 -4.42 -57.87 7.66
C SER B 1307 -3.35 -58.43 6.72
N PRO B 1308 -3.64 -58.57 5.43
CA PRO B 1308 -2.64 -59.08 4.50
C PRO B 1308 -1.41 -58.19 4.49
N ALA B 1309 -0.26 -58.81 4.21
CA ALA B 1309 1.02 -58.10 4.28
C ALA B 1309 1.07 -56.93 3.30
N GLU B 1310 0.36 -57.03 2.17
CA GLU B 1310 0.31 -55.94 1.20
C GLU B 1310 -0.09 -54.63 1.86
N ARG B 1311 -1.09 -54.67 2.75
CA ARG B 1311 -1.53 -53.46 3.43
C ARG B 1311 -0.49 -52.98 4.42
N ILE B 1312 0.02 -53.88 5.26
CA ILE B 1312 1.05 -53.52 6.23
C ILE B 1312 2.24 -52.88 5.52
N ALA B 1313 2.65 -53.46 4.38
CA ALA B 1313 3.75 -52.89 3.61
C ALA B 1313 3.40 -51.51 3.07
N TYR B 1314 2.20 -51.36 2.49
CA TYR B 1314 1.73 -50.05 2.07
C TYR B 1314 1.74 -49.07 3.25
N ILE B 1315 1.01 -49.39 4.31
CA ILE B 1315 0.94 -48.50 5.47
C ILE B 1315 2.35 -48.19 5.98
N PHE B 1316 3.24 -49.18 5.97
CA PHE B 1316 4.64 -48.95 6.31
C PHE B 1316 5.25 -47.85 5.44
N ALA B 1317 5.12 -47.99 4.12
CA ALA B 1317 5.78 -47.05 3.21
C ALA B 1317 5.10 -45.69 3.21
N ASP B 1318 3.76 -45.66 3.18
CA ASP B 1318 3.04 -44.40 3.07
C ASP B 1318 3.13 -43.56 4.34
N SER B 1319 3.44 -44.18 5.47
CA SER B 1319 3.54 -43.45 6.73
C SER B 1319 4.95 -43.00 7.07
N GLY B 1320 5.96 -43.72 6.58
CA GLY B 1320 7.33 -43.43 6.98
C GLY B 1320 7.55 -43.58 8.47
N ALA B 1321 6.72 -44.39 9.12
CA ALA B 1321 6.83 -44.56 10.57
C ALA B 1321 8.02 -45.44 10.89
N LYS B 1322 8.72 -45.08 11.96
CA LYS B 1322 9.95 -45.75 12.34
C LYS B 1322 9.79 -46.56 13.62
N LEU B 1323 8.57 -46.83 14.09
CA LEU B 1323 8.35 -47.48 15.40
C LEU B 1323 7.03 -48.23 15.34
N VAL B 1324 7.07 -49.52 15.66
CA VAL B 1324 5.89 -50.38 15.67
C VAL B 1324 5.79 -51.05 17.03
N LEU B 1325 4.67 -50.84 17.71
CA LEU B 1325 4.39 -51.47 18.99
C LEU B 1325 3.47 -52.64 18.71
N ALA B 1326 4.03 -53.85 18.66
CA ALA B 1326 3.30 -55.04 18.25
C ALA B 1326 3.27 -56.04 19.40
N GLN B 1327 2.24 -56.88 19.38
CA GLN B 1327 2.18 -58.01 20.30
C GLN B 1327 3.14 -59.10 19.83
N SER B 1328 3.32 -60.10 20.70
CA SER B 1328 4.22 -61.21 20.41
C SER B 1328 3.95 -61.90 19.07
N PRO B 1329 2.71 -62.28 18.73
CA PRO B 1329 2.50 -62.98 17.44
C PRO B 1329 2.60 -62.08 16.23
N PHE B 1330 2.87 -60.79 16.39
CA PHE B 1330 2.91 -59.86 15.26
C PHE B 1330 4.23 -59.10 15.17
N VAL B 1331 5.22 -59.46 16.00
CA VAL B 1331 6.53 -58.82 15.89
C VAL B 1331 7.20 -59.20 14.58
N GLU B 1332 7.02 -60.44 14.14
CA GLU B 1332 7.62 -60.89 12.88
C GLU B 1332 7.01 -60.19 11.68
N LYS B 1333 5.71 -59.87 11.75
CA LYS B 1333 5.08 -59.15 10.64
C LYS B 1333 5.68 -57.77 10.46
N ALA B 1334 6.06 -57.12 11.55
CA ALA B 1334 6.61 -55.77 11.49
C ALA B 1334 8.12 -55.80 11.32
N SER B 1335 8.63 -56.87 10.69
CA SER B 1335 10.08 -57.04 10.58
C SER B 1335 10.71 -55.93 9.73
N MET B 1336 9.96 -55.36 8.79
CA MET B 1336 10.49 -54.36 7.89
C MET B 1336 10.48 -52.96 8.49
N ALA B 1337 9.99 -52.79 9.71
CA ALA B 1337 10.10 -51.51 10.39
C ALA B 1337 11.51 -51.33 10.92
N GLU B 1338 11.76 -50.15 11.49
CA GLU B 1338 13.08 -49.88 12.04
C GLU B 1338 13.20 -50.41 13.46
N VAL B 1339 12.32 -49.97 14.34
CA VAL B 1339 12.35 -50.40 15.72
C VAL B 1339 10.99 -50.99 16.02
N VAL B 1340 10.96 -52.19 16.62
CA VAL B 1340 9.72 -52.89 16.94
C VAL B 1340 9.79 -53.27 18.41
N LEU B 1341 8.79 -52.85 19.18
CA LEU B 1341 8.75 -53.10 20.61
C LEU B 1341 7.64 -54.09 20.91
N ASP B 1342 8.00 -55.23 21.47
CA ASP B 1342 7.01 -56.24 21.85
C ASP B 1342 6.26 -55.78 23.09
N LEU B 1343 4.95 -55.60 22.96
CA LEU B 1343 4.12 -55.19 24.08
C LEU B 1343 3.98 -56.28 25.14
N ASN B 1344 4.42 -57.50 24.85
CA ASN B 1344 4.35 -58.61 25.80
C ASN B 1344 5.73 -58.95 26.34
N SER B 1345 6.64 -57.99 26.35
CA SER B 1345 8.00 -58.18 26.86
C SER B 1345 8.29 -57.07 27.86
N ALA B 1346 8.77 -57.46 29.06
CA ALA B 1346 9.08 -56.47 30.09
C ALA B 1346 10.23 -55.57 29.68
N SER B 1347 11.03 -55.97 28.68
CA SER B 1347 12.11 -55.12 28.20
C SER B 1347 11.58 -53.83 27.59
N SER B 1348 10.41 -53.89 26.96
CA SER B 1348 9.81 -52.71 26.35
C SER B 1348 9.19 -51.76 27.36
N TYR B 1349 9.06 -52.17 28.62
CA TYR B 1349 8.56 -51.31 29.68
C TYR B 1349 9.71 -50.92 30.59
N ALA B 1350 9.56 -49.78 31.24
CA ALA B 1350 10.62 -49.21 32.07
C ALA B 1350 10.25 -49.32 33.55
N ALA B 1351 11.18 -48.89 34.41
CA ALA B 1351 10.98 -48.92 35.85
C ALA B 1351 10.26 -47.68 36.39
N ASP B 1352 10.47 -46.53 35.75
CA ASP B 1352 9.86 -45.29 36.22
C ASP B 1352 8.37 -45.31 35.99
N THR B 1353 7.60 -45.24 37.08
CA THR B 1353 6.14 -45.19 37.02
C THR B 1353 5.59 -43.78 37.24
N SER B 1354 6.44 -42.77 37.10
CA SER B 1354 6.00 -41.38 37.22
C SER B 1354 5.60 -40.83 35.86
N ASN B 1355 4.69 -39.86 35.88
CA ASN B 1355 4.14 -39.33 34.64
C ASN B 1355 5.23 -38.63 33.83
N PRO B 1356 5.34 -38.92 32.53
CA PRO B 1356 6.38 -38.27 31.71
C PRO B 1356 6.08 -36.80 31.52
N PRO B 1357 7.08 -36.01 31.12
CA PRO B 1357 6.83 -34.58 30.86
C PRO B 1357 5.90 -34.37 29.70
N LEU B 1358 5.05 -33.34 29.81
CA LEU B 1358 4.08 -33.00 28.77
C LEU B 1358 4.81 -32.28 27.63
N VAL B 1359 4.68 -32.81 26.42
CA VAL B 1359 5.35 -32.24 25.25
C VAL B 1359 4.38 -31.93 24.11
N ASN B 1360 3.09 -32.21 24.27
CA ASN B 1360 2.12 -32.07 23.20
C ASN B 1360 1.34 -30.76 23.32
N GLN B 1361 0.93 -30.24 22.18
CA GLN B 1361 0.11 -29.05 22.04
C GLN B 1361 -1.24 -29.42 21.46
N PRO B 1362 -2.27 -28.57 21.66
CA PRO B 1362 -3.60 -28.92 21.13
C PRO B 1362 -3.64 -29.15 19.63
N GLY B 1363 -2.70 -28.59 18.88
CA GLY B 1363 -2.66 -28.76 17.44
C GLY B 1363 -1.78 -29.90 16.95
N ASP B 1364 -1.25 -30.71 17.84
CA ASP B 1364 -0.39 -31.82 17.45
C ASP B 1364 -1.22 -33.07 17.14
N LEU B 1365 -0.66 -33.94 16.30
CA LEU B 1365 -1.37 -35.14 15.90
C LEU B 1365 -1.56 -36.10 17.06
N VAL B 1366 -2.77 -36.64 17.18
CA VAL B 1366 -3.08 -37.63 18.19
C VAL B 1366 -3.22 -39.03 17.61
N TYR B 1367 -3.74 -39.18 16.40
CA TYR B 1367 -3.81 -40.47 15.74
C TYR B 1367 -3.95 -40.27 14.24
N VAL B 1368 -3.65 -41.32 13.49
CA VAL B 1368 -3.78 -41.33 12.03
C VAL B 1368 -4.58 -42.58 11.67
N MET B 1369 -5.80 -42.38 11.16
CA MET B 1369 -6.65 -43.48 10.73
C MET B 1369 -6.60 -43.64 9.22
N TYR B 1370 -6.28 -44.84 8.76
CA TYR B 1370 -6.32 -45.12 7.33
C TYR B 1370 -7.73 -45.48 6.90
N THR B 1371 -8.09 -45.05 5.68
CA THR B 1371 -9.44 -45.21 5.18
C THR B 1371 -9.68 -46.64 4.71
N SER B 1372 -10.95 -46.93 4.41
CA SER B 1372 -11.34 -48.23 3.92
C SER B 1372 -11.69 -48.15 2.43
N THR B 1375 -13.17 -48.96 -3.37
CA THR B 1375 -12.39 -47.74 -3.57
C THR B 1375 -11.01 -48.05 -4.13
N GLY B 1376 -9.97 -47.60 -3.44
CA GLY B 1376 -8.60 -47.79 -3.89
C GLY B 1376 -7.64 -47.80 -2.73
N LYS B 1377 -6.41 -47.38 -3.01
CA LYS B 1377 -5.34 -47.34 -2.03
C LYS B 1377 -5.76 -46.53 -0.81
N PRO B 1378 -5.73 -47.11 0.39
CA PRO B 1378 -6.16 -46.36 1.59
C PRO B 1378 -5.34 -45.10 1.81
N LYS B 1379 -5.92 -44.16 2.56
CA LYS B 1379 -5.29 -42.89 2.86
C LYS B 1379 -5.31 -42.65 4.36
N GLY B 1380 -4.27 -41.99 4.87
CA GLY B 1380 -4.15 -41.74 6.29
C GLY B 1380 -4.70 -40.40 6.70
N VAL B 1381 -5.76 -40.42 7.51
CA VAL B 1381 -6.40 -39.19 7.99
C VAL B 1381 -5.67 -38.73 9.26
N MET B 1382 -5.04 -37.57 9.17
CA MET B 1382 -4.27 -37.03 10.30
C MET B 1382 -5.18 -36.18 11.17
N ILE B 1383 -5.42 -36.63 12.39
CA ILE B 1383 -6.31 -35.95 13.33
C ILE B 1383 -5.48 -35.35 14.45
N GLU B 1384 -5.79 -34.11 14.82
CA GLU B 1384 -5.08 -33.41 15.87
C GLU B 1384 -5.75 -33.66 17.22
N HIS B 1385 -5.09 -33.18 18.28
CA HIS B 1385 -5.60 -33.40 19.63
C HIS B 1385 -6.88 -32.61 19.87
N GLY B 1386 -6.88 -31.31 19.55
CA GLY B 1386 -8.06 -30.50 19.77
C GLY B 1386 -9.26 -30.98 18.98
N ALA B 1387 -9.04 -31.57 17.80
CA ALA B 1387 -10.13 -32.16 17.05
C ALA B 1387 -10.80 -33.29 17.83
N LEU B 1388 -9.99 -34.14 18.46
CA LEU B 1388 -10.54 -35.22 19.26
C LEU B 1388 -11.24 -34.69 20.51
N LEU B 1389 -10.70 -33.63 21.10
CA LEU B 1389 -11.27 -33.09 22.33
C LEU B 1389 -12.66 -32.49 22.10
N ASN B 1390 -12.90 -31.95 20.91
CA ASN B 1390 -14.18 -31.28 20.66
C ASN B 1390 -15.31 -32.30 20.52
N VAL B 1391 -15.09 -33.37 19.76
CA VAL B 1391 -16.12 -34.40 19.63
C VAL B 1391 -16.31 -35.15 20.94
N LEU B 1392 -15.23 -35.35 21.71
CA LEU B 1392 -15.36 -36.03 22.99
C LEU B 1392 -16.12 -35.18 24.01
N HIS B 1393 -15.80 -33.88 24.09
CA HIS B 1393 -16.51 -33.00 25.01
C HIS B 1393 -17.98 -32.88 24.62
N GLY B 1394 -18.25 -32.76 23.32
CA GLY B 1394 -19.64 -32.63 22.87
C GLY B 1394 -20.45 -33.89 23.09
N MET B 1395 -19.88 -35.05 22.77
CA MET B 1395 -20.58 -36.31 23.01
C MET B 1395 -20.78 -36.56 24.50
N GLN B 1396 -19.88 -36.03 25.34
CA GLN B 1396 -20.09 -36.08 26.79
C GLN B 1396 -21.19 -35.12 27.21
N ASP B 1397 -21.30 -33.97 26.54
CA ASP B 1397 -22.35 -33.02 26.88
C ASP B 1397 -23.72 -33.52 26.46
N GLU B 1398 -23.78 -34.32 25.39
CA GLU B 1398 -25.03 -34.89 24.91
C GLU B 1398 -25.34 -36.23 25.55
N TYR B 1399 -24.38 -37.16 25.52
CA TYR B 1399 -24.53 -38.51 26.06
C TYR B 1399 -23.43 -38.71 27.10
N PRO B 1400 -23.65 -38.27 28.34
CA PRO B 1400 -22.56 -38.22 29.33
C PRO B 1400 -22.23 -39.61 29.88
N LEU B 1401 -20.93 -39.91 29.91
CA LEU B 1401 -20.38 -41.10 30.55
C LEU B 1401 -19.68 -40.62 31.84
N LEU B 1402 -20.46 -40.50 32.91
CA LEU B 1402 -19.96 -40.02 34.18
C LEU B 1402 -19.42 -41.19 35.00
N GLN B 1403 -19.12 -40.95 36.27
CA GLN B 1403 -18.78 -42.04 37.16
C GLN B 1403 -19.99 -42.95 37.34
N ASP B 1404 -19.73 -44.20 37.70
CA ASP B 1404 -20.70 -45.29 37.77
C ASP B 1404 -21.25 -45.69 36.40
N ASP B 1405 -20.75 -45.10 35.32
CA ASP B 1405 -21.14 -45.43 33.96
C ASP B 1405 -20.00 -46.13 33.24
N ALA B 1406 -20.34 -46.87 32.19
CA ALA B 1406 -19.38 -47.75 31.54
C ALA B 1406 -19.56 -47.75 30.03
N PHE B 1407 -18.48 -48.12 29.34
CA PHE B 1407 -18.41 -48.19 27.89
C PHE B 1407 -17.88 -49.56 27.48
N LEU B 1408 -18.34 -50.06 26.35
CA LEU B 1408 -17.97 -51.38 25.86
C LEU B 1408 -17.14 -51.23 24.59
N LEU B 1409 -15.87 -51.61 24.67
CA LEU B 1409 -14.98 -51.60 23.51
C LEU B 1409 -15.27 -52.83 22.66
N LYS B 1410 -15.92 -52.62 21.52
CA LYS B 1410 -16.19 -53.70 20.58
C LYS B 1410 -15.77 -53.36 19.16
N THR B 1411 -15.50 -52.11 18.85
CA THR B 1411 -15.19 -51.68 17.48
C THR B 1411 -13.68 -51.80 17.24
N THR B 1412 -13.33 -52.38 16.10
CA THR B 1412 -11.92 -52.57 15.77
C THR B 1412 -11.19 -51.23 15.74
N TYR B 1413 -9.98 -51.21 16.29
CA TYR B 1413 -9.28 -49.93 16.39
C TYR B 1413 -8.84 -49.39 15.03
N ILE B 1414 -9.13 -50.10 13.95
CA ILE B 1414 -8.95 -49.57 12.59
C ILE B 1414 -10.23 -48.89 12.14
N PHE B 1415 -11.06 -48.47 13.10
CA PHE B 1415 -12.26 -47.70 12.81
C PHE B 1415 -12.34 -46.54 13.79
N ASP B 1416 -12.71 -45.35 13.28
CA ASP B 1416 -12.70 -44.16 14.11
C ASP B 1416 -13.67 -44.25 15.28
N ILE B 1417 -14.72 -45.07 15.16
CA ILE B 1417 -15.68 -45.24 16.26
C ILE B 1417 -14.96 -45.72 17.52
N SER B 1418 -13.89 -46.51 17.36
CA SER B 1418 -13.14 -47.00 18.52
C SER B 1418 -12.60 -45.85 19.35
N VAL B 1419 -12.18 -44.76 18.70
CA VAL B 1419 -11.60 -43.63 19.41
C VAL B 1419 -12.61 -43.00 20.36
N ALA B 1420 -13.90 -43.08 20.02
CA ALA B 1420 -14.93 -42.61 20.94
C ALA B 1420 -15.14 -43.56 22.10
N GLU B 1421 -14.78 -44.84 21.94
CA GLU B 1421 -14.85 -45.82 23.02
C GLU B 1421 -13.55 -45.87 23.81
N ILE B 1422 -12.42 -45.75 23.12
CA ILE B 1422 -11.12 -45.82 23.79
C ILE B 1422 -10.92 -44.62 24.70
N PHE B 1423 -11.43 -43.45 24.30
CA PHE B 1423 -11.27 -42.22 25.08
C PHE B 1423 -12.59 -41.71 25.64
N GLY B 1424 -13.67 -42.48 25.54
CA GLY B 1424 -14.97 -41.97 25.94
C GLY B 1424 -15.25 -41.99 27.43
N TRP B 1425 -14.46 -42.73 28.20
CA TRP B 1425 -14.65 -42.81 29.63
C TRP B 1425 -13.75 -41.85 30.41
N VAL B 1426 -12.72 -41.30 29.78
CA VAL B 1426 -11.77 -40.42 30.46
C VAL B 1426 -12.44 -39.07 30.75
N PRO B 1427 -13.22 -38.50 29.84
CA PRO B 1427 -14.11 -37.40 30.24
C PRO B 1427 -15.00 -37.84 31.38
N GLY B 1428 -14.99 -37.08 32.47
CA GLY B 1428 -15.60 -37.58 33.68
C GLY B 1428 -14.72 -38.63 34.32
N ARG B 1429 -15.35 -39.67 34.88
CA ARG B 1429 -14.62 -40.62 35.72
C ARG B 1429 -15.28 -42.01 35.56
N GLY B 1430 -15.22 -42.56 34.35
CA GLY B 1430 -15.89 -43.82 34.07
C GLY B 1430 -14.98 -45.03 33.98
N LYS B 1431 -15.46 -46.07 33.31
CA LYS B 1431 -14.70 -47.29 33.13
C LYS B 1431 -14.96 -47.88 31.74
N LEU B 1432 -13.90 -48.38 31.11
CA LEU B 1432 -14.01 -49.11 29.85
C LEU B 1432 -13.82 -50.59 30.15
N VAL B 1433 -14.79 -51.41 29.74
CA VAL B 1433 -14.64 -52.85 29.78
C VAL B 1433 -14.31 -53.33 28.37
N ILE B 1434 -13.29 -54.18 28.26
CA ILE B 1434 -12.75 -54.58 26.98
C ILE B 1434 -13.34 -55.94 26.65
N LEU B 1435 -14.19 -55.98 25.62
CA LEU B 1435 -14.74 -57.24 25.16
C LEU B 1435 -13.63 -58.15 24.67
N GLU B 1436 -13.84 -59.46 24.82
CA GLU B 1436 -12.86 -60.42 24.34
C GLU B 1436 -12.64 -60.23 22.84
N PRO B 1437 -11.42 -60.49 22.35
CA PRO B 1437 -11.19 -60.42 20.91
C PRO B 1437 -12.10 -61.38 20.17
N GLU B 1438 -12.63 -60.90 19.03
CA GLU B 1438 -13.54 -61.62 18.14
C GLU B 1438 -14.89 -61.93 18.78
N ALA B 1439 -15.15 -61.40 19.98
CA ALA B 1439 -16.44 -61.59 20.65
C ALA B 1439 -17.47 -60.55 20.24
N GLU B 1440 -17.17 -59.70 19.26
CA GLU B 1440 -18.16 -58.75 18.75
C GLU B 1440 -19.24 -59.41 17.90
N LYS B 1441 -18.96 -60.59 17.34
CA LYS B 1441 -19.92 -61.31 16.52
C LYS B 1441 -20.78 -62.27 17.32
N ASN B 1442 -20.74 -62.21 18.65
CA ASN B 1442 -21.60 -63.01 19.52
C ASN B 1442 -22.45 -62.06 20.36
N PRO B 1443 -23.73 -61.87 20.01
CA PRO B 1443 -24.56 -60.95 20.78
C PRO B 1443 -24.76 -61.38 22.23
N LYS B 1444 -24.63 -62.67 22.52
CA LYS B 1444 -24.73 -63.12 23.90
C LYS B 1444 -23.55 -62.61 24.73
N ALA B 1445 -22.33 -62.70 24.18
CA ALA B 1445 -21.17 -62.16 24.87
C ALA B 1445 -21.30 -60.65 25.08
N ILE B 1446 -21.82 -59.95 24.07
CA ILE B 1446 -22.09 -58.52 24.22
C ILE B 1446 -23.08 -58.29 25.35
N TRP B 1447 -24.08 -59.17 25.47
CA TRP B 1447 -25.12 -58.96 26.46
C TRP B 1447 -24.63 -59.30 27.87
N GLN B 1448 -23.82 -60.35 27.99
CA GLN B 1448 -23.23 -60.66 29.30
C GLN B 1448 -22.40 -59.49 29.82
N ALA B 1449 -21.71 -58.79 28.91
CA ALA B 1449 -20.92 -57.64 29.33
C ALA B 1449 -21.80 -56.48 29.77
N VAL B 1450 -22.97 -56.30 29.16
CA VAL B 1450 -23.82 -55.18 29.51
C VAL B 1450 -24.51 -55.43 30.85
N VAL B 1451 -25.06 -56.63 31.04
CA VAL B 1451 -25.78 -56.89 32.29
C VAL B 1451 -24.81 -57.02 33.46
N GLY B 1452 -23.59 -57.48 33.20
CA GLY B 1452 -22.64 -57.71 34.27
C GLY B 1452 -21.88 -56.46 34.67
N ALA B 1453 -21.01 -55.97 33.77
CA ALA B 1453 -20.23 -54.77 34.06
C ALA B 1453 -21.11 -53.53 34.19
N GLY B 1454 -22.32 -53.56 33.65
CA GLY B 1454 -23.22 -52.42 33.74
C GLY B 1454 -23.00 -51.40 32.63
N ILE B 1455 -23.04 -51.86 31.39
CA ILE B 1455 -22.75 -50.98 30.25
C ILE B 1455 -23.86 -49.95 30.12
N THR B 1456 -23.47 -48.68 30.09
CA THR B 1456 -24.39 -47.57 29.86
C THR B 1456 -24.28 -46.98 28.47
N HIS B 1457 -23.10 -46.99 27.87
CA HIS B 1457 -22.87 -46.49 26.53
C HIS B 1457 -22.31 -47.62 25.68
N ILE B 1458 -22.99 -47.92 24.58
CA ILE B 1458 -22.52 -48.94 23.64
C ILE B 1458 -22.72 -48.42 22.22
N ASN B 1459 -21.73 -48.62 21.37
CA ASN B 1459 -21.76 -48.18 19.98
C ASN B 1459 -22.01 -49.38 19.08
N PHE B 1460 -22.99 -49.24 18.18
CA PHE B 1460 -23.39 -50.31 17.30
C PHE B 1460 -23.41 -49.84 15.86
N VAL B 1461 -23.15 -50.76 14.94
CA VAL B 1461 -23.40 -50.56 13.52
C VAL B 1461 -24.81 -51.08 13.26
N PRO B 1462 -25.64 -50.38 12.48
CA PRO B 1462 -27.02 -50.85 12.27
C PRO B 1462 -27.13 -52.29 11.79
N SER B 1463 -26.22 -52.73 10.91
CA SER B 1463 -26.26 -54.12 10.44
C SER B 1463 -25.94 -55.11 11.54
N MET B 1464 -25.23 -54.70 12.58
CA MET B 1464 -24.90 -55.57 13.70
C MET B 1464 -25.82 -55.38 14.90
N LEU B 1465 -26.62 -54.32 14.93
CA LEU B 1465 -27.59 -54.15 16.00
C LEU B 1465 -28.81 -55.04 15.81
N ILE B 1466 -29.09 -55.44 14.56
CA ILE B 1466 -30.20 -56.35 14.30
C ILE B 1466 -30.01 -57.68 15.02
N PRO B 1467 -28.90 -58.40 14.88
CA PRO B 1467 -28.78 -59.69 15.59
C PRO B 1467 -28.78 -59.53 17.09
N PHE B 1468 -28.24 -58.43 17.60
CA PHE B 1468 -28.42 -58.07 19.00
C PHE B 1468 -29.91 -58.16 19.29
N VAL B 1469 -30.66 -57.14 18.87
CA VAL B 1469 -32.11 -57.06 19.06
C VAL B 1469 -32.79 -58.41 18.82
N GLU B 1470 -32.37 -59.12 17.77
CA GLU B 1470 -32.96 -60.42 17.45
C GLU B 1470 -32.54 -61.52 18.43
N TYR B 1471 -32.04 -61.14 19.58
CA TYR B 1471 -31.60 -62.08 20.60
C TYR B 1471 -32.15 -61.73 21.98
N LEU B 1472 -32.31 -60.44 22.29
CA LEU B 1472 -32.86 -60.02 23.57
C LEU B 1472 -34.38 -59.97 23.54
N GLU B 1473 -35.02 -60.69 22.60
CA GLU B 1473 -36.47 -60.66 22.49
C GLU B 1473 -37.15 -61.20 23.74
N GLY B 1474 -36.61 -62.27 24.32
CA GLY B 1474 -37.24 -62.92 25.44
C GLY B 1474 -36.50 -62.70 26.75
N ARG B 1475 -35.20 -62.45 26.66
CA ARG B 1475 -34.38 -62.26 27.85
C ARG B 1475 -34.88 -61.07 28.65
N THR B 1476 -35.03 -61.26 29.97
CA THR B 1476 -35.50 -60.21 30.87
C THR B 1476 -34.44 -59.86 31.92
N GLU B 1477 -33.18 -59.99 31.55
CA GLU B 1477 -32.10 -59.56 32.43
C GLU B 1477 -32.11 -58.05 32.59
N ALA B 1478 -31.64 -57.59 33.76
CA ALA B 1478 -31.64 -56.17 34.08
C ALA B 1478 -30.35 -55.51 33.62
N ASN B 1479 -30.49 -54.35 32.98
CA ASN B 1479 -29.37 -53.60 32.44
C ASN B 1479 -29.48 -52.15 32.86
N ARG B 1480 -28.34 -51.47 32.87
CA ARG B 1480 -28.29 -50.02 33.06
C ARG B 1480 -28.05 -49.28 31.74
N LEU B 1481 -28.26 -49.96 30.60
CA LEU B 1481 -28.06 -49.34 29.30
C LEU B 1481 -28.88 -48.07 29.17
N ARG B 1482 -28.24 -47.01 28.65
CA ARG B 1482 -28.86 -45.70 28.55
C ARG B 1482 -28.86 -45.13 27.15
N TYR B 1483 -27.74 -45.24 26.44
CA TYR B 1483 -27.63 -44.77 25.06
C TYR B 1483 -27.07 -45.88 24.18
N ILE B 1484 -27.80 -46.21 23.12
CA ILE B 1484 -27.28 -47.05 22.03
C ILE B 1484 -26.97 -46.10 20.89
N LEU B 1485 -25.69 -45.87 20.64
CA LEU B 1485 -25.23 -44.92 19.63
C LEU B 1485 -24.91 -45.68 18.35
N ALA B 1486 -25.67 -45.38 17.29
CA ALA B 1486 -25.56 -46.09 16.03
C ALA B 1486 -24.85 -45.23 15.00
N CYS B 1487 -23.91 -45.84 14.27
CA CYS B 1487 -23.16 -45.15 13.23
C CYS B 1487 -22.55 -46.18 12.30
N GLY B 1488 -22.28 -45.75 11.08
CA GLY B 1488 -21.69 -46.63 10.08
C GLY B 1488 -22.56 -46.80 8.86
N GLU B 1489 -23.84 -47.09 9.07
CA GLU B 1489 -24.81 -47.25 8.00
C GLU B 1489 -26.04 -46.41 8.33
N ALA B 1490 -26.96 -46.33 7.37
CA ALA B 1490 -28.24 -45.70 7.61
C ALA B 1490 -29.13 -46.64 8.42
N MET B 1491 -29.73 -46.12 9.48
CA MET B 1491 -30.54 -46.95 10.34
C MET B 1491 -31.88 -47.22 9.67
N PRO B 1492 -32.22 -48.47 9.36
CA PRO B 1492 -33.53 -48.75 8.76
C PRO B 1492 -34.65 -48.35 9.71
N ASP B 1493 -35.67 -47.69 9.16
CA ASP B 1493 -36.79 -47.23 9.98
C ASP B 1493 -37.44 -48.37 10.76
N GLU B 1494 -37.32 -49.60 10.26
CA GLU B 1494 -37.84 -50.77 10.96
C GLU B 1494 -37.05 -51.08 12.22
N LEU B 1495 -35.76 -50.71 12.26
CA LEU B 1495 -34.94 -50.98 13.43
C LEU B 1495 -35.26 -50.04 14.60
N VAL B 1496 -35.65 -48.80 14.31
CA VAL B 1496 -35.99 -47.85 15.38
C VAL B 1496 -36.94 -48.46 16.41
N PRO B 1497 -38.09 -49.05 16.04
CA PRO B 1497 -38.94 -49.65 17.07
C PRO B 1497 -38.40 -50.98 17.58
N LYS B 1498 -37.69 -51.73 16.75
CA LYS B 1498 -37.15 -53.03 17.18
C LYS B 1498 -36.24 -52.88 18.40
N VAL B 1499 -35.40 -51.86 18.40
CA VAL B 1499 -34.55 -51.59 19.57
C VAL B 1499 -35.39 -51.09 20.73
N TYR B 1500 -36.25 -50.09 20.46
CA TYR B 1500 -37.06 -49.47 21.51
C TYR B 1500 -38.06 -50.44 22.14
N GLU B 1501 -38.29 -51.61 21.54
CA GLU B 1501 -39.11 -52.63 22.16
C GLU B 1501 -38.26 -53.62 22.96
N VAL B 1502 -37.20 -54.12 22.33
CA VAL B 1502 -36.32 -55.09 22.98
C VAL B 1502 -35.58 -54.43 24.15
N LEU B 1503 -35.22 -53.16 24.01
CA LEU B 1503 -34.66 -52.35 25.08
C LEU B 1503 -35.59 -51.17 25.32
N PRO B 1504 -36.59 -51.31 26.19
CA PRO B 1504 -37.62 -50.26 26.32
C PRO B 1504 -37.13 -48.99 27.00
N GLU B 1505 -36.00 -49.01 27.71
CA GLU B 1505 -35.54 -47.85 28.45
C GLU B 1505 -34.21 -47.33 27.92
N VAL B 1506 -34.00 -47.43 26.61
CA VAL B 1506 -32.76 -47.02 25.99
C VAL B 1506 -33.02 -45.78 25.14
N LYS B 1507 -31.94 -45.19 24.61
CA LYS B 1507 -32.03 -44.01 23.75
C LYS B 1507 -31.27 -44.29 22.46
N LEU B 1508 -32.00 -44.67 21.41
CA LEU B 1508 -31.39 -44.96 20.12
C LEU B 1508 -31.02 -43.65 19.43
N GLU B 1509 -29.77 -43.54 19.00
CA GLU B 1509 -29.23 -42.30 18.45
C GLU B 1509 -28.64 -42.57 17.07
N ASN B 1510 -29.07 -41.78 16.08
CA ASN B 1510 -28.53 -41.85 14.73
C ASN B 1510 -27.37 -40.86 14.63
N ILE B 1511 -26.15 -41.38 14.53
CA ILE B 1511 -24.95 -40.56 14.51
C ILE B 1511 -24.29 -40.68 13.14
N TYR B 1512 -23.75 -39.56 12.64
CA TYR B 1512 -23.07 -39.52 11.36
C TYR B 1512 -21.78 -38.73 11.50
N GLY B 1513 -20.76 -39.14 10.76
CA GLY B 1513 -19.49 -38.45 10.77
C GLY B 1513 -18.41 -39.16 9.98
N PRO B 1514 -17.73 -38.41 9.11
CA PRO B 1514 -16.61 -38.98 8.36
C PRO B 1514 -15.35 -39.05 9.22
N THR B 1515 -14.43 -39.92 8.79
CA THR B 1515 -13.16 -40.02 9.49
C THR B 1515 -12.30 -38.77 9.29
N GLU B 1516 -12.51 -38.05 8.20
CA GLU B 1516 -11.83 -36.78 7.98
C GLU B 1516 -12.36 -35.67 8.89
N ALA B 1517 -13.41 -35.95 9.66
CA ALA B 1517 -13.89 -35.05 10.70
C ALA B 1517 -13.86 -35.76 12.04
N THR B 1518 -12.71 -36.35 12.38
CA THR B 1518 -12.47 -37.06 13.64
C THR B 1518 -13.39 -38.28 13.66
N ILE B 1519 -14.36 -38.37 14.57
CA ILE B 1519 -15.16 -39.57 14.72
C ILE B 1519 -16.56 -39.34 14.14
N TYR B 1520 -17.25 -38.37 14.71
CA TYR B 1520 -18.62 -38.04 14.33
C TYR B 1520 -18.70 -36.59 13.90
N ALA B 1521 -19.88 -36.21 13.40
CA ALA B 1521 -20.13 -34.83 13.01
C ALA B 1521 -21.59 -34.44 13.20
N SER B 1522 -22.50 -35.41 13.08
CA SER B 1522 -23.92 -35.15 13.13
C SER B 1522 -24.59 -36.11 14.11
N ARG B 1523 -25.81 -35.74 14.54
CA ARG B 1523 -26.54 -36.53 15.52
C ARG B 1523 -28.03 -36.23 15.39
N TYR B 1524 -28.84 -37.27 15.53
CA TYR B 1524 -30.29 -37.11 15.61
C TYR B 1524 -30.84 -38.09 16.63
N SER B 1525 -31.60 -37.57 17.60
CA SER B 1525 -32.20 -38.39 18.65
C SER B 1525 -33.55 -38.89 18.20
N LEU B 1526 -33.74 -40.21 18.28
CA LEU B 1526 -35.02 -40.82 17.96
C LEU B 1526 -35.82 -41.06 19.23
N ALA B 1527 -37.11 -41.34 19.04
CA ALA B 1527 -38.04 -41.47 20.15
C ALA B 1527 -38.93 -42.69 19.89
N LYS B 1528 -40.01 -42.78 20.68
CA LYS B 1528 -40.89 -43.94 20.59
C LYS B 1528 -41.58 -44.03 19.23
N GLY B 1529 -41.92 -42.88 18.65
CA GLY B 1529 -42.60 -42.86 17.37
C GLY B 1529 -41.72 -43.25 16.20
N SER B 1530 -42.17 -42.94 14.99
CA SER B 1530 -41.46 -43.24 13.76
C SER B 1530 -41.06 -41.96 13.06
N GLN B 1531 -39.94 -42.01 12.34
CA GLN B 1531 -39.46 -40.84 11.61
C GLN B 1531 -39.95 -40.89 10.17
N GLU B 1532 -39.52 -39.90 9.38
CA GLU B 1532 -39.92 -39.78 7.99
C GLU B 1532 -39.42 -40.99 7.18
N SER B 1533 -39.78 -41.03 5.88
CA SER B 1533 -39.38 -42.06 4.94
C SER B 1533 -37.89 -42.35 5.07
N PRO B 1534 -37.02 -41.32 5.17
CA PRO B 1534 -35.64 -41.60 5.62
C PRO B 1534 -35.46 -41.23 7.08
N VAL B 1535 -34.46 -41.81 7.72
CA VAL B 1535 -34.09 -41.47 9.08
C VAL B 1535 -32.95 -40.46 9.03
N PRO B 1536 -33.16 -39.23 9.49
CA PRO B 1536 -32.15 -38.18 9.30
C PRO B 1536 -30.85 -38.48 10.03
N ILE B 1537 -29.76 -37.96 9.47
CA ILE B 1537 -28.47 -38.03 10.16
C ILE B 1537 -28.35 -36.93 11.21
N GLY B 1538 -29.20 -35.91 11.13
CA GLY B 1538 -29.31 -34.92 12.19
C GLY B 1538 -28.62 -33.61 11.89
N LYS B 1539 -28.32 -32.89 12.97
CA LYS B 1539 -27.64 -31.60 12.94
C LYS B 1539 -26.22 -31.73 13.48
N PRO B 1540 -25.33 -30.81 13.13
CA PRO B 1540 -23.93 -30.94 13.56
C PRO B 1540 -23.77 -30.94 15.07
N LEU B 1541 -22.69 -31.59 15.53
CA LEU B 1541 -22.33 -31.61 16.94
C LEU B 1541 -21.88 -30.22 17.37
N PRO B 1542 -21.68 -30.01 18.68
CA PRO B 1542 -21.12 -28.74 19.14
C PRO B 1542 -19.82 -28.39 18.42
N ASN B 1543 -19.69 -27.11 18.06
CA ASN B 1543 -18.54 -26.56 17.34
C ASN B 1543 -18.31 -27.24 15.99
N TYR B 1544 -19.34 -27.91 15.46
CA TYR B 1544 -19.34 -28.44 14.10
C TYR B 1544 -20.24 -27.56 13.23
N ARG B 1545 -19.97 -27.58 11.93
CA ARG B 1545 -20.78 -26.84 10.96
C ARG B 1545 -20.82 -27.62 9.65
N MET B 1546 -22.03 -27.91 9.17
CA MET B 1546 -22.23 -28.70 7.98
C MET B 1546 -22.91 -27.86 6.90
N TYR B 1547 -22.43 -27.98 5.67
CA TYR B 1547 -22.99 -27.25 4.54
C TYR B 1547 -23.30 -28.23 3.41
N ILE B 1548 -24.32 -27.88 2.63
CA ILE B 1548 -24.72 -28.65 1.44
C ILE B 1548 -24.60 -27.72 0.24
N ILE B 1549 -23.75 -28.12 -0.72
CA ILE B 1549 -23.46 -27.32 -1.90
C ILE B 1549 -23.71 -28.17 -3.15
N ASN B 1550 -23.63 -27.52 -4.30
CA ASN B 1550 -23.89 -28.12 -5.60
C ASN B 1550 -22.57 -28.22 -6.38
N ARG B 1551 -22.66 -28.23 -7.71
CA ARG B 1551 -21.45 -28.28 -8.54
C ARG B 1551 -20.54 -27.09 -8.24
N HIS B 1552 -21.13 -25.92 -8.01
CA HIS B 1552 -20.38 -24.76 -7.56
C HIS B 1552 -20.48 -24.67 -6.04
N GLY B 1553 -19.83 -23.65 -5.48
CA GLY B 1553 -19.85 -23.49 -4.04
C GLY B 1553 -21.14 -22.94 -3.47
N GLN B 1554 -22.17 -22.77 -4.28
CA GLN B 1554 -23.41 -22.16 -3.83
C GLN B 1554 -24.11 -23.04 -2.80
N LEU B 1555 -24.64 -22.41 -1.76
CA LEU B 1555 -25.40 -23.12 -0.74
C LEU B 1555 -26.69 -23.67 -1.33
N GLN B 1556 -27.01 -24.92 -0.99
CA GLN B 1556 -28.27 -25.41 -1.49
C GLN B 1556 -29.39 -25.11 -0.49
N PRO B 1557 -30.59 -24.78 -0.97
CA PRO B 1557 -31.70 -24.46 -0.07
C PRO B 1557 -32.37 -25.73 0.44
N ILE B 1558 -33.41 -25.53 1.26
CA ILE B 1558 -34.12 -26.64 1.86
C ILE B 1558 -34.77 -27.49 0.77
N GLY B 1559 -34.56 -28.80 0.87
CA GLY B 1559 -35.15 -29.75 -0.06
C GLY B 1559 -34.29 -30.10 -1.25
N VAL B 1560 -33.44 -29.19 -1.68
CA VAL B 1560 -32.59 -29.43 -2.86
C VAL B 1560 -31.39 -30.27 -2.44
N PRO B 1561 -31.13 -31.40 -3.10
CA PRO B 1561 -29.99 -32.24 -2.71
C PRO B 1561 -28.67 -31.67 -3.20
N GLY B 1562 -27.62 -31.96 -2.43
CA GLY B 1562 -26.29 -31.52 -2.77
C GLY B 1562 -25.25 -32.34 -2.04
N GLU B 1563 -24.02 -31.83 -2.08
CA GLU B 1563 -22.89 -32.52 -1.45
C GLU B 1563 -22.70 -32.04 -0.02
N LEU B 1564 -22.55 -32.98 0.90
CA LEU B 1564 -22.37 -32.66 2.31
C LEU B 1564 -20.94 -32.21 2.58
N CYS B 1565 -20.79 -31.09 3.26
CA CYS B 1565 -19.47 -30.52 3.56
C CYS B 1565 -19.43 -30.10 5.02
N ILE B 1566 -18.35 -30.48 5.71
CA ILE B 1566 -18.20 -30.23 7.14
C ILE B 1566 -17.05 -29.27 7.37
N ALA B 1567 -17.23 -28.35 8.31
CA ALA B 1567 -16.17 -27.49 8.81
C ALA B 1567 -16.29 -27.40 10.32
N GLY B 1568 -15.26 -26.86 10.96
CA GLY B 1568 -15.27 -26.67 12.39
C GLY B 1568 -13.93 -27.00 12.99
N ALA B 1569 -13.92 -27.14 14.32
CA ALA B 1569 -12.67 -27.37 15.03
C ALA B 1569 -12.16 -28.78 14.80
N SER B 1570 -13.06 -29.76 14.68
CA SER B 1570 -12.68 -31.16 14.56
C SER B 1570 -12.48 -31.59 13.12
N LEU B 1571 -11.82 -30.77 12.31
CA LEU B 1571 -11.51 -31.13 10.93
C LEU B 1571 -10.07 -31.62 10.86
N ALA B 1572 -9.85 -32.67 10.06
CA ALA B 1572 -8.54 -33.28 9.97
C ALA B 1572 -7.52 -32.30 9.39
N ARG B 1573 -6.26 -32.47 9.80
CA ARG B 1573 -5.19 -31.66 9.24
C ARG B 1573 -4.96 -31.97 7.76
N GLY B 1574 -5.37 -33.14 7.31
CA GLY B 1574 -5.26 -33.54 5.93
C GLY B 1574 -4.88 -34.99 5.82
N TYR B 1575 -4.59 -35.43 4.60
CA TYR B 1575 -4.13 -36.78 4.35
C TYR B 1575 -2.62 -36.86 4.46
N LEU B 1576 -2.12 -37.96 5.00
CA LEU B 1576 -0.70 -38.15 5.22
C LEU B 1576 0.00 -38.46 3.90
N ASN B 1577 1.03 -37.67 3.58
CA ASN B 1577 1.83 -37.83 2.36
C ASN B 1577 0.95 -37.74 1.11
N ASN B 1578 -0.04 -36.87 1.15
CA ASN B 1578 -0.89 -36.59 -0.02
C ASN B 1578 -1.39 -35.16 0.05
N PRO B 1579 -0.52 -34.18 -0.23
CA PRO B 1579 -0.99 -32.79 -0.31
C PRO B 1579 -1.96 -32.56 -1.47
N ALA B 1580 -1.95 -33.44 -2.47
CA ALA B 1580 -2.89 -33.32 -3.58
C ALA B 1580 -4.32 -33.56 -3.11
N LEU B 1581 -4.57 -34.75 -2.55
CA LEU B 1581 -5.92 -35.06 -2.06
C LEU B 1581 -6.31 -34.16 -0.90
N THR B 1582 -5.34 -33.71 -0.10
CA THR B 1582 -5.64 -32.80 1.00
C THR B 1582 -6.22 -31.48 0.49
N GLU B 1583 -5.59 -30.91 -0.53
CA GLU B 1583 -6.13 -29.69 -1.13
C GLU B 1583 -7.40 -29.98 -1.93
N GLU B 1584 -7.48 -31.16 -2.55
CA GLU B 1584 -8.63 -31.49 -3.38
C GLU B 1584 -9.89 -31.72 -2.54
N LYS B 1585 -9.73 -32.23 -1.32
CA LYS B 1585 -10.87 -32.54 -0.47
C LYS B 1585 -11.08 -31.57 0.68
N PHE B 1586 -10.04 -30.89 1.14
CA PHE B 1586 -10.14 -29.85 2.16
C PHE B 1586 -9.92 -28.52 1.47
N THR B 1587 -11.00 -27.80 1.18
CA THR B 1587 -10.91 -26.57 0.40
C THR B 1587 -11.39 -25.37 1.21
N PRO B 1588 -10.70 -24.24 1.10
CA PRO B 1588 -11.22 -23.01 1.71
C PRO B 1588 -12.43 -22.49 0.94
N HIS B 1589 -13.44 -22.06 1.68
CA HIS B 1589 -14.71 -21.66 1.08
C HIS B 1589 -15.20 -20.39 1.75
N PRO B 1590 -15.86 -19.50 0.99
CA PRO B 1590 -16.40 -18.27 1.61
C PRO B 1590 -17.41 -18.52 2.70
N LEU B 1591 -18.06 -19.69 2.73
CA LEU B 1591 -19.01 -19.99 3.79
C LEU B 1591 -18.35 -19.97 5.16
N GLU B 1592 -17.09 -20.40 5.25
CA GLU B 1592 -16.35 -20.42 6.51
C GLU B 1592 -15.40 -19.24 6.63
N LYS B 1593 -15.59 -18.20 5.82
CA LYS B 1593 -14.78 -16.97 5.85
C LYS B 1593 -13.29 -17.28 5.66
N GLY B 1594 -13.00 -17.90 4.53
CA GLY B 1594 -11.63 -18.25 4.17
C GLY B 1594 -11.12 -19.54 4.76
N GLU B 1595 -11.74 -20.04 5.83
CA GLU B 1595 -11.30 -21.29 6.43
C GLU B 1595 -11.80 -22.48 5.61
N ARG B 1596 -11.44 -23.68 6.05
CA ARG B 1596 -11.54 -24.88 5.25
C ARG B 1596 -12.85 -25.62 5.50
N ILE B 1597 -13.29 -26.37 4.49
CA ILE B 1597 -14.38 -27.32 4.60
C ILE B 1597 -13.93 -28.62 3.94
N TYR B 1598 -14.53 -29.73 4.37
CA TYR B 1598 -14.22 -31.04 3.82
C TYR B 1598 -15.37 -31.54 2.96
N ARG B 1599 -15.03 -32.08 1.80
CA ARG B 1599 -16.02 -32.55 0.83
C ARG B 1599 -16.11 -34.07 0.93
N THR B 1600 -17.29 -34.57 1.31
CA THR B 1600 -17.49 -35.97 1.65
C THR B 1600 -17.77 -36.86 0.45
N GLY B 1601 -18.26 -36.30 -0.66
CA GLY B 1601 -18.78 -37.14 -1.71
C GLY B 1601 -20.10 -37.79 -1.40
N ASP B 1602 -20.75 -37.39 -0.29
CA ASP B 1602 -22.04 -37.91 0.10
C ASP B 1602 -23.13 -36.92 -0.27
N LEU B 1603 -24.20 -37.42 -0.88
CA LEU B 1603 -25.35 -36.58 -1.18
C LEU B 1603 -26.16 -36.34 0.08
N ALA B 1604 -26.69 -35.13 0.22
CA ALA B 1604 -27.42 -34.77 1.44
C ALA B 1604 -28.42 -33.67 1.12
N ARG B 1605 -29.46 -33.59 1.96
CA ARG B 1605 -30.55 -32.65 1.76
C ARG B 1605 -31.00 -32.12 3.11
N TYR B 1606 -31.25 -30.81 3.17
CA TYR B 1606 -31.79 -30.19 4.38
C TYR B 1606 -33.29 -30.41 4.46
N ARG B 1607 -33.77 -30.83 5.63
CA ARG B 1607 -35.19 -30.74 5.90
C ARG B 1607 -35.52 -29.35 6.44
N GLU B 1608 -36.81 -29.06 6.59
CA GLU B 1608 -37.21 -27.75 7.09
C GLU B 1608 -36.78 -27.56 8.54
N ASP B 1609 -36.79 -28.63 9.35
CA ASP B 1609 -36.34 -28.52 10.73
C ASP B 1609 -34.85 -28.21 10.81
N GLY B 1610 -34.08 -28.62 9.80
CA GLY B 1610 -32.65 -28.42 9.78
C GLY B 1610 -31.84 -29.69 9.81
N ASN B 1611 -32.47 -30.83 10.12
CA ASN B 1611 -31.76 -32.09 10.17
C ASN B 1611 -31.42 -32.56 8.76
N ILE B 1612 -30.16 -32.91 8.55
CA ILE B 1612 -29.70 -33.35 7.24
C ILE B 1612 -30.12 -34.79 7.00
N GLU B 1613 -30.35 -35.12 5.73
CA GLU B 1613 -30.77 -36.46 5.34
C GLU B 1613 -29.73 -37.06 4.41
N TYR B 1614 -29.20 -38.22 4.79
CA TYR B 1614 -28.24 -38.93 3.96
C TYR B 1614 -28.96 -39.55 2.77
N LEU B 1615 -28.68 -39.05 1.57
CA LEU B 1615 -29.33 -39.52 0.36
C LEU B 1615 -28.43 -40.41 -0.49
N GLY B 1616 -27.34 -40.89 0.06
CA GLY B 1616 -26.45 -41.81 -0.62
C GLY B 1616 -25.14 -41.15 -1.04
N ARG B 1617 -24.29 -41.97 -1.64
CA ARG B 1617 -23.01 -41.50 -2.16
C ARG B 1617 -23.20 -40.92 -3.56
N MET B 1618 -22.42 -39.88 -3.86
CA MET B 1618 -22.58 -39.20 -5.15
C MET B 1618 -22.05 -40.04 -6.31
N ASP B 1619 -20.92 -40.71 -6.11
CA ASP B 1619 -20.33 -41.54 -7.16
C ASP B 1619 -21.01 -42.90 -7.30
N HIS B 1620 -22.11 -43.14 -6.59
CA HIS B 1620 -22.82 -44.41 -6.66
C HIS B 1620 -24.33 -44.21 -6.71
N GLN B 1621 -24.80 -43.11 -7.28
CA GLN B 1621 -26.22 -42.86 -7.39
C GLN B 1621 -26.83 -43.69 -8.51
N VAL B 1622 -28.05 -44.17 -8.28
CA VAL B 1622 -28.78 -45.00 -9.22
C VAL B 1622 -29.95 -44.18 -9.75
N LYS B 1623 -29.99 -44.00 -11.08
CA LYS B 1623 -30.95 -43.14 -11.75
C LYS B 1623 -31.63 -43.93 -12.85
N ILE B 1624 -32.92 -44.23 -12.66
CA ILE B 1624 -33.75 -44.90 -13.65
C ILE B 1624 -34.50 -43.83 -14.45
N ARG B 1625 -34.15 -43.73 -15.73
CA ARG B 1625 -34.66 -42.68 -16.62
C ARG B 1625 -34.55 -41.30 -15.96
N GLY B 1626 -33.37 -41.01 -15.44
CA GLY B 1626 -33.10 -39.71 -14.83
C GLY B 1626 -33.77 -39.48 -13.49
N TYR B 1627 -34.15 -40.55 -12.78
CA TYR B 1627 -34.79 -40.43 -11.47
C TYR B 1627 -33.96 -41.21 -10.46
N ARG B 1628 -33.40 -40.50 -9.49
CA ARG B 1628 -32.75 -41.19 -8.38
C ARG B 1628 -33.76 -42.06 -7.65
N ILE B 1629 -33.44 -43.33 -7.50
CA ILE B 1629 -34.32 -44.26 -6.82
C ILE B 1629 -33.79 -44.49 -5.42
N GLU B 1630 -34.70 -44.71 -4.48
CA GLU B 1630 -34.36 -45.08 -3.11
C GLU B 1630 -34.56 -46.59 -3.02
N LEU B 1631 -33.48 -47.34 -3.28
CA LEU B 1631 -33.54 -48.80 -3.28
C LEU B 1631 -34.11 -49.35 -1.99
N ASP B 1632 -34.00 -48.62 -0.87
CA ASP B 1632 -34.51 -49.09 0.41
C ASP B 1632 -36.02 -48.93 0.52
N GLU B 1633 -36.62 -47.95 -0.17
CA GLU B 1633 -38.06 -47.78 -0.11
C GLU B 1633 -38.78 -48.84 -0.95
N ILE B 1634 -38.25 -49.15 -2.13
CA ILE B 1634 -38.77 -50.29 -2.88
C ILE B 1634 -38.46 -51.59 -2.13
N ARG B 1635 -37.27 -51.67 -1.53
CA ARG B 1635 -36.95 -52.80 -0.66
C ARG B 1635 -37.55 -52.57 0.72
N SER B 1636 -38.69 -51.90 0.77
CA SER B 1636 -39.57 -51.84 1.92
C SER B 1636 -40.93 -52.36 1.48
N LYS B 1637 -41.94 -52.15 2.34
CA LYS B 1637 -43.28 -52.68 2.12
C LYS B 1637 -43.28 -54.20 1.95
N LEU B 1638 -42.30 -54.87 2.57
CA LEU B 1638 -42.24 -56.33 2.60
C LEU B 1638 -43.05 -56.91 3.77
N ILE B 1639 -44.10 -56.21 4.19
CA ILE B 1639 -44.95 -56.71 5.26
C ILE B 1639 -45.88 -57.78 4.73
N VAL B 1648 -44.47 -62.42 1.32
CA VAL B 1648 -44.85 -63.29 2.47
C VAL B 1648 -43.98 -62.94 3.68
N VAL B 1649 -42.67 -62.76 3.49
CA VAL B 1649 -41.75 -62.54 4.66
C VAL B 1649 -40.86 -61.32 4.41
N VAL B 1650 -39.65 -61.34 4.98
CA VAL B 1650 -38.73 -60.17 4.89
C VAL B 1650 -37.63 -60.45 3.84
N ALA B 1651 -36.53 -59.68 3.87
CA ALA B 1651 -35.42 -59.80 2.89
C ALA B 1651 -35.81 -59.16 1.56
N ARG B 1652 -35.27 -59.64 0.44
CA ARG B 1652 -35.57 -59.08 -0.91
C ARG B 1652 -35.03 -57.65 -1.00
N ASN B 1653 -33.74 -57.50 -1.30
CA ASN B 1653 -33.13 -56.15 -1.44
C ASN B 1653 -33.12 -55.75 -2.92
N ASP B 1654 -33.07 -54.46 -3.20
CA ASP B 1654 -33.04 -53.99 -4.59
C ASP B 1654 -31.61 -54.02 -5.12
N GLN B 1655 -31.50 -54.28 -6.43
CA GLN B 1655 -30.20 -54.41 -7.07
C GLN B 1655 -30.25 -53.74 -8.45
N ASN B 1656 -29.08 -53.34 -8.92
CA ASN B 1656 -28.94 -52.69 -10.22
C ASN B 1656 -28.61 -53.75 -11.28
N GLY B 1657 -28.08 -53.32 -12.41
CA GLY B 1657 -27.74 -54.23 -13.50
C GLY B 1657 -27.49 -53.48 -14.80
N GLN B 1658 -27.97 -54.03 -15.92
CA GLN B 1658 -27.90 -53.34 -17.20
C GLN B 1658 -29.01 -52.30 -17.27
N ALA B 1659 -28.89 -51.29 -16.41
CA ALA B 1659 -29.86 -50.21 -16.28
C ALA B 1659 -31.26 -50.77 -15.99
N TYR B 1660 -31.35 -51.53 -14.90
CA TYR B 1660 -32.60 -52.19 -14.55
C TYR B 1660 -32.59 -52.48 -13.05
N LEU B 1661 -33.31 -51.67 -12.29
CA LEU B 1661 -33.52 -51.99 -10.89
C LEU B 1661 -34.37 -53.25 -10.78
N CYS B 1662 -33.92 -54.19 -9.97
CA CYS B 1662 -34.60 -55.48 -9.85
C CYS B 1662 -34.51 -56.04 -8.44
N GLY B 1674 -45.89 -62.48 -10.71
CA GLY B 1674 -46.05 -61.21 -11.44
C GLY B 1674 -47.04 -60.30 -10.73
N GLN B 1675 -47.76 -60.85 -9.75
CA GLN B 1675 -48.72 -60.03 -8.98
C GLN B 1675 -47.92 -59.03 -8.13
N LEU B 1676 -46.63 -59.29 -7.95
CA LEU B 1676 -45.78 -58.31 -7.23
C LEU B 1676 -45.92 -56.96 -7.91
N ARG B 1677 -45.65 -56.91 -9.23
CA ARG B 1677 -45.71 -55.63 -9.97
C ARG B 1677 -46.96 -54.85 -9.53
N GLU B 1678 -48.09 -55.53 -9.40
CA GLU B 1678 -49.32 -54.83 -9.04
C GLU B 1678 -49.28 -54.32 -7.60
N LEU B 1679 -48.75 -55.13 -6.68
CA LEU B 1679 -48.74 -54.77 -5.26
C LEU B 1679 -48.01 -53.44 -5.06
N LEU B 1680 -46.71 -53.40 -5.38
CA LEU B 1680 -45.92 -52.23 -5.07
C LEU B 1680 -46.31 -51.03 -5.93
N ARG B 1681 -47.00 -51.26 -7.05
CA ARG B 1681 -47.57 -50.14 -7.81
C ARG B 1681 -48.66 -49.42 -7.03
N ARG B 1682 -49.29 -50.07 -6.04
CA ARG B 1682 -50.31 -49.45 -5.21
C ARG B 1682 -49.75 -48.39 -4.28
N GLU B 1683 -48.43 -48.18 -4.29
CA GLU B 1683 -47.84 -47.12 -3.47
C GLU B 1683 -46.45 -46.70 -3.96
N LEU B 1684 -46.12 -46.89 -5.23
CA LEU B 1684 -44.80 -46.58 -5.78
C LEU B 1684 -44.95 -46.34 -7.28
N PRO B 1685 -44.20 -45.39 -7.83
CA PRO B 1685 -44.29 -45.13 -9.27
C PRO B 1685 -43.69 -46.24 -10.11
N GLU B 1686 -43.77 -46.12 -11.44
CA GLU B 1686 -43.30 -47.17 -12.32
C GLU B 1686 -41.78 -47.23 -12.35
N TYR B 1687 -41.12 -46.08 -12.32
CA TYR B 1687 -39.66 -46.06 -12.31
C TYR B 1687 -39.12 -46.76 -11.07
N MET B 1688 -39.81 -46.64 -9.94
CA MET B 1688 -39.38 -47.31 -8.72
C MET B 1688 -39.74 -48.79 -8.71
N ILE B 1689 -40.72 -49.21 -9.51
CA ILE B 1689 -41.11 -50.61 -9.58
C ILE B 1689 -39.97 -51.36 -10.26
N PRO B 1690 -39.70 -52.61 -9.89
CA PRO B 1690 -38.55 -53.33 -10.44
C PRO B 1690 -38.89 -53.88 -11.83
N ALA B 1691 -37.93 -54.58 -12.42
CA ALA B 1691 -38.12 -55.16 -13.75
C ALA B 1691 -37.53 -56.57 -13.83
N TYR B 1725 -53.37 -67.56 -17.93
CA TYR B 1725 -54.80 -67.52 -17.64
C TYR B 1725 -55.56 -66.73 -18.70
N ALA B 1726 -56.73 -67.23 -19.09
CA ALA B 1726 -57.56 -66.58 -20.09
C ALA B 1726 -58.99 -67.12 -20.04
N ALA B 1727 -59.79 -66.67 -19.08
CA ALA B 1727 -61.12 -67.23 -18.91
C ALA B 1727 -62.05 -66.23 -18.23
N PRO B 1728 -63.30 -66.13 -18.69
CA PRO B 1728 -64.29 -65.31 -17.97
C PRO B 1728 -65.07 -66.15 -16.96
N ARG B 1729 -66.14 -65.59 -16.38
CA ARG B 1729 -66.89 -66.32 -15.38
C ARG B 1729 -68.37 -65.94 -15.36
N THR B 1730 -68.70 -64.70 -15.71
CA THR B 1730 -70.07 -64.23 -15.71
C THR B 1730 -70.36 -63.51 -17.02
N GLU B 1731 -71.66 -63.34 -17.32
CA GLU B 1731 -72.06 -62.67 -18.55
C GLU B 1731 -71.48 -61.27 -18.62
N LEU B 1732 -71.45 -60.57 -17.49
CA LEU B 1732 -70.81 -59.26 -17.44
C LEU B 1732 -69.33 -59.36 -17.80
N GLU B 1733 -68.64 -60.34 -17.20
CA GLU B 1733 -67.23 -60.55 -17.52
C GLU B 1733 -67.02 -60.87 -19.00
N ALA B 1734 -67.88 -61.73 -19.56
CA ALA B 1734 -67.73 -62.09 -20.96
C ALA B 1734 -68.02 -60.91 -21.87
N THR B 1735 -69.03 -60.10 -21.54
CA THR B 1735 -69.34 -58.93 -22.36
C THR B 1735 -68.29 -57.84 -22.18
N LEU B 1736 -67.84 -57.62 -20.94
CA LEU B 1736 -66.77 -56.67 -20.70
C LEU B 1736 -65.51 -57.04 -21.46
N ALA B 1737 -65.10 -58.32 -21.36
CA ALA B 1737 -63.92 -58.77 -22.07
C ALA B 1737 -64.08 -58.62 -23.58
N HIS B 1738 -65.30 -58.79 -24.10
CA HIS B 1738 -65.52 -58.64 -25.53
C HIS B 1738 -65.42 -57.19 -25.97
N ILE B 1739 -66.00 -56.28 -25.18
CA ILE B 1739 -65.88 -54.86 -25.51
C ILE B 1739 -64.43 -54.40 -25.34
N TRP B 1740 -63.79 -54.77 -24.22
CA TRP B 1740 -62.40 -54.41 -24.01
C TRP B 1740 -61.52 -54.89 -25.15
N GLY B 1741 -61.76 -56.10 -25.64
CA GLY B 1741 -60.94 -56.63 -26.72
C GLY B 1741 -61.13 -55.89 -28.03
N GLU B 1742 -62.38 -55.57 -28.36
CA GLU B 1742 -62.66 -54.94 -29.65
C GLU B 1742 -62.06 -53.54 -29.75
N VAL B 1743 -61.98 -52.82 -28.63
CA VAL B 1743 -61.42 -51.47 -28.67
C VAL B 1743 -59.89 -51.50 -28.62
N LEU B 1744 -59.31 -52.53 -28.00
CA LEU B 1744 -57.86 -52.64 -27.88
C LEU B 1744 -57.24 -53.50 -28.97
N GLY B 1745 -58.01 -54.40 -29.58
CA GLY B 1745 -57.51 -55.30 -30.60
C GLY B 1745 -57.15 -56.68 -30.11
N ILE B 1746 -56.87 -56.83 -28.81
CA ILE B 1746 -56.50 -58.11 -28.24
C ILE B 1746 -57.69 -59.06 -28.30
N GLU B 1747 -57.42 -60.34 -28.60
CA GLU B 1747 -58.45 -61.33 -28.88
C GLU B 1747 -58.86 -62.15 -27.66
N ARG B 1748 -58.10 -62.08 -26.55
CA ARG B 1748 -58.43 -62.88 -25.37
C ARG B 1748 -58.05 -62.10 -24.12
N ILE B 1749 -58.99 -62.02 -23.17
CA ILE B 1749 -58.82 -61.24 -21.95
C ILE B 1749 -59.01 -62.17 -20.75
N GLY B 1750 -58.66 -61.65 -19.57
CA GLY B 1750 -58.92 -62.34 -18.33
C GLY B 1750 -59.50 -61.38 -17.30
N ILE B 1751 -60.03 -61.97 -16.22
CA ILE B 1751 -60.66 -61.16 -15.18
C ILE B 1751 -59.63 -60.27 -14.50
N ARG B 1752 -58.56 -60.86 -13.98
CA ARG B 1752 -57.55 -60.12 -13.24
C ARG B 1752 -56.54 -59.42 -14.15
N ASP B 1753 -56.74 -59.44 -15.46
CA ASP B 1753 -55.87 -58.70 -16.35
C ASP B 1753 -56.15 -57.20 -16.22
N ASN B 1754 -55.08 -56.40 -16.39
CA ASN B 1754 -55.19 -54.97 -16.20
C ASN B 1754 -55.75 -54.32 -17.47
N PHE B 1755 -55.95 -53.01 -17.41
CA PHE B 1755 -56.48 -52.27 -18.56
C PHE B 1755 -55.37 -51.58 -19.34
N PHE B 1756 -54.87 -50.45 -18.82
CA PHE B 1756 -53.82 -49.71 -19.52
C PHE B 1756 -52.58 -50.57 -19.72
N GLU B 1757 -52.28 -51.46 -18.78
CA GLU B 1757 -51.15 -52.36 -18.96
C GLU B 1757 -51.38 -53.33 -20.11
N LEU B 1758 -52.63 -53.72 -20.33
CA LEU B 1758 -53.02 -54.48 -21.52
C LEU B 1758 -53.09 -53.59 -22.77
N GLY B 1759 -52.69 -52.34 -22.67
CA GLY B 1759 -52.82 -51.38 -23.75
C GLY B 1759 -54.07 -50.54 -23.61
N GLY B 1760 -54.03 -49.37 -24.23
CA GLY B 1760 -55.16 -48.46 -24.18
C GLY B 1760 -54.88 -47.28 -23.27
N ASP B 1761 -55.71 -46.25 -23.44
CA ASP B 1761 -55.55 -45.00 -22.71
C ASP B 1761 -56.86 -44.56 -22.06
N SER B 1762 -57.12 -43.26 -22.04
CA SER B 1762 -58.35 -42.75 -21.47
C SER B 1762 -59.47 -42.63 -22.50
N ILE B 1763 -59.14 -42.39 -23.78
CA ILE B 1763 -60.17 -42.39 -24.81
C ILE B 1763 -60.82 -43.77 -24.93
N LYS B 1764 -60.06 -44.82 -24.62
CA LYS B 1764 -60.61 -46.18 -24.67
C LYS B 1764 -61.73 -46.35 -23.67
N GLY B 1765 -61.49 -45.96 -22.41
CA GLY B 1765 -62.53 -46.04 -21.40
C GLY B 1765 -63.81 -45.31 -21.80
N LEU B 1766 -63.67 -44.21 -22.54
CA LEU B 1766 -64.85 -43.54 -23.07
C LEU B 1766 -65.49 -44.35 -24.20
N GLN B 1767 -64.66 -44.93 -25.08
CA GLN B 1767 -65.18 -45.78 -26.14
C GLN B 1767 -65.84 -47.03 -25.56
N ILE B 1768 -65.23 -47.62 -24.52
CA ILE B 1768 -65.80 -48.81 -23.91
C ILE B 1768 -67.13 -48.48 -23.25
N ALA B 1769 -67.15 -47.44 -22.41
CA ALA B 1769 -68.38 -47.04 -21.75
C ALA B 1769 -69.48 -46.67 -22.74
N SER B 1770 -69.09 -46.13 -23.90
CA SER B 1770 -70.07 -45.82 -24.93
C SER B 1770 -70.58 -47.09 -25.61
N ARG B 1771 -69.67 -47.99 -25.97
CA ARG B 1771 -70.09 -49.27 -26.52
C ARG B 1771 -70.83 -50.12 -25.50
N LEU B 1772 -70.76 -49.77 -24.22
CA LEU B 1772 -71.50 -50.47 -23.17
C LEU B 1772 -72.89 -49.88 -22.94
N GLN B 1773 -73.08 -48.58 -23.21
CA GLN B 1773 -74.40 -47.98 -22.97
C GLN B 1773 -75.41 -48.44 -23.99
N ARG B 1774 -74.98 -48.78 -25.20
CA ARG B 1774 -75.92 -49.26 -26.21
C ARG B 1774 -76.48 -50.62 -25.83
N ILE B 1775 -75.72 -51.44 -25.09
CA ILE B 1775 -76.18 -52.74 -24.64
C ILE B 1775 -76.69 -52.61 -23.21
N ASN B 1776 -76.98 -51.37 -22.83
CA ASN B 1776 -77.55 -51.05 -21.52
C ASN B 1776 -76.64 -51.49 -20.38
N TRP B 1777 -75.38 -51.09 -20.45
CA TRP B 1777 -74.42 -51.27 -19.37
C TRP B 1777 -73.77 -49.93 -19.08
N THR B 1778 -73.88 -49.45 -17.85
CA THR B 1778 -73.37 -48.14 -17.46
C THR B 1778 -72.07 -48.32 -16.69
N MET B 1779 -70.97 -47.86 -17.29
CA MET B 1779 -69.67 -47.85 -16.64
C MET B 1779 -69.18 -46.42 -16.45
N VAL B 1780 -68.67 -46.12 -15.26
CA VAL B 1780 -68.02 -44.85 -15.00
C VAL B 1780 -66.54 -44.99 -15.34
N ILE B 1781 -66.05 -44.10 -16.21
CA ILE B 1781 -64.68 -44.22 -16.69
C ILE B 1781 -63.68 -43.97 -15.56
N ASN B 1782 -64.03 -43.14 -14.58
CA ASN B 1782 -63.17 -42.97 -13.41
C ASN B 1782 -62.98 -44.29 -12.68
N HIS B 1783 -64.06 -45.05 -12.49
CA HIS B 1783 -63.97 -46.35 -11.84
C HIS B 1783 -62.96 -47.25 -12.54
N LEU B 1784 -62.85 -47.15 -13.87
CA LEU B 1784 -61.90 -47.97 -14.59
C LEU B 1784 -60.47 -47.76 -14.08
N PHE B 1785 -60.08 -46.51 -13.83
CA PHE B 1785 -58.76 -46.23 -13.27
C PHE B 1785 -58.61 -46.86 -11.88
N LEU B 1786 -59.63 -46.68 -11.02
CA LEU B 1786 -59.54 -47.20 -9.67
C LEU B 1786 -59.53 -48.73 -9.64
N TYR B 1787 -60.18 -49.37 -10.61
CA TYR B 1787 -60.31 -50.82 -10.67
C TYR B 1787 -59.95 -51.30 -12.07
N PRO B 1788 -58.66 -51.26 -12.45
CA PRO B 1788 -58.28 -51.59 -13.83
C PRO B 1788 -58.45 -53.05 -14.22
N THR B 1789 -59.08 -53.86 -13.37
CA THR B 1789 -59.34 -55.25 -13.68
C THR B 1789 -60.83 -55.47 -13.93
N ILE B 1790 -61.13 -56.28 -14.95
CA ILE B 1790 -62.53 -56.61 -15.26
C ILE B 1790 -63.24 -57.17 -14.04
N GLU B 1791 -62.53 -57.94 -13.22
CA GLU B 1791 -63.11 -58.53 -12.01
C GLU B 1791 -63.41 -57.50 -10.92
N GLN B 1792 -62.98 -56.25 -11.08
CA GLN B 1792 -63.16 -55.25 -10.04
C GLN B 1792 -64.15 -54.14 -10.41
N ILE B 1793 -64.19 -53.71 -11.66
CA ILE B 1793 -65.26 -52.79 -12.07
C ILE B 1793 -66.59 -53.51 -12.19
N ALA B 1794 -66.57 -54.81 -12.52
CA ALA B 1794 -67.80 -55.57 -12.73
C ALA B 1794 -68.79 -55.45 -11.56
N PRO B 1795 -68.41 -55.67 -10.29
CA PRO B 1795 -69.39 -55.48 -9.21
C PRO B 1795 -69.74 -54.01 -8.98
N PHE B 1796 -68.71 -53.18 -8.82
CA PHE B 1796 -68.87 -51.77 -8.49
C PHE B 1796 -69.79 -51.06 -9.48
N VAL B 1797 -69.30 -50.85 -10.70
CA VAL B 1797 -70.10 -50.18 -11.72
C VAL B 1797 -70.65 -51.25 -12.66
N THR B 1798 -70.69 -50.99 -13.97
CA THR B 1798 -71.30 -51.88 -14.94
C THR B 1798 -72.73 -52.21 -14.52
N SER B 1799 -73.48 -51.16 -14.23
CA SER B 1799 -74.88 -51.29 -13.87
C SER B 1799 -75.75 -51.37 -15.11
N GLU B 1800 -76.87 -52.06 -14.99
CA GLU B 1800 -77.77 -52.30 -16.11
C GLU B 1800 -78.86 -51.23 -16.11
N GLN B 1801 -79.00 -50.52 -17.23
CA GLN B 1801 -80.12 -49.62 -17.40
C GLN B 1801 -81.42 -50.41 -17.33
N VAL B 1802 -82.25 -50.10 -16.34
CA VAL B 1802 -83.48 -50.85 -16.15
C VAL B 1802 -84.46 -50.48 -17.25
N VAL B 1803 -85.10 -51.50 -17.81
CA VAL B 1803 -86.08 -51.32 -18.88
C VAL B 1803 -87.38 -51.99 -18.44
N ILE B 1804 -88.50 -51.34 -18.77
CA ILE B 1804 -89.82 -51.83 -18.42
C ILE B 1804 -90.60 -52.02 -19.71
N GLU B 1805 -91.68 -52.80 -19.64
CA GLU B 1805 -92.49 -53.15 -20.80
C GLU B 1805 -93.96 -53.23 -20.39
N ALA B 1806 -94.67 -52.11 -20.48
CA ALA B 1806 -96.09 -52.05 -20.14
C ALA B 1806 -96.75 -50.74 -20.56
N ALA B 1807 -97.27 -50.00 -19.56
CA ALA B 1807 -98.02 -48.75 -19.67
C ALA B 1807 -99.50 -49.00 -19.99
N ALA B 1808 -100.00 -48.41 -21.08
CA ALA B 1808 -101.39 -48.63 -21.51
C ALA B 1808 -101.37 -49.79 -22.50
N GLU B 1809 -101.70 -50.99 -22.01
CA GLU B 1809 -101.57 -52.19 -22.83
C GLU B 1809 -102.77 -52.36 -23.76
N ASN B 1810 -103.98 -52.36 -23.20
CA ASN B 1810 -105.20 -52.55 -23.99
C ASN B 1810 -105.84 -51.20 -24.29
N LEU B 1811 -106.60 -51.18 -25.38
CA LEU B 1811 -107.25 -49.95 -25.86
C LEU B 1811 -108.64 -50.29 -26.36
N TYR B 1812 -109.65 -49.73 -25.71
CA TYR B 1812 -111.05 -49.99 -26.05
C TYR B 1812 -111.67 -48.71 -26.62
N PHE B 1813 -112.10 -48.79 -27.87
CA PHE B 1813 -112.61 -47.65 -28.63
C PHE B 1813 -114.12 -47.50 -28.46
N GLN B 1814 -114.59 -46.27 -28.66
CA GLN B 1814 -116.01 -45.96 -28.62
C GLN B 1814 -116.37 -45.05 -29.79
#